data_8XZ9
#
_entry.id   8XZ9
#
_cell.length_a   1.00
_cell.length_b   1.00
_cell.length_c   1.00
_cell.angle_alpha   90.00
_cell.angle_beta   90.00
_cell.angle_gamma   90.00
#
_symmetry.space_group_name_H-M   'P 1'
#
loop_
_entity.id
_entity.type
_entity.pdbx_description
1 polymer 'Processed angiotensin-converting enzyme 2'
2 polymer 'Spike glycoprotein'
3 branched beta-D-mannopyranose-(1-4)-2-acetamido-2-deoxy-beta-D-glucopyranose
4 branched 2-acetamido-2-deoxy-beta-D-glucopyranose-(1-4)-2-acetamido-2-deoxy-beta-D-glucopyranose
#
loop_
_entity_poly.entity_id
_entity_poly.type
_entity_poly.pdbx_seq_one_letter_code
_entity_poly.pdbx_strand_id
1 'polypeptide(L)'
;STTEEQAKTFLEKFNHEAEDLSYQSSLASWNYNTNITDENVQKMNEARAKWSAFYEEQSRMAKTYSLEEIQNLTLKRQLK
ALQHSGTSALSAEKSKRLNTILNKMSTIYSTGKVLDPNTQECLALEPGLDDIMENSRDYNRRLWAWEGWRAEVGKQLRPL
YEEYVVLENEMARANNYEDYGDYWRGDYEVTGAGDYDYSRDQLMKDVERTFAEIKPLYEQLHAYVRAKLMHTYPSYISPT
GCLPAHLLGDMWGRFWTNLYSLTVPFEHKPSIDVTEKMENQSWDAERIFKEAEKFFVSISLPYMTQGFWDNSMLTEPGDG
RKVVCHPTAWDLGKGDFRIKMCTKVTMDDFLTAHHEMGHIQYDMAYAAQPYLLRNGANEGFHEAVGEIMSLSAATPHYLK
ALGLLAPDFHEDNETEINFLLKQALTIVGTLPFTYMLEKWRWMVFKGEIPKQQWMEKWWEMKREIVGVVEPLPHDETYCD
PACLFHVAEDYSFIRYYTRTIYQFQFHEALCKTAKHEGALFKCDISNSTEAGQRLLQMLRLGKSEPWTLALENIVGIKTM
DVKPLLNYFEPLFTWLKEQNRNSFVGWSTEWTPYSD
;
A,E
2 'polypeptide(L)'
;TTTQSYTNSFTRGVYYPDKVFRSSVLHLTQDLFLPFFSNVTWFHAIHVSGTNGTKRFDNPVLPFNDGVYFASTEKSNIIR
GWIFGTTLDSKTQSLLIVNNATNVFIKVCEFQFCNDPFLGVYYHKNNKSWMESEFGVYSSANNCTFEYVSQPFLMDLEGK
QGNFKNLREFVFKNIDGYFKIYSKHTPIIGRDFPQGFSALEPLVDLPIGINITRFQTLLALNRSYLTPGDSSSGWTAGAA
DYYVGYLQPRTFLLKYNENGTITDAVDCALDPLSETKCTLKSFTVEKGIYQTSNFRVQPTESIVRFPNVTNLCPFHEVFN
ATRFASVYAWNRTRISNCVADYSVLYNFAPFFAFKCYGVSPTKLNDLCFTNVYADSFVIKGNEVSQIAPGQTGNIADYNY
KLPDDFTGCVIAWNSNKLDSKHSGNYDYWYRLFRKSKLKPFERDISTEIYQAGNKPCKGKGPNCYFPLQSYGFRPTYGVG
HQPYRVVVLSFELLHAPATVCGPKKSTNLVKNKCVNFNFNGLTGTGVLTKSNKKFLPFQQFGRDIVDTTDAVRDPQTLEI
LDITPCSFGGVSVITPGTNTSNQVAVLYQGVNCTEVSVAIHADQLTPTWRVYSTGSNVFQTRAGCLIGAEYVNNSYECDI
PIGAGICASYQTQTNSPRRARSVASQSIIAYTMSLGAENSVAYSNNSIAIPTNFTISVTTEILPVSMTKTSVDCTMYICG
DSTECSNLLLQYGSFCTQLKRALTGIAVEQDKNTQEVFAQVKQIYKTPPIKYFGGFNFSQILPDPSKPSKRSPIEDLLFN
KVTLADAGFIKQYGDCLGDIAARDLICAQKFNGLTVLPPLLTDEMIAQYTSALLAGTITSGWTFGAGPALQIPFPMQMAY
RFNGIGVTQNVLYENQKLIANQFNSAIGKIQDSLFSTPSALGKLQDVVNHNAQALNTLVKQLSSKFGAISSVLNDILSRL
DPPEAEVQIDRLITGRLQSLQTYVTQQLIRAAEIRASANLAATKMSECVLGQSKRVDFCGKGYHLMSFPQSAPHGVVFLH
VTYVPAQEKNFTTAPAICHDGKAHFPREGVFVSNGTHWFVTQRNFYEPQIITTDNTFVSGNCDVVIGIVNNTVYDPLQLE
;
B,C,D
#
loop_
_chem_comp.id
_chem_comp.type
_chem_comp.name
_chem_comp.formula
BMA D-saccharide, beta linking beta-D-mannopyranose 'C6 H12 O6'
NAG D-saccharide, beta linking 2-acetamido-2-deoxy-beta-D-glucopyranose 'C8 H15 N O6'
#
# COMPACT_ATOMS: atom_id res chain seq x y z
N SER A 1 -1.75 -2.23 -60.26
CA SER A 1 -2.02 -3.52 -60.88
C SER A 1 -3.21 -3.42 -61.84
N THR A 2 -4.41 -3.58 -61.30
CA THR A 2 -5.62 -3.47 -62.12
C THR A 2 -5.77 -2.05 -62.65
N THR A 3 -6.32 -1.93 -63.86
CA THR A 3 -6.47 -0.62 -64.49
C THR A 3 -7.36 0.31 -63.69
N GLU A 4 -8.24 -0.22 -62.84
CA GLU A 4 -9.11 0.63 -62.04
C GLU A 4 -8.31 1.51 -61.08
N GLU A 5 -7.29 0.94 -60.42
CA GLU A 5 -6.49 1.72 -59.50
C GLU A 5 -5.69 2.81 -60.22
N GLN A 6 -5.13 2.48 -61.38
CA GLN A 6 -4.41 3.49 -62.17
C GLN A 6 -5.35 4.60 -62.61
N ALA A 7 -6.56 4.24 -63.04
CA ALA A 7 -7.55 5.24 -63.42
C ALA A 7 -7.91 6.12 -62.24
N LYS A 8 -8.04 5.50 -61.06
CA LYS A 8 -8.39 6.26 -59.83
C LYS A 8 -7.28 7.27 -59.54
N THR A 9 -6.03 6.82 -59.46
CA THR A 9 -4.90 7.72 -59.14
C THR A 9 -4.89 8.90 -60.13
N PHE A 10 -4.87 8.60 -61.43
CA PHE A 10 -4.92 9.68 -62.45
C PHE A 10 -6.09 10.60 -62.14
N LEU A 11 -7.28 10.01 -61.95
CA LEU A 11 -8.45 10.83 -61.73
C LEU A 11 -8.26 11.79 -60.56
N GLU A 12 -7.64 11.31 -59.47
CA GLU A 12 -7.37 12.20 -58.34
C GLU A 12 -6.41 13.31 -58.75
N LYS A 13 -5.32 12.96 -59.42
CA LYS A 13 -4.34 13.97 -59.83
C LYS A 13 -4.97 14.98 -60.78
N PHE A 14 -5.70 14.49 -61.79
CA PHE A 14 -6.36 15.36 -62.74
C PHE A 14 -7.39 16.24 -62.05
N ASN A 15 -8.16 15.68 -61.12
CA ASN A 15 -9.18 16.47 -60.45
C ASN A 15 -8.55 17.61 -59.66
N HIS A 16 -7.47 17.33 -58.92
CA HIS A 16 -6.83 18.39 -58.15
C HIS A 16 -6.25 19.47 -59.06
N GLU A 17 -5.43 19.07 -60.04
CA GLU A 17 -4.78 20.05 -60.90
C GLU A 17 -5.80 20.83 -61.71
N ALA A 18 -6.82 20.14 -62.24
CA ALA A 18 -7.83 20.79 -63.05
C ALA A 18 -8.77 21.64 -62.21
N GLU A 19 -8.98 21.32 -60.94
CA GLU A 19 -9.76 22.21 -60.10
C GLU A 19 -8.99 23.49 -59.81
N ASP A 20 -7.67 23.39 -59.63
CA ASP A 20 -6.87 24.61 -59.48
C ASP A 20 -6.93 25.46 -60.74
N LEU A 21 -6.67 24.85 -61.90
CA LEU A 21 -6.68 25.60 -63.15
C LEU A 21 -8.09 26.11 -63.49
N SER A 22 -9.13 25.36 -63.14
CA SER A 22 -10.49 25.81 -63.38
C SER A 22 -10.88 26.94 -62.45
N TYR A 23 -10.37 26.95 -61.21
CA TYR A 23 -10.58 28.10 -60.35
C TYR A 23 -9.92 29.34 -60.95
N GLN A 24 -8.70 29.19 -61.47
CA GLN A 24 -8.03 30.33 -62.11
C GLN A 24 -8.83 30.82 -63.33
N SER A 25 -9.26 29.90 -64.19
CA SER A 25 -9.97 30.29 -65.40
C SER A 25 -11.35 30.84 -65.07
N SER A 26 -11.99 30.37 -64.00
CA SER A 26 -13.28 30.91 -63.61
C SER A 26 -13.15 32.29 -62.98
N LEU A 27 -12.06 32.54 -62.25
CA LEU A 27 -11.77 33.90 -61.81
C LEU A 27 -11.56 34.81 -63.02
N ALA A 28 -10.86 34.32 -64.04
CA ALA A 28 -10.70 35.09 -65.26
C ALA A 28 -12.04 35.35 -65.93
N SER A 29 -12.92 34.35 -65.98
CA SER A 29 -14.22 34.52 -66.61
C SER A 29 -15.09 35.51 -65.82
N TRP A 30 -15.02 35.48 -64.49
CA TRP A 30 -15.79 36.44 -63.71
C TRP A 30 -15.26 37.86 -63.90
N ASN A 31 -13.95 38.01 -63.90
CA ASN A 31 -13.38 39.32 -64.22
C ASN A 31 -13.71 39.73 -65.65
N TYR A 32 -14.01 38.76 -66.53
CA TYR A 32 -14.47 39.10 -67.87
C TYR A 32 -15.90 39.62 -67.83
N ASN A 33 -16.75 38.99 -67.01
CA ASN A 33 -18.10 39.49 -66.80
C ASN A 33 -18.08 40.88 -66.16
N THR A 34 -17.02 41.20 -65.41
CA THR A 34 -16.97 42.48 -64.72
C THR A 34 -16.27 43.57 -65.54
N ASN A 35 -14.99 43.39 -65.83
CA ASN A 35 -14.21 44.33 -66.63
C ASN A 35 -14.21 43.93 -68.10
N ILE A 36 -13.76 44.85 -68.95
CA ILE A 36 -13.60 44.58 -70.37
C ILE A 36 -12.23 45.07 -70.83
N THR A 37 -11.34 45.37 -69.88
CA THR A 37 -10.06 45.98 -70.22
C THR A 37 -9.15 45.01 -70.96
N ASP A 38 -8.23 45.59 -71.74
CA ASP A 38 -7.38 44.79 -72.62
C ASP A 38 -6.42 43.91 -71.83
N GLU A 39 -5.81 44.43 -70.77
CA GLU A 39 -4.94 43.59 -69.94
C GLU A 39 -5.73 42.46 -69.30
N ASN A 40 -6.94 42.77 -68.82
CA ASN A 40 -7.80 41.73 -68.30
C ASN A 40 -8.02 40.63 -69.32
N VAL A 41 -8.48 40.99 -70.52
CA VAL A 41 -8.84 39.98 -71.51
C VAL A 41 -7.60 39.22 -71.98
N GLN A 42 -6.42 39.85 -71.97
CA GLN A 42 -5.22 39.10 -72.29
C GLN A 42 -4.92 38.05 -71.23
N LYS A 43 -5.10 38.40 -69.94
CA LYS A 43 -4.96 37.41 -68.89
C LYS A 43 -5.98 36.29 -69.08
N MET A 44 -7.21 36.64 -69.45
CA MET A 44 -8.28 35.66 -69.54
C MET A 44 -8.04 34.69 -70.68
N ASN A 45 -7.61 35.19 -71.84
CA ASN A 45 -7.36 34.30 -72.96
C ASN A 45 -6.12 33.45 -72.73
N GLU A 46 -5.08 33.99 -72.08
CA GLU A 46 -3.95 33.15 -71.76
C GLU A 46 -4.34 32.06 -70.76
N ALA A 47 -5.19 32.39 -69.78
CA ALA A 47 -5.63 31.39 -68.81
C ALA A 47 -6.46 30.30 -69.47
N ARG A 48 -7.39 30.68 -70.35
CA ARG A 48 -8.21 29.66 -71.00
C ARG A 48 -7.40 28.83 -71.99
N ALA A 49 -6.39 29.43 -72.64
CA ALA A 49 -5.52 28.66 -73.52
C ALA A 49 -4.71 27.64 -72.72
N LYS A 50 -4.18 28.04 -71.56
CA LYS A 50 -3.44 27.09 -70.75
C LYS A 50 -4.36 26.01 -70.19
N TRP A 51 -5.60 26.35 -69.85
CA TRP A 51 -6.55 25.35 -69.39
C TRP A 51 -6.87 24.34 -70.49
N SER A 52 -7.08 24.83 -71.72
CA SER A 52 -7.35 23.93 -72.83
C SER A 52 -6.15 23.04 -73.10
N ALA A 53 -4.94 23.59 -73.05
CA ALA A 53 -3.74 22.79 -73.25
C ALA A 53 -3.61 21.71 -72.19
N PHE A 54 -3.86 22.07 -70.93
CA PHE A 54 -3.80 21.09 -69.84
C PHE A 54 -4.84 20.00 -70.02
N TYR A 55 -6.07 20.38 -70.41
CA TYR A 55 -7.12 19.39 -70.61
C TYR A 55 -6.75 18.44 -71.74
N GLU A 56 -6.23 18.97 -72.85
CA GLU A 56 -5.81 18.12 -73.96
C GLU A 56 -4.68 17.18 -73.55
N GLU A 57 -3.71 17.69 -72.79
CA GLU A 57 -2.59 16.87 -72.35
C GLU A 57 -3.05 15.75 -71.42
N GLN A 58 -3.95 16.05 -70.49
CA GLN A 58 -4.46 15.02 -69.60
C GLN A 58 -5.30 14.01 -70.36
N SER A 59 -6.07 14.45 -71.36
CA SER A 59 -6.80 13.50 -72.20
C SER A 59 -5.84 12.58 -72.95
N ARG A 60 -4.74 13.14 -73.46
CA ARG A 60 -3.74 12.31 -74.14
C ARG A 60 -3.14 11.27 -73.20
N MET A 61 -2.82 11.67 -71.96
CA MET A 61 -2.34 10.69 -70.99
C MET A 61 -3.39 9.63 -70.70
N ALA A 62 -4.66 10.03 -70.59
CA ALA A 62 -5.73 9.12 -70.21
C ALA A 62 -6.20 8.24 -71.35
N LYS A 63 -5.77 8.51 -72.60
CA LYS A 63 -6.16 7.66 -73.71
C LYS A 63 -5.64 6.23 -73.57
N THR A 64 -4.63 6.01 -72.73
CA THR A 64 -4.05 4.67 -72.61
C THR A 64 -5.04 3.69 -71.98
N TYR A 65 -5.84 4.16 -71.02
CA TYR A 65 -6.72 3.26 -70.29
C TYR A 65 -7.79 2.68 -71.20
N SER A 66 -8.13 1.41 -70.96
CA SER A 66 -9.14 0.71 -71.74
C SER A 66 -10.54 1.06 -71.22
N LEU A 67 -11.55 0.34 -71.69
CA LEU A 67 -12.94 0.60 -71.33
C LEU A 67 -13.64 -0.57 -70.65
N GLU A 68 -13.23 -1.80 -70.94
CA GLU A 68 -13.94 -2.96 -70.40
C GLU A 68 -13.64 -3.21 -68.92
N GLU A 69 -12.39 -3.00 -68.51
CA GLU A 69 -11.96 -3.37 -67.16
C GLU A 69 -12.25 -2.27 -66.14
N ILE A 70 -13.51 -1.84 -66.08
CA ILE A 70 -13.97 -0.89 -65.07
C ILE A 70 -15.30 -1.40 -64.52
N GLN A 71 -15.39 -1.55 -63.20
CA GLN A 71 -16.57 -2.12 -62.58
C GLN A 71 -17.34 -1.16 -61.69
N ASN A 72 -16.68 -0.17 -61.09
CA ASN A 72 -17.38 0.80 -60.27
C ASN A 72 -18.24 1.71 -61.14
N LEU A 73 -19.45 2.01 -60.67
CA LEU A 73 -20.35 2.85 -61.45
C LEU A 73 -19.85 4.28 -61.54
N THR A 74 -19.36 4.83 -60.42
CA THR A 74 -18.79 6.18 -60.45
C THR A 74 -17.56 6.21 -61.34
N LEU A 75 -16.72 5.17 -61.28
CA LEU A 75 -15.55 5.12 -62.13
C LEU A 75 -15.93 5.02 -63.61
N LYS A 76 -17.00 4.29 -63.91
CA LYS A 76 -17.49 4.21 -65.29
C LYS A 76 -17.97 5.57 -65.76
N ARG A 77 -18.69 6.30 -64.92
CA ARG A 77 -19.14 7.63 -65.31
C ARG A 77 -17.97 8.57 -65.51
N GLN A 78 -16.96 8.50 -64.64
CA GLN A 78 -15.77 9.32 -64.80
C GLN A 78 -15.05 8.98 -66.10
N LEU A 79 -14.95 7.69 -66.42
CA LEU A 79 -14.30 7.29 -67.68
C LEU A 79 -15.08 7.80 -68.88
N LYS A 80 -16.41 7.72 -68.84
CA LYS A 80 -17.22 8.20 -69.95
C LYS A 80 -17.06 9.70 -70.14
N ALA A 81 -17.02 10.46 -69.03
CA ALA A 81 -16.82 11.90 -69.14
C ALA A 81 -15.40 12.23 -69.62
N LEU A 82 -14.42 11.42 -69.22
CA LEU A 82 -13.03 11.70 -69.55
C LEU A 82 -12.71 11.39 -71.00
N GLN A 83 -13.22 10.27 -71.52
CA GLN A 83 -12.82 9.80 -72.83
C GLN A 83 -13.31 10.70 -73.97
N HIS A 84 -14.22 11.63 -73.68
CA HIS A 84 -14.67 12.58 -74.69
C HIS A 84 -13.50 13.46 -75.15
N SER A 85 -13.06 13.26 -76.39
CA SER A 85 -11.95 14.00 -76.95
C SER A 85 -12.38 15.15 -77.86
N GLY A 86 -13.43 14.93 -78.65
CA GLY A 86 -13.93 16.00 -79.50
C GLY A 86 -13.08 16.18 -80.74
N THR A 87 -12.64 17.42 -80.98
CA THR A 87 -11.84 17.74 -82.16
C THR A 87 -10.43 17.18 -82.08
N SER A 88 -9.98 16.72 -80.91
CA SER A 88 -8.64 16.17 -80.79
C SER A 88 -8.50 14.80 -81.43
N ALA A 89 -9.62 14.13 -81.71
CA ALA A 89 -9.55 12.81 -82.34
C ALA A 89 -9.12 12.88 -83.80
N LEU A 90 -9.28 14.03 -84.45
CA LEU A 90 -8.90 14.17 -85.84
C LEU A 90 -7.44 14.62 -85.93
N SER A 91 -7.02 15.00 -87.14
CA SER A 91 -5.65 15.44 -87.38
C SER A 91 -5.51 16.94 -87.17
N ALA A 92 -4.26 17.41 -87.27
CA ALA A 92 -3.99 18.84 -87.08
C ALA A 92 -4.67 19.68 -88.17
N GLU A 93 -4.64 19.22 -89.42
CA GLU A 93 -5.29 19.96 -90.50
C GLU A 93 -6.79 20.02 -90.29
N LYS A 94 -7.40 18.90 -89.89
CA LYS A 94 -8.84 18.90 -89.63
C LYS A 94 -9.19 19.83 -88.47
N SER A 95 -8.38 19.82 -87.40
CA SER A 95 -8.62 20.72 -86.29
C SER A 95 -8.50 22.18 -86.72
N LYS A 96 -7.49 22.49 -87.54
CA LYS A 96 -7.29 23.87 -87.95
C LYS A 96 -8.42 24.35 -88.86
N ARG A 97 -8.89 23.50 -89.77
CA ARG A 97 -10.00 23.91 -90.62
C ARG A 97 -11.28 24.03 -89.82
N LEU A 98 -11.48 23.16 -88.83
CA LEU A 98 -12.65 23.27 -87.97
C LEU A 98 -12.64 24.58 -87.18
N ASN A 99 -11.51 24.93 -86.58
CA ASN A 99 -11.47 26.16 -85.81
C ASN A 99 -11.58 27.38 -86.71
N THR A 100 -11.02 27.31 -87.93
CA THR A 100 -11.20 28.40 -88.89
C THR A 100 -12.65 28.58 -89.27
N ILE A 101 -13.38 27.48 -89.50
CA ILE A 101 -14.79 27.61 -89.86
C ILE A 101 -15.61 28.09 -88.66
N LEU A 102 -15.24 27.71 -87.44
CA LEU A 102 -15.89 28.26 -86.26
C LEU A 102 -15.66 29.77 -86.15
N ASN A 103 -14.44 30.21 -86.43
CA ASN A 103 -14.15 31.65 -86.42
C ASN A 103 -14.96 32.36 -87.49
N LYS A 104 -15.09 31.75 -88.68
CA LYS A 104 -15.90 32.35 -89.74
C LYS A 104 -17.37 32.44 -89.31
N MET A 105 -17.90 31.40 -88.68
CA MET A 105 -19.27 31.43 -88.19
C MET A 105 -19.46 32.55 -87.17
N SER A 106 -18.53 32.66 -86.21
CA SER A 106 -18.64 33.69 -85.20
C SER A 106 -18.59 35.08 -85.83
N THR A 107 -17.66 35.29 -86.77
CA THR A 107 -17.53 36.61 -87.38
C THR A 107 -18.77 36.98 -88.17
N ILE A 108 -19.30 36.05 -88.97
CA ILE A 108 -20.45 36.38 -89.80
C ILE A 108 -21.69 36.59 -88.94
N TYR A 109 -21.85 35.80 -87.88
CA TYR A 109 -23.02 35.98 -87.02
C TYR A 109 -22.91 37.26 -86.21
N SER A 110 -21.69 37.68 -85.86
CA SER A 110 -21.52 38.93 -85.11
C SER A 110 -21.70 40.15 -86.00
N THR A 111 -21.22 40.09 -87.24
CA THR A 111 -21.23 41.25 -88.13
C THR A 111 -22.32 41.20 -89.19
N GLY A 112 -23.27 40.29 -89.07
CA GLY A 112 -24.37 40.24 -90.01
C GLY A 112 -25.23 41.48 -90.00
N LYS A 113 -25.32 42.17 -91.14
CA LYS A 113 -26.13 43.38 -91.27
C LYS A 113 -26.99 43.25 -92.52
N VAL A 114 -28.28 43.53 -92.38
CA VAL A 114 -29.24 43.47 -93.48
C VAL A 114 -29.71 44.88 -93.80
N LEU A 115 -29.73 45.21 -95.08
CA LEU A 115 -30.08 46.55 -95.54
C LEU A 115 -31.51 46.57 -96.07
N ASP A 116 -32.30 47.51 -95.59
CA ASP A 116 -33.66 47.75 -96.06
C ASP A 116 -33.61 48.41 -97.44
N PRO A 117 -34.75 48.64 -98.10
CA PRO A 117 -34.71 49.41 -99.35
C PRO A 117 -34.02 50.77 -99.21
N ASN A 118 -34.18 51.42 -98.06
CA ASN A 118 -33.42 52.62 -97.74
C ASN A 118 -32.14 52.20 -97.02
N THR A 119 -30.99 52.54 -97.60
CA THR A 119 -29.70 52.10 -97.08
C THR A 119 -29.24 52.91 -95.87
N GLN A 120 -29.95 53.98 -95.51
CA GLN A 120 -29.57 54.78 -94.35
C GLN A 120 -29.79 54.04 -93.04
N GLU A 121 -30.62 53.00 -93.04
CA GLU A 121 -30.91 52.22 -91.85
C GLU A 121 -30.20 50.86 -91.97
N CYS A 122 -29.26 50.61 -91.06
CA CYS A 122 -28.53 49.35 -91.01
C CYS A 122 -29.05 48.56 -89.81
N LEU A 123 -29.84 47.52 -90.09
CA LEU A 123 -30.40 46.69 -89.03
C LEU A 123 -29.27 45.87 -88.40
N ALA A 124 -28.84 46.27 -87.21
CA ALA A 124 -27.67 45.69 -86.56
C ALA A 124 -28.09 44.44 -85.79
N LEU A 125 -28.16 43.32 -86.51
CA LEU A 125 -28.33 41.98 -85.93
C LEU A 125 -29.65 41.94 -85.16
N GLU A 126 -29.71 41.34 -83.97
CA GLU A 126 -30.95 41.21 -83.21
C GLU A 126 -31.34 42.53 -82.53
N PRO A 127 -30.43 43.26 -81.88
CA PRO A 127 -30.83 44.56 -81.31
C PRO A 127 -31.38 45.49 -82.38
N GLY A 128 -32.42 46.22 -82.02
CA GLY A 128 -33.16 47.02 -82.98
C GLY A 128 -34.23 46.21 -83.69
N LEU A 129 -33.85 45.06 -84.24
CA LEU A 129 -34.83 44.18 -84.88
C LEU A 129 -35.86 43.68 -83.87
N ASP A 130 -35.41 43.26 -82.68
CA ASP A 130 -36.35 42.79 -81.67
C ASP A 130 -37.24 43.93 -81.18
N ASP A 131 -36.69 45.13 -81.04
CA ASP A 131 -37.50 46.28 -80.62
C ASP A 131 -38.56 46.62 -81.65
N ILE A 132 -38.19 46.63 -82.94
CA ILE A 132 -39.15 46.88 -84.00
C ILE A 132 -40.22 45.80 -84.00
N MET A 133 -39.80 44.54 -83.84
CA MET A 133 -40.75 43.42 -83.79
C MET A 133 -41.74 43.59 -82.65
N GLU A 134 -41.26 43.99 -81.47
CA GLU A 134 -42.13 44.06 -80.30
C GLU A 134 -43.06 45.27 -80.37
N ASN A 135 -42.55 46.42 -80.81
CA ASN A 135 -43.31 47.66 -80.78
C ASN A 135 -44.01 47.99 -82.09
N SER A 136 -43.89 47.13 -83.10
CA SER A 136 -44.54 47.36 -84.39
C SER A 136 -45.16 46.06 -84.88
N ARG A 137 -46.28 46.18 -85.57
CA ARG A 137 -47.00 45.05 -86.13
C ARG A 137 -47.17 45.21 -87.64
N ASP A 138 -46.13 45.69 -88.31
CA ASP A 138 -46.18 45.98 -89.74
C ASP A 138 -45.81 44.71 -90.50
N TYR A 139 -46.81 44.13 -91.19
CA TYR A 139 -46.60 42.89 -91.93
C TYR A 139 -45.48 43.04 -92.94
N ASN A 140 -45.55 44.08 -93.78
CA ASN A 140 -44.54 44.25 -94.82
C ASN A 140 -43.15 44.42 -94.22
N ARG A 141 -43.04 45.25 -93.19
CA ARG A 141 -41.73 45.52 -92.58
C ARG A 141 -41.11 44.24 -92.02
N ARG A 142 -41.84 43.56 -91.13
CA ARG A 142 -41.27 42.38 -90.48
C ARG A 142 -41.03 41.26 -91.49
N LEU A 143 -41.98 41.05 -92.41
CA LEU A 143 -41.81 39.99 -93.40
C LEU A 143 -40.61 40.26 -94.30
N TRP A 144 -40.42 41.50 -94.73
CA TRP A 144 -39.27 41.82 -95.57
C TRP A 144 -37.97 41.65 -94.81
N ALA A 145 -37.93 42.08 -93.56
CA ALA A 145 -36.71 41.92 -92.76
C ALA A 145 -36.34 40.45 -92.61
N TRP A 146 -37.32 39.62 -92.23
CA TRP A 146 -37.05 38.20 -92.07
C TRP A 146 -36.66 37.55 -93.39
N GLU A 147 -37.35 37.91 -94.48
CA GLU A 147 -37.05 37.32 -95.77
C GLU A 147 -35.63 37.66 -96.22
N GLY A 148 -35.22 38.92 -96.05
CA GLY A 148 -33.86 39.28 -96.42
C GLY A 148 -32.82 38.59 -95.56
N TRP A 149 -33.05 38.54 -94.24
CA TRP A 149 -32.10 37.87 -93.36
C TRP A 149 -31.96 36.40 -93.72
N ARG A 150 -33.08 35.73 -94.00
CA ARG A 150 -33.01 34.32 -94.39
C ARG A 150 -32.30 34.16 -95.73
N ALA A 151 -32.71 34.95 -96.74
CA ALA A 151 -32.12 34.83 -98.07
C ALA A 151 -30.63 35.14 -98.08
N GLU A 152 -30.13 35.84 -97.07
CA GLU A 152 -28.68 36.05 -96.96
C GLU A 152 -28.02 34.92 -96.17
N VAL A 153 -28.50 34.68 -94.94
CA VAL A 153 -27.82 33.75 -94.03
C VAL A 153 -27.87 32.33 -94.57
N GLY A 154 -29.04 31.88 -94.99
CA GLY A 154 -29.15 30.51 -95.51
C GLY A 154 -28.39 30.33 -96.81
N LYS A 155 -28.41 31.34 -97.68
CA LYS A 155 -27.64 31.26 -98.92
C LYS A 155 -26.16 31.10 -98.63
N GLN A 156 -25.65 31.81 -97.63
CA GLN A 156 -24.25 31.65 -97.26
C GLN A 156 -24.00 30.32 -96.54
N LEU A 157 -24.98 29.82 -95.79
CA LEU A 157 -24.80 28.70 -94.89
C LEU A 157 -25.06 27.34 -95.52
N ARG A 158 -25.67 27.30 -96.70
CA ARG A 158 -26.07 26.01 -97.27
C ARG A 158 -24.92 25.03 -97.47
N PRO A 159 -23.82 25.37 -98.14
CA PRO A 159 -22.75 24.38 -98.31
C PRO A 159 -22.02 24.07 -97.00
N LEU A 160 -21.92 25.05 -96.11
CA LEU A 160 -21.26 24.82 -94.84
C LEU A 160 -22.07 23.92 -93.92
N TYR A 161 -23.40 23.86 -94.09
CA TYR A 161 -24.17 22.88 -93.33
C TYR A 161 -23.88 21.45 -93.78
N GLU A 162 -23.72 21.25 -95.09
CA GLU A 162 -23.31 19.93 -95.57
C GLU A 162 -21.90 19.58 -95.10
N GLU A 163 -20.99 20.56 -95.15
CA GLU A 163 -19.68 20.34 -94.56
C GLU A 163 -19.79 19.95 -93.09
N TYR A 164 -20.69 20.61 -92.35
CA TYR A 164 -20.86 20.32 -90.93
C TYR A 164 -21.41 18.93 -90.70
N VAL A 165 -22.41 18.50 -91.48
CA VAL A 165 -22.95 17.16 -91.26
C VAL A 165 -21.89 16.10 -91.58
N VAL A 166 -21.13 16.30 -92.66
CA VAL A 166 -20.07 15.35 -92.99
C VAL A 166 -19.04 15.29 -91.87
N LEU A 167 -18.55 16.45 -91.44
CA LEU A 167 -17.53 16.49 -90.40
C LEU A 167 -18.04 15.91 -89.09
N GLU A 168 -19.30 16.19 -88.75
CA GLU A 168 -19.85 15.75 -87.48
C GLU A 168 -20.14 14.26 -87.45
N ASN A 169 -20.61 13.67 -88.56
CA ASN A 169 -20.68 12.21 -88.57
C ASN A 169 -19.29 11.59 -88.55
N GLU A 170 -18.28 12.30 -89.09
CA GLU A 170 -16.91 11.82 -88.92
C GLU A 170 -16.48 11.85 -87.45
N MET A 171 -16.85 12.90 -86.71
CA MET A 171 -16.57 12.92 -85.27
C MET A 171 -17.32 11.79 -84.56
N ALA A 172 -18.55 11.51 -84.99
CA ALA A 172 -19.31 10.43 -84.40
C ALA A 172 -18.62 9.08 -84.62
N ARG A 173 -18.08 8.87 -85.82
CA ARG A 173 -17.29 7.66 -86.06
C ARG A 173 -16.03 7.65 -85.19
N ALA A 174 -15.39 8.82 -85.01
CA ALA A 174 -14.23 8.90 -84.13
C ALA A 174 -14.59 8.52 -82.71
N ASN A 175 -15.81 8.84 -82.29
CA ASN A 175 -16.34 8.44 -80.99
C ASN A 175 -17.02 7.08 -81.04
N ASN A 176 -16.97 6.40 -82.20
CA ASN A 176 -17.60 5.10 -82.40
C ASN A 176 -19.10 5.17 -82.12
N TYR A 177 -19.75 6.17 -82.73
CA TYR A 177 -21.18 6.38 -82.60
C TYR A 177 -21.82 6.43 -83.98
N GLU A 178 -23.12 6.12 -84.02
CA GLU A 178 -23.80 5.99 -85.30
C GLU A 178 -23.95 7.32 -86.01
N ASP A 179 -24.19 8.40 -85.26
CA ASP A 179 -24.39 9.72 -85.86
C ASP A 179 -24.20 10.77 -84.78
N TYR A 180 -24.25 12.04 -85.20
CA TYR A 180 -24.05 13.14 -84.27
C TYR A 180 -25.22 13.30 -83.31
N GLY A 181 -26.43 12.96 -83.75
CA GLY A 181 -27.55 12.93 -82.82
C GLY A 181 -27.33 11.93 -81.71
N ASP A 182 -26.86 10.74 -82.06
CA ASP A 182 -26.49 9.76 -81.04
C ASP A 182 -25.32 10.24 -80.19
N TYR A 183 -24.40 11.01 -80.79
CA TYR A 183 -23.29 11.58 -80.03
C TYR A 183 -23.81 12.53 -78.95
N TRP A 184 -24.78 13.37 -79.29
CA TRP A 184 -25.43 14.20 -78.28
C TRP A 184 -26.16 13.35 -77.26
N ARG A 185 -26.87 12.31 -77.72
CA ARG A 185 -27.63 11.44 -76.84
C ARG A 185 -26.73 10.63 -75.91
N GLY A 186 -25.42 10.58 -76.18
CA GLY A 186 -24.49 9.95 -75.25
C GLY A 186 -24.50 10.57 -73.87
N ASP A 187 -24.95 11.83 -73.75
CA ASP A 187 -25.18 12.43 -72.44
C ASP A 187 -26.33 11.75 -71.70
N TYR A 188 -27.16 10.99 -72.41
CA TYR A 188 -28.25 10.24 -71.79
C TYR A 188 -28.00 8.75 -71.97
N GLU A 189 -26.76 8.34 -71.75
CA GLU A 189 -26.36 6.94 -71.89
C GLU A 189 -26.24 6.32 -70.51
N VAL A 190 -26.96 5.23 -70.28
CA VAL A 190 -26.92 4.49 -69.03
C VAL A 190 -26.52 3.05 -69.35
N THR A 191 -25.45 2.58 -68.72
CA THR A 191 -24.93 1.25 -68.97
C THR A 191 -24.52 0.60 -67.65
N GLY A 192 -24.56 -0.73 -67.63
CA GLY A 192 -24.06 -1.50 -66.50
C GLY A 192 -25.01 -1.64 -65.33
N ALA A 193 -26.29 -1.31 -65.51
CA ALA A 193 -27.27 -1.41 -64.43
C ALA A 193 -28.49 -2.19 -64.92
N GLY A 194 -28.90 -3.19 -64.14
CA GLY A 194 -30.08 -3.96 -64.48
C GLY A 194 -31.35 -3.20 -64.14
N ASP A 195 -32.36 -3.34 -64.99
CA ASP A 195 -33.63 -2.63 -64.90
C ASP A 195 -33.46 -1.12 -64.85
N TYR A 196 -32.30 -0.61 -65.25
CA TYR A 196 -32.00 0.81 -65.17
C TYR A 196 -31.31 1.36 -66.42
N ASP A 197 -31.01 0.51 -67.40
CA ASP A 197 -30.27 0.94 -68.58
C ASP A 197 -31.23 1.45 -69.65
N TYR A 198 -30.95 2.64 -70.16
CA TYR A 198 -31.76 3.26 -71.21
C TYR A 198 -30.85 3.74 -72.32
N SER A 199 -31.16 3.34 -73.55
CA SER A 199 -30.32 3.67 -74.69
C SER A 199 -30.80 4.97 -75.34
N ARG A 200 -30.24 5.30 -76.51
CA ARG A 200 -30.52 6.58 -77.13
C ARG A 200 -31.88 6.62 -77.81
N ASP A 201 -32.30 5.52 -78.44
CA ASP A 201 -33.60 5.50 -79.11
C ASP A 201 -34.77 5.54 -78.13
N GLN A 202 -34.51 5.29 -76.84
CA GLN A 202 -35.57 5.47 -75.85
C GLN A 202 -36.03 6.92 -75.78
N LEU A 203 -35.09 7.86 -75.94
CA LEU A 203 -35.47 9.26 -76.00
C LEU A 203 -36.30 9.57 -77.26
N MET A 204 -35.98 8.93 -78.38
CA MET A 204 -36.80 9.10 -79.58
C MET A 204 -38.21 8.59 -79.36
N LYS A 205 -38.34 7.43 -78.72
CA LYS A 205 -39.66 6.90 -78.40
C LYS A 205 -40.41 7.83 -77.44
N ASP A 206 -39.70 8.38 -76.46
CA ASP A 206 -40.32 9.30 -75.52
C ASP A 206 -40.81 10.58 -76.20
N VAL A 207 -39.99 11.15 -77.09
CA VAL A 207 -40.44 12.35 -77.79
C VAL A 207 -41.60 12.02 -78.72
N GLU A 208 -41.60 10.83 -79.32
CA GLU A 208 -42.72 10.42 -80.17
C GLU A 208 -44.02 10.34 -79.36
N ARG A 209 -43.97 9.71 -78.19
CA ARG A 209 -45.18 9.59 -77.39
C ARG A 209 -45.62 10.94 -76.84
N THR A 210 -44.66 11.82 -76.49
CA THR A 210 -45.04 13.16 -76.06
C THR A 210 -45.73 13.92 -77.18
N PHE A 211 -45.22 13.82 -78.41
CA PHE A 211 -45.90 14.44 -79.55
C PHE A 211 -47.30 13.86 -79.73
N ALA A 212 -47.43 12.54 -79.58
CA ALA A 212 -48.74 11.90 -79.72
C ALA A 212 -49.73 12.45 -78.70
N GLU A 213 -49.29 12.66 -77.46
CA GLU A 213 -50.20 13.13 -76.43
C GLU A 213 -50.37 14.65 -76.41
N ILE A 214 -49.52 15.41 -77.09
CA ILE A 214 -49.67 16.87 -77.16
C ILE A 214 -50.27 17.36 -78.47
N LYS A 215 -50.43 16.49 -79.47
CA LYS A 215 -50.97 16.95 -80.76
C LYS A 215 -52.32 17.64 -80.62
N PRO A 216 -53.33 17.09 -79.92
CA PRO A 216 -54.62 17.80 -79.86
C PRO A 216 -54.55 19.11 -79.09
N LEU A 217 -53.83 19.14 -77.96
CA LEU A 217 -53.76 20.36 -77.17
C LEU A 217 -52.95 21.44 -77.87
N TYR A 218 -51.86 21.04 -78.55
CA TYR A 218 -51.10 22.00 -79.35
C TYR A 218 -51.95 22.53 -80.50
N GLU A 219 -52.73 21.65 -81.12
CA GLU A 219 -53.64 22.09 -82.18
C GLU A 219 -54.65 23.10 -81.64
N GLN A 220 -55.20 22.85 -80.45
CA GLN A 220 -56.17 23.77 -79.86
C GLN A 220 -55.55 25.13 -79.57
N LEU A 221 -54.37 25.14 -78.95
CA LEU A 221 -53.75 26.42 -78.61
C LEU A 221 -53.31 27.18 -79.86
N HIS A 222 -52.80 26.47 -80.87
CA HIS A 222 -52.43 27.13 -82.12
C HIS A 222 -53.66 27.69 -82.82
N ALA A 223 -54.78 26.97 -82.78
CA ALA A 223 -56.01 27.49 -83.35
C ALA A 223 -56.48 28.74 -82.63
N TYR A 224 -56.38 28.75 -81.30
CA TYR A 224 -56.75 29.95 -80.55
C TYR A 224 -55.84 31.12 -80.90
N VAL A 225 -54.54 30.87 -81.02
CA VAL A 225 -53.60 31.94 -81.35
C VAL A 225 -53.89 32.50 -82.74
N ARG A 226 -54.14 31.62 -83.71
CA ARG A 226 -54.43 32.10 -85.05
C ARG A 226 -55.79 32.80 -85.12
N ALA A 227 -56.75 32.39 -84.29
CA ALA A 227 -58.00 33.14 -84.20
C ALA A 227 -57.77 34.53 -83.63
N LYS A 228 -56.91 34.65 -82.62
CA LYS A 228 -56.56 35.96 -82.08
C LYS A 228 -55.92 36.84 -83.14
N LEU A 229 -55.01 36.25 -83.93
CA LEU A 229 -54.38 37.01 -85.01
C LEU A 229 -55.40 37.41 -86.07
N MET A 230 -56.36 36.53 -86.37
CA MET A 230 -57.39 36.83 -87.35
C MET A 230 -58.29 37.96 -86.88
N HIS A 231 -58.57 38.02 -85.57
CA HIS A 231 -59.38 39.11 -85.03
C HIS A 231 -58.73 40.48 -85.25
N THR A 232 -57.41 40.52 -85.45
CA THR A 232 -56.73 41.75 -85.79
C THR A 232 -56.38 41.86 -87.27
N TYR A 233 -56.42 40.75 -88.01
CA TYR A 233 -56.17 40.74 -89.46
C TYR A 233 -57.11 39.74 -90.09
N PRO A 234 -58.22 40.18 -90.69
CA PRO A 234 -59.23 39.23 -91.17
C PRO A 234 -58.94 38.62 -92.53
N SER A 235 -58.14 39.28 -93.37
CA SER A 235 -57.85 38.79 -94.71
C SER A 235 -56.44 38.24 -94.84
N TYR A 236 -55.76 37.99 -93.72
CA TYR A 236 -54.39 37.51 -93.74
C TYR A 236 -54.24 36.11 -93.14
N ILE A 237 -55.33 35.50 -92.67
CA ILE A 237 -55.29 34.18 -92.05
C ILE A 237 -56.37 33.30 -92.65
N SER A 238 -56.00 32.07 -93.01
CA SER A 238 -56.98 31.06 -93.36
C SER A 238 -57.37 30.31 -92.09
N PRO A 239 -58.58 30.46 -91.58
CA PRO A 239 -58.93 29.80 -90.32
C PRO A 239 -58.92 28.29 -90.40
N THR A 240 -59.49 27.73 -91.46
CA THR A 240 -59.51 26.28 -91.62
C THR A 240 -58.12 25.73 -91.92
N GLY A 241 -57.25 26.54 -92.50
CA GLY A 241 -55.90 26.12 -92.84
C GLY A 241 -54.89 26.49 -91.77
N CYS A 242 -53.63 26.19 -92.07
CA CYS A 242 -52.54 26.50 -91.15
C CYS A 242 -52.19 27.99 -91.23
N LEU A 243 -51.39 28.44 -90.26
CA LEU A 243 -50.89 29.79 -90.05
C LEU A 243 -49.50 29.94 -90.68
N PRO A 244 -49.25 31.04 -91.39
CA PRO A 244 -47.97 31.19 -92.10
C PRO A 244 -46.80 31.32 -91.14
N ALA A 245 -45.61 30.97 -91.66
CA ALA A 245 -44.40 30.98 -90.85
C ALA A 245 -44.08 32.38 -90.34
N HIS A 246 -44.27 33.39 -91.17
CA HIS A 246 -44.02 34.77 -90.78
C HIS A 246 -45.07 35.31 -89.82
N LEU A 247 -45.96 34.47 -89.30
CA LEU A 247 -46.97 34.88 -88.35
C LEU A 247 -46.93 34.05 -87.07
N LEU A 248 -45.80 33.41 -86.78
CA LEU A 248 -45.67 32.66 -85.54
C LEU A 248 -45.77 33.58 -84.33
N GLY A 249 -45.21 34.79 -84.43
CA GLY A 249 -45.25 35.73 -83.35
C GLY A 249 -43.97 36.51 -83.15
N ASP A 250 -42.83 35.92 -83.50
CA ASP A 250 -41.55 36.61 -83.35
C ASP A 250 -40.69 36.50 -84.60
N MET A 251 -39.44 36.98 -84.49
CA MET A 251 -38.57 37.10 -85.66
C MET A 251 -37.99 35.76 -86.12
N TRP A 252 -37.72 34.83 -85.21
CA TRP A 252 -37.14 33.55 -85.57
C TRP A 252 -38.13 32.40 -85.51
N GLY A 253 -39.40 32.66 -85.18
CA GLY A 253 -40.33 31.60 -84.92
C GLY A 253 -40.14 30.94 -83.56
N ARG A 254 -39.25 31.47 -82.73
CA ARG A 254 -38.93 30.84 -81.44
C ARG A 254 -39.93 31.25 -80.36
N PHE A 255 -39.98 32.54 -80.04
CA PHE A 255 -40.78 33.02 -78.92
C PHE A 255 -42.19 33.36 -79.35
N TRP A 256 -43.13 33.27 -78.39
CA TRP A 256 -44.50 33.72 -78.58
C TRP A 256 -44.88 34.79 -77.57
N THR A 257 -43.88 35.44 -76.95
CA THR A 257 -44.16 36.47 -75.96
C THR A 257 -44.72 37.74 -76.59
N ASN A 258 -44.43 37.98 -77.87
CA ASN A 258 -44.96 39.15 -78.55
C ASN A 258 -46.47 39.11 -78.63
N LEU A 259 -47.05 37.92 -78.74
CA LEU A 259 -48.51 37.76 -78.78
C LEU A 259 -49.06 37.86 -77.35
N TYR A 260 -49.03 39.08 -76.82
CA TYR A 260 -49.50 39.35 -75.48
C TYR A 260 -50.57 40.43 -75.42
N SER A 261 -50.46 41.47 -76.24
CA SER A 261 -51.45 42.54 -76.20
C SER A 261 -52.77 42.09 -76.83
N LEU A 262 -52.70 41.31 -77.90
CA LEU A 262 -53.88 40.86 -78.62
C LEU A 262 -54.33 39.46 -78.21
N THR A 263 -53.68 38.84 -77.22
CA THR A 263 -54.03 37.50 -76.79
C THR A 263 -54.57 37.43 -75.36
N VAL A 264 -54.38 38.46 -74.55
CA VAL A 264 -54.91 38.41 -73.18
C VAL A 264 -56.44 38.37 -73.24
N PRO A 265 -57.10 37.46 -72.52
CA PRO A 265 -58.56 37.39 -72.61
C PRO A 265 -59.26 38.64 -72.11
N PHE A 266 -58.88 39.14 -70.94
CA PHE A 266 -59.48 40.33 -70.34
C PHE A 266 -58.38 41.36 -70.14
N GLU A 267 -58.14 42.18 -71.18
CA GLU A 267 -57.11 43.22 -71.10
C GLU A 267 -57.54 44.39 -70.22
N HIS A 268 -58.84 44.51 -69.92
CA HIS A 268 -59.31 45.66 -69.16
C HIS A 268 -58.78 45.63 -67.73
N LYS A 269 -58.90 44.49 -67.06
CA LYS A 269 -58.42 44.37 -65.69
C LYS A 269 -56.90 44.24 -65.69
N PRO A 270 -56.19 44.97 -64.84
CA PRO A 270 -54.73 44.88 -64.85
C PRO A 270 -54.22 43.57 -64.26
N SER A 271 -53.03 43.18 -64.68
CA SER A 271 -52.41 41.94 -64.23
C SER A 271 -51.76 42.16 -62.87
N ILE A 272 -50.98 41.18 -62.42
CA ILE A 272 -50.27 41.29 -61.14
C ILE A 272 -49.07 42.21 -61.36
N ASP A 273 -49.17 43.43 -60.87
CA ASP A 273 -48.12 44.44 -61.01
C ASP A 273 -47.72 44.91 -59.61
N VAL A 274 -46.76 44.20 -59.01
CA VAL A 274 -46.24 44.56 -57.70
C VAL A 274 -45.15 45.62 -57.78
N THR A 275 -44.69 45.93 -59.00
CA THR A 275 -43.64 46.93 -59.18
C THR A 275 -44.00 48.23 -58.48
N GLU A 276 -45.26 48.66 -58.58
CA GLU A 276 -45.71 49.83 -57.84
C GLU A 276 -45.54 49.63 -56.34
N LYS A 277 -45.76 48.41 -55.86
CA LYS A 277 -45.65 48.15 -54.41
C LYS A 277 -44.21 48.27 -53.94
N MET A 278 -43.24 47.69 -54.66
CA MET A 278 -41.87 47.90 -54.21
C MET A 278 -41.36 49.31 -54.48
N GLU A 279 -41.95 50.04 -55.44
CA GLU A 279 -41.63 51.47 -55.54
C GLU A 279 -42.15 52.23 -54.32
N ASN A 280 -43.33 51.86 -53.82
CA ASN A 280 -43.81 52.45 -52.57
C ASN A 280 -42.89 52.11 -51.42
N GLN A 281 -42.46 50.85 -51.32
CA GLN A 281 -41.67 50.40 -50.18
C GLN A 281 -40.20 50.80 -50.28
N SER A 282 -39.74 51.24 -51.44
CA SER A 282 -38.34 51.61 -51.67
C SER A 282 -37.40 50.42 -51.39
N TRP A 283 -37.65 49.33 -52.12
CA TRP A 283 -36.87 48.12 -51.98
C TRP A 283 -35.50 48.27 -52.64
N ASP A 284 -34.58 47.39 -52.25
CA ASP A 284 -33.22 47.40 -52.76
C ASP A 284 -32.85 46.01 -53.28
N ALA A 285 -31.84 45.99 -54.16
CA ALA A 285 -31.38 44.71 -54.71
C ALA A 285 -30.78 43.82 -53.64
N GLU A 286 -30.03 44.40 -52.70
CA GLU A 286 -29.45 43.61 -51.61
C GLU A 286 -30.55 42.99 -50.75
N ARG A 287 -31.59 43.77 -50.44
CA ARG A 287 -32.69 43.22 -49.66
C ARG A 287 -33.50 42.19 -50.45
N ILE A 288 -33.58 42.36 -51.77
CA ILE A 288 -34.23 41.33 -52.60
C ILE A 288 -33.42 40.04 -52.55
N PHE A 289 -32.10 40.15 -52.60
CA PHE A 289 -31.25 38.97 -52.45
C PHE A 289 -31.42 38.33 -51.08
N LYS A 290 -31.53 39.15 -50.03
CA LYS A 290 -31.77 38.61 -48.69
C LYS A 290 -33.11 37.90 -48.62
N GLU A 291 -34.14 38.46 -49.27
CA GLU A 291 -35.44 37.80 -49.30
C GLU A 291 -35.37 36.49 -50.06
N ALA A 292 -34.60 36.45 -51.15
CA ALA A 292 -34.41 35.19 -51.88
C ALA A 292 -33.74 34.15 -51.00
N GLU A 293 -32.73 34.56 -50.23
CA GLU A 293 -32.07 33.63 -49.31
C GLU A 293 -33.03 33.17 -48.22
N LYS A 294 -33.90 34.06 -47.73
CA LYS A 294 -34.90 33.67 -46.74
C LYS A 294 -35.86 32.65 -47.32
N PHE A 295 -36.27 32.86 -48.58
CA PHE A 295 -37.14 31.88 -49.24
C PHE A 295 -36.44 30.54 -49.41
N PHE A 296 -35.14 30.57 -49.74
CA PHE A 296 -34.39 29.33 -49.88
C PHE A 296 -34.21 28.62 -48.54
N VAL A 297 -34.10 29.38 -47.46
CA VAL A 297 -34.11 28.78 -46.12
C VAL A 297 -35.47 28.19 -45.80
N SER A 298 -36.56 28.84 -46.23
CA SER A 298 -37.89 28.26 -46.06
C SER A 298 -38.01 26.93 -46.82
N ILE A 299 -37.26 26.76 -47.91
CA ILE A 299 -37.26 25.50 -48.65
C ILE A 299 -36.06 24.68 -48.18
N SER A 300 -35.49 25.06 -47.03
CA SER A 300 -34.48 24.32 -46.29
C SER A 300 -33.16 24.18 -47.04
N LEU A 301 -32.93 24.97 -48.08
CA LEU A 301 -31.64 24.95 -48.75
C LEU A 301 -30.58 25.61 -47.85
N PRO A 302 -29.33 25.15 -47.95
CA PRO A 302 -28.28 25.72 -47.09
C PRO A 302 -28.08 27.21 -47.33
N TYR A 303 -27.68 27.90 -46.26
CA TYR A 303 -27.42 29.32 -46.34
C TYR A 303 -26.27 29.61 -47.30
N MET A 304 -26.35 30.76 -47.97
CA MET A 304 -25.27 31.18 -48.84
C MET A 304 -24.03 31.53 -48.02
N THR A 305 -22.86 31.32 -48.62
CA THR A 305 -21.61 31.64 -47.96
C THR A 305 -21.44 33.14 -47.79
N GLN A 306 -20.63 33.53 -46.82
CA GLN A 306 -20.36 34.94 -46.61
C GLN A 306 -19.61 35.55 -47.78
N GLY A 307 -18.73 34.78 -48.42
CA GLY A 307 -18.04 35.27 -49.60
C GLY A 307 -19.00 35.60 -50.73
N PHE A 308 -20.14 34.91 -50.79
CA PHE A 308 -21.13 35.18 -51.82
C PHE A 308 -21.65 36.62 -51.71
N TRP A 309 -21.94 37.08 -50.50
CA TRP A 309 -22.37 38.46 -50.33
C TRP A 309 -21.20 39.43 -50.29
N ASP A 310 -19.99 38.96 -50.00
CA ASP A 310 -18.83 39.85 -49.92
C ASP A 310 -18.30 40.20 -51.30
N ASN A 311 -17.84 39.19 -52.04
CA ASN A 311 -17.12 39.44 -53.29
C ASN A 311 -18.05 39.76 -54.47
N SER A 312 -19.25 39.20 -54.48
CA SER A 312 -20.07 39.23 -55.68
C SER A 312 -20.65 40.63 -55.94
N MET A 313 -20.56 41.04 -57.20
CA MET A 313 -21.24 42.24 -57.67
C MET A 313 -22.74 42.13 -57.49
N LEU A 314 -23.36 43.20 -57.02
CA LEU A 314 -24.81 43.27 -56.87
C LEU A 314 -25.45 44.44 -57.60
N THR A 315 -24.83 45.62 -57.54
CA THR A 315 -25.36 46.82 -58.19
C THR A 315 -24.27 47.48 -59.03
N GLU A 316 -24.69 48.26 -60.01
CA GLU A 316 -23.77 48.82 -61.00
C GLU A 316 -22.80 49.81 -60.35
N PRO A 317 -21.49 49.60 -60.49
CA PRO A 317 -20.50 50.56 -59.96
C PRO A 317 -20.13 51.63 -60.99
N GLY A 318 -21.06 52.55 -61.22
CA GLY A 318 -20.85 53.59 -62.21
C GLY A 318 -21.14 53.11 -63.62
N ASP A 319 -20.86 54.00 -64.57
CA ASP A 319 -21.10 53.72 -65.98
C ASP A 319 -19.84 53.65 -66.83
N GLY A 320 -18.72 54.17 -66.34
CA GLY A 320 -17.48 54.07 -67.09
C GLY A 320 -17.03 52.63 -67.26
N ARG A 321 -17.18 51.82 -66.20
CA ARG A 321 -16.86 50.39 -66.26
C ARG A 321 -18.15 49.63 -66.55
N LYS A 322 -18.51 49.61 -67.82
CA LYS A 322 -19.74 48.95 -68.25
C LYS A 322 -19.63 47.44 -68.08
N VAL A 323 -20.76 46.82 -67.71
CA VAL A 323 -20.82 45.40 -67.44
C VAL A 323 -21.95 44.79 -68.27
N VAL A 324 -21.71 43.60 -68.82
CA VAL A 324 -22.77 42.83 -69.46
C VAL A 324 -23.57 42.12 -68.39
N CYS A 325 -24.89 42.04 -68.59
CA CYS A 325 -25.79 41.53 -67.56
C CYS A 325 -26.75 40.51 -68.16
N HIS A 326 -26.22 39.56 -68.93
CA HIS A 326 -27.01 38.42 -69.33
C HIS A 326 -27.23 37.50 -68.13
N PRO A 327 -28.41 36.89 -68.01
CA PRO A 327 -28.69 36.08 -66.82
C PRO A 327 -27.91 34.78 -66.80
N THR A 328 -26.86 34.74 -65.98
CA THR A 328 -26.00 33.56 -65.85
C THR A 328 -25.13 33.76 -64.62
N ALA A 329 -24.91 32.67 -63.88
CA ALA A 329 -24.06 32.72 -62.68
C ALA A 329 -23.50 31.32 -62.45
N TRP A 330 -22.22 31.13 -62.75
CA TRP A 330 -21.54 29.87 -62.54
C TRP A 330 -20.54 29.98 -61.40
N ASP A 331 -20.25 28.83 -60.79
CA ASP A 331 -19.33 28.79 -59.67
C ASP A 331 -17.89 29.02 -60.16
N LEU A 332 -17.06 29.52 -59.25
CA LEU A 332 -15.64 29.69 -59.52
C LEU A 332 -14.81 28.47 -59.13
N GLY A 333 -15.41 27.51 -58.43
CA GLY A 333 -14.67 26.36 -57.95
C GLY A 333 -14.27 26.50 -56.50
N LYS A 334 -14.13 25.36 -55.82
CA LYS A 334 -13.75 25.30 -54.42
C LYS A 334 -14.73 26.07 -53.53
N GLY A 335 -16.01 26.05 -53.88
CA GLY A 335 -17.05 26.61 -53.03
C GLY A 335 -17.28 28.10 -53.17
N ASP A 336 -16.84 28.72 -54.26
CA ASP A 336 -17.02 30.16 -54.47
C ASP A 336 -18.05 30.39 -55.58
N PHE A 337 -19.03 31.26 -55.30
CA PHE A 337 -20.08 31.59 -56.25
C PHE A 337 -20.26 33.11 -56.30
N ARG A 338 -20.64 33.59 -57.48
CA ARG A 338 -20.84 35.02 -57.68
C ARG A 338 -21.95 35.23 -58.70
N ILE A 339 -22.51 36.45 -58.71
CA ILE A 339 -23.68 36.77 -59.51
C ILE A 339 -23.53 38.17 -60.10
N LYS A 340 -24.09 38.37 -61.29
CA LYS A 340 -24.00 39.63 -62.02
C LYS A 340 -25.36 39.99 -62.59
N MET A 341 -25.89 41.15 -62.20
CA MET A 341 -27.17 41.61 -62.72
C MET A 341 -27.06 43.06 -63.15
N CYS A 342 -27.90 43.42 -64.12
CA CYS A 342 -28.26 44.82 -64.38
C CYS A 342 -29.54 45.16 -63.63
N THR A 343 -29.47 45.01 -62.31
CA THR A 343 -30.67 44.94 -61.49
C THR A 343 -31.35 46.31 -61.38
N LYS A 344 -32.68 46.27 -61.37
CA LYS A 344 -33.53 47.41 -61.03
C LYS A 344 -34.57 46.94 -60.03
N VAL A 345 -35.57 47.77 -59.73
CA VAL A 345 -36.67 47.32 -58.91
C VAL A 345 -37.90 47.07 -59.79
N THR A 346 -38.00 45.85 -60.31
CA THR A 346 -39.13 45.42 -61.14
C THR A 346 -39.42 43.96 -60.80
N MET A 347 -40.25 43.32 -61.63
CA MET A 347 -40.61 41.92 -61.42
C MET A 347 -39.66 40.98 -62.17
N ASP A 348 -39.29 41.31 -63.41
CA ASP A 348 -38.44 40.42 -64.20
C ASP A 348 -37.05 40.29 -63.61
N ASP A 349 -36.51 41.40 -63.07
CA ASP A 349 -35.20 41.33 -62.42
C ASP A 349 -35.23 40.41 -61.21
N PHE A 350 -36.30 40.49 -60.40
CA PHE A 350 -36.44 39.57 -59.27
C PHE A 350 -36.59 38.14 -59.74
N LEU A 351 -37.32 37.94 -60.85
CA LEU A 351 -37.53 36.59 -61.37
C LEU A 351 -36.20 35.97 -61.81
N THR A 352 -35.39 36.73 -62.54
CA THR A 352 -34.09 36.20 -62.96
C THR A 352 -33.13 36.08 -61.79
N ALA A 353 -33.29 36.92 -60.77
CA ALA A 353 -32.49 36.76 -59.55
C ALA A 353 -32.81 35.42 -58.87
N HIS A 354 -34.10 35.08 -58.78
CA HIS A 354 -34.46 33.78 -58.21
C HIS A 354 -33.99 32.63 -59.11
N HIS A 355 -34.03 32.83 -60.43
CA HIS A 355 -33.53 31.82 -61.35
C HIS A 355 -32.05 31.52 -61.09
N GLU A 356 -31.23 32.57 -61.07
CA GLU A 356 -29.81 32.37 -60.80
C GLU A 356 -29.55 31.94 -59.36
N MET A 357 -30.45 32.26 -58.42
CA MET A 357 -30.30 31.74 -57.06
C MET A 357 -30.49 30.23 -57.03
N GLY A 358 -31.49 29.72 -57.75
CA GLY A 358 -31.62 28.28 -57.92
C GLY A 358 -30.41 27.67 -58.61
N HIS A 359 -29.90 28.37 -59.63
CA HIS A 359 -28.67 27.95 -60.29
C HIS A 359 -27.52 27.80 -59.30
N ILE A 360 -27.31 28.82 -58.47
CA ILE A 360 -26.21 28.82 -57.52
C ILE A 360 -26.41 27.75 -56.45
N GLN A 361 -27.66 27.54 -56.02
CA GLN A 361 -27.93 26.52 -55.01
C GLN A 361 -27.66 25.12 -55.57
N TYR A 362 -28.09 24.85 -56.81
CA TYR A 362 -27.76 23.57 -57.43
C TYR A 362 -26.26 23.41 -57.59
N ASP A 363 -25.56 24.49 -57.96
CA ASP A 363 -24.12 24.43 -58.11
C ASP A 363 -23.43 24.11 -56.78
N MET A 364 -23.93 24.69 -55.70
CA MET A 364 -23.39 24.41 -54.37
C MET A 364 -23.69 22.98 -53.93
N ALA A 365 -24.84 22.45 -54.36
CA ALA A 365 -25.29 21.14 -53.87
C ALA A 365 -24.29 20.04 -54.23
N TYR A 366 -23.77 20.05 -55.46
CA TYR A 366 -22.87 19.00 -55.92
C TYR A 366 -21.40 19.33 -55.69
N ALA A 367 -21.09 20.34 -54.88
CA ALA A 367 -19.71 20.78 -54.69
C ALA A 367 -18.81 19.70 -54.10
N ALA A 368 -19.37 18.66 -53.49
CA ALA A 368 -18.56 17.58 -52.93
C ALA A 368 -18.13 16.57 -53.98
N GLN A 369 -18.70 16.63 -55.17
CA GLN A 369 -18.34 15.78 -56.28
C GLN A 369 -17.04 16.26 -56.91
N PRO A 370 -16.31 15.34 -57.64
CA PRO A 370 -15.06 15.68 -58.32
C PRO A 370 -15.32 16.55 -59.55
N TYR A 371 -14.26 16.85 -60.31
CA TYR A 371 -14.37 17.83 -61.38
C TYR A 371 -15.09 17.27 -62.60
N LEU A 372 -14.76 16.04 -63.00
CA LEU A 372 -15.34 15.49 -64.21
C LEU A 372 -16.86 15.36 -64.13
N LEU A 373 -17.40 15.11 -62.93
CA LEU A 373 -18.84 15.10 -62.74
C LEU A 373 -19.35 16.38 -62.07
N ARG A 374 -18.52 17.42 -61.99
CA ARG A 374 -18.96 18.70 -61.45
C ARG A 374 -19.85 19.43 -62.44
N ASN A 375 -21.03 18.87 -62.70
CA ASN A 375 -21.99 19.42 -63.62
C ASN A 375 -23.32 18.72 -63.39
N GLY A 376 -24.37 19.26 -64.00
CA GLY A 376 -25.66 18.59 -63.94
C GLY A 376 -25.65 17.29 -64.72
N ALA A 377 -26.59 16.41 -64.36
CA ALA A 377 -26.71 15.13 -65.05
C ALA A 377 -27.13 15.29 -66.51
N ASN A 378 -27.58 16.48 -66.91
CA ASN A 378 -27.86 16.79 -68.30
C ASN A 378 -27.36 18.20 -68.57
N GLU A 379 -27.77 18.77 -69.70
CA GLU A 379 -27.34 20.10 -70.11
C GLU A 379 -28.38 21.18 -69.83
N GLY A 380 -29.40 20.88 -69.03
CA GLY A 380 -30.44 21.85 -68.75
C GLY A 380 -30.99 21.82 -67.34
N PHE A 381 -30.35 21.06 -66.44
CA PHE A 381 -30.84 20.94 -65.08
C PHE A 381 -30.80 22.28 -64.35
N HIS A 382 -29.71 23.03 -64.49
CA HIS A 382 -29.58 24.30 -63.80
C HIS A 382 -30.61 25.30 -64.30
N GLU A 383 -30.82 25.37 -65.62
CA GLU A 383 -31.85 26.25 -66.17
C GLU A 383 -33.24 25.84 -65.70
N ALA A 384 -33.51 24.53 -65.65
CA ALA A 384 -34.81 24.06 -65.21
C ALA A 384 -35.08 24.43 -63.74
N VAL A 385 -34.09 24.23 -62.88
CA VAL A 385 -34.29 24.55 -61.47
C VAL A 385 -34.37 26.06 -61.26
N GLY A 386 -33.64 26.84 -62.05
CA GLY A 386 -33.84 28.28 -62.01
C GLY A 386 -35.25 28.67 -62.41
N GLU A 387 -35.80 28.01 -63.43
CA GLU A 387 -37.17 28.31 -63.84
C GLU A 387 -38.16 27.94 -62.75
N ILE A 388 -37.94 26.81 -62.06
CA ILE A 388 -38.88 26.43 -61.01
C ILE A 388 -38.79 27.38 -59.82
N MET A 389 -37.58 27.86 -59.51
CA MET A 389 -37.46 28.93 -58.52
C MET A 389 -38.25 30.17 -58.95
N SER A 390 -38.11 30.55 -60.23
CA SER A 390 -38.82 31.73 -60.72
C SER A 390 -40.33 31.55 -60.63
N LEU A 391 -40.83 30.37 -60.99
CA LEU A 391 -42.25 30.09 -60.90
C LEU A 391 -42.72 30.09 -59.45
N SER A 392 -41.91 29.54 -58.53
CA SER A 392 -42.24 29.61 -57.12
C SER A 392 -42.34 31.06 -56.65
N ALA A 393 -41.50 31.94 -57.18
CA ALA A 393 -41.62 33.35 -56.90
C ALA A 393 -42.81 34.00 -57.60
N ALA A 394 -43.27 33.43 -58.72
CA ALA A 394 -44.29 34.09 -59.53
C ALA A 394 -45.68 34.00 -58.93
N THR A 395 -45.93 33.02 -58.07
CA THR A 395 -47.27 32.83 -57.54
C THR A 395 -47.66 33.99 -56.64
N PRO A 396 -48.88 34.52 -56.78
CA PRO A 396 -49.32 35.62 -55.89
C PRO A 396 -49.48 35.19 -54.44
N HIS A 397 -49.57 33.89 -54.18
CA HIS A 397 -49.60 33.43 -52.80
C HIS A 397 -48.30 33.76 -52.08
N TYR A 398 -47.17 33.67 -52.78
CA TYR A 398 -45.89 34.07 -52.19
C TYR A 398 -45.87 35.57 -51.90
N LEU A 399 -46.43 36.38 -52.80
CA LEU A 399 -46.53 37.81 -52.55
C LEU A 399 -47.40 38.11 -51.32
N LYS A 400 -48.51 37.40 -51.19
CA LYS A 400 -49.37 37.58 -50.03
C LYS A 400 -48.67 37.19 -48.74
N ALA A 401 -47.92 36.07 -48.77
CA ALA A 401 -47.17 35.65 -47.59
C ALA A 401 -46.08 36.66 -47.24
N LEU A 402 -45.40 37.20 -48.26
CA LEU A 402 -44.31 38.14 -48.01
C LEU A 402 -44.83 39.49 -47.54
N GLY A 403 -46.04 39.87 -47.93
CA GLY A 403 -46.62 41.12 -47.55
C GLY A 403 -46.42 42.27 -48.53
N LEU A 404 -45.68 42.04 -49.62
CA LEU A 404 -45.52 43.09 -50.62
C LEU A 404 -46.84 43.44 -51.29
N LEU A 405 -47.72 42.46 -51.46
CA LEU A 405 -49.06 42.69 -51.99
C LEU A 405 -50.02 42.90 -50.83
N ALA A 406 -50.91 43.86 -50.96
CA ALA A 406 -51.84 44.17 -49.90
C ALA A 406 -52.74 42.97 -49.62
N PRO A 407 -52.97 42.62 -48.35
CA PRO A 407 -53.78 41.43 -48.05
C PRO A 407 -55.20 41.50 -48.59
N ASP A 408 -55.78 42.69 -48.70
CA ASP A 408 -57.15 42.85 -49.19
C ASP A 408 -57.19 42.78 -50.73
N PHE A 409 -56.73 41.64 -51.25
CA PHE A 409 -56.72 41.37 -52.67
C PHE A 409 -57.48 40.07 -52.93
N HIS A 410 -58.32 40.08 -53.96
CA HIS A 410 -59.17 38.95 -54.29
C HIS A 410 -58.71 38.32 -55.61
N GLU A 411 -58.43 37.02 -55.57
CA GLU A 411 -58.03 36.31 -56.78
C GLU A 411 -59.23 36.09 -57.69
N ASP A 412 -59.06 36.38 -58.97
CA ASP A 412 -60.13 36.27 -59.95
C ASP A 412 -59.76 35.29 -61.04
N ASN A 413 -60.78 34.62 -61.58
CA ASN A 413 -60.56 33.61 -62.61
C ASN A 413 -59.91 34.20 -63.85
N GLU A 414 -60.39 35.38 -64.28
CA GLU A 414 -59.81 36.02 -65.45
C GLU A 414 -58.35 36.40 -65.22
N THR A 415 -58.04 36.89 -64.01
CA THR A 415 -56.64 37.20 -63.69
C THR A 415 -55.78 35.95 -63.70
N GLU A 416 -56.29 34.84 -63.16
CA GLU A 416 -55.55 33.59 -63.18
C GLU A 416 -55.28 33.15 -64.62
N ILE A 417 -56.31 33.23 -65.47
CA ILE A 417 -56.15 32.85 -66.87
C ILE A 417 -55.13 33.74 -67.56
N ASN A 418 -55.15 35.04 -67.25
CA ASN A 418 -54.19 35.97 -67.85
C ASN A 418 -52.76 35.63 -67.45
N PHE A 419 -52.53 35.41 -66.15
CA PHE A 419 -51.18 35.08 -65.70
C PHE A 419 -50.70 33.76 -66.30
N LEU A 420 -51.58 32.75 -66.32
CA LEU A 420 -51.20 31.45 -66.88
C LEU A 420 -50.92 31.56 -68.37
N LEU A 421 -51.73 32.35 -69.09
CA LEU A 421 -51.51 32.52 -70.52
C LEU A 421 -50.17 33.22 -70.79
N LYS A 422 -49.85 34.25 -70.00
CA LYS A 422 -48.57 34.93 -70.19
C LYS A 422 -47.41 33.98 -69.90
N GLN A 423 -47.41 33.34 -68.74
CA GLN A 423 -46.32 32.46 -68.34
C GLN A 423 -46.29 31.16 -69.14
N ALA A 424 -47.34 30.87 -69.91
CA ALA A 424 -47.33 29.74 -70.83
C ALA A 424 -46.78 30.16 -72.19
N LEU A 425 -47.40 31.16 -72.81
CA LEU A 425 -46.98 31.61 -74.13
C LEU A 425 -45.55 32.12 -74.14
N THR A 426 -44.99 32.49 -72.98
CA THR A 426 -43.58 32.88 -72.96
C THR A 426 -42.64 31.71 -73.20
N ILE A 427 -43.06 30.47 -72.90
CA ILE A 427 -42.16 29.33 -72.95
C ILE A 427 -42.59 28.32 -74.01
N VAL A 428 -43.90 28.13 -74.18
CA VAL A 428 -44.42 27.03 -74.99
C VAL A 428 -44.38 27.33 -76.47
N GLY A 429 -44.29 28.61 -76.87
CA GLY A 429 -44.08 28.92 -78.27
C GLY A 429 -42.76 28.38 -78.78
N THR A 430 -41.77 28.26 -77.90
CA THR A 430 -40.49 27.67 -78.26
C THR A 430 -40.53 26.15 -78.32
N LEU A 431 -41.53 25.51 -77.69
CA LEU A 431 -41.51 24.06 -77.62
C LEU A 431 -41.71 23.40 -78.97
N PRO A 432 -42.67 23.79 -79.86
CA PRO A 432 -42.72 23.18 -81.19
C PRO A 432 -41.42 23.39 -81.97
N PHE A 433 -40.84 24.60 -81.91
CA PHE A 433 -39.68 24.91 -82.76
C PHE A 433 -38.40 24.21 -82.28
N THR A 434 -38.23 24.04 -80.96
CA THR A 434 -36.98 23.46 -80.47
C THR A 434 -36.80 22.03 -80.97
N TYR A 435 -37.86 21.21 -80.89
CA TYR A 435 -37.75 19.88 -81.47
C TYR A 435 -37.92 19.90 -82.99
N MET A 436 -38.61 20.92 -83.53
CA MET A 436 -38.70 21.07 -84.98
C MET A 436 -37.33 21.24 -85.62
N LEU A 437 -36.39 21.85 -84.90
CA LEU A 437 -35.00 21.94 -85.36
C LEU A 437 -34.12 20.80 -84.84
N GLU A 438 -34.38 20.31 -83.63
CA GLU A 438 -33.57 19.23 -83.06
C GLU A 438 -33.74 17.94 -83.84
N LYS A 439 -34.99 17.57 -84.14
CA LYS A 439 -35.26 16.38 -84.95
C LYS A 439 -34.66 16.51 -86.34
N TRP A 440 -34.68 17.70 -86.91
CA TRP A 440 -34.11 17.87 -88.25
C TRP A 440 -32.59 17.75 -88.22
N ARG A 441 -31.93 18.30 -87.20
CA ARG A 441 -30.50 18.07 -87.05
C ARG A 441 -30.21 16.59 -86.86
N TRP A 442 -31.04 15.92 -86.04
CA TRP A 442 -30.90 14.47 -85.82
C TRP A 442 -30.94 13.72 -87.14
N MET A 443 -31.98 13.97 -87.94
CA MET A 443 -32.18 13.25 -89.19
C MET A 443 -31.15 13.63 -90.25
N VAL A 444 -30.71 14.88 -90.30
CA VAL A 444 -29.68 15.27 -91.26
C VAL A 444 -28.35 14.59 -90.92
N PHE A 445 -27.98 14.57 -89.65
CA PHE A 445 -26.75 13.90 -89.26
C PHE A 445 -26.90 12.38 -89.24
N LYS A 446 -28.13 11.87 -89.32
CA LYS A 446 -28.34 10.43 -89.46
C LYS A 446 -27.80 9.92 -90.79
N GLY A 447 -28.01 10.68 -91.86
CA GLY A 447 -27.65 10.25 -93.20
C GLY A 447 -28.74 9.50 -93.94
N GLU A 448 -29.98 9.58 -93.49
CA GLU A 448 -31.09 8.84 -94.08
C GLU A 448 -31.83 9.61 -95.17
N ILE A 449 -31.43 10.84 -95.46
CA ILE A 449 -32.17 11.68 -96.41
C ILE A 449 -31.24 12.21 -97.48
N PRO A 450 -31.72 12.45 -98.70
CA PRO A 450 -30.88 13.03 -99.74
C PRO A 450 -30.78 14.55 -99.58
N LYS A 451 -30.01 15.17 -100.46
CA LYS A 451 -29.75 16.60 -100.36
C LYS A 451 -30.92 17.46 -100.80
N GLN A 452 -31.68 17.02 -101.81
CA GLN A 452 -32.72 17.82 -102.43
C GLN A 452 -34.11 17.53 -101.88
N GLN A 453 -34.19 17.10 -100.62
CA GLN A 453 -35.48 16.89 -99.96
C GLN A 453 -35.43 17.46 -98.55
N TRP A 454 -34.94 18.70 -98.43
CA TRP A 454 -34.75 19.33 -97.14
C TRP A 454 -35.70 20.50 -96.89
N MET A 455 -35.73 21.50 -97.77
CA MET A 455 -36.57 22.66 -97.51
C MET A 455 -38.05 22.33 -97.70
N GLU A 456 -38.39 21.59 -98.76
CA GLU A 456 -39.78 21.25 -99.00
C GLU A 456 -40.34 20.41 -97.86
N LYS A 457 -39.58 19.39 -97.42
CA LYS A 457 -40.02 18.58 -96.29
C LYS A 457 -40.04 19.39 -95.00
N TRP A 458 -39.05 20.26 -94.80
CA TRP A 458 -39.07 21.22 -93.70
C TRP A 458 -40.42 21.89 -93.59
N TRP A 459 -40.80 22.63 -94.64
CA TRP A 459 -42.02 23.42 -94.60
C TRP A 459 -43.26 22.53 -94.49
N GLU A 460 -43.33 21.46 -95.27
CA GLU A 460 -44.50 20.59 -95.23
C GLU A 460 -44.70 19.99 -93.84
N MET A 461 -43.60 19.52 -93.23
CA MET A 461 -43.69 18.94 -91.90
C MET A 461 -44.13 19.97 -90.87
N LYS A 462 -43.57 21.18 -90.93
CA LYS A 462 -43.97 22.16 -89.92
C LYS A 462 -45.43 22.56 -90.09
N ARG A 463 -45.91 22.70 -91.33
CA ARG A 463 -47.34 22.94 -91.52
C ARG A 463 -48.16 21.81 -90.92
N GLU A 464 -47.88 20.57 -91.33
CA GLU A 464 -48.71 19.44 -90.93
C GLU A 464 -48.59 19.09 -89.45
N ILE A 465 -47.59 19.61 -88.75
CA ILE A 465 -47.37 19.31 -87.34
C ILE A 465 -47.89 20.44 -86.45
N VAL A 466 -47.53 21.68 -86.75
CA VAL A 466 -47.87 22.81 -85.88
C VAL A 466 -48.75 23.85 -86.56
N GLY A 467 -48.71 23.96 -87.89
CA GLY A 467 -49.38 25.07 -88.55
C GLY A 467 -48.42 26.21 -88.85
N VAL A 468 -47.33 25.90 -89.55
CA VAL A 468 -46.29 26.86 -89.89
C VAL A 468 -46.09 26.77 -91.40
N VAL A 469 -46.79 27.63 -92.16
CA VAL A 469 -46.76 27.61 -93.61
C VAL A 469 -45.74 28.62 -94.11
N GLU A 470 -44.97 28.25 -95.13
CA GLU A 470 -44.06 29.18 -95.78
C GLU A 470 -44.86 30.21 -96.58
N PRO A 471 -44.75 31.50 -96.28
CA PRO A 471 -45.44 32.50 -97.10
C PRO A 471 -44.73 32.74 -98.42
N LEU A 472 -43.39 32.74 -98.39
CA LEU A 472 -42.58 32.93 -99.59
C LEU A 472 -41.83 31.64 -99.88
N PRO A 473 -42.27 30.86 -100.88
CA PRO A 473 -41.60 29.58 -101.15
C PRO A 473 -40.14 29.77 -101.50
N HIS A 474 -39.30 28.86 -101.01
CA HIS A 474 -37.87 28.87 -101.25
C HIS A 474 -37.41 27.46 -101.61
N ASP A 475 -36.37 27.39 -102.43
CA ASP A 475 -35.84 26.10 -102.87
C ASP A 475 -34.92 25.54 -101.78
N GLU A 476 -34.21 24.46 -102.11
CA GLU A 476 -33.47 23.70 -101.11
C GLU A 476 -32.17 24.37 -100.67
N THR A 477 -31.81 25.51 -101.24
CA THR A 477 -30.53 26.15 -100.94
C THR A 477 -30.61 27.12 -99.76
N TYR A 478 -31.74 27.18 -99.06
CA TYR A 478 -31.93 28.10 -97.95
C TYR A 478 -31.70 27.39 -96.61
N CYS A 479 -31.49 28.20 -95.58
CA CYS A 479 -31.38 27.73 -94.20
C CYS A 479 -32.17 28.64 -93.27
N ASP A 480 -33.43 28.89 -93.63
CA ASP A 480 -34.27 29.81 -92.87
C ASP A 480 -34.34 29.50 -91.37
N PRO A 481 -34.52 28.25 -90.92
CA PRO A 481 -34.48 27.99 -89.47
C PRO A 481 -33.09 27.97 -88.87
N ALA A 482 -32.05 28.33 -89.62
CA ALA A 482 -30.67 28.31 -89.15
C ALA A 482 -30.09 29.73 -89.07
N CYS A 483 -30.91 30.70 -88.68
CA CYS A 483 -30.50 32.09 -88.52
C CYS A 483 -30.62 32.53 -87.07
N LEU A 484 -30.18 31.68 -86.15
CA LEU A 484 -30.28 31.94 -84.73
C LEU A 484 -28.89 31.92 -84.10
N PHE A 485 -28.74 32.69 -83.01
CA PHE A 485 -27.46 32.72 -82.31
C PHE A 485 -27.10 31.36 -81.72
N HIS A 486 -28.12 30.59 -81.34
CA HIS A 486 -27.87 29.31 -80.68
C HIS A 486 -27.25 28.29 -81.64
N VAL A 487 -27.65 28.32 -82.92
CA VAL A 487 -27.09 27.39 -83.90
C VAL A 487 -25.85 27.94 -84.59
N ALA A 488 -25.35 29.11 -84.17
CA ALA A 488 -24.16 29.66 -84.78
C ALA A 488 -22.93 28.80 -84.50
N GLU A 489 -22.81 28.28 -83.28
CA GLU A 489 -21.64 27.50 -82.87
C GLU A 489 -22.02 26.06 -82.52
N ASP A 490 -23.06 25.54 -83.16
CA ASP A 490 -23.50 24.16 -83.01
C ASP A 490 -23.85 23.84 -81.55
N TYR A 491 -24.86 24.54 -81.05
CA TYR A 491 -25.41 24.27 -79.74
C TYR A 491 -26.75 23.56 -79.87
N SER A 492 -26.89 22.43 -79.18
CA SER A 492 -28.10 21.62 -79.30
C SER A 492 -29.28 22.28 -78.59
N PHE A 493 -30.47 22.00 -79.10
CA PHE A 493 -31.71 22.40 -78.46
C PHE A 493 -32.26 21.31 -77.55
N ILE A 494 -31.55 20.20 -77.43
CA ILE A 494 -31.89 19.17 -76.45
C ILE A 494 -31.92 19.78 -75.05
N ARG A 495 -30.97 20.67 -74.77
CA ARG A 495 -30.93 21.33 -73.47
C ARG A 495 -32.20 22.14 -73.22
N TYR A 496 -32.67 22.88 -74.24
CA TYR A 496 -33.89 23.67 -74.06
C TYR A 496 -35.11 22.78 -73.88
N TYR A 497 -35.23 21.72 -74.69
CA TYR A 497 -36.38 20.83 -74.56
C TYR A 497 -36.40 20.16 -73.20
N THR A 498 -35.24 19.64 -72.76
CA THR A 498 -35.17 18.96 -71.47
C THR A 498 -35.37 19.94 -70.33
N ARG A 499 -34.92 21.19 -70.48
CA ARG A 499 -35.21 22.21 -69.48
C ARG A 499 -36.71 22.43 -69.37
N THR A 500 -37.39 22.59 -70.51
CA THR A 500 -38.81 22.91 -70.49
C THR A 500 -39.62 21.79 -69.86
N ILE A 501 -39.28 20.53 -70.18
CA ILE A 501 -40.07 19.43 -69.61
C ILE A 501 -39.66 19.15 -68.15
N TYR A 502 -38.36 19.23 -67.84
CA TYR A 502 -37.90 18.89 -66.51
C TYR A 502 -38.34 19.93 -65.48
N GLN A 503 -38.30 21.21 -65.81
CA GLN A 503 -38.76 22.23 -64.87
C GLN A 503 -40.24 22.04 -64.57
N PHE A 504 -41.04 21.73 -65.60
CA PHE A 504 -42.43 21.38 -65.38
C PHE A 504 -42.54 20.25 -64.37
N GLN A 505 -41.93 19.10 -64.69
CA GLN A 505 -42.00 17.94 -63.81
C GLN A 505 -41.60 18.28 -62.38
N PHE A 506 -40.52 19.05 -62.22
CA PHE A 506 -40.08 19.44 -60.88
C PHE A 506 -41.19 20.18 -60.14
N HIS A 507 -41.74 21.22 -60.76
CA HIS A 507 -42.73 22.03 -60.05
C HIS A 507 -44.03 21.27 -59.80
N GLU A 508 -44.44 20.41 -60.74
CA GLU A 508 -45.65 19.61 -60.51
C GLU A 508 -45.46 18.65 -59.36
N ALA A 509 -44.32 17.96 -59.31
CA ALA A 509 -44.07 17.05 -58.20
C ALA A 509 -43.98 17.81 -56.88
N LEU A 510 -43.34 18.98 -56.88
CA LEU A 510 -43.21 19.76 -55.67
C LEU A 510 -44.56 20.22 -55.14
N CYS A 511 -45.43 20.71 -56.04
CA CYS A 511 -46.75 21.13 -55.62
C CYS A 511 -47.59 19.95 -55.16
N LYS A 512 -47.44 18.79 -55.82
CA LYS A 512 -48.18 17.60 -55.40
C LYS A 512 -47.76 17.16 -53.99
N THR A 513 -46.47 17.20 -53.70
CA THR A 513 -45.98 16.77 -52.40
C THR A 513 -46.01 17.88 -51.35
N ALA A 514 -46.39 19.09 -51.73
CA ALA A 514 -46.50 20.21 -50.80
C ALA A 514 -47.89 20.34 -50.19
N LYS A 515 -48.66 19.25 -50.14
CA LYS A 515 -50.01 19.20 -49.56
C LYS A 515 -50.89 20.33 -50.07
N HIS A 516 -50.66 20.77 -51.30
CA HIS A 516 -51.45 21.85 -51.88
C HIS A 516 -52.88 21.40 -52.15
N GLU A 517 -53.76 22.38 -52.30
CA GLU A 517 -55.17 22.15 -52.61
C GLU A 517 -55.58 23.03 -53.78
N GLY A 518 -56.44 22.49 -54.64
CA GLY A 518 -56.95 23.23 -55.78
C GLY A 518 -56.06 23.12 -57.00
N ALA A 519 -56.07 24.16 -57.84
CA ALA A 519 -55.25 24.15 -59.05
C ALA A 519 -53.77 24.14 -58.70
N LEU A 520 -52.99 23.39 -59.48
CA LEU A 520 -51.57 23.27 -59.20
C LEU A 520 -50.84 24.59 -59.46
N PHE A 521 -51.29 25.35 -60.46
CA PHE A 521 -50.69 26.64 -60.75
C PHE A 521 -51.02 27.64 -59.63
N LYS A 522 -50.29 28.75 -59.62
CA LYS A 522 -50.44 29.80 -58.61
C LYS A 522 -50.22 29.27 -57.20
N CYS A 523 -49.35 28.27 -57.06
CA CYS A 523 -49.03 27.69 -55.76
C CYS A 523 -47.52 27.73 -55.56
N ASP A 524 -47.10 28.32 -54.46
CA ASP A 524 -45.68 28.42 -54.12
C ASP A 524 -45.21 27.16 -53.40
N ILE A 525 -43.91 26.94 -53.45
CA ILE A 525 -43.26 25.85 -52.72
C ILE A 525 -42.27 26.52 -51.76
N SER A 526 -42.74 26.80 -50.55
CA SER A 526 -41.92 27.48 -49.55
C SER A 526 -42.42 27.08 -48.16
N ASN A 527 -41.54 27.25 -47.17
CA ASN A 527 -41.82 26.87 -45.79
C ASN A 527 -42.24 25.40 -45.71
N SER A 528 -41.52 24.54 -46.42
CA SER A 528 -41.82 23.11 -46.50
C SER A 528 -40.50 22.34 -46.36
N THR A 529 -40.19 21.96 -45.12
CA THR A 529 -38.93 21.27 -44.84
C THR A 529 -38.88 19.91 -45.51
N GLU A 530 -40.01 19.19 -45.54
CA GLU A 530 -40.04 17.88 -46.18
C GLU A 530 -39.71 17.98 -47.65
N ALA A 531 -40.37 18.91 -48.36
CA ALA A 531 -40.08 19.08 -49.79
C ALA A 531 -38.67 19.64 -50.01
N GLY A 532 -38.17 20.44 -49.08
CA GLY A 532 -36.80 20.92 -49.20
C GLY A 532 -35.78 19.80 -49.10
N GLN A 533 -35.96 18.89 -48.14
CA GLN A 533 -35.13 17.70 -48.08
C GLN A 533 -35.31 16.83 -49.31
N ARG A 534 -36.53 16.79 -49.85
CA ARG A 534 -36.79 16.05 -51.09
C ARG A 534 -35.97 16.62 -52.23
N LEU A 535 -35.87 17.94 -52.33
CA LEU A 535 -34.95 18.55 -53.29
C LEU A 535 -33.52 18.14 -52.99
N LEU A 536 -33.08 18.33 -51.74
CA LEU A 536 -31.66 18.22 -51.42
C LEU A 536 -31.12 16.81 -51.68
N GLN A 537 -31.92 15.78 -51.38
CA GLN A 537 -31.43 14.41 -51.52
C GLN A 537 -31.07 14.06 -52.96
N MET A 538 -31.61 14.78 -53.95
CA MET A 538 -31.18 14.61 -55.33
C MET A 538 -30.29 15.75 -55.82
N LEU A 539 -30.38 16.93 -55.20
CA LEU A 539 -29.48 18.03 -55.57
C LEU A 539 -28.04 17.68 -55.25
N ARG A 540 -27.80 17.03 -54.11
CA ARG A 540 -26.43 16.69 -53.73
C ARG A 540 -25.81 15.61 -54.62
N LEU A 541 -26.60 14.95 -55.46
CA LEU A 541 -26.07 13.88 -56.30
C LEU A 541 -25.38 14.42 -57.54
N GLY A 542 -26.13 15.12 -58.39
CA GLY A 542 -25.57 15.69 -59.60
C GLY A 542 -25.28 14.68 -60.70
N LYS A 543 -24.17 14.88 -61.41
CA LYS A 543 -23.78 14.01 -62.51
C LYS A 543 -23.38 12.61 -62.04
N SER A 544 -23.13 12.43 -60.74
CA SER A 544 -22.63 11.16 -60.23
C SER A 544 -23.52 9.99 -60.63
N GLU A 545 -24.84 10.21 -60.66
CA GLU A 545 -25.77 9.16 -61.03
C GLU A 545 -26.74 9.68 -62.08
N PRO A 546 -27.25 8.80 -62.94
CA PRO A 546 -28.21 9.23 -63.97
C PRO A 546 -29.48 9.82 -63.34
N TRP A 547 -30.18 10.60 -64.15
CA TRP A 547 -31.34 11.34 -63.65
C TRP A 547 -32.50 10.42 -63.26
N THR A 548 -32.51 9.18 -63.73
CA THR A 548 -33.71 8.36 -63.58
C THR A 548 -34.00 8.04 -62.12
N LEU A 549 -32.98 7.73 -61.32
CA LEU A 549 -33.24 7.42 -59.91
C LEU A 549 -33.71 8.65 -59.14
N ALA A 550 -33.10 9.81 -59.40
CA ALA A 550 -33.60 11.04 -58.78
C ALA A 550 -35.02 11.34 -59.23
N LEU A 551 -35.36 11.01 -60.47
CA LEU A 551 -36.71 11.22 -60.96
C LEU A 551 -37.70 10.31 -60.25
N GLU A 552 -37.33 9.05 -60.03
CA GLU A 552 -38.21 8.14 -59.32
C GLU A 552 -38.33 8.53 -57.84
N ASN A 553 -37.31 9.19 -57.29
CA ASN A 553 -37.41 9.68 -55.92
C ASN A 553 -38.27 10.93 -55.83
N ILE A 554 -38.24 11.78 -56.87
CA ILE A 554 -38.95 13.05 -56.82
C ILE A 554 -40.42 12.87 -57.18
N VAL A 555 -40.71 12.06 -58.19
CA VAL A 555 -42.07 11.86 -58.68
C VAL A 555 -42.58 10.46 -58.37
N GLY A 556 -41.83 9.44 -58.77
CA GLY A 556 -42.22 8.05 -58.57
C GLY A 556 -42.14 7.18 -59.79
N ILE A 557 -41.96 7.74 -60.98
CA ILE A 557 -41.86 6.98 -62.21
C ILE A 557 -40.41 7.01 -62.71
N LYS A 558 -40.10 6.10 -63.62
CA LYS A 558 -38.74 5.94 -64.11
C LYS A 558 -38.49 6.61 -65.45
N THR A 559 -39.52 6.80 -66.28
CA THR A 559 -39.38 7.41 -67.58
C THR A 559 -39.87 8.86 -67.54
N MET A 560 -39.82 9.53 -68.68
CA MET A 560 -40.26 10.92 -68.75
C MET A 560 -41.78 11.00 -68.59
N ASP A 561 -42.24 12.03 -67.90
CA ASP A 561 -43.66 12.20 -67.63
C ASP A 561 -44.28 13.18 -68.60
N VAL A 562 -45.51 12.87 -69.04
CA VAL A 562 -46.25 13.72 -69.95
C VAL A 562 -47.38 14.49 -69.27
N LYS A 563 -47.69 14.16 -68.02
CA LYS A 563 -48.76 14.86 -67.31
C LYS A 563 -48.54 16.37 -67.18
N PRO A 564 -47.33 16.88 -66.88
CA PRO A 564 -47.19 18.33 -66.60
C PRO A 564 -47.76 19.24 -67.69
N LEU A 565 -47.60 18.89 -68.97
CA LEU A 565 -48.13 19.73 -70.02
C LEU A 565 -49.65 19.85 -69.92
N LEU A 566 -50.33 18.73 -69.65
CA LEU A 566 -51.78 18.76 -69.56
C LEU A 566 -52.24 19.45 -68.28
N ASN A 567 -51.63 19.14 -67.14
CA ASN A 567 -52.13 19.60 -65.86
C ASN A 567 -51.54 20.94 -65.42
N TYR A 568 -50.73 21.58 -66.27
CA TYR A 568 -50.22 22.90 -65.95
C TYR A 568 -51.04 24.03 -66.57
N PHE A 569 -51.81 23.75 -67.62
CA PHE A 569 -52.67 24.73 -68.26
C PHE A 569 -54.15 24.35 -68.15
N GLU A 570 -54.51 23.65 -67.09
CA GLU A 570 -55.88 23.14 -66.98
C GLU A 570 -56.95 24.24 -66.94
N PRO A 571 -56.79 25.37 -66.24
CA PRO A 571 -57.85 26.39 -66.32
C PRO A 571 -58.01 26.97 -67.71
N LEU A 572 -56.89 27.27 -68.37
CA LEU A 572 -56.93 27.77 -69.74
C LEU A 572 -57.63 26.79 -70.65
N PHE A 573 -57.29 25.50 -70.53
CA PHE A 573 -57.86 24.49 -71.42
C PHE A 573 -59.34 24.28 -71.15
N THR A 574 -59.75 24.28 -69.88
CA THR A 574 -61.16 24.13 -69.55
C THR A 574 -61.96 25.32 -70.05
N TRP A 575 -61.41 26.53 -69.94
CA TRP A 575 -62.10 27.70 -70.46
C TRP A 575 -62.15 27.70 -71.98
N LEU A 576 -61.13 27.13 -72.62
CA LEU A 576 -61.10 27.07 -74.08
C LEU A 576 -62.02 26.00 -74.65
N LYS A 577 -62.29 24.93 -73.89
CA LYS A 577 -63.14 23.85 -74.39
C LYS A 577 -64.53 24.36 -74.74
N GLU A 578 -65.12 25.20 -73.88
CA GLU A 578 -66.46 25.70 -74.16
C GLU A 578 -66.46 26.66 -75.35
N GLN A 579 -65.38 27.42 -75.52
CA GLN A 579 -65.27 28.34 -76.64
C GLN A 579 -64.87 27.65 -77.94
N ASN A 580 -64.52 26.36 -77.88
CA ASN A 580 -64.08 25.65 -79.08
C ASN A 580 -65.25 25.35 -80.00
N ARG A 581 -66.49 25.41 -79.49
CA ARG A 581 -67.65 25.07 -80.31
C ARG A 581 -67.84 26.08 -81.44
N ASN A 582 -67.41 27.32 -81.25
CA ASN A 582 -67.55 28.36 -82.26
C ASN A 582 -66.26 28.60 -83.04
N SER A 583 -65.20 27.84 -82.76
CA SER A 583 -63.93 27.98 -83.44
C SER A 583 -63.63 26.71 -84.21
N PHE A 584 -63.24 26.84 -85.47
CA PHE A 584 -62.96 25.68 -86.30
C PHE A 584 -61.72 24.94 -85.79
N VAL A 585 -61.72 23.62 -86.00
CA VAL A 585 -60.66 22.75 -85.52
C VAL A 585 -59.99 22.11 -86.72
N GLY A 586 -58.66 22.16 -86.75
CA GLY A 586 -57.89 21.54 -87.81
C GLY A 586 -57.21 22.56 -88.70
N TRP A 587 -56.20 22.07 -89.43
CA TRP A 587 -55.47 22.89 -90.38
C TRP A 587 -55.20 22.08 -91.64
N SER A 588 -55.08 22.78 -92.77
CA SER A 588 -54.84 22.15 -94.06
C SER A 588 -53.46 22.53 -94.55
N THR A 589 -52.63 21.51 -94.85
CA THR A 589 -51.24 21.75 -95.24
C THR A 589 -51.16 22.49 -96.57
N GLU A 590 -52.02 22.13 -97.53
CA GLU A 590 -51.90 22.64 -98.89
C GLU A 590 -52.17 24.13 -99.00
N TRP A 591 -52.83 24.73 -98.01
CA TRP A 591 -53.21 26.13 -98.09
C TRP A 591 -52.04 27.02 -97.66
N THR A 592 -51.65 27.93 -98.56
CA THR A 592 -50.62 28.93 -98.30
C THR A 592 -51.14 30.30 -98.69
N PRO A 593 -50.75 31.35 -97.95
CA PRO A 593 -51.34 32.68 -98.21
C PRO A 593 -51.04 33.26 -99.59
N TYR A 594 -50.00 32.79 -100.27
CA TYR A 594 -49.59 33.36 -101.54
C TYR A 594 -50.03 32.52 -102.74
N SER A 595 -50.95 31.57 -102.55
CA SER A 595 -51.48 30.77 -103.64
C SER A 595 -52.81 31.39 -104.09
N ASP A 596 -52.70 32.45 -104.88
CA ASP A 596 -53.87 33.14 -105.40
C ASP A 596 -53.97 32.96 -106.92
N THR B 1 -55.77 27.55 -2.24
CA THR B 1 -54.71 28.34 -1.61
C THR B 1 -54.33 27.75 -0.26
N THR B 2 -53.16 28.15 0.25
CA THR B 2 -52.67 27.66 1.52
C THR B 2 -51.98 28.80 2.27
N THR B 3 -51.84 28.63 3.58
CA THR B 3 -51.24 29.63 4.44
C THR B 3 -49.76 29.34 4.63
N GLN B 4 -49.09 30.24 5.36
CA GLN B 4 -47.65 30.16 5.58
C GLN B 4 -47.33 30.39 7.05
N SER B 5 -48.08 29.73 7.92
CA SER B 5 -47.87 29.88 9.35
C SER B 5 -46.56 29.22 9.78
N TYR B 6 -45.98 29.74 10.86
CA TYR B 6 -44.73 29.25 11.40
C TYR B 6 -44.93 28.89 12.87
N THR B 7 -44.54 27.68 13.26
CA THR B 7 -44.76 27.20 14.62
C THR B 7 -43.53 26.44 15.07
N ASN B 8 -43.61 25.86 16.27
CA ASN B 8 -42.52 25.13 16.88
C ASN B 8 -42.93 23.67 17.06
N SER B 9 -42.05 22.75 16.64
CA SER B 9 -42.38 21.33 16.69
C SER B 9 -42.27 20.72 18.07
N PHE B 10 -41.59 21.40 19.00
CA PHE B 10 -41.31 20.84 20.33
C PHE B 10 -40.61 19.50 20.19
N THR B 11 -40.95 18.55 21.06
CA THR B 11 -40.41 17.20 20.97
C THR B 11 -41.37 16.32 20.17
N ARG B 12 -40.90 15.85 19.02
CA ARG B 12 -41.72 15.07 18.11
C ARG B 12 -40.87 14.52 16.97
N GLY B 13 -41.32 13.43 16.34
CA GLY B 13 -40.63 12.89 15.20
C GLY B 13 -39.43 12.03 15.57
N VAL B 14 -39.66 11.04 16.44
CA VAL B 14 -38.63 10.12 16.88
C VAL B 14 -38.99 8.73 16.36
N TYR B 15 -38.09 8.12 15.60
CA TYR B 15 -38.33 6.82 15.00
C TYR B 15 -37.30 5.82 15.51
N TYR B 16 -37.49 4.56 15.13
CA TYR B 16 -36.56 3.50 15.50
C TYR B 16 -35.44 3.45 14.47
N PRO B 17 -34.21 3.78 14.86
CA PRO B 17 -33.10 3.77 13.88
C PRO B 17 -32.82 2.40 13.30
N ASP B 18 -33.01 1.34 14.08
CA ASP B 18 -32.70 -0.02 13.65
C ASP B 18 -33.89 -0.93 13.94
N LYS B 19 -33.72 -2.21 13.65
CA LYS B 19 -34.75 -3.22 13.85
C LYS B 19 -34.36 -4.20 14.95
N VAL B 20 -33.71 -3.71 16.00
CA VAL B 20 -33.23 -4.54 17.10
C VAL B 20 -33.97 -4.12 18.37
N PHE B 21 -34.51 -5.11 19.08
CA PHE B 21 -35.26 -4.84 20.29
C PHE B 21 -34.34 -4.42 21.43
N ARG B 22 -34.73 -3.37 22.15
CA ARG B 22 -34.01 -2.90 23.33
C ARG B 22 -35.02 -2.69 24.45
N SER B 23 -34.74 -3.25 25.62
CA SER B 23 -35.65 -3.19 26.76
C SER B 23 -34.92 -2.58 27.94
N SER B 24 -35.47 -1.50 28.50
CA SER B 24 -34.88 -0.80 29.64
C SER B 24 -33.45 -0.36 29.33
N VAL B 25 -33.23 0.10 28.10
CA VAL B 25 -31.92 0.55 27.66
C VAL B 25 -31.99 2.04 27.36
N LEU B 26 -30.89 2.73 27.64
CA LEU B 26 -30.72 4.15 27.29
C LEU B 26 -29.82 4.30 26.08
N HIS B 27 -29.99 3.41 25.09
CA HIS B 27 -29.09 3.36 23.94
C HIS B 27 -29.04 4.71 23.22
N LEU B 28 -27.83 5.11 22.85
CA LEU B 28 -27.58 6.39 22.21
C LEU B 28 -27.15 6.16 20.76
N THR B 29 -27.81 6.85 19.84
CA THR B 29 -27.53 6.69 18.42
C THR B 29 -27.57 8.05 17.74
N GLN B 30 -26.85 8.15 16.62
CA GLN B 30 -26.79 9.37 15.83
C GLN B 30 -27.29 9.07 14.43
N ASP B 31 -28.32 9.79 14.00
CA ASP B 31 -28.92 9.61 12.67
C ASP B 31 -29.73 10.86 12.35
N LEU B 32 -30.46 10.81 11.25
CA LEU B 32 -31.27 11.94 10.79
C LEU B 32 -32.52 12.01 11.66
N PHE B 33 -32.47 12.85 12.69
CA PHE B 33 -33.59 13.04 13.60
C PHE B 33 -34.08 14.49 13.53
N LEU B 34 -35.31 14.69 13.97
CA LEU B 34 -35.85 16.04 14.06
C LEU B 34 -35.30 16.73 15.30
N PRO B 35 -34.60 17.85 15.16
CA PRO B 35 -34.11 18.56 16.35
C PRO B 35 -35.27 18.99 17.24
N PHE B 36 -35.06 18.86 18.55
CA PHE B 36 -36.10 19.23 19.50
C PHE B 36 -36.25 20.75 19.54
N PHE B 37 -37.49 21.21 19.69
CA PHE B 37 -37.81 22.63 19.72
C PHE B 37 -37.32 23.34 18.46
N SER B 38 -37.40 22.66 17.32
CA SER B 38 -37.03 23.23 16.03
C SER B 38 -38.29 23.74 15.33
N ASN B 39 -38.22 24.95 14.82
CA ASN B 39 -39.39 25.56 14.19
C ASN B 39 -39.72 24.84 12.88
N VAL B 40 -40.99 24.50 12.72
CA VAL B 40 -41.49 23.81 11.54
C VAL B 40 -42.60 24.66 10.92
N THR B 41 -42.50 24.93 9.63
CA THR B 41 -43.50 25.75 8.95
C THR B 41 -44.73 24.91 8.66
N TRP B 42 -45.88 25.36 9.16
CA TRP B 42 -47.14 24.64 9.04
C TRP B 42 -48.04 25.38 8.07
N PHE B 43 -48.41 24.71 6.98
CA PHE B 43 -49.34 25.27 6.02
C PHE B 43 -50.73 24.67 6.22
N HIS B 44 -51.74 25.51 6.20
CA HIS B 44 -53.14 25.10 6.29
C HIS B 44 -53.75 25.23 4.91
N ALA B 45 -53.97 24.10 4.25
CA ALA B 45 -54.50 24.07 2.89
C ALA B 45 -55.99 23.76 2.92
N ILE B 46 -56.75 24.55 2.17
CA ILE B 46 -58.20 24.38 2.11
C ILE B 46 -58.58 23.54 0.89
N ASP B 58 -52.16 27.01 -3.44
CA ASP B 58 -52.14 25.72 -2.74
C ASP B 58 -51.07 24.80 -3.32
N ASN B 59 -50.65 23.82 -2.51
CA ASN B 59 -49.63 22.84 -2.87
C ASN B 59 -48.33 23.54 -3.27
N PRO B 60 -47.62 24.14 -2.34
CA PRO B 60 -46.39 24.85 -2.67
C PRO B 60 -45.22 23.89 -2.84
N VAL B 61 -44.08 24.43 -3.27
CA VAL B 61 -42.87 23.66 -3.50
C VAL B 61 -42.01 23.71 -2.23
N LEU B 62 -41.33 22.59 -1.96
CA LEU B 62 -40.50 22.46 -0.77
C LEU B 62 -39.23 21.70 -1.13
N PRO B 63 -38.05 22.26 -0.86
CA PRO B 63 -36.81 21.53 -1.16
C PRO B 63 -36.63 20.36 -0.20
N PHE B 64 -36.36 19.19 -0.77
CA PHE B 64 -36.11 17.98 0.02
C PHE B 64 -34.62 17.95 0.35
N ASN B 65 -34.27 18.54 1.48
CA ASN B 65 -32.89 18.59 1.94
C ASN B 65 -32.77 17.87 3.28
N ASP B 66 -32.05 16.76 3.30
CA ASP B 66 -31.72 16.03 4.52
C ASP B 66 -32.98 15.59 5.27
N GLY B 67 -33.75 14.72 4.63
CA GLY B 67 -34.82 14.04 5.34
C GLY B 67 -36.02 14.88 5.73
N VAL B 68 -36.84 15.27 4.77
CA VAL B 68 -38.07 16.00 5.08
C VAL B 68 -39.01 15.10 5.87
N TYR B 69 -39.53 15.62 6.98
CA TYR B 69 -40.51 14.93 7.81
C TYR B 69 -41.90 15.53 7.59
N PHE B 70 -42.92 14.73 7.84
CA PHE B 70 -44.29 15.15 7.56
C PHE B 70 -45.21 14.78 8.72
N ALA B 71 -46.30 15.55 8.85
CA ALA B 71 -47.35 15.28 9.82
C ALA B 71 -48.63 15.90 9.32
N SER B 72 -49.75 15.42 9.86
CA SER B 72 -51.06 15.94 9.47
C SER B 72 -52.05 15.72 10.60
N THR B 73 -52.95 16.69 10.78
CA THR B 73 -53.99 16.66 11.81
C THR B 73 -55.33 17.10 11.23
N GLU B 74 -55.71 16.49 10.12
CA GLU B 74 -56.87 16.93 9.36
C GLU B 74 -58.17 16.48 10.04
N LYS B 75 -59.28 16.66 9.34
CA LYS B 75 -60.58 16.17 9.77
C LYS B 75 -61.22 15.24 8.74
N SER B 76 -60.68 15.16 7.53
CA SER B 76 -61.19 14.27 6.49
C SER B 76 -60.04 13.95 5.54
N ASN B 77 -60.22 12.89 4.76
CA ASN B 77 -59.20 12.43 3.84
C ASN B 77 -59.09 13.38 2.66
N ILE B 78 -58.10 14.27 2.70
CA ILE B 78 -57.87 15.21 1.59
C ILE B 78 -56.43 15.19 1.09
N ILE B 79 -55.48 14.62 1.80
CA ILE B 79 -54.06 14.78 1.49
C ILE B 79 -53.47 13.42 1.12
N ARG B 80 -52.90 13.34 -0.08
CA ARG B 80 -52.13 12.18 -0.54
C ARG B 80 -51.00 12.71 -1.43
N GLY B 81 -50.38 11.80 -2.17
CA GLY B 81 -49.48 12.19 -3.24
C GLY B 81 -48.17 12.83 -2.84
N TRP B 82 -47.27 12.04 -2.26
CA TRP B 82 -45.93 12.49 -1.94
C TRP B 82 -45.04 12.29 -3.16
N ILE B 83 -44.41 13.36 -3.61
CA ILE B 83 -43.53 13.33 -4.78
C ILE B 83 -42.16 13.84 -4.36
N PHE B 84 -41.11 13.24 -4.93
CA PHE B 84 -39.73 13.57 -4.58
C PHE B 84 -38.87 13.46 -5.83
N GLY B 85 -38.24 14.56 -6.23
CA GLY B 85 -37.36 14.52 -7.38
C GLY B 85 -36.73 15.88 -7.61
N THR B 86 -35.84 15.91 -8.60
CA THR B 86 -35.19 17.16 -9.00
C THR B 86 -36.14 17.95 -9.88
N THR B 87 -36.61 19.09 -9.37
CA THR B 87 -37.56 20.00 -10.00
C THR B 87 -38.95 19.39 -10.13
N LEU B 88 -39.15 18.13 -9.77
CA LEU B 88 -40.45 17.48 -9.70
C LEU B 88 -41.17 17.47 -11.05
N ASP B 89 -40.50 17.88 -12.11
CA ASP B 89 -41.05 17.88 -13.46
C ASP B 89 -39.88 17.90 -14.43
N SER B 90 -40.17 18.20 -15.69
CA SER B 90 -39.17 18.26 -16.76
C SER B 90 -38.52 16.90 -16.98
N LYS B 91 -39.37 15.93 -17.33
CA LYS B 91 -38.99 14.64 -17.91
C LYS B 91 -38.11 13.77 -17.01
N THR B 92 -37.83 14.21 -15.78
CA THR B 92 -37.01 13.44 -14.87
C THR B 92 -37.89 12.60 -13.93
N GLN B 93 -37.24 11.69 -13.21
CA GLN B 93 -37.93 10.81 -12.29
C GLN B 93 -38.33 11.58 -11.04
N SER B 94 -39.64 11.72 -10.82
CA SER B 94 -40.17 12.46 -9.68
C SER B 94 -40.99 11.63 -8.72
N LEU B 95 -41.51 10.48 -9.15
CA LEU B 95 -42.22 9.48 -8.36
C LEU B 95 -43.46 10.04 -7.67
N LEU B 96 -44.30 9.14 -7.14
CA LEU B 96 -45.46 9.53 -6.35
C LEU B 96 -45.70 8.47 -5.28
N ILE B 97 -46.26 8.90 -4.16
CA ILE B 97 -46.68 8.01 -3.09
C ILE B 97 -48.17 8.22 -2.87
N VAL B 98 -48.89 8.54 -3.95
CA VAL B 98 -50.33 8.74 -3.85
C VAL B 98 -50.98 7.48 -3.31
N ASN B 99 -51.95 7.66 -2.41
CA ASN B 99 -52.58 6.55 -1.71
C ASN B 99 -54.08 6.61 -1.87
N ASN B 100 -54.72 5.48 -1.59
CA ASN B 100 -56.17 5.39 -1.51
C ASN B 100 -56.51 4.32 -0.48
N ALA B 101 -57.72 4.37 0.06
CA ALA B 101 -58.04 3.49 1.18
C ALA B 101 -58.41 2.09 0.72
N THR B 102 -57.61 1.53 -0.19
CA THR B 102 -57.63 0.09 -0.47
C THR B 102 -56.24 -0.48 -0.31
N ASN B 103 -55.25 0.18 -0.92
CA ASN B 103 -53.88 -0.31 -0.95
C ASN B 103 -52.94 0.89 -1.03
N VAL B 104 -51.65 0.61 -1.17
CA VAL B 104 -50.65 1.69 -1.16
C VAL B 104 -50.81 2.58 -2.39
N PHE B 105 -51.10 1.99 -3.55
CA PHE B 105 -51.21 2.71 -4.82
C PHE B 105 -49.90 3.45 -5.16
N ILE B 106 -48.78 2.78 -4.91
CA ILE B 106 -47.48 3.36 -5.26
C ILE B 106 -47.42 3.63 -6.76
N LYS B 107 -46.97 4.83 -7.12
CA LYS B 107 -46.85 5.23 -8.51
C LYS B 107 -45.45 5.79 -8.77
N VAL B 108 -44.43 5.08 -8.30
CA VAL B 108 -43.06 5.50 -8.52
C VAL B 108 -42.67 5.18 -9.95
N CYS B 109 -42.77 6.16 -10.83
CA CYS B 109 -42.33 6.06 -12.22
C CYS B 109 -41.79 7.42 -12.64
N GLU B 110 -41.47 7.53 -13.93
CA GLU B 110 -41.00 8.80 -14.50
C GLU B 110 -42.16 9.48 -15.20
N PHE B 111 -42.53 10.67 -14.72
CA PHE B 111 -43.67 11.39 -15.26
C PHE B 111 -43.24 12.79 -15.71
N GLN B 112 -44.22 13.54 -16.21
CA GLN B 112 -44.08 14.96 -16.51
C GLN B 112 -45.03 15.81 -15.69
N PHE B 113 -46.30 15.42 -15.59
CA PHE B 113 -47.29 16.12 -14.78
C PHE B 113 -48.34 15.13 -14.33
N CYS B 114 -48.71 15.19 -13.06
CA CYS B 114 -49.71 14.28 -12.53
C CYS B 114 -50.87 14.99 -11.84
N ASN B 115 -50.60 16.06 -11.10
CA ASN B 115 -51.56 16.88 -10.37
C ASN B 115 -52.25 16.12 -9.24
N ASP B 116 -51.93 14.85 -9.03
CA ASP B 116 -52.54 14.05 -7.96
C ASP B 116 -51.57 13.00 -7.44
N GLY B 136 -52.12 5.57 -12.26
CA GLY B 136 -53.18 6.35 -11.65
C GLY B 136 -53.50 7.62 -12.42
N VAL B 137 -53.41 8.76 -11.73
CA VAL B 137 -53.65 10.06 -12.35
C VAL B 137 -52.33 10.60 -12.84
N TYR B 138 -52.15 10.64 -14.16
CA TYR B 138 -50.89 11.09 -14.75
C TYR B 138 -51.14 11.48 -16.19
N SER B 139 -50.18 12.20 -16.75
CA SER B 139 -50.26 12.70 -18.13
C SER B 139 -49.44 11.84 -19.10
N SER B 140 -48.15 11.68 -18.84
CA SER B 140 -47.25 10.95 -19.73
C SER B 140 -46.67 9.75 -18.99
N ALA B 141 -46.74 8.58 -19.61
CA ALA B 141 -46.21 7.37 -18.98
C ALA B 141 -44.69 7.43 -18.87
N ASN B 142 -44.01 7.73 -19.98
CA ASN B 142 -42.54 7.81 -20.06
C ASN B 142 -41.97 6.48 -19.54
N ASN B 143 -40.94 6.50 -18.69
CA ASN B 143 -40.42 5.28 -18.10
C ASN B 143 -41.09 5.03 -16.75
N CYS B 144 -40.72 3.93 -16.11
CA CYS B 144 -41.26 3.62 -14.79
C CYS B 144 -40.32 2.68 -14.06
N THR B 145 -40.60 2.50 -12.78
CA THR B 145 -39.77 1.69 -11.89
C THR B 145 -40.66 1.09 -10.80
N PHE B 146 -40.05 0.74 -9.67
CA PHE B 146 -40.68 0.01 -8.57
C PHE B 146 -42.11 0.48 -8.29
N GLU B 147 -43.02 -0.49 -8.20
CA GLU B 147 -44.39 -0.26 -7.75
C GLU B 147 -44.75 -1.31 -6.71
N TYR B 148 -45.67 -0.94 -5.81
CA TYR B 148 -46.02 -1.83 -4.71
C TYR B 148 -47.34 -1.42 -4.05
N VAL B 149 -48.27 -2.37 -3.92
CA VAL B 149 -49.51 -2.15 -3.19
C VAL B 149 -49.74 -3.33 -2.26
N SER B 150 -49.93 -3.05 -0.97
CA SER B 150 -50.31 -4.06 0.01
C SER B 150 -51.46 -3.63 0.91
N GLN B 151 -51.51 -2.35 1.31
CA GLN B 151 -52.47 -1.87 2.29
C GLN B 151 -52.52 -0.36 2.18
N PRO B 152 -53.62 0.28 2.61
CA PRO B 152 -53.68 1.75 2.56
C PRO B 152 -52.52 2.39 3.31
N PHE B 153 -51.63 3.06 2.57
CA PHE B 153 -50.45 3.67 3.18
C PHE B 153 -50.82 4.78 4.16
N LEU B 154 -51.92 5.49 3.91
CA LEU B 154 -52.37 6.53 4.82
C LEU B 154 -53.06 5.94 6.05
N MET B 155 -53.39 4.65 6.03
CA MET B 155 -54.04 3.97 7.16
C MET B 155 -55.29 4.73 7.62
N ASP B 156 -56.27 4.77 6.71
CA ASP B 156 -57.50 5.54 6.88
C ASP B 156 -58.44 4.81 7.83
N LEU B 157 -58.24 5.02 9.12
CA LEU B 157 -59.17 4.58 10.14
C LEU B 157 -59.69 5.79 10.90
N GLU B 158 -61.00 5.82 11.14
CA GLU B 158 -61.64 6.96 11.78
C GLU B 158 -61.58 6.89 13.31
N GLY B 159 -61.14 5.77 13.88
CA GLY B 159 -61.13 5.64 15.33
C GLY B 159 -62.53 5.72 15.89
N LYS B 160 -62.71 6.61 16.88
CA LYS B 160 -64.00 6.83 17.50
C LYS B 160 -64.53 8.22 17.21
N GLN B 161 -63.77 9.26 17.54
CA GLN B 161 -64.21 10.63 17.31
C GLN B 161 -64.01 11.02 15.84
N GLY B 162 -64.73 12.07 15.44
CA GLY B 162 -64.60 12.55 14.08
C GLY B 162 -63.22 13.11 13.78
N ASN B 163 -62.62 13.79 14.76
CA ASN B 163 -61.29 14.37 14.59
C ASN B 163 -60.18 13.42 15.03
N PHE B 164 -60.17 12.22 14.45
CA PHE B 164 -59.04 11.31 14.65
C PHE B 164 -57.78 11.85 13.99
N LYS B 165 -57.93 12.74 13.01
CA LYS B 165 -56.85 13.54 12.43
C LYS B 165 -55.92 12.72 11.55
N ASN B 166 -56.11 11.40 11.52
CA ASN B 166 -55.32 10.47 10.71
C ASN B 166 -53.85 10.86 10.70
N LEU B 167 -53.27 10.89 11.91
CA LEU B 167 -51.95 11.47 12.14
C LEU B 167 -50.91 10.90 11.19
N ARG B 168 -50.43 11.75 10.28
CA ARG B 168 -49.57 11.33 9.17
C ARG B 168 -48.10 11.56 9.46
N GLU B 169 -47.60 10.92 10.53
CA GLU B 169 -46.18 11.02 10.86
C GLU B 169 -45.41 10.04 9.98
N PHE B 170 -44.53 10.57 9.13
CA PHE B 170 -43.62 9.75 8.34
C PHE B 170 -42.27 10.45 8.23
N VAL B 171 -41.24 9.66 7.93
CA VAL B 171 -39.90 10.16 7.72
C VAL B 171 -39.41 9.66 6.37
N PHE B 172 -39.05 10.60 5.49
CA PHE B 172 -38.52 10.29 4.17
C PHE B 172 -37.08 10.77 4.12
N LYS B 173 -36.16 9.88 3.77
CA LYS B 173 -34.75 10.24 3.74
C LYS B 173 -34.02 9.41 2.69
N ASN B 174 -32.85 9.89 2.29
CA ASN B 174 -32.01 9.24 1.31
C ASN B 174 -30.78 8.68 2.00
N ILE B 175 -30.56 7.37 1.86
CA ILE B 175 -29.41 6.68 2.43
C ILE B 175 -28.78 5.87 1.31
N ASP B 176 -27.65 6.35 0.77
CA ASP B 176 -26.93 5.72 -0.34
C ASP B 176 -27.87 5.26 -1.45
N GLY B 177 -28.95 6.01 -1.67
CA GLY B 177 -29.95 5.65 -2.65
C GLY B 177 -31.10 4.83 -2.13
N TYR B 178 -31.03 4.38 -0.88
CA TYR B 178 -32.11 3.59 -0.27
C TYR B 178 -33.09 4.56 0.39
N PHE B 179 -34.17 4.89 -0.33
CA PHE B 179 -35.16 5.82 0.16
C PHE B 179 -35.98 5.16 1.26
N LYS B 180 -35.90 5.69 2.48
CA LYS B 180 -36.53 5.10 3.65
C LYS B 180 -37.82 5.83 4.01
N ILE B 181 -38.79 5.08 4.51
CA ILE B 181 -40.08 5.62 4.92
C ILE B 181 -40.47 4.99 6.25
N TYR B 182 -40.88 5.84 7.21
CA TYR B 182 -41.36 5.41 8.51
C TYR B 182 -42.83 5.81 8.65
N SER B 183 -43.43 5.47 9.80
CA SER B 183 -44.84 5.76 10.01
C SER B 183 -45.19 5.66 11.48
N LYS B 184 -46.19 6.44 11.90
CA LYS B 184 -46.74 6.36 13.25
C LYS B 184 -48.12 6.99 13.25
N HIS B 185 -49.15 6.17 13.46
CA HIS B 185 -50.53 6.66 13.54
C HIS B 185 -50.98 6.76 15.00
N THR B 186 -50.35 7.67 15.74
CA THR B 186 -50.74 7.89 17.13
C THR B 186 -51.82 8.97 17.21
N PRO B 187 -53.03 8.63 17.67
CA PRO B 187 -54.10 9.64 17.69
C PRO B 187 -53.79 10.78 18.63
N ILE B 188 -54.28 11.97 18.27
CA ILE B 188 -54.17 13.17 19.08
C ILE B 188 -55.55 13.79 19.22
N ILE B 189 -55.69 14.64 20.24
CA ILE B 189 -56.96 15.28 20.56
C ILE B 189 -56.75 16.78 20.48
N GLY B 190 -57.04 17.37 19.32
CA GLY B 190 -57.03 18.81 19.17
C GLY B 190 -55.65 19.45 19.11
N ARG B 191 -54.77 19.07 20.03
CA ARG B 191 -53.47 19.69 20.16
C ARG B 191 -52.59 19.30 18.98
N ASP B 192 -52.47 20.20 18.00
CA ASP B 192 -51.52 20.00 16.92
C ASP B 192 -50.10 20.12 17.48
N PHE B 193 -49.13 19.65 16.66
CA PHE B 193 -47.70 19.51 16.98
C PHE B 193 -47.48 19.20 18.45
N PRO B 194 -48.19 18.20 18.99
CA PRO B 194 -48.28 18.07 20.45
C PRO B 194 -46.95 17.74 21.09
N GLN B 195 -46.79 18.22 22.32
CA GLN B 195 -45.59 17.94 23.10
C GLN B 195 -45.51 16.51 23.57
N GLY B 196 -46.59 15.74 23.44
CA GLY B 196 -46.53 14.34 23.81
C GLY B 196 -45.57 13.57 22.91
N PHE B 197 -44.90 12.58 23.48
CA PHE B 197 -43.91 11.83 22.75
C PHE B 197 -44.57 10.77 21.86
N SER B 198 -43.83 10.34 20.84
CA SER B 198 -44.30 9.30 19.93
C SER B 198 -43.09 8.58 19.36
N ALA B 199 -43.33 7.35 18.91
CA ALA B 199 -42.30 6.52 18.30
C ALA B 199 -42.75 6.12 16.91
N LEU B 200 -41.96 6.47 15.90
CA LEU B 200 -42.32 6.23 14.51
C LEU B 200 -41.79 4.87 14.08
N GLU B 201 -42.70 3.90 13.92
CA GLU B 201 -42.30 2.57 13.49
C GLU B 201 -41.87 2.60 12.02
N PRO B 202 -40.92 1.76 11.64
CA PRO B 202 -40.50 1.70 10.24
C PRO B 202 -41.52 0.98 9.37
N LEU B 203 -41.41 1.21 8.07
CA LEU B 203 -42.27 0.61 7.08
C LEU B 203 -41.43 0.22 5.88
N VAL B 204 -42.09 -0.08 4.76
CA VAL B 204 -41.35 -0.41 3.54
C VAL B 204 -40.54 0.80 3.08
N ASP B 205 -39.50 0.52 2.32
CA ASP B 205 -38.60 1.55 1.83
C ASP B 205 -38.40 1.38 0.33
N LEU B 206 -38.22 2.51 -0.35
CA LEU B 206 -38.05 2.49 -1.79
C LEU B 206 -36.61 2.12 -2.13
N PRO B 207 -36.38 1.08 -2.92
CA PRO B 207 -35.01 0.71 -3.33
C PRO B 207 -34.50 1.43 -4.58
N ILE B 208 -35.15 2.51 -5.00
CA ILE B 208 -34.80 3.18 -6.25
C ILE B 208 -33.55 4.03 -6.00
N GLY B 209 -32.48 3.74 -6.76
CA GLY B 209 -31.25 4.50 -6.64
C GLY B 209 -31.26 5.78 -7.45
N ILE B 210 -32.16 6.69 -7.09
CA ILE B 210 -32.33 7.93 -7.83
C ILE B 210 -31.91 9.11 -6.96
N ASN B 211 -31.97 10.32 -7.52
CA ASN B 211 -31.69 11.54 -6.80
C ASN B 211 -32.99 12.26 -6.45
N ILE B 212 -32.97 12.98 -5.35
CA ILE B 212 -34.13 13.77 -4.90
C ILE B 212 -33.63 15.14 -4.46
N THR B 213 -34.28 16.19 -4.96
CA THR B 213 -33.93 17.56 -4.60
C THR B 213 -35.06 18.33 -3.94
N ARG B 214 -36.28 18.23 -4.46
CA ARG B 214 -37.43 18.95 -3.93
C ARG B 214 -38.53 17.96 -3.58
N PHE B 215 -39.64 18.49 -3.06
CA PHE B 215 -40.75 17.67 -2.62
C PHE B 215 -42.02 18.51 -2.59
N GLN B 216 -43.11 17.93 -3.11
CA GLN B 216 -44.42 18.54 -3.03
C GLN B 216 -45.43 17.47 -2.67
N THR B 217 -46.54 17.89 -2.07
CA THR B 217 -47.62 16.98 -1.68
C THR B 217 -48.74 17.13 -2.69
N LEU B 218 -48.86 16.17 -3.61
CA LEU B 218 -49.88 16.20 -4.65
C LEU B 218 -51.20 15.73 -4.04
N LEU B 219 -52.02 16.66 -3.59
CA LEU B 219 -53.30 16.31 -2.98
C LEU B 219 -54.20 15.60 -3.99
N ALA B 220 -54.99 14.66 -3.50
CA ALA B 220 -55.77 13.78 -4.35
C ALA B 220 -56.95 14.51 -4.97
N LEU B 221 -57.53 13.89 -5.99
CA LEU B 221 -58.71 14.40 -6.66
C LEU B 221 -59.97 13.85 -5.99
N ASN B 222 -61.04 14.63 -6.07
CA ASN B 222 -62.30 14.22 -5.46
C ASN B 222 -62.89 13.02 -6.18
N ARG B 223 -63.64 12.21 -5.43
CA ARG B 223 -64.29 11.03 -5.99
C ARG B 223 -65.79 11.26 -6.17
N ALA B 240 -53.77 22.58 8.76
CA ALA B 240 -53.71 21.48 9.71
C ALA B 240 -53.37 20.17 9.00
N ASP B 241 -52.53 20.27 7.98
CA ASP B 241 -52.17 19.09 7.20
C ASP B 241 -50.71 19.05 6.79
N TYR B 242 -49.88 19.98 7.25
CA TYR B 242 -48.50 20.08 6.78
C TYR B 242 -47.59 20.43 7.94
N TYR B 243 -46.53 19.65 8.13
CA TYR B 243 -45.48 19.97 9.10
C TYR B 243 -44.17 19.40 8.54
N VAL B 244 -43.41 20.24 7.85
CA VAL B 244 -42.16 19.80 7.20
C VAL B 244 -41.00 20.07 8.16
N GLY B 245 -40.80 19.13 9.09
CA GLY B 245 -39.71 19.19 10.04
C GLY B 245 -38.42 18.59 9.54
N TYR B 246 -37.66 19.32 8.72
CA TYR B 246 -36.44 18.78 8.14
C TYR B 246 -35.51 18.25 9.22
N LEU B 247 -35.00 17.03 9.02
CA LEU B 247 -34.18 16.34 10.02
C LEU B 247 -32.71 16.54 9.69
N GLN B 248 -32.10 17.55 10.32
CA GLN B 248 -30.66 17.68 10.23
C GLN B 248 -29.99 16.59 11.06
N PRO B 249 -28.82 16.10 10.63
CA PRO B 249 -28.15 15.05 11.39
C PRO B 249 -27.72 15.52 12.77
N ARG B 250 -27.95 14.68 13.76
CA ARG B 250 -27.62 15.01 15.14
C ARG B 250 -27.76 13.77 16.01
N THR B 251 -26.92 13.66 17.02
CA THR B 251 -26.98 12.53 17.94
C THR B 251 -28.22 12.64 18.82
N PHE B 252 -28.82 11.49 19.14
CA PHE B 252 -30.02 11.43 19.94
C PHE B 252 -29.88 10.37 21.02
N LEU B 253 -30.32 10.69 22.23
CA LEU B 253 -30.36 9.76 23.34
C LEU B 253 -31.80 9.31 23.54
N LEU B 254 -32.04 8.00 23.43
CA LEU B 254 -33.39 7.45 23.44
C LEU B 254 -33.55 6.51 24.63
N LYS B 255 -34.64 6.66 25.35
CA LYS B 255 -34.93 5.82 26.51
C LYS B 255 -36.01 4.80 26.14
N TYR B 256 -35.68 3.53 26.27
CA TYR B 256 -36.60 2.45 25.93
C TYR B 256 -37.33 1.95 27.16
N ASN B 257 -38.60 1.61 26.98
CA ASN B 257 -39.39 1.02 28.05
C ASN B 257 -38.96 -0.41 28.30
N GLU B 258 -39.53 -1.01 29.35
CA GLU B 258 -39.37 -2.44 29.55
C GLU B 258 -40.05 -3.25 28.47
N ASN B 259 -41.02 -2.66 27.76
CA ASN B 259 -41.70 -3.31 26.65
C ASN B 259 -41.05 -3.03 25.31
N GLY B 260 -39.95 -2.28 25.29
CA GLY B 260 -39.27 -1.95 24.05
C GLY B 260 -39.69 -0.67 23.39
N THR B 261 -40.74 -0.01 23.89
CA THR B 261 -41.19 1.24 23.31
C THR B 261 -40.31 2.39 23.77
N ILE B 262 -40.17 3.40 22.91
CA ILE B 262 -39.34 4.57 23.19
C ILE B 262 -40.25 5.59 23.87
N THR B 263 -40.27 5.57 25.20
CA THR B 263 -41.14 6.49 25.93
C THR B 263 -40.66 7.93 25.86
N ASP B 264 -39.35 8.14 25.86
CA ASP B 264 -38.82 9.49 25.93
C ASP B 264 -37.43 9.52 25.29
N ALA B 265 -37.06 10.71 24.81
CA ALA B 265 -35.75 10.92 24.22
C ALA B 265 -35.33 12.36 24.46
N VAL B 266 -34.02 12.60 24.35
CA VAL B 266 -33.46 13.94 24.56
C VAL B 266 -32.39 14.18 23.50
N ASP B 267 -32.37 15.40 22.97
CA ASP B 267 -31.38 15.78 21.97
C ASP B 267 -29.99 15.84 22.60
N CYS B 268 -28.97 15.87 21.74
CA CYS B 268 -27.59 15.96 22.18
C CYS B 268 -26.93 17.29 21.86
N ALA B 269 -27.60 18.17 21.12
CA ALA B 269 -27.03 19.46 20.79
C ALA B 269 -28.04 20.60 20.88
N LEU B 270 -29.24 20.34 21.42
CA LEU B 270 -30.23 21.41 21.55
C LEU B 270 -29.82 22.42 22.61
N ASP B 271 -29.43 21.93 23.79
CA ASP B 271 -29.15 22.77 24.93
C ASP B 271 -27.93 22.22 25.66
N PRO B 272 -27.25 23.04 26.46
CA PRO B 272 -26.14 22.51 27.26
C PRO B 272 -26.56 21.40 28.21
N LEU B 273 -27.74 21.52 28.81
CA LEU B 273 -28.23 20.45 29.67
C LEU B 273 -28.47 19.17 28.88
N SER B 274 -29.04 19.31 27.67
CA SER B 274 -29.25 18.14 26.82
C SER B 274 -27.92 17.49 26.45
N GLU B 275 -26.90 18.31 26.15
CA GLU B 275 -25.59 17.76 25.84
C GLU B 275 -24.97 17.05 27.04
N THR B 276 -25.16 17.62 28.24
CA THR B 276 -24.66 16.98 29.45
C THR B 276 -25.33 15.63 29.67
N LYS B 277 -26.65 15.58 29.50
CA LYS B 277 -27.37 14.31 29.63
C LYS B 277 -26.90 13.31 28.58
N CYS B 278 -26.66 13.79 27.35
CA CYS B 278 -26.17 12.93 26.29
C CYS B 278 -24.81 12.34 26.63
N THR B 279 -23.92 13.16 27.17
CA THR B 279 -22.59 12.68 27.54
C THR B 279 -22.67 11.70 28.70
N LEU B 280 -23.53 11.96 29.67
CA LEU B 280 -23.66 11.07 30.82
C LEU B 280 -24.48 9.83 30.52
N LYS B 281 -25.15 9.77 29.38
CA LYS B 281 -25.97 8.61 28.98
C LYS B 281 -27.04 8.32 30.02
N SER B 282 -27.62 9.37 30.58
CA SER B 282 -28.70 9.24 31.55
C SER B 282 -29.60 10.45 31.46
N PHE B 283 -30.85 10.29 31.91
CA PHE B 283 -31.82 11.37 31.87
C PHE B 283 -31.80 12.23 33.12
N THR B 284 -31.01 11.87 34.12
CA THR B 284 -30.86 12.64 35.35
C THR B 284 -29.39 13.00 35.54
N VAL B 285 -29.14 14.26 35.90
CA VAL B 285 -27.79 14.75 36.14
C VAL B 285 -27.73 15.32 37.55
N GLU B 286 -26.69 14.93 38.30
CA GLU B 286 -26.51 15.43 39.65
C GLU B 286 -25.88 16.82 39.61
N LYS B 287 -25.93 17.49 40.76
CA LYS B 287 -25.35 18.83 40.86
C LYS B 287 -23.83 18.75 40.75
N GLY B 288 -23.27 19.60 39.91
CA GLY B 288 -21.83 19.63 39.72
C GLY B 288 -21.48 20.11 38.32
N ILE B 289 -20.18 20.13 38.06
CA ILE B 289 -19.66 20.55 36.77
C ILE B 289 -19.35 19.32 35.93
N TYR B 290 -19.75 19.35 34.67
CA TYR B 290 -19.56 18.23 33.75
C TYR B 290 -18.83 18.71 32.51
N GLN B 291 -17.79 18.00 32.11
CA GLN B 291 -17.05 18.29 30.89
C GLN B 291 -17.73 17.56 29.74
N THR B 292 -18.58 18.28 29.00
CA THR B 292 -19.38 17.65 27.97
C THR B 292 -18.58 17.44 26.69
N SER B 293 -18.13 18.53 26.08
CA SER B 293 -17.45 18.45 24.79
C SER B 293 -16.45 19.61 24.69
N ASN B 294 -15.94 19.83 23.48
CA ASN B 294 -14.97 20.87 23.22
C ASN B 294 -15.52 21.84 22.18
N PHE B 295 -15.12 23.10 22.29
CA PHE B 295 -15.56 24.15 21.38
C PHE B 295 -14.38 24.65 20.55
N ARG B 296 -14.62 24.83 19.25
CA ARG B 296 -13.62 25.38 18.35
C ARG B 296 -14.30 26.35 17.40
N VAL B 297 -13.55 27.33 16.93
CA VAL B 297 -14.02 28.19 15.85
C VAL B 297 -13.81 27.48 14.53
N GLN B 298 -14.89 27.25 13.80
CA GLN B 298 -14.79 26.59 12.51
C GLN B 298 -14.10 27.51 11.51
N PRO B 299 -13.34 26.95 10.57
CA PRO B 299 -12.65 27.80 9.57
C PRO B 299 -13.65 28.55 8.71
N THR B 300 -13.56 29.87 8.74
CA THR B 300 -14.47 30.71 7.97
C THR B 300 -14.29 30.50 6.47
N GLU B 301 -13.03 30.47 6.02
CA GLU B 301 -12.72 30.32 4.60
C GLU B 301 -11.55 29.37 4.44
N SER B 302 -11.38 28.88 3.22
CA SER B 302 -10.25 28.05 2.84
C SER B 302 -9.46 28.74 1.75
N ILE B 303 -8.13 28.79 1.92
CA ILE B 303 -7.25 29.48 0.99
C ILE B 303 -6.22 28.50 0.45
N VAL B 304 -5.85 28.69 -0.80
CA VAL B 304 -4.84 27.87 -1.46
C VAL B 304 -3.73 28.78 -1.96
N ARG B 305 -2.50 28.48 -1.59
CA ARG B 305 -1.34 29.26 -1.99
C ARG B 305 -0.33 28.36 -2.67
N PHE B 306 0.50 28.97 -3.52
CA PHE B 306 1.47 28.24 -4.31
C PHE B 306 2.50 29.23 -4.82
N PRO B 307 3.62 28.76 -5.37
CA PRO B 307 4.63 29.68 -5.91
C PRO B 307 4.06 30.57 -7.01
N ASN B 308 4.91 31.49 -7.46
CA ASN B 308 4.52 32.56 -8.38
C ASN B 308 4.02 32.05 -9.72
N VAL B 309 4.09 30.73 -9.95
CA VAL B 309 3.76 30.04 -11.19
C VAL B 309 4.21 30.90 -12.39
N THR B 310 5.53 30.94 -12.62
CA THR B 310 6.12 31.70 -13.71
C THR B 310 7.06 30.78 -14.47
N ASN B 311 6.53 30.05 -15.44
CA ASN B 311 7.32 29.19 -16.31
C ASN B 311 7.37 29.69 -17.75
N LEU B 312 6.29 30.32 -18.22
CA LEU B 312 6.27 31.06 -19.48
C LEU B 312 6.62 30.17 -20.68
N CYS B 313 5.79 29.16 -20.88
CA CYS B 313 5.91 28.35 -22.09
C CYS B 313 5.49 29.19 -23.29
N PRO B 314 6.17 29.05 -24.43
CA PRO B 314 5.77 29.81 -25.63
C PRO B 314 4.53 29.24 -26.31
N PHE B 315 3.46 29.01 -25.53
CA PHE B 315 2.22 28.53 -26.12
C PHE B 315 1.62 29.57 -27.06
N HIS B 316 1.75 30.85 -26.74
CA HIS B 316 1.31 31.89 -27.66
C HIS B 316 2.23 31.99 -28.87
N GLU B 317 3.51 31.66 -28.70
CA GLU B 317 4.46 31.73 -29.81
C GLU B 317 4.29 30.59 -30.80
N VAL B 318 3.84 29.42 -30.34
CA VAL B 318 3.60 28.30 -31.26
C VAL B 318 2.25 28.41 -31.97
N PHE B 319 1.42 29.38 -31.58
CA PHE B 319 0.15 29.63 -32.25
C PHE B 319 0.20 30.84 -33.18
N ASN B 320 1.38 31.46 -33.35
CA ASN B 320 1.48 32.62 -34.21
C ASN B 320 2.73 32.61 -35.10
N ALA B 321 3.49 31.53 -35.12
CA ALA B 321 4.66 31.43 -36.00
C ALA B 321 4.16 31.37 -37.43
N THR B 322 4.29 32.48 -38.16
CA THR B 322 3.59 32.64 -39.42
C THR B 322 3.99 31.57 -40.44
N ARG B 323 5.29 31.27 -40.53
CA ARG B 323 5.79 30.31 -41.52
C ARG B 323 5.49 28.91 -41.01
N PHE B 324 4.24 28.49 -41.20
CA PHE B 324 3.81 27.17 -40.77
C PHE B 324 4.34 26.10 -41.72
N ALA B 325 4.12 24.85 -41.33
CA ALA B 325 4.52 23.69 -42.11
C ALA B 325 3.29 22.98 -42.66
N SER B 326 3.40 22.49 -43.89
CA SER B 326 2.28 21.88 -44.58
C SER B 326 1.97 20.51 -43.96
N VAL B 327 0.97 19.83 -44.54
CA VAL B 327 0.53 18.56 -43.95
C VAL B 327 1.52 17.44 -44.25
N TYR B 328 2.24 17.54 -45.37
CA TYR B 328 3.19 16.48 -45.74
C TYR B 328 4.38 16.43 -44.80
N ALA B 329 4.70 17.53 -44.12
CA ALA B 329 5.76 17.56 -43.10
C ALA B 329 5.20 18.36 -41.93
N TRP B 330 4.55 17.67 -41.00
CA TRP B 330 3.94 18.32 -39.85
C TRP B 330 4.98 18.56 -38.76
N ASN B 331 4.90 19.72 -38.12
CA ASN B 331 5.84 20.08 -37.07
C ASN B 331 5.57 19.25 -35.81
N ARG B 332 6.49 19.36 -34.85
CA ARG B 332 6.37 18.64 -33.60
C ARG B 332 7.19 19.39 -32.54
N THR B 333 6.65 19.47 -31.33
CA THR B 333 7.28 20.19 -30.24
C THR B 333 7.37 19.30 -29.00
N ARG B 334 8.33 19.62 -28.15
CA ARG B 334 8.54 18.92 -26.89
C ARG B 334 8.20 19.86 -25.73
N ILE B 335 7.43 19.36 -24.77
CA ILE B 335 6.94 20.15 -23.66
C ILE B 335 7.66 19.74 -22.39
N SER B 336 8.10 20.73 -21.61
CA SER B 336 8.71 20.52 -20.32
C SER B 336 8.81 21.87 -19.60
N ASN B 337 8.54 21.85 -18.30
CA ASN B 337 8.56 23.03 -17.43
C ASN B 337 7.92 24.24 -18.11
N CYS B 338 6.64 24.09 -18.41
CA CYS B 338 5.83 25.09 -19.11
C CYS B 338 4.73 25.63 -18.20
N VAL B 339 3.85 26.44 -18.77
CA VAL B 339 2.63 26.89 -18.10
C VAL B 339 1.44 26.39 -18.90
N ALA B 340 0.48 25.77 -18.21
CA ALA B 340 -0.70 25.21 -18.86
C ALA B 340 -1.83 26.24 -18.93
N ASP B 341 -1.53 27.42 -19.45
CA ASP B 341 -2.52 28.48 -19.62
C ASP B 341 -3.41 28.11 -20.80
N TYR B 342 -4.58 27.56 -20.51
CA TYR B 342 -5.50 27.10 -21.54
C TYR B 342 -6.45 28.19 -22.02
N SER B 343 -6.31 29.42 -21.52
CA SER B 343 -7.13 30.52 -22.01
C SER B 343 -6.90 30.76 -23.49
N VAL B 344 -5.63 30.76 -23.92
CA VAL B 344 -5.31 30.96 -25.33
C VAL B 344 -5.97 29.86 -26.17
N LEU B 345 -5.98 28.63 -25.66
CA LEU B 345 -6.71 27.55 -26.31
C LEU B 345 -8.22 27.79 -26.27
N TYR B 346 -8.70 28.58 -25.31
CA TYR B 346 -10.13 28.80 -25.13
C TYR B 346 -10.63 30.12 -25.71
N ASN B 347 -9.88 31.22 -25.53
CA ASN B 347 -10.35 32.52 -26.02
C ASN B 347 -9.69 32.94 -27.33
N PHE B 348 -8.39 32.74 -27.48
CA PHE B 348 -7.71 33.11 -28.71
C PHE B 348 -8.19 32.23 -29.86
N ALA B 349 -8.44 32.86 -31.01
CA ALA B 349 -8.89 32.23 -32.24
C ALA B 349 -10.31 31.67 -32.10
N PRO B 350 -11.08 31.59 -33.18
CA PRO B 350 -12.45 31.06 -33.07
C PRO B 350 -12.52 29.58 -32.71
N PHE B 351 -11.40 28.86 -32.73
CA PHE B 351 -11.31 27.43 -32.43
C PHE B 351 -12.49 26.66 -33.04
N PHE B 352 -12.55 26.70 -34.37
CA PHE B 352 -13.63 26.03 -35.10
C PHE B 352 -13.74 24.56 -34.71
N ALA B 353 -12.60 23.91 -34.46
CA ALA B 353 -12.58 22.53 -34.00
C ALA B 353 -12.22 22.49 -32.53
N PHE B 354 -13.06 21.83 -31.73
CA PHE B 354 -12.81 21.65 -30.32
C PHE B 354 -13.09 20.23 -29.85
N LYS B 355 -13.45 19.32 -30.76
CA LYS B 355 -13.84 17.97 -30.39
C LYS B 355 -12.63 17.15 -29.96
N CYS B 356 -12.84 16.34 -28.92
CA CYS B 356 -11.87 15.34 -28.51
C CYS B 356 -12.56 14.32 -27.62
N TYR B 357 -11.98 13.11 -27.60
CA TYR B 357 -12.64 11.95 -27.02
C TYR B 357 -11.90 11.36 -25.83
N GLY B 358 -10.64 11.69 -25.62
CA GLY B 358 -9.85 11.06 -24.57
C GLY B 358 -9.97 11.72 -23.21
N VAL B 359 -9.67 13.01 -23.14
CA VAL B 359 -9.67 13.74 -21.88
C VAL B 359 -10.54 14.99 -22.05
N SER B 360 -11.39 15.24 -21.05
CA SER B 360 -12.29 16.38 -21.11
C SER B 360 -11.50 17.68 -21.15
N PRO B 361 -11.78 18.58 -22.10
CA PRO B 361 -11.10 19.88 -22.14
C PRO B 361 -11.59 20.86 -21.08
N THR B 362 -12.55 20.48 -20.25
CA THR B 362 -13.03 21.31 -19.14
C THR B 362 -12.28 21.02 -17.85
N LYS B 363 -12.23 19.74 -17.45
CA LYS B 363 -11.44 19.33 -16.28
C LYS B 363 -10.00 19.06 -16.74
N LEU B 364 -9.35 20.13 -17.20
CA LEU B 364 -8.00 20.03 -17.73
C LEU B 364 -7.05 21.09 -17.21
N ASN B 365 -7.53 22.22 -16.67
CA ASN B 365 -6.63 23.26 -16.21
C ASN B 365 -5.73 22.75 -15.08
N ASP B 366 -6.31 22.03 -14.11
CA ASP B 366 -5.52 21.46 -13.04
C ASP B 366 -4.78 20.20 -13.44
N LEU B 367 -5.31 19.41 -14.38
CA LEU B 367 -4.64 18.18 -14.78
C LEU B 367 -3.29 18.51 -15.43
N CYS B 368 -2.28 17.70 -15.09
CA CYS B 368 -0.91 18.12 -15.33
C CYS B 368 -0.08 16.96 -15.83
N PHE B 369 0.58 17.15 -16.97
CA PHE B 369 1.52 16.20 -17.54
C PHE B 369 2.91 16.84 -17.69
N THR B 370 3.80 16.09 -18.33
CA THR B 370 5.16 16.53 -18.61
C THR B 370 5.37 16.89 -20.08
N ASN B 371 5.09 15.97 -21.00
CA ASN B 371 5.32 16.19 -22.42
C ASN B 371 4.01 16.05 -23.18
N VAL B 372 3.83 16.90 -24.18
CA VAL B 372 2.68 16.87 -25.06
C VAL B 372 3.16 16.97 -26.50
N TYR B 373 2.69 16.05 -27.35
CA TYR B 373 3.09 16.02 -28.75
C TYR B 373 2.09 16.83 -29.57
N ALA B 374 2.46 18.07 -29.89
CA ALA B 374 1.62 18.97 -30.67
C ALA B 374 2.18 19.08 -32.09
N ASP B 375 1.30 18.87 -33.08
CA ASP B 375 1.68 18.90 -34.48
C ASP B 375 0.78 19.89 -35.21
N SER B 376 1.39 20.78 -35.99
CA SER B 376 0.70 21.88 -36.64
C SER B 376 0.72 21.72 -38.15
N PHE B 377 -0.44 21.94 -38.77
CA PHE B 377 -0.59 21.85 -40.22
C PHE B 377 -1.87 22.57 -40.63
N VAL B 378 -1.98 22.86 -41.92
CA VAL B 378 -3.07 23.65 -42.47
C VAL B 378 -3.83 22.82 -43.49
N ILE B 379 -5.16 22.77 -43.35
CA ILE B 379 -6.03 22.02 -44.25
C ILE B 379 -7.23 22.90 -44.59
N LYS B 380 -8.17 22.34 -45.34
CA LYS B 380 -9.41 23.02 -45.67
C LYS B 380 -10.46 22.69 -44.61
N GLY B 381 -11.71 23.11 -44.86
CA GLY B 381 -12.76 22.93 -43.87
C GLY B 381 -13.12 21.48 -43.61
N ASN B 382 -13.26 20.69 -44.67
CA ASN B 382 -13.77 19.32 -44.50
C ASN B 382 -12.73 18.41 -43.87
N GLU B 383 -11.44 18.62 -44.15
CA GLU B 383 -10.41 17.79 -43.54
C GLU B 383 -10.36 17.99 -42.02
N VAL B 384 -10.73 19.19 -41.54
CA VAL B 384 -10.80 19.42 -40.11
C VAL B 384 -11.83 18.48 -39.47
N SER B 385 -12.98 18.34 -40.10
CA SER B 385 -13.98 17.39 -39.63
C SER B 385 -13.50 15.95 -39.78
N GLN B 386 -12.81 15.65 -40.89
CA GLN B 386 -12.32 14.30 -41.10
C GLN B 386 -11.25 13.90 -40.11
N ILE B 387 -10.60 14.87 -39.45
CA ILE B 387 -9.64 14.58 -38.40
C ILE B 387 -10.35 13.88 -37.25
N ALA B 388 -10.00 12.62 -37.01
CA ALA B 388 -10.65 11.81 -35.97
C ALA B 388 -9.83 10.56 -35.71
N PRO B 389 -10.09 9.83 -34.63
CA PRO B 389 -9.48 8.51 -34.46
C PRO B 389 -10.30 7.41 -35.10
N GLY B 390 -9.66 6.54 -35.88
CA GLY B 390 -10.34 5.43 -36.51
C GLY B 390 -11.40 5.85 -37.51
N GLN B 391 -10.99 6.44 -38.63
CA GLN B 391 -11.93 6.95 -39.62
C GLN B 391 -11.22 7.03 -40.96
N THR B 392 -12.03 7.16 -42.01
CA THR B 392 -11.50 7.29 -43.37
C THR B 392 -11.27 8.76 -43.71
N GLY B 393 -10.67 9.01 -44.87
CA GLY B 393 -10.32 10.34 -45.28
C GLY B 393 -8.93 10.40 -45.87
N ASN B 394 -8.80 10.97 -47.07
CA ASN B 394 -7.54 10.89 -47.81
C ASN B 394 -6.38 11.48 -47.01
N ILE B 395 -6.54 12.71 -46.51
CA ILE B 395 -5.47 13.35 -45.77
C ILE B 395 -5.16 12.58 -44.49
N ALA B 396 -6.20 12.20 -43.76
CA ALA B 396 -6.01 11.48 -42.50
C ALA B 396 -5.48 10.07 -42.72
N ASP B 397 -5.68 9.49 -43.91
CA ASP B 397 -5.22 8.15 -44.20
C ASP B 397 -3.84 8.10 -44.84
N TYR B 398 -3.38 9.21 -45.44
CA TYR B 398 -2.12 9.20 -46.17
C TYR B 398 -1.07 10.15 -45.63
N ASN B 399 -1.43 11.09 -44.77
CA ASN B 399 -0.49 12.09 -44.26
C ASN B 399 -0.35 12.09 -42.76
N TYR B 400 -1.46 11.95 -42.03
CA TYR B 400 -1.42 12.01 -40.56
C TYR B 400 -2.63 11.25 -40.04
N LYS B 401 -2.38 10.11 -39.41
CA LYS B 401 -3.44 9.27 -38.87
C LYS B 401 -3.48 9.38 -37.35
N LEU B 402 -4.69 9.58 -36.81
CA LEU B 402 -4.89 9.61 -35.37
C LEU B 402 -5.19 8.20 -34.87
N PRO B 403 -4.41 7.65 -33.96
CA PRO B 403 -4.66 6.28 -33.49
C PRO B 403 -5.93 6.21 -32.63
N ASP B 404 -6.42 4.97 -32.49
CA ASP B 404 -7.62 4.75 -31.69
C ASP B 404 -7.38 5.05 -30.21
N ASP B 405 -6.20 4.76 -29.70
CA ASP B 405 -5.85 5.02 -28.31
C ASP B 405 -5.26 6.41 -28.12
N PHE B 406 -5.57 7.35 -29.00
CA PHE B 406 -5.04 8.70 -28.91
C PHE B 406 -5.80 9.49 -27.86
N THR B 407 -5.09 9.97 -26.84
CA THR B 407 -5.65 10.89 -25.86
C THR B 407 -5.11 12.28 -26.13
N GLY B 408 -6.00 13.24 -26.23
CA GLY B 408 -5.64 14.59 -26.58
C GLY B 408 -6.80 15.28 -27.28
N CYS B 409 -6.62 16.57 -27.53
CA CYS B 409 -7.66 17.39 -28.13
C CYS B 409 -7.12 18.06 -29.39
N VAL B 410 -7.85 17.89 -30.49
CA VAL B 410 -7.49 18.51 -31.76
C VAL B 410 -8.21 19.84 -31.88
N ILE B 411 -7.45 20.91 -32.12
CA ILE B 411 -7.99 22.26 -32.18
C ILE B 411 -7.67 22.84 -33.54
N ALA B 412 -8.71 23.35 -34.21
CA ALA B 412 -8.56 24.05 -35.48
C ALA B 412 -9.39 25.32 -35.45
N TRP B 413 -8.85 26.39 -36.03
CA TRP B 413 -9.55 27.67 -36.09
C TRP B 413 -9.53 28.18 -37.52
N ASN B 414 -10.02 29.39 -37.72
CA ASN B 414 -10.13 30.00 -39.04
C ASN B 414 -9.00 31.00 -39.24
N SER B 415 -8.27 30.82 -40.34
CA SER B 415 -7.21 31.74 -40.76
C SER B 415 -7.41 31.97 -42.26
N ASN B 416 -8.21 32.98 -42.60
CA ASN B 416 -8.53 33.25 -44.00
C ASN B 416 -7.64 34.29 -44.63
N LYS B 417 -6.99 35.15 -43.84
CA LYS B 417 -6.16 36.22 -44.37
C LYS B 417 -4.69 36.09 -44.01
N LEU B 418 -4.32 35.24 -43.05
CA LEU B 418 -2.93 35.12 -42.66
C LEU B 418 -2.15 34.23 -43.63
N ASP B 419 -2.53 32.96 -43.73
CA ASP B 419 -1.85 32.02 -44.61
C ASP B 419 -2.52 31.93 -45.98
N SER B 420 -2.71 33.10 -46.60
CA SER B 420 -3.29 33.17 -47.93
C SER B 420 -2.94 34.51 -48.54
N LYS B 421 -3.03 34.58 -49.87
CA LYS B 421 -2.73 35.81 -50.59
C LYS B 421 -3.40 35.76 -51.96
N HIS B 422 -3.57 36.94 -52.55
CA HIS B 422 -4.18 37.03 -53.87
C HIS B 422 -3.26 36.46 -54.93
N SER B 423 -3.86 36.03 -56.04
CA SER B 423 -3.22 35.46 -57.22
C SER B 423 -2.62 34.08 -56.99
N GLY B 424 -2.68 33.55 -55.77
CA GLY B 424 -2.22 32.20 -55.53
C GLY B 424 -1.25 32.05 -54.37
N ASN B 425 -1.45 31.03 -53.56
CA ASN B 425 -0.55 30.68 -52.46
C ASN B 425 -0.08 29.25 -52.71
N TYR B 426 1.03 29.09 -53.42
CA TYR B 426 1.56 27.79 -53.77
C TYR B 426 2.62 27.29 -52.80
N ASP B 427 2.90 28.05 -51.73
CA ASP B 427 3.88 27.60 -50.74
C ASP B 427 3.43 26.32 -50.04
N TYR B 428 2.15 26.23 -49.70
CA TYR B 428 1.63 25.07 -48.99
C TYR B 428 1.58 23.84 -49.89
N TRP B 429 1.94 22.69 -49.33
CA TRP B 429 2.02 21.43 -50.05
C TRP B 429 1.13 20.40 -49.35
N TYR B 430 1.03 19.23 -49.96
CA TYR B 430 0.36 18.09 -49.33
C TYR B 430 0.73 16.83 -50.09
N ARG B 431 0.49 15.69 -49.45
CA ARG B 431 0.76 14.38 -50.03
C ARG B 431 -0.56 13.64 -50.25
N LEU B 432 -0.61 12.82 -51.30
CA LEU B 432 -1.87 12.24 -51.73
C LEU B 432 -1.82 10.73 -51.96
N PHE B 433 -0.64 10.13 -52.15
CA PHE B 433 -0.57 8.72 -52.52
C PHE B 433 0.45 7.98 -51.66
N ARG B 434 0.14 6.73 -51.36
CA ARG B 434 1.06 5.81 -50.69
C ARG B 434 0.59 4.39 -50.97
N LYS B 435 1.29 3.41 -50.39
CA LYS B 435 0.95 2.02 -50.65
C LYS B 435 -0.35 1.62 -49.98
N SER B 436 -0.53 1.99 -48.71
CA SER B 436 -1.70 1.55 -47.94
C SER B 436 -1.96 2.57 -46.85
N LYS B 437 -2.77 2.18 -45.86
CA LYS B 437 -3.09 3.05 -44.74
C LYS B 437 -1.81 3.46 -44.01
N LEU B 438 -1.67 4.75 -43.74
CA LEU B 438 -0.49 5.25 -43.04
C LEU B 438 -0.57 4.91 -41.56
N LYS B 439 0.57 4.55 -40.99
CA LYS B 439 0.63 4.29 -39.55
C LYS B 439 0.44 5.60 -38.79
N PRO B 440 -0.12 5.56 -37.58
CA PRO B 440 -0.24 6.78 -36.78
C PRO B 440 1.13 7.35 -36.45
N PHE B 441 1.18 8.68 -36.31
CA PHE B 441 2.40 9.43 -36.00
C PHE B 441 3.56 8.98 -36.90
N GLU B 442 3.37 9.23 -38.19
CA GLU B 442 4.34 8.84 -39.20
C GLU B 442 4.62 10.01 -40.14
N ARG B 443 5.90 10.16 -40.49
CA ARG B 443 6.33 11.15 -41.48
C ARG B 443 6.86 10.41 -42.70
N ASP B 444 6.39 10.81 -43.88
CA ASP B 444 6.78 10.20 -45.15
C ASP B 444 7.31 11.26 -46.10
N ILE B 445 8.18 12.12 -45.59
CA ILE B 445 8.78 13.16 -46.42
C ILE B 445 9.65 12.52 -47.50
N SER B 446 9.76 13.20 -48.64
CA SER B 446 10.54 12.74 -49.78
C SER B 446 10.10 11.33 -50.20
N THR B 447 8.83 11.22 -50.59
CA THR B 447 8.26 9.96 -51.06
C THR B 447 8.63 9.67 -52.52
N GLU B 448 9.62 10.39 -53.05
CA GLU B 448 10.04 10.27 -54.44
C GLU B 448 8.88 10.52 -55.40
N ILE B 449 8.54 9.54 -56.21
CA ILE B 449 7.46 9.65 -57.19
C ILE B 449 6.59 8.41 -57.10
N TYR B 450 5.28 8.61 -57.01
CA TYR B 450 4.36 7.50 -56.90
C TYR B 450 4.28 6.72 -58.20
N GLN B 451 4.16 5.40 -58.08
CA GLN B 451 4.21 4.50 -59.23
C GLN B 451 2.95 3.65 -59.27
N ALA B 452 2.56 3.26 -60.48
CA ALA B 452 1.39 2.42 -60.69
C ALA B 452 1.55 1.71 -62.03
N GLY B 453 0.77 0.64 -62.19
CA GLY B 453 0.79 -0.13 -63.41
C GLY B 453 1.84 -1.21 -63.50
N ASN B 454 2.63 -1.41 -62.44
CA ASN B 454 3.69 -2.42 -62.41
C ASN B 454 4.68 -2.24 -63.55
N LYS B 455 4.96 -1.00 -63.91
CA LYS B 455 5.89 -0.67 -64.99
C LYS B 455 6.92 0.33 -64.49
N PRO B 456 8.19 0.15 -64.82
CA PRO B 456 9.22 1.08 -64.35
C PRO B 456 8.97 2.50 -64.86
N CYS B 457 9.21 3.47 -63.99
CA CYS B 457 9.10 4.89 -64.32
C CYS B 457 10.33 5.62 -63.81
N LYS B 458 10.69 6.70 -64.51
CA LYS B 458 11.88 7.48 -64.19
C LYS B 458 11.53 8.80 -63.50
N GLY B 459 10.59 9.55 -64.03
CA GLY B 459 10.19 10.81 -63.43
C GLY B 459 8.70 11.07 -63.55
N LYS B 460 8.29 12.32 -63.44
CA LYS B 460 6.88 12.69 -63.60
C LYS B 460 6.49 12.49 -65.06
N GLY B 461 5.73 11.43 -65.33
CA GLY B 461 5.34 11.11 -66.69
C GLY B 461 4.15 10.18 -66.76
N PRO B 462 4.18 9.25 -67.72
CA PRO B 462 3.04 8.35 -67.93
C PRO B 462 2.91 7.34 -66.79
N ASN B 463 1.76 7.38 -66.11
CA ASN B 463 1.43 6.42 -65.06
C ASN B 463 2.44 6.45 -63.92
N CYS B 464 3.08 7.60 -63.73
CA CYS B 464 4.01 7.77 -62.58
C CYS B 464 4.03 9.25 -62.24
N TYR B 465 3.28 9.65 -61.22
CA TYR B 465 3.17 11.12 -60.94
C TYR B 465 3.83 11.47 -59.61
N PHE B 466 4.09 12.77 -59.40
CA PHE B 466 4.72 13.25 -58.15
C PHE B 466 3.64 13.39 -57.07
N PRO B 467 3.74 12.65 -55.96
CA PRO B 467 2.71 12.69 -54.90
C PRO B 467 2.43 14.09 -54.36
N LEU B 468 3.38 15.01 -54.48
CA LEU B 468 3.20 16.37 -53.94
C LEU B 468 2.44 17.21 -54.96
N GLN B 469 1.12 17.07 -54.92
CA GLN B 469 0.23 17.85 -55.78
C GLN B 469 0.05 19.25 -55.21
N SER B 470 -0.20 20.20 -56.10
CA SER B 470 -0.33 21.60 -55.69
C SER B 470 -1.53 21.80 -54.76
N TYR B 471 -1.34 22.65 -53.76
CA TYR B 471 -2.37 23.05 -52.81
C TYR B 471 -2.60 24.55 -53.00
N GLY B 472 -3.46 24.91 -53.95
CA GLY B 472 -3.72 26.30 -54.25
C GLY B 472 -4.62 26.96 -53.24
N PHE B 473 -4.14 28.02 -52.60
CA PHE B 473 -4.90 28.75 -51.59
C PHE B 473 -5.14 30.18 -52.06
N ARG B 474 -6.38 30.61 -52.00
CA ARG B 474 -6.79 31.95 -52.38
C ARG B 474 -7.71 32.53 -51.31
N PRO B 475 -7.72 33.85 -51.14
CA PRO B 475 -8.58 34.46 -50.11
C PRO B 475 -10.06 34.44 -50.44
N THR B 476 -10.46 33.85 -51.57
CA THR B 476 -11.85 33.85 -52.01
C THR B 476 -12.41 32.43 -52.08
N TYR B 477 -12.11 31.61 -51.07
CA TYR B 477 -12.68 30.27 -50.95
C TYR B 477 -13.85 30.29 -49.97
N GLY B 478 -14.90 29.55 -50.30
CA GLY B 478 -16.09 29.56 -49.49
C GLY B 478 -16.18 28.47 -48.45
N VAL B 479 -15.80 28.79 -47.22
CA VAL B 479 -15.99 27.95 -46.04
C VAL B 479 -15.27 26.60 -46.19
N GLY B 480 -15.75 25.77 -47.12
CA GLY B 480 -15.27 24.40 -47.21
C GLY B 480 -13.83 24.28 -47.69
N HIS B 481 -13.33 25.26 -48.44
CA HIS B 481 -11.98 25.23 -48.97
C HIS B 481 -11.09 26.33 -48.40
N GLN B 482 -11.60 27.11 -47.45
CA GLN B 482 -10.80 28.15 -46.83
C GLN B 482 -9.65 27.50 -46.05
N PRO B 483 -8.44 28.06 -46.13
CA PRO B 483 -7.32 27.50 -45.35
C PRO B 483 -7.58 27.51 -43.86
N TYR B 484 -7.68 26.33 -43.27
CA TYR B 484 -7.96 26.17 -41.85
C TYR B 484 -6.72 25.64 -41.14
N ARG B 485 -6.32 26.30 -40.07
CA ARG B 485 -5.13 25.96 -39.32
C ARG B 485 -5.51 25.05 -38.15
N VAL B 486 -4.91 23.86 -38.12
CA VAL B 486 -5.25 22.85 -37.13
C VAL B 486 -3.97 22.38 -36.44
N VAL B 487 -4.05 22.23 -35.12
CA VAL B 487 -2.97 21.63 -34.34
C VAL B 487 -3.53 20.43 -33.60
N VAL B 488 -2.75 19.34 -33.60
CA VAL B 488 -3.11 18.13 -32.88
C VAL B 488 -2.09 17.94 -31.76
N LEU B 489 -2.53 18.17 -30.53
CA LEU B 489 -1.70 18.02 -29.34
C LEU B 489 -2.22 16.82 -28.55
N SER B 490 -1.32 15.89 -28.26
CA SER B 490 -1.69 14.60 -27.69
C SER B 490 -1.36 14.56 -26.20
N PHE B 491 -2.21 13.87 -25.43
CA PHE B 491 -1.97 13.64 -24.02
C PHE B 491 -1.36 12.27 -23.80
N GLU B 492 -0.34 12.22 -22.95
CA GLU B 492 0.27 10.96 -22.53
C GLU B 492 0.37 10.94 -21.02
N LEU B 493 -0.11 9.86 -20.41
CA LEU B 493 0.04 9.67 -18.98
C LEU B 493 1.50 9.36 -18.71
N LEU B 494 2.27 10.37 -18.33
CA LEU B 494 3.72 10.30 -18.29
C LEU B 494 4.21 10.09 -16.86
N HIS B 495 5.17 9.19 -16.71
CA HIS B 495 5.81 8.96 -15.42
C HIS B 495 6.79 10.07 -15.05
N ALA B 496 7.19 10.90 -16.01
CA ALA B 496 8.09 11.99 -15.74
C ALA B 496 7.40 13.04 -14.85
N PRO B 497 8.17 13.80 -14.06
CA PRO B 497 7.55 14.82 -13.20
C PRO B 497 6.78 15.84 -14.01
N ALA B 498 5.49 15.98 -13.67
CA ALA B 498 4.59 16.87 -14.38
C ALA B 498 4.72 18.27 -13.78
N THR B 499 5.40 19.16 -14.49
CA THR B 499 5.68 20.51 -14.02
C THR B 499 4.82 21.57 -14.71
N VAL B 500 3.81 21.15 -15.49
CA VAL B 500 2.92 22.09 -16.19
C VAL B 500 1.49 21.87 -15.70
N CYS B 501 1.12 22.58 -14.63
CA CYS B 501 -0.06 22.23 -13.86
C CYS B 501 -1.08 23.35 -13.76
N GLY B 502 -0.82 24.51 -14.36
CA GLY B 502 -1.77 25.60 -14.39
C GLY B 502 -1.52 26.70 -13.38
N PRO B 503 -2.51 27.59 -13.21
CA PRO B 503 -2.32 28.76 -12.34
C PRO B 503 -2.18 28.42 -10.86
N LYS B 504 -2.52 27.20 -10.44
CA LYS B 504 -2.41 26.71 -9.07
C LYS B 504 -3.39 27.39 -8.11
N LYS B 505 -4.33 28.17 -8.63
CA LYS B 505 -5.42 28.76 -7.85
C LYS B 505 -4.89 29.53 -6.64
N SER B 506 -4.16 30.61 -6.93
CA SER B 506 -3.69 31.50 -5.89
C SER B 506 -4.84 32.35 -5.39
N THR B 507 -5.07 32.33 -4.07
CA THR B 507 -6.17 33.04 -3.45
C THR B 507 -5.65 33.97 -2.36
N ASN B 508 -6.24 35.16 -2.28
CA ASN B 508 -5.84 36.12 -1.25
C ASN B 508 -6.09 35.56 0.14
N LEU B 509 -5.17 35.83 1.06
CA LEU B 509 -5.21 35.26 2.40
C LEU B 509 -5.53 36.34 3.43
N VAL B 510 -6.84 36.61 3.60
CA VAL B 510 -7.47 37.43 4.63
C VAL B 510 -6.55 38.17 5.59
N LYS B 511 -6.91 38.18 6.88
CA LYS B 511 -6.02 38.57 7.97
C LYS B 511 -6.71 38.28 9.29
N ASN B 512 -5.96 37.75 10.26
CA ASN B 512 -6.44 37.52 11.62
C ASN B 512 -7.74 36.72 11.62
N LYS B 513 -7.81 35.69 10.77
CA LYS B 513 -8.99 34.87 10.65
C LYS B 513 -8.61 33.41 10.58
N CYS B 514 -9.39 32.57 11.26
CA CYS B 514 -9.16 31.13 11.27
C CYS B 514 -9.53 30.55 9.91
N VAL B 515 -8.52 30.12 9.14
CA VAL B 515 -8.71 29.64 7.78
C VAL B 515 -7.89 28.37 7.57
N ASN B 516 -8.16 27.70 6.46
CA ASN B 516 -7.40 26.52 6.04
C ASN B 516 -6.39 26.97 4.98
N PHE B 517 -5.11 26.96 5.33
CA PHE B 517 -4.06 27.42 4.45
C PHE B 517 -3.41 26.26 3.72
N ASN B 518 -2.83 26.56 2.56
CA ASN B 518 -2.18 25.57 1.72
C ASN B 518 -0.87 26.13 1.19
N PHE B 519 -0.08 26.75 2.07
CA PHE B 519 1.14 27.43 1.68
C PHE B 519 2.14 26.47 1.04
N ASN B 520 2.32 26.57 -0.28
CA ASN B 520 3.27 25.73 -1.02
C ASN B 520 3.06 24.25 -0.70
N GLY B 521 1.81 23.84 -0.58
CA GLY B 521 1.48 22.48 -0.24
C GLY B 521 1.43 22.17 1.24
N LEU B 522 1.59 23.18 2.10
CA LEU B 522 1.50 22.98 3.55
C LEU B 522 0.02 23.10 3.91
N THR B 523 -0.64 21.97 4.06
CA THR B 523 -2.04 21.95 4.45
C THR B 523 -2.18 22.04 5.96
N GLY B 524 -3.10 22.88 6.42
CA GLY B 524 -3.31 23.05 7.84
C GLY B 524 -4.38 24.10 8.07
N THR B 525 -4.79 24.20 9.34
CA THR B 525 -5.84 25.11 9.76
C THR B 525 -5.34 25.96 10.92
N GLY B 526 -5.58 27.26 10.85
CA GLY B 526 -5.17 28.15 11.91
C GLY B 526 -5.41 29.59 11.54
N VAL B 527 -4.93 30.48 12.43
CA VAL B 527 -5.05 31.93 12.24
C VAL B 527 -3.77 32.44 11.60
N LEU B 528 -3.90 33.52 10.82
CA LEU B 528 -2.79 34.11 10.10
C LEU B 528 -2.64 35.57 10.52
N THR B 529 -1.39 35.99 10.75
CA THR B 529 -1.13 37.36 11.14
C THR B 529 0.30 37.73 10.77
N LYS B 530 0.55 39.03 10.65
CA LYS B 530 1.89 39.50 10.35
C LYS B 530 2.82 39.22 11.53
N SER B 531 4.05 38.81 11.21
CA SER B 531 5.02 38.38 12.21
C SER B 531 6.24 39.30 12.21
N ASN B 532 7.03 39.16 13.27
CA ASN B 532 8.30 39.87 13.41
C ASN B 532 9.45 38.87 13.48
N LYS B 533 9.33 37.77 12.74
CA LYS B 533 10.35 36.73 12.73
C LYS B 533 11.61 37.22 12.01
N LYS B 534 12.66 36.41 12.11
CA LYS B 534 13.93 36.71 11.44
C LYS B 534 14.26 35.59 10.46
N PHE B 535 13.28 35.20 9.65
CA PHE B 535 13.47 34.11 8.70
C PHE B 535 14.67 34.38 7.80
N LEU B 536 15.52 33.37 7.63
CA LEU B 536 16.58 33.46 6.66
C LEU B 536 16.00 33.36 5.26
N PRO B 537 16.72 33.86 4.25
CA PRO B 537 16.15 33.90 2.89
C PRO B 537 15.69 32.56 2.35
N PHE B 538 16.36 31.47 2.73
CA PHE B 538 15.99 30.14 2.22
C PHE B 538 14.91 29.48 3.05
N GLN B 539 14.45 30.10 4.13
CA GLN B 539 13.48 29.49 5.03
C GLN B 539 12.06 29.75 4.54
N GLN B 540 11.35 28.68 4.19
CA GLN B 540 9.93 28.75 3.85
C GLN B 540 9.06 28.04 4.86
N PHE B 541 9.62 27.59 5.98
CA PHE B 541 8.91 26.81 6.98
C PHE B 541 9.13 27.44 8.34
N GLY B 542 8.08 27.44 9.16
CA GLY B 542 8.20 27.91 10.53
C GLY B 542 7.83 26.84 11.52
N ARG B 543 8.64 26.67 12.56
CA ARG B 543 8.43 25.60 13.52
C ARG B 543 8.77 26.12 14.92
N ASP B 544 8.74 25.22 15.89
CA ASP B 544 8.96 25.56 17.29
C ASP B 544 9.61 24.37 17.98
N ILE B 545 9.56 24.36 19.31
CA ILE B 545 10.29 23.35 20.09
C ILE B 545 9.74 21.96 19.83
N VAL B 546 8.42 21.83 19.70
CA VAL B 546 7.78 20.52 19.67
C VAL B 546 7.55 20.03 18.25
N ASP B 547 8.27 20.58 17.27
CA ASP B 547 8.23 20.11 15.89
C ASP B 547 6.82 20.26 15.29
N THR B 548 6.27 21.46 15.40
CA THR B 548 4.97 21.78 14.85
C THR B 548 5.05 23.09 14.09
N THR B 549 4.20 23.23 13.07
CA THR B 549 4.22 24.43 12.24
C THR B 549 3.80 25.64 13.07
N ASP B 550 4.59 26.70 12.97
CA ASP B 550 4.33 27.94 13.71
C ASP B 550 4.29 29.16 12.81
N ALA B 551 5.13 29.21 11.77
CA ALA B 551 5.19 30.34 10.86
C ALA B 551 5.16 29.82 9.43
N VAL B 552 4.73 30.70 8.53
CA VAL B 552 4.62 30.35 7.11
C VAL B 552 5.15 31.50 6.27
N ARG B 553 5.91 31.18 5.24
CA ARG B 553 6.36 32.15 4.25
C ARG B 553 5.65 31.87 2.93
N ASP B 554 5.00 32.88 2.39
CA ASP B 554 4.26 32.71 1.15
C ASP B 554 5.24 32.53 -0.01
N PRO B 555 5.19 31.43 -0.75
CA PRO B 555 6.07 31.28 -1.92
C PRO B 555 5.80 32.30 -3.00
N GLN B 556 4.63 32.93 -3.00
CA GLN B 556 4.27 33.91 -4.02
C GLN B 556 4.59 35.34 -3.60
N THR B 557 4.41 35.67 -2.31
CA THR B 557 4.61 37.04 -1.84
C THR B 557 5.82 37.23 -0.95
N LEU B 558 6.43 36.15 -0.46
CA LEU B 558 7.63 36.16 0.38
C LEU B 558 7.41 36.74 1.77
N GLU B 559 6.17 37.07 2.13
CA GLU B 559 5.91 37.63 3.46
C GLU B 559 5.94 36.53 4.52
N ILE B 560 6.20 36.94 5.76
CA ILE B 560 6.24 36.03 6.89
C ILE B 560 4.96 36.19 7.70
N LEU B 561 4.49 35.09 8.29
CA LEU B 561 3.23 35.07 9.00
C LEU B 561 3.36 34.14 10.21
N ASP B 562 2.24 33.87 10.87
CA ASP B 562 2.21 32.99 12.03
C ASP B 562 1.04 32.02 11.91
N ILE B 563 1.16 30.89 12.60
CA ILE B 563 0.12 29.88 12.69
C ILE B 563 -0.30 29.75 14.15
N THR B 564 -1.60 29.86 14.40
CA THR B 564 -2.15 29.86 15.74
C THR B 564 -3.40 28.99 15.78
N PRO B 565 -3.60 28.22 16.86
CA PRO B 565 -4.84 27.45 16.99
C PRO B 565 -6.06 28.35 16.91
N CYS B 566 -7.12 27.83 16.31
CA CYS B 566 -8.27 28.68 15.99
C CYS B 566 -8.92 29.24 17.25
N SER B 567 -9.59 28.40 18.04
CA SER B 567 -10.10 28.83 19.34
C SER B 567 -10.15 27.69 20.34
N PHE B 568 -9.24 26.73 20.26
CA PHE B 568 -9.42 25.47 20.97
C PHE B 568 -9.58 25.69 22.46
N GLY B 569 -10.52 24.97 23.06
CA GLY B 569 -10.73 25.02 24.49
C GLY B 569 -11.63 23.89 24.93
N GLY B 570 -12.08 23.99 26.18
CA GLY B 570 -12.98 22.99 26.75
C GLY B 570 -14.28 23.63 27.18
N VAL B 571 -15.36 22.86 27.03
CA VAL B 571 -16.69 23.30 27.43
C VAL B 571 -17.11 22.49 28.65
N SER B 572 -17.43 23.18 29.73
CA SER B 572 -17.91 22.54 30.95
C SER B 572 -19.24 23.16 31.33
N VAL B 573 -20.23 22.32 31.59
CA VAL B 573 -21.58 22.77 31.92
C VAL B 573 -21.75 22.70 33.43
N ILE B 574 -22.00 23.84 34.06
CA ILE B 574 -22.28 23.92 35.48
C ILE B 574 -23.78 23.82 35.68
N THR B 575 -24.23 22.82 36.44
CA THR B 575 -25.64 22.62 36.62
C THR B 575 -25.94 22.03 37.99
N PRO B 576 -27.04 22.42 38.62
CA PRO B 576 -27.51 21.72 39.81
C PRO B 576 -28.21 20.42 39.39
N GLY B 577 -28.77 19.72 40.38
CA GLY B 577 -29.52 18.53 40.07
C GLY B 577 -30.69 18.84 39.17
N THR B 578 -30.88 17.98 38.15
CA THR B 578 -31.98 18.20 37.21
C THR B 578 -33.34 18.13 37.89
N ASN B 579 -33.44 17.46 39.05
CA ASN B 579 -34.67 17.48 39.81
C ASN B 579 -34.89 18.79 40.55
N THR B 580 -33.87 19.64 40.63
CA THR B 580 -34.00 20.95 41.24
C THR B 580 -34.35 22.02 40.22
N SER B 581 -33.58 22.14 39.15
CA SER B 581 -33.84 23.12 38.11
C SER B 581 -33.17 22.69 36.82
N ASN B 582 -33.61 23.29 35.72
CA ASN B 582 -33.06 23.00 34.41
C ASN B 582 -32.05 24.04 33.94
N GLN B 583 -31.83 25.10 34.73
CA GLN B 583 -30.88 26.13 34.34
C GLN B 583 -29.45 25.58 34.40
N VAL B 584 -28.63 25.99 33.44
CA VAL B 584 -27.25 25.56 33.36
C VAL B 584 -26.36 26.76 33.08
N ALA B 585 -25.08 26.62 33.40
CA ALA B 585 -24.07 27.62 33.12
C ALA B 585 -22.93 26.97 32.36
N VAL B 586 -22.52 27.58 31.27
CA VAL B 586 -21.49 27.03 30.39
C VAL B 586 -20.17 27.73 30.66
N LEU B 587 -19.12 26.95 30.88
CA LEU B 587 -17.77 27.48 31.08
C LEU B 587 -16.92 27.09 29.89
N TYR B 588 -16.39 28.08 29.19
CA TYR B 588 -15.50 27.86 28.05
C TYR B 588 -14.06 27.90 28.56
N GLN B 589 -13.49 26.73 28.79
CA GLN B 589 -12.19 26.63 29.43
C GLN B 589 -11.09 27.20 28.52
N GLY B 590 -10.21 28.00 29.12
CA GLY B 590 -9.01 28.46 28.44
C GLY B 590 -9.25 29.32 27.22
N VAL B 591 -10.14 30.30 27.32
CA VAL B 591 -10.42 31.20 26.20
C VAL B 591 -10.83 32.55 26.76
N ASN B 592 -10.62 33.60 25.97
CA ASN B 592 -11.07 34.93 26.33
C ASN B 592 -12.53 35.11 25.94
N CYS B 593 -13.30 35.72 26.84
CA CYS B 593 -14.74 35.75 26.62
C CYS B 593 -15.15 36.72 25.53
N THR B 594 -14.35 37.77 25.29
CA THR B 594 -14.59 38.59 24.10
C THR B 594 -14.40 37.76 22.84
N GLU B 595 -13.39 36.88 22.83
CA GLU B 595 -13.17 36.00 21.69
C GLU B 595 -14.35 35.05 21.50
N VAL B 596 -14.85 34.45 22.59
CA VAL B 596 -15.99 33.55 22.41
C VAL B 596 -17.24 34.33 22.02
N SER B 597 -17.36 35.58 22.47
CA SER B 597 -18.51 36.40 22.07
C SER B 597 -18.47 36.73 20.58
N VAL B 598 -17.30 37.10 20.05
CA VAL B 598 -17.22 37.39 18.62
C VAL B 598 -17.38 36.11 17.81
N ALA B 599 -16.93 34.97 18.34
CA ALA B 599 -17.19 33.70 17.67
C ALA B 599 -18.68 33.41 17.62
N ILE B 600 -19.40 33.68 18.71
CA ILE B 600 -20.85 33.51 18.71
C ILE B 600 -21.50 34.45 17.70
N HIS B 601 -21.04 35.70 17.65
CA HIS B 601 -21.58 36.67 16.69
C HIS B 601 -21.39 36.17 15.26
N ALA B 602 -20.20 35.66 14.95
CA ALA B 602 -19.95 35.11 13.63
C ALA B 602 -20.65 33.77 13.41
N ASP B 603 -21.16 33.14 14.48
CA ASP B 603 -21.86 31.86 14.41
C ASP B 603 -20.97 30.79 13.76
N GLN B 604 -19.69 30.80 14.10
CA GLN B 604 -18.74 29.81 13.62
C GLN B 604 -18.21 28.92 14.75
N LEU B 605 -18.92 28.86 15.87
CA LEU B 605 -18.51 28.04 17.00
C LEU B 605 -18.97 26.61 16.81
N THR B 606 -18.13 25.66 17.22
CA THR B 606 -18.46 24.25 17.04
C THR B 606 -19.73 23.82 17.75
N PRO B 607 -19.97 24.15 19.03
CA PRO B 607 -21.25 23.77 19.64
C PRO B 607 -22.40 24.50 18.98
N THR B 608 -23.33 23.71 18.41
CA THR B 608 -24.46 24.31 17.71
C THR B 608 -25.35 25.10 18.67
N TRP B 609 -25.57 24.57 19.87
CA TRP B 609 -26.44 25.24 20.82
C TRP B 609 -25.84 26.58 21.26
N ARG B 610 -26.71 27.53 21.53
CA ARG B 610 -26.31 28.87 21.97
C ARG B 610 -26.85 29.11 23.37
N VAL B 611 -25.98 29.51 24.28
CA VAL B 611 -26.37 29.87 25.64
C VAL B 611 -26.66 31.37 25.66
N TYR B 612 -27.67 31.75 26.44
CA TYR B 612 -28.14 33.14 26.45
C TYR B 612 -27.05 34.05 26.99
N SER B 613 -26.46 34.85 26.11
CA SER B 613 -25.40 35.79 26.46
C SER B 613 -25.98 37.20 26.44
N THR B 614 -26.25 37.75 27.63
CA THR B 614 -26.84 39.07 27.77
C THR B 614 -25.82 40.13 28.14
N GLY B 615 -24.54 39.78 28.20
CA GLY B 615 -23.53 40.70 28.71
C GLY B 615 -23.46 40.73 30.22
N SER B 616 -24.61 40.83 30.88
CA SER B 616 -24.63 40.72 32.34
C SER B 616 -24.31 39.30 32.80
N ASN B 617 -24.78 38.30 32.06
CA ASN B 617 -24.48 36.90 32.35
C ASN B 617 -23.18 36.46 31.67
N VAL B 618 -22.12 37.26 31.88
CA VAL B 618 -20.81 37.00 31.30
C VAL B 618 -19.77 37.33 32.37
N PHE B 619 -19.10 36.31 32.90
CA PHE B 619 -18.07 36.48 33.91
C PHE B 619 -16.74 36.00 33.35
N GLN B 620 -15.71 36.85 33.48
CA GLN B 620 -14.38 36.51 32.98
C GLN B 620 -13.59 35.84 34.09
N THR B 621 -13.71 34.52 34.17
CA THR B 621 -12.96 33.73 35.13
C THR B 621 -11.55 33.49 34.61
N ARG B 622 -10.61 33.29 35.54
CA ARG B 622 -9.25 32.96 35.13
C ARG B 622 -9.16 31.60 34.45
N ALA B 623 -10.20 30.79 34.55
CA ALA B 623 -10.26 29.48 33.90
C ALA B 623 -10.92 29.53 32.53
N GLY B 624 -11.27 30.70 32.04
CA GLY B 624 -11.98 30.82 30.78
C GLY B 624 -12.97 31.98 30.84
N CYS B 625 -14.25 31.70 30.59
CA CYS B 625 -15.29 32.65 30.93
C CYS B 625 -16.59 31.89 31.13
N LEU B 626 -17.39 32.35 32.07
CA LEU B 626 -18.63 31.68 32.44
C LEU B 626 -19.81 32.43 31.83
N ILE B 627 -20.65 31.72 31.10
CA ILE B 627 -21.83 32.28 30.46
C ILE B 627 -23.06 31.58 31.02
N GLY B 628 -24.07 32.37 31.39
CA GLY B 628 -25.27 31.85 31.98
C GLY B 628 -25.38 32.06 33.48
N ALA B 629 -24.28 32.38 34.14
CA ALA B 629 -24.27 32.64 35.57
C ALA B 629 -23.68 34.03 35.83
N GLU B 630 -24.38 34.82 36.63
CA GLU B 630 -23.92 36.17 36.96
C GLU B 630 -23.02 36.14 38.19
N TYR B 631 -22.13 37.12 38.26
CA TYR B 631 -21.13 37.18 39.32
C TYR B 631 -21.72 37.91 40.53
N VAL B 632 -21.66 37.27 41.69
CA VAL B 632 -22.09 37.87 42.95
C VAL B 632 -20.85 38.05 43.81
N ASN B 633 -20.67 39.26 44.34
CA ASN B 633 -19.47 39.58 45.08
C ASN B 633 -19.45 38.99 46.49
N ASN B 634 -20.58 38.51 46.99
CA ASN B 634 -20.62 37.87 48.29
C ASN B 634 -19.96 36.50 48.22
N SER B 635 -19.24 36.13 49.28
CA SER B 635 -18.51 34.88 49.33
C SER B 635 -19.23 33.87 50.20
N TYR B 636 -19.40 32.66 49.69
CA TYR B 636 -20.00 31.56 50.43
C TYR B 636 -19.13 30.33 50.30
N GLU B 637 -19.42 29.33 51.12
CA GLU B 637 -18.77 28.03 50.99
C GLU B 637 -19.19 27.41 49.66
N CYS B 638 -18.27 27.37 48.70
CA CYS B 638 -18.66 27.14 47.32
C CYS B 638 -19.05 25.68 47.09
N ASP B 639 -20.05 25.47 46.23
CA ASP B 639 -20.66 24.16 46.03
C ASP B 639 -20.12 23.46 44.80
N ILE B 640 -20.19 24.10 43.63
CA ILE B 640 -19.75 23.47 42.39
C ILE B 640 -18.39 24.05 42.01
N PRO B 641 -17.31 23.29 42.15
CA PRO B 641 -15.98 23.83 41.87
C PRO B 641 -15.74 24.08 40.40
N ILE B 642 -15.59 25.34 40.01
CA ILE B 642 -15.28 25.70 38.63
C ILE B 642 -13.77 25.79 38.42
N GLY B 643 -13.07 26.48 39.31
CA GLY B 643 -11.64 26.61 39.19
C GLY B 643 -11.15 28.03 39.36
N ALA B 644 -9.86 28.19 39.65
CA ALA B 644 -9.24 29.50 39.84
C ALA B 644 -9.93 30.30 40.94
N GLY B 645 -10.32 29.61 42.01
CA GLY B 645 -10.94 30.28 43.13
C GLY B 645 -12.36 30.75 42.90
N ILE B 646 -13.05 30.18 41.92
CA ILE B 646 -14.42 30.56 41.59
C ILE B 646 -15.29 29.32 41.59
N CYS B 647 -16.43 29.38 42.27
CA CYS B 647 -17.41 28.31 42.26
C CYS B 647 -18.79 28.89 42.00
N ALA B 648 -19.69 28.04 41.51
CA ALA B 648 -21.06 28.42 41.24
C ALA B 648 -22.01 27.59 42.10
N SER B 649 -23.20 28.13 42.32
CA SER B 649 -24.21 27.45 43.12
C SER B 649 -25.57 28.01 42.75
N TYR B 650 -26.62 27.32 43.22
CA TYR B 650 -27.99 27.73 42.98
C TYR B 650 -28.50 28.51 44.19
N GLN B 651 -28.96 29.74 43.94
CA GLN B 651 -29.43 30.61 45.01
C GLN B 651 -30.71 31.30 44.56
N THR B 652 -31.51 31.72 45.53
CA THR B 652 -32.78 32.39 45.29
C THR B 652 -32.67 33.85 45.71
N GLN B 653 -33.00 34.76 44.81
CA GLN B 653 -32.94 36.18 45.09
C GLN B 653 -34.22 36.67 45.74
N SER B 665 -35.47 35.43 40.66
CA SER B 665 -35.49 34.67 41.91
C SER B 665 -34.40 33.60 41.92
N GLN B 666 -34.74 32.41 41.43
CA GLN B 666 -33.78 31.31 41.38
C GLN B 666 -32.88 31.47 40.16
N SER B 667 -31.56 31.43 40.40
CA SER B 667 -30.60 31.55 39.31
C SER B 667 -29.28 30.94 39.76
N ILE B 668 -28.42 30.66 38.78
CA ILE B 668 -27.09 30.13 39.04
C ILE B 668 -26.14 31.31 39.21
N ILE B 669 -25.48 31.36 40.36
CA ILE B 669 -24.61 32.49 40.73
C ILE B 669 -23.19 31.97 40.87
N ALA B 670 -22.24 32.72 40.29
CA ALA B 670 -20.82 32.44 40.46
C ALA B 670 -20.23 33.46 41.41
N TYR B 671 -19.44 32.99 42.38
CA TYR B 671 -18.91 33.85 43.41
C TYR B 671 -17.49 33.42 43.77
N THR B 672 -16.71 34.36 44.29
CA THR B 672 -15.40 34.03 44.82
C THR B 672 -15.55 33.17 46.06
N MET B 673 -14.62 32.23 46.23
CA MET B 673 -14.71 31.29 47.33
C MET B 673 -14.58 31.99 48.68
N SER B 674 -15.22 31.40 49.69
CA SER B 674 -15.07 31.81 51.08
C SER B 674 -14.28 30.72 51.80
N LEU B 675 -13.04 31.04 52.17
CA LEU B 675 -12.20 30.06 52.86
C LEU B 675 -12.76 29.69 54.23
N GLY B 676 -13.59 30.54 54.81
CA GLY B 676 -14.18 30.27 56.10
C GLY B 676 -14.55 31.55 56.80
N ALA B 677 -15.22 31.39 57.94
CA ALA B 677 -15.61 32.55 58.74
C ALA B 677 -14.37 33.26 59.26
N GLU B 678 -14.23 34.53 58.90
CA GLU B 678 -13.07 35.29 59.33
C GLU B 678 -13.05 35.41 60.86
N ASN B 679 -11.90 35.15 61.45
CA ASN B 679 -11.74 35.19 62.90
C ASN B 679 -10.44 35.89 63.24
N SER B 680 -10.45 36.60 64.37
CA SER B 680 -9.27 37.29 64.88
C SER B 680 -9.05 36.86 66.32
N VAL B 681 -7.86 36.36 66.61
CA VAL B 681 -7.52 35.95 67.97
C VAL B 681 -7.23 37.18 68.81
N ALA B 682 -7.48 37.08 70.11
CA ALA B 682 -7.32 38.18 71.05
C ALA B 682 -5.98 38.14 71.76
N TYR B 683 -4.94 37.74 71.04
CA TYR B 683 -3.60 37.59 71.60
C TYR B 683 -3.17 38.82 72.39
N SER B 684 -2.78 38.59 73.64
CA SER B 684 -2.19 39.62 74.49
C SER B 684 -0.95 39.04 75.15
N ASN B 685 -0.16 39.91 75.78
CA ASN B 685 1.07 39.48 76.42
C ASN B 685 0.80 38.50 77.55
N ASN B 686 -0.26 38.74 78.33
CA ASN B 686 -0.53 37.99 79.54
C ASN B 686 -1.99 37.57 79.60
N SER B 687 -2.52 37.00 78.51
CA SER B 687 -3.89 36.55 78.46
C SER B 687 -3.92 35.14 77.89
N ILE B 688 -4.46 34.19 78.67
CA ILE B 688 -4.64 32.82 78.23
C ILE B 688 -6.12 32.46 78.33
N ALA B 689 -6.61 31.71 77.34
CA ALA B 689 -7.99 31.28 77.31
C ALA B 689 -8.05 29.81 77.71
N ILE B 690 -8.89 29.50 78.69
CA ILE B 690 -9.04 28.13 79.18
C ILE B 690 -10.50 27.75 79.16
N PRO B 691 -10.86 26.60 78.61
CA PRO B 691 -12.29 26.22 78.54
C PRO B 691 -12.82 25.82 79.90
N THR B 692 -13.92 26.45 80.31
CA THR B 692 -14.59 26.09 81.55
C THR B 692 -15.56 24.94 81.38
N ASN B 693 -15.70 24.42 80.16
CA ASN B 693 -16.60 23.30 79.88
C ASN B 693 -15.98 22.47 78.78
N PHE B 694 -16.74 21.49 78.29
CA PHE B 694 -16.25 20.58 77.27
C PHE B 694 -17.42 19.83 76.66
N THR B 695 -17.28 19.47 75.38
CA THR B 695 -18.28 18.70 74.66
C THR B 695 -17.65 17.44 74.10
N ILE B 696 -18.38 16.33 74.17
CA ILE B 696 -17.93 15.06 73.62
C ILE B 696 -18.67 14.85 72.30
N SER B 697 -17.96 15.03 71.19
CA SER B 697 -18.55 14.92 69.86
C SER B 697 -17.88 13.78 69.12
N VAL B 698 -18.68 12.83 68.64
CA VAL B 698 -18.17 11.70 67.87
C VAL B 698 -18.35 12.02 66.38
N THR B 699 -17.26 11.92 65.63
CA THR B 699 -17.27 12.15 64.20
C THR B 699 -17.06 10.83 63.45
N THR B 700 -17.70 10.72 62.29
CA THR B 700 -17.65 9.52 61.49
C THR B 700 -16.57 9.65 60.43
N GLU B 701 -15.75 8.61 60.29
CA GLU B 701 -14.71 8.56 59.27
C GLU B 701 -14.89 7.26 58.49
N ILE B 702 -14.93 7.37 57.16
CA ILE B 702 -15.19 6.24 56.28
C ILE B 702 -13.98 6.02 55.40
N LEU B 703 -13.53 4.77 55.30
CA LEU B 703 -12.36 4.42 54.53
C LEU B 703 -12.62 3.14 53.74
N PRO B 704 -12.38 3.14 52.43
CA PRO B 704 -12.44 1.88 51.68
C PRO B 704 -11.38 0.91 52.17
N VAL B 705 -11.75 -0.37 52.22
CA VAL B 705 -10.84 -1.40 52.71
C VAL B 705 -10.53 -2.37 51.58
N SER B 706 -11.50 -2.59 50.70
CA SER B 706 -11.32 -3.52 49.60
C SER B 706 -12.34 -3.19 48.51
N MET B 707 -12.11 -3.73 47.33
CA MET B 707 -13.02 -3.59 46.20
C MET B 707 -13.37 -4.98 45.68
N THR B 708 -14.21 -5.01 44.65
CA THR B 708 -14.66 -6.27 44.08
C THR B 708 -13.48 -7.02 43.45
N LYS B 709 -13.44 -8.32 43.70
CA LYS B 709 -12.37 -9.19 43.18
C LYS B 709 -12.82 -9.75 41.84
N THR B 710 -12.34 -9.13 40.76
CA THR B 710 -12.74 -9.54 39.42
C THR B 710 -11.90 -10.73 38.95
N SER B 711 -12.49 -11.55 38.08
CA SER B 711 -11.89 -12.78 37.60
C SER B 711 -11.98 -12.86 36.08
N VAL B 712 -11.57 -11.78 35.41
CA VAL B 712 -11.62 -11.74 33.95
C VAL B 712 -10.77 -12.86 33.36
N ASP B 713 -11.33 -13.54 32.36
CA ASP B 713 -10.61 -14.57 31.63
C ASP B 713 -10.51 -14.19 30.16
N CYS B 714 -9.33 -14.41 29.59
CA CYS B 714 -9.07 -14.02 28.21
C CYS B 714 -9.94 -14.79 27.23
N THR B 715 -10.10 -16.10 27.47
CA THR B 715 -10.61 -16.99 26.43
C THR B 715 -11.95 -16.49 25.89
N MET B 716 -12.96 -16.41 26.76
CA MET B 716 -14.25 -15.89 26.33
C MET B 716 -14.18 -14.46 25.84
N TYR B 717 -13.51 -13.59 26.61
CA TYR B 717 -13.64 -12.15 26.39
C TYR B 717 -13.08 -11.75 25.03
N ILE B 718 -11.98 -12.37 24.62
CA ILE B 718 -11.38 -12.06 23.34
C ILE B 718 -11.93 -12.94 22.22
N CYS B 719 -12.08 -14.24 22.47
CA CYS B 719 -12.60 -15.17 21.47
C CYS B 719 -13.68 -16.03 22.10
N GLY B 720 -14.91 -15.53 22.10
CA GLY B 720 -16.01 -16.32 22.65
C GLY B 720 -16.35 -17.51 21.78
N ASP B 721 -15.99 -18.71 22.24
CA ASP B 721 -16.25 -19.96 21.53
C ASP B 721 -15.72 -19.90 20.10
N SER B 722 -14.40 -19.77 19.99
CA SER B 722 -13.74 -19.70 18.68
C SER B 722 -12.37 -20.35 18.81
N THR B 723 -12.26 -21.60 18.35
CA THR B 723 -11.00 -22.31 18.44
C THR B 723 -9.91 -21.64 17.61
N GLU B 724 -10.26 -21.21 16.39
CA GLU B 724 -9.28 -20.53 15.55
C GLU B 724 -8.82 -19.22 16.18
N CYS B 725 -9.75 -18.46 16.75
CA CYS B 725 -9.38 -17.21 17.39
C CYS B 725 -8.49 -17.46 18.60
N SER B 726 -8.78 -18.50 19.38
CA SER B 726 -7.90 -18.86 20.48
C SER B 726 -6.51 -19.25 19.97
N ASN B 727 -6.45 -19.98 18.86
CA ASN B 727 -5.17 -20.39 18.30
C ASN B 727 -4.33 -19.18 17.90
N LEU B 728 -4.96 -18.19 17.26
CA LEU B 728 -4.21 -16.96 16.96
C LEU B 728 -3.94 -16.12 18.20
N LEU B 729 -4.75 -16.28 19.26
CA LEU B 729 -4.44 -15.61 20.52
C LEU B 729 -3.18 -16.18 21.15
N LEU B 730 -2.95 -17.49 21.00
CA LEU B 730 -1.71 -18.08 21.50
C LEU B 730 -0.47 -17.50 20.83
N GLN B 731 -0.62 -16.88 19.66
CA GLN B 731 0.51 -16.28 18.97
C GLN B 731 1.02 -15.02 19.65
N TYR B 732 0.30 -14.49 20.64
CA TYR B 732 0.69 -13.27 21.33
C TYR B 732 1.49 -13.56 22.59
N GLY B 733 1.85 -14.81 22.85
CA GLY B 733 2.71 -15.15 23.96
C GLY B 733 1.98 -15.20 25.29
N SER B 734 2.78 -15.34 26.34
CA SER B 734 2.27 -15.45 27.71
C SER B 734 1.84 -14.07 28.20
N PHE B 735 0.71 -13.62 27.67
CA PHE B 735 0.09 -12.36 28.02
C PHE B 735 -1.11 -12.54 28.94
N CYS B 736 -2.01 -13.45 28.58
CA CYS B 736 -3.17 -13.73 29.41
C CYS B 736 -2.81 -14.46 30.69
N THR B 737 -1.71 -15.21 30.70
CA THR B 737 -1.19 -15.71 31.96
C THR B 737 -0.83 -14.55 32.90
N GLN B 738 -0.19 -13.51 32.35
CA GLN B 738 0.10 -12.33 33.14
C GLN B 738 -1.18 -11.67 33.63
N LEU B 739 -2.20 -11.59 32.77
CA LEU B 739 -3.45 -10.96 33.17
C LEU B 739 -4.12 -11.72 34.31
N LYS B 740 -4.21 -13.05 34.17
CA LYS B 740 -4.81 -13.87 35.21
C LYS B 740 -4.02 -13.75 36.51
N ARG B 741 -2.69 -13.74 36.42
CA ARG B 741 -1.86 -13.60 37.61
C ARG B 741 -2.08 -12.25 38.29
N ALA B 742 -2.16 -11.18 37.51
CA ALA B 742 -2.37 -9.86 38.09
C ALA B 742 -3.73 -9.79 38.77
N LEU B 743 -4.76 -10.36 38.15
CA LEU B 743 -6.08 -10.34 38.77
C LEU B 743 -6.13 -11.19 40.03
N THR B 744 -5.45 -12.34 40.02
CA THR B 744 -5.38 -13.16 41.22
C THR B 744 -4.64 -12.44 42.34
N GLY B 745 -3.56 -11.75 42.00
CA GLY B 745 -2.86 -10.95 42.99
C GLY B 745 -3.73 -9.85 43.56
N ILE B 746 -4.51 -9.21 42.70
CA ILE B 746 -5.43 -8.16 43.18
C ILE B 746 -6.47 -8.77 44.12
N ALA B 747 -7.01 -9.93 43.77
CA ALA B 747 -8.03 -10.57 44.61
C ALA B 747 -7.47 -10.95 45.97
N VAL B 748 -6.30 -11.60 45.99
CA VAL B 748 -5.71 -11.97 47.27
C VAL B 748 -5.29 -10.73 48.05
N GLU B 749 -4.93 -9.65 47.34
CA GLU B 749 -4.63 -8.39 48.02
C GLU B 749 -5.87 -7.82 48.70
N GLN B 750 -7.02 -7.91 48.04
CA GLN B 750 -8.26 -7.46 48.68
C GLN B 750 -8.57 -8.30 49.91
N ASP B 751 -8.41 -9.62 49.79
CA ASP B 751 -8.66 -10.49 50.94
C ASP B 751 -7.72 -10.16 52.10
N LYS B 752 -6.44 -9.96 51.81
CA LYS B 752 -5.48 -9.64 52.85
C LYS B 752 -5.73 -8.24 53.43
N ASN B 753 -6.21 -7.31 52.61
CA ASN B 753 -6.58 -5.99 53.12
C ASN B 753 -7.71 -6.11 54.14
N THR B 754 -8.75 -6.86 53.80
CA THR B 754 -9.85 -7.05 54.74
C THR B 754 -9.36 -7.73 56.02
N GLN B 755 -8.52 -8.76 55.87
CA GLN B 755 -8.01 -9.47 57.04
C GLN B 755 -7.17 -8.55 57.92
N GLU B 756 -6.29 -7.75 57.32
CA GLU B 756 -5.46 -6.84 58.10
C GLU B 756 -6.29 -5.78 58.80
N VAL B 757 -7.32 -5.25 58.11
CA VAL B 757 -8.12 -4.19 58.70
C VAL B 757 -8.95 -4.73 59.87
N PHE B 758 -9.58 -5.89 59.70
CA PHE B 758 -10.56 -6.35 60.68
C PHE B 758 -9.98 -7.36 61.67
N ALA B 759 -9.36 -8.43 61.18
CA ALA B 759 -8.88 -9.51 62.04
C ALA B 759 -7.61 -9.10 62.79
N GLN B 760 -7.76 -8.09 63.64
CA GLN B 760 -6.67 -7.64 64.50
C GLN B 760 -6.66 -8.34 65.86
N VAL B 761 -7.67 -9.15 66.16
CA VAL B 761 -7.78 -9.83 67.44
C VAL B 761 -7.93 -11.32 67.20
N LYS B 762 -7.14 -12.11 67.92
CA LYS B 762 -7.23 -13.56 67.77
C LYS B 762 -8.54 -14.10 68.34
N GLN B 763 -9.00 -13.54 69.44
CA GLN B 763 -10.19 -14.03 70.13
C GLN B 763 -11.38 -13.12 69.85
N ILE B 764 -12.56 -13.72 69.75
CA ILE B 764 -13.79 -12.99 69.50
C ILE B 764 -14.41 -12.67 70.86
N TYR B 765 -14.21 -11.44 71.32
CA TYR B 765 -14.78 -11.03 72.60
C TYR B 765 -16.27 -10.77 72.47
N LYS B 766 -17.00 -11.08 73.54
CA LYS B 766 -18.44 -10.90 73.58
C LYS B 766 -18.80 -9.89 74.66
N THR B 767 -19.74 -9.00 74.33
CA THR B 767 -20.23 -8.05 75.32
C THR B 767 -20.99 -8.79 76.42
N PRO B 768 -20.94 -8.29 77.66
CA PRO B 768 -21.68 -8.93 78.73
C PRO B 768 -23.18 -8.87 78.47
N PRO B 769 -23.94 -9.84 78.98
CA PRO B 769 -25.38 -9.85 78.68
C PRO B 769 -26.11 -8.60 79.12
N ILE B 770 -25.71 -7.99 80.24
CA ILE B 770 -26.31 -6.74 80.70
C ILE B 770 -25.45 -5.59 80.20
N LYS B 771 -26.06 -4.66 79.49
CA LYS B 771 -25.35 -3.54 78.87
C LYS B 771 -25.62 -2.27 79.68
N TYR B 772 -24.81 -2.08 80.72
CA TYR B 772 -24.81 -0.85 81.51
C TYR B 772 -23.36 -0.49 81.76
N PHE B 773 -22.80 0.34 80.86
CA PHE B 773 -21.40 0.75 80.95
C PHE B 773 -21.28 2.13 81.61
N GLY B 774 -21.69 2.19 82.86
CA GLY B 774 -21.61 3.43 83.62
C GLY B 774 -22.44 4.55 83.05
N GLY B 775 -23.63 4.25 82.55
CA GLY B 775 -24.50 5.23 81.97
C GLY B 775 -24.33 5.44 80.48
N PHE B 776 -23.27 4.91 79.88
CA PHE B 776 -23.07 5.03 78.45
C PHE B 776 -24.00 4.10 77.70
N ASN B 777 -24.33 4.48 76.48
CA ASN B 777 -25.27 3.74 75.64
C ASN B 777 -24.56 3.26 74.39
N PHE B 778 -24.50 1.94 74.20
CA PHE B 778 -23.84 1.34 73.05
C PHE B 778 -24.79 0.50 72.21
N SER B 779 -26.10 0.61 72.43
CA SER B 779 -27.05 -0.17 71.64
C SER B 779 -26.98 0.20 70.16
N GLN B 780 -26.57 1.43 69.85
CA GLN B 780 -26.49 1.86 68.46
C GLN B 780 -25.31 1.22 67.73
N ILE B 781 -24.26 0.82 68.45
CA ILE B 781 -23.09 0.23 67.82
C ILE B 781 -22.88 -1.23 68.18
N LEU B 782 -23.49 -1.74 69.25
CA LEU B 782 -23.39 -3.15 69.57
C LEU B 782 -24.36 -3.95 68.70
N PRO B 783 -24.08 -5.23 68.48
CA PRO B 783 -24.96 -6.04 67.64
C PRO B 783 -26.38 -6.13 68.21
N ASP B 784 -27.35 -6.15 67.30
CA ASP B 784 -28.75 -6.29 67.70
C ASP B 784 -29.14 -7.76 67.61
N PRO B 785 -29.45 -8.42 68.73
CA PRO B 785 -29.85 -9.83 68.66
C PRO B 785 -31.11 -10.06 67.85
N SER B 786 -32.05 -9.10 67.84
CA SER B 786 -33.28 -9.26 67.08
C SER B 786 -33.00 -9.34 65.59
N LYS B 787 -32.08 -8.52 65.10
CA LYS B 787 -31.73 -8.56 63.69
C LYS B 787 -31.12 -9.92 63.33
N PRO B 788 -31.53 -10.53 62.22
CA PRO B 788 -31.01 -11.87 61.90
C PRO B 788 -29.57 -11.86 61.42
N SER B 789 -29.06 -10.74 60.94
CA SER B 789 -27.69 -10.64 60.46
C SER B 789 -26.69 -10.35 61.58
N LYS B 790 -27.17 -10.13 62.81
CA LYS B 790 -26.32 -9.84 63.97
C LYS B 790 -25.44 -8.62 63.69
N ARG B 791 -26.09 -7.52 63.31
CA ARG B 791 -25.39 -6.28 63.00
C ARG B 791 -25.99 -5.14 63.81
N SER B 792 -25.16 -4.14 64.09
CA SER B 792 -25.60 -2.97 64.82
C SER B 792 -26.54 -2.13 63.95
N PRO B 793 -27.34 -1.26 64.56
CA PRO B 793 -28.14 -0.33 63.76
C PRO B 793 -27.32 0.53 62.82
N ILE B 794 -26.14 0.98 63.27
CA ILE B 794 -25.27 1.77 62.40
C ILE B 794 -24.77 0.92 61.24
N GLU B 795 -24.39 -0.33 61.51
CA GLU B 795 -23.96 -1.22 60.45
C GLU B 795 -25.07 -1.48 59.45
N ASP B 796 -26.30 -1.65 59.95
CA ASP B 796 -27.44 -1.84 59.05
C ASP B 796 -27.68 -0.61 58.19
N LEU B 797 -27.57 0.59 58.79
CA LEU B 797 -27.72 1.82 58.02
C LEU B 797 -26.66 1.92 56.93
N LEU B 798 -25.41 1.59 57.27
CA LEU B 798 -24.34 1.65 56.29
C LEU B 798 -24.57 0.64 55.17
N PHE B 799 -25.02 -0.56 55.51
CA PHE B 799 -25.30 -1.57 54.50
C PHE B 799 -26.42 -1.13 53.58
N ASN B 800 -27.48 -0.55 54.13
CA ASN B 800 -28.62 -0.12 53.33
C ASN B 800 -28.31 1.16 52.54
N LYS B 801 -27.27 1.89 52.92
CA LYS B 801 -26.92 3.13 52.23
C LYS B 801 -25.94 2.92 51.09
N VAL B 802 -25.54 1.68 50.81
CA VAL B 802 -24.64 1.36 49.71
C VAL B 802 -25.36 0.45 48.74
N THR B 803 -25.44 0.88 47.48
CA THR B 803 -26.11 0.12 46.43
C THR B 803 -25.06 -0.71 45.70
N LEU B 804 -24.93 -1.98 46.10
CA LEU B 804 -23.96 -2.89 45.50
C LEU B 804 -24.57 -3.51 44.26
N ALA B 805 -24.12 -3.07 43.09
CA ALA B 805 -24.61 -3.64 41.83
C ALA B 805 -24.23 -5.11 41.72
N ASP B 806 -23.01 -5.45 42.10
CA ASP B 806 -22.52 -6.83 42.06
C ASP B 806 -21.90 -7.15 43.42
N ALA B 807 -22.67 -7.82 44.28
CA ALA B 807 -22.17 -8.20 45.59
C ALA B 807 -21.16 -9.34 45.52
N GLY B 808 -21.19 -10.13 44.46
CA GLY B 808 -20.27 -11.25 44.30
C GLY B 808 -20.76 -12.57 44.85
N PHE B 809 -21.14 -12.58 46.12
CA PHE B 809 -21.61 -13.80 46.79
C PHE B 809 -23.12 -13.97 46.56
N ILE B 810 -23.50 -14.05 45.29
CA ILE B 810 -24.91 -14.18 44.92
C ILE B 810 -25.11 -15.42 44.06
N LYS B 811 -24.06 -15.83 43.35
CA LYS B 811 -24.12 -16.95 42.40
C LYS B 811 -25.24 -16.71 41.38
N GLN B 812 -25.01 -15.67 40.57
CA GLN B 812 -26.07 -15.12 39.73
C GLN B 812 -26.59 -16.12 38.69
N TYR B 813 -25.84 -17.18 38.40
CA TYR B 813 -26.31 -18.17 37.43
C TYR B 813 -27.48 -18.93 38.03
N GLY B 814 -28.64 -18.85 37.37
CA GLY B 814 -29.87 -19.41 37.89
C GLY B 814 -31.00 -18.41 37.79
N ASP B 815 -30.66 -17.13 37.80
CA ASP B 815 -31.61 -16.05 37.60
C ASP B 815 -31.38 -15.25 36.33
N CYS B 816 -30.18 -15.33 35.74
CA CYS B 816 -29.94 -14.64 34.48
C CYS B 816 -30.82 -15.18 33.37
N LEU B 817 -31.01 -16.51 33.32
CA LEU B 817 -31.88 -17.11 32.32
C LEU B 817 -33.33 -16.69 32.53
N GLY B 818 -33.76 -16.59 33.79
CA GLY B 818 -35.13 -16.21 34.10
C GLY B 818 -35.34 -14.72 34.11
N ASP B 819 -35.30 -14.10 32.93
CA ASP B 819 -35.50 -12.66 32.79
C ASP B 819 -36.79 -12.39 32.03
N ILE B 820 -37.52 -11.35 32.46
CA ILE B 820 -38.78 -11.01 31.84
C ILE B 820 -38.69 -9.75 30.97
N ALA B 821 -37.74 -8.85 31.22
CA ALA B 821 -37.59 -7.65 30.43
C ALA B 821 -36.29 -7.62 29.64
N ALA B 822 -35.15 -7.73 30.31
CA ALA B 822 -33.84 -7.69 29.66
C ALA B 822 -32.78 -8.09 30.68
N ARG B 823 -31.75 -8.78 30.21
CA ARG B 823 -30.67 -9.20 31.09
C ARG B 823 -29.95 -7.99 31.66
N ASP B 824 -29.65 -8.05 32.96
CA ASP B 824 -29.01 -6.94 33.65
C ASP B 824 -27.56 -6.81 33.21
N LEU B 825 -26.95 -5.67 33.58
CA LEU B 825 -25.54 -5.45 33.30
C LEU B 825 -24.67 -6.50 33.96
N ILE B 826 -25.04 -6.90 35.18
CA ILE B 826 -24.30 -7.96 35.88
C ILE B 826 -24.39 -9.27 35.11
N CYS B 827 -25.60 -9.60 34.62
CA CYS B 827 -25.77 -10.82 33.84
C CYS B 827 -24.94 -10.78 32.55
N ALA B 828 -24.92 -9.62 31.89
CA ALA B 828 -24.11 -9.49 30.68
C ALA B 828 -22.63 -9.64 30.99
N GLN B 829 -22.16 -9.04 32.09
CA GLN B 829 -20.77 -9.19 32.49
C GLN B 829 -20.42 -10.65 32.76
N LYS B 830 -21.31 -11.36 33.45
CA LYS B 830 -21.07 -12.78 33.70
C LYS B 830 -21.06 -13.58 32.41
N PHE B 831 -21.95 -13.26 31.48
CA PHE B 831 -22.02 -13.98 30.21
C PHE B 831 -20.86 -13.65 29.30
N ASN B 832 -20.16 -12.55 29.55
CA ASN B 832 -18.96 -12.19 28.78
C ASN B 832 -17.68 -12.69 29.43
N GLY B 833 -17.80 -13.52 30.47
CA GLY B 833 -16.65 -14.04 31.17
C GLY B 833 -16.07 -13.14 32.23
N LEU B 834 -16.66 -11.97 32.45
CA LEU B 834 -16.13 -10.99 33.40
C LEU B 834 -16.85 -11.14 34.74
N THR B 835 -16.54 -12.26 35.41
CA THR B 835 -17.14 -12.58 36.68
C THR B 835 -16.34 -12.00 37.83
N VAL B 836 -16.99 -11.91 39.00
CA VAL B 836 -16.38 -11.37 40.21
C VAL B 836 -16.41 -12.44 41.29
N LEU B 837 -15.28 -12.66 41.93
CA LEU B 837 -15.20 -13.61 43.02
C LEU B 837 -15.73 -12.99 44.31
N PRO B 838 -16.36 -13.78 45.18
CA PRO B 838 -16.83 -13.26 46.46
C PRO B 838 -15.68 -13.15 47.46
N PRO B 839 -15.74 -12.18 48.36
CA PRO B 839 -14.67 -12.05 49.35
C PRO B 839 -14.63 -13.24 50.30
N LEU B 840 -13.42 -13.56 50.76
CA LEU B 840 -13.27 -14.67 51.70
C LEU B 840 -13.99 -14.39 53.01
N LEU B 841 -13.87 -13.17 53.52
CA LEU B 841 -14.55 -12.77 54.75
C LEU B 841 -15.94 -12.25 54.36
N THR B 842 -16.97 -13.02 54.70
CA THR B 842 -18.33 -12.60 54.38
C THR B 842 -18.74 -11.42 55.26
N ASP B 843 -19.88 -10.82 54.91
CA ASP B 843 -20.36 -9.66 55.66
C ASP B 843 -20.67 -10.03 57.11
N GLU B 844 -21.26 -11.21 57.33
CA GLU B 844 -21.57 -11.63 58.69
C GLU B 844 -20.31 -11.78 59.52
N MET B 845 -19.25 -12.37 58.96
CA MET B 845 -18.02 -12.54 59.72
C MET B 845 -17.28 -11.22 59.92
N ILE B 846 -17.37 -10.32 58.94
CA ILE B 846 -16.80 -8.98 59.14
C ILE B 846 -17.52 -8.26 60.28
N ALA B 847 -18.85 -8.38 60.30
CA ALA B 847 -19.61 -7.79 61.40
C ALA B 847 -19.25 -8.43 62.73
N GLN B 848 -19.00 -9.74 62.73
CA GLN B 848 -18.57 -10.42 63.95
C GLN B 848 -17.22 -9.90 64.42
N TYR B 849 -16.29 -9.68 63.49
CA TYR B 849 -14.99 -9.10 63.85
C TYR B 849 -15.16 -7.71 64.44
N THR B 850 -16.00 -6.88 63.82
CA THR B 850 -16.23 -5.54 64.36
C THR B 850 -16.87 -5.61 65.74
N SER B 851 -17.79 -6.56 65.94
CA SER B 851 -18.42 -6.72 67.25
C SER B 851 -17.40 -7.15 68.29
N ALA B 852 -16.48 -8.05 67.93
CA ALA B 852 -15.42 -8.43 68.87
C ALA B 852 -14.54 -7.24 69.21
N LEU B 853 -14.20 -6.43 68.21
CA LEU B 853 -13.40 -5.23 68.48
C LEU B 853 -14.15 -4.28 69.40
N LEU B 854 -15.45 -4.09 69.17
CA LEU B 854 -16.24 -3.21 70.02
C LEU B 854 -16.30 -3.72 71.45
N ALA B 855 -16.53 -5.02 71.61
CA ALA B 855 -16.59 -5.59 72.96
C ALA B 855 -15.27 -5.43 73.67
N GLY B 856 -14.16 -5.69 72.97
CA GLY B 856 -12.86 -5.51 73.57
C GLY B 856 -12.60 -4.07 73.98
N THR B 857 -12.94 -3.12 73.10
CA THR B 857 -12.64 -1.72 73.38
C THR B 857 -13.60 -1.09 74.39
N ILE B 858 -14.75 -1.72 74.66
CA ILE B 858 -15.66 -1.19 75.67
C ILE B 858 -15.59 -1.94 76.99
N THR B 859 -14.98 -3.13 77.04
CA THR B 859 -14.86 -3.86 78.29
C THR B 859 -13.42 -4.02 78.77
N SER B 860 -12.42 -3.68 77.96
CA SER B 860 -11.04 -3.86 78.36
C SER B 860 -10.14 -2.69 77.96
N GLY B 861 -10.69 -1.62 77.39
CA GLY B 861 -9.87 -0.49 76.99
C GLY B 861 -8.87 -0.90 75.92
N TRP B 862 -7.62 -0.52 76.13
CA TRP B 862 -6.53 -0.84 75.21
C TRP B 862 -5.79 -2.11 75.58
N THR B 863 -6.15 -2.74 76.71
CA THR B 863 -5.38 -3.91 77.16
C THR B 863 -5.52 -5.08 76.19
N PHE B 864 -6.70 -5.27 75.61
CA PHE B 864 -6.88 -6.38 74.68
C PHE B 864 -6.11 -6.17 73.38
N GLY B 865 -5.73 -4.94 73.07
CA GLY B 865 -4.93 -4.69 71.90
C GLY B 865 -3.44 -4.91 72.07
N ALA B 866 -2.98 -5.08 73.32
CA ALA B 866 -1.57 -5.31 73.60
C ALA B 866 -1.30 -6.75 74.00
N GLY B 867 -1.99 -7.25 75.02
CA GLY B 867 -1.83 -8.62 75.45
C GLY B 867 -3.16 -9.24 75.81
N PRO B 868 -3.23 -9.88 76.98
CA PRO B 868 -4.52 -10.40 77.44
C PRO B 868 -5.51 -9.28 77.71
N ALA B 869 -6.78 -9.59 77.50
CA ALA B 869 -7.84 -8.61 77.75
C ALA B 869 -8.05 -8.45 79.24
N LEU B 870 -7.80 -7.26 79.76
CA LEU B 870 -7.96 -6.96 81.17
C LEU B 870 -9.24 -6.17 81.37
N GLN B 871 -10.18 -6.75 82.13
CA GLN B 871 -11.46 -6.11 82.36
C GLN B 871 -11.26 -4.78 83.09
N ILE B 872 -11.93 -3.74 82.62
CA ILE B 872 -11.91 -2.42 83.26
C ILE B 872 -13.29 -1.83 83.13
N PRO B 873 -13.91 -1.38 84.23
CA PRO B 873 -15.22 -0.72 84.11
C PRO B 873 -15.13 0.51 83.22
N PHE B 874 -16.18 0.71 82.41
CA PHE B 874 -16.12 1.77 81.41
C PHE B 874 -15.90 3.17 81.97
N PRO B 875 -16.50 3.56 83.11
CA PRO B 875 -16.13 4.88 83.66
C PRO B 875 -14.64 5.00 83.95
N MET B 876 -14.02 3.92 84.46
CA MET B 876 -12.58 3.99 84.72
C MET B 876 -11.77 3.98 83.43
N GLN B 877 -12.26 3.29 82.39
CA GLN B 877 -11.61 3.37 81.09
C GLN B 877 -11.68 4.79 80.52
N MET B 878 -12.83 5.45 80.69
CA MET B 878 -12.96 6.83 80.25
C MET B 878 -12.03 7.74 81.06
N ALA B 879 -11.85 7.44 82.34
CA ALA B 879 -10.87 8.18 83.13
C ALA B 879 -9.46 7.97 82.59
N TYR B 880 -9.15 6.74 82.19
CA TYR B 880 -7.87 6.46 81.54
C TYR B 880 -7.69 7.33 80.30
N ARG B 881 -8.73 7.39 79.45
CA ARG B 881 -8.64 8.17 78.22
C ARG B 881 -8.49 9.66 78.52
N PHE B 882 -9.22 10.17 79.50
CA PHE B 882 -9.12 11.57 79.87
C PHE B 882 -7.73 11.91 80.37
N ASN B 883 -7.17 11.05 81.24
CA ASN B 883 -5.82 11.26 81.71
C ASN B 883 -4.82 11.19 80.57
N GLY B 884 -5.09 10.33 79.58
CA GLY B 884 -4.22 10.28 78.42
C GLY B 884 -4.22 11.56 77.62
N ILE B 885 -5.41 12.12 77.37
CA ILE B 885 -5.49 13.39 76.65
C ILE B 885 -4.99 14.56 77.48
N GLY B 886 -4.88 14.41 78.79
CA GLY B 886 -4.23 15.41 79.62
C GLY B 886 -5.11 16.11 80.62
N VAL B 887 -6.31 15.62 80.88
CA VAL B 887 -7.18 16.19 81.91
C VAL B 887 -7.42 15.12 82.97
N THR B 888 -7.56 15.57 84.21
CA THR B 888 -7.59 14.65 85.34
C THR B 888 -8.87 13.83 85.35
N GLN B 889 -8.86 12.75 86.15
CA GLN B 889 -10.00 11.85 86.22
C GLN B 889 -11.19 12.49 86.93
N ASN B 890 -10.92 13.45 87.81
CA ASN B 890 -12.00 14.07 88.57
C ASN B 890 -12.95 14.85 87.66
N VAL B 891 -12.44 15.41 86.57
CA VAL B 891 -13.31 16.14 85.64
C VAL B 891 -14.30 15.21 84.95
N LEU B 892 -13.98 13.92 84.86
CA LEU B 892 -14.93 12.93 84.37
C LEU B 892 -15.86 12.46 85.49
N TYR B 893 -15.28 12.03 86.61
CA TYR B 893 -16.10 11.45 87.67
C TYR B 893 -17.07 12.45 88.28
N GLU B 894 -16.79 13.76 88.16
CA GLU B 894 -17.68 14.76 88.70
C GLU B 894 -18.91 14.97 87.82
N ASN B 895 -18.79 14.73 86.52
CA ASN B 895 -19.90 14.89 85.59
C ASN B 895 -20.01 13.68 84.67
N GLN B 896 -19.95 12.50 85.27
CA GLN B 896 -20.06 11.26 84.49
C GLN B 896 -21.43 11.17 83.80
N LYS B 897 -22.49 11.56 84.49
CA LYS B 897 -23.82 11.54 83.89
C LYS B 897 -23.90 12.51 82.71
N LEU B 898 -23.33 13.71 82.87
CA LEU B 898 -23.33 14.67 81.77
C LEU B 898 -22.55 14.13 80.58
N ILE B 899 -21.40 13.48 80.84
CA ILE B 899 -20.62 12.92 79.75
C ILE B 899 -21.39 11.80 79.05
N ALA B 900 -22.07 10.95 79.83
CA ALA B 900 -22.85 9.88 79.23
C ALA B 900 -23.99 10.44 78.37
N ASN B 901 -24.66 11.48 78.87
CA ASN B 901 -25.73 12.11 78.10
C ASN B 901 -25.19 12.72 76.81
N GLN B 902 -24.04 13.39 76.88
CA GLN B 902 -23.43 13.95 75.68
C GLN B 902 -23.05 12.86 74.69
N PHE B 903 -22.51 11.75 75.19
CA PHE B 903 -22.15 10.62 74.34
C PHE B 903 -23.38 10.07 73.63
N ASN B 904 -24.47 9.87 74.37
CA ASN B 904 -25.69 9.34 73.78
C ASN B 904 -26.26 10.29 72.74
N SER B 905 -26.28 11.59 73.06
CA SER B 905 -26.78 12.58 72.10
C SER B 905 -25.92 12.60 70.85
N ALA B 906 -24.60 12.52 71.00
CA ALA B 906 -23.71 12.53 69.86
C ALA B 906 -23.91 11.29 68.99
N ILE B 907 -24.08 10.13 69.60
CA ILE B 907 -24.28 8.91 68.80
C ILE B 907 -25.63 8.96 68.09
N GLY B 908 -26.65 9.51 68.74
CA GLY B 908 -27.94 9.67 68.08
C GLY B 908 -27.86 10.64 66.93
N LYS B 909 -27.13 11.73 67.10
CA LYS B 909 -26.93 12.68 66.01
C LYS B 909 -26.14 12.06 64.87
N ILE B 910 -25.18 11.19 65.18
CA ILE B 910 -24.43 10.50 64.12
C ILE B 910 -25.37 9.61 63.31
N GLN B 911 -26.23 8.86 64.01
CA GLN B 911 -27.20 8.02 63.30
C GLN B 911 -28.15 8.86 62.45
N ASP B 912 -28.62 9.98 63.00
CA ASP B 912 -29.53 10.85 62.25
C ASP B 912 -28.85 11.44 61.04
N SER B 913 -27.58 11.84 61.17
CA SER B 913 -26.85 12.39 60.03
C SER B 913 -26.63 11.34 58.97
N LEU B 914 -26.33 10.10 59.38
CA LEU B 914 -26.19 9.03 58.39
C LEU B 914 -27.52 8.78 57.68
N PHE B 915 -28.63 8.85 58.41
CA PHE B 915 -29.94 8.71 57.79
C PHE B 915 -30.20 9.81 56.77
N SER B 916 -29.97 11.07 57.17
CA SER B 916 -30.38 12.20 56.34
C SER B 916 -29.45 12.39 55.14
N THR B 917 -28.15 12.28 55.35
CA THR B 917 -27.18 12.62 54.31
C THR B 917 -27.27 11.61 53.17
N PRO B 918 -27.41 12.05 51.92
CA PRO B 918 -27.50 11.11 50.80
C PRO B 918 -26.15 10.54 50.41
N SER B 919 -25.10 11.34 50.55
CA SER B 919 -23.76 10.96 50.10
C SER B 919 -22.76 11.04 51.25
N ALA B 920 -23.15 10.54 52.42
CA ALA B 920 -22.19 10.45 53.53
C ALA B 920 -21.16 9.36 53.27
N LEU B 921 -21.52 8.34 52.50
CA LEU B 921 -20.64 7.22 52.15
C LEU B 921 -20.02 7.42 50.78
N GLY B 922 -19.66 8.68 50.48
CA GLY B 922 -19.21 9.01 49.14
C GLY B 922 -17.99 8.23 48.70
N LYS B 923 -17.07 7.96 49.63
CA LYS B 923 -15.85 7.25 49.26
C LYS B 923 -16.14 5.82 48.84
N LEU B 924 -16.92 5.09 49.64
CA LEU B 924 -17.29 3.72 49.28
C LEU B 924 -18.12 3.69 48.00
N GLN B 925 -19.06 4.62 47.87
CA GLN B 925 -19.87 4.66 46.67
C GLN B 925 -19.02 4.96 45.44
N ASP B 926 -18.03 5.84 45.59
CA ASP B 926 -17.13 6.16 44.49
C ASP B 926 -16.30 4.96 44.09
N VAL B 927 -15.81 4.20 45.07
CA VAL B 927 -15.02 3.00 44.76
C VAL B 927 -15.89 1.99 44.01
N VAL B 928 -17.10 1.75 44.50
CA VAL B 928 -17.98 0.78 43.85
C VAL B 928 -18.35 1.23 42.45
N ASN B 929 -18.66 2.53 42.28
CA ASN B 929 -19.01 3.04 40.96
C ASN B 929 -17.82 3.00 40.02
N HIS B 930 -16.61 3.24 40.53
CA HIS B 930 -15.43 3.15 39.68
C HIS B 930 -15.24 1.74 39.17
N ASN B 931 -15.36 0.75 40.05
CA ASN B 931 -15.23 -0.64 39.61
C ASN B 931 -16.33 -1.00 38.62
N ALA B 932 -17.57 -0.61 38.90
CA ALA B 932 -18.68 -0.94 38.03
C ALA B 932 -18.52 -0.29 36.65
N GLN B 933 -18.08 0.96 36.61
CA GLN B 933 -17.92 1.64 35.33
C GLN B 933 -16.72 1.11 34.56
N ALA B 934 -15.65 0.71 35.25
CA ALA B 934 -14.55 0.07 34.55
C ALA B 934 -15.00 -1.25 33.91
N LEU B 935 -15.75 -2.05 34.67
CA LEU B 935 -16.28 -3.29 34.10
C LEU B 935 -17.22 -3.01 32.94
N ASN B 936 -18.08 -2.00 33.08
CA ASN B 936 -19.03 -1.68 32.02
C ASN B 936 -18.31 -1.25 30.74
N THR B 937 -17.29 -0.42 30.87
CA THR B 937 -16.52 -0.03 29.68
C THR B 937 -15.80 -1.23 29.09
N LEU B 938 -15.30 -2.13 29.93
CA LEU B 938 -14.67 -3.34 29.43
C LEU B 938 -15.64 -4.16 28.60
N VAL B 939 -16.87 -4.29 29.08
CA VAL B 939 -17.88 -5.02 28.31
C VAL B 939 -18.20 -4.29 27.01
N LYS B 940 -18.37 -2.97 27.10
CA LYS B 940 -18.74 -2.18 25.92
C LYS B 940 -17.64 -2.18 24.86
N GLN B 941 -16.40 -2.47 25.24
CA GLN B 941 -15.35 -2.60 24.24
C GLN B 941 -15.57 -3.77 23.29
N LEU B 942 -16.43 -4.72 23.67
CA LEU B 942 -16.69 -5.87 22.81
C LEU B 942 -17.54 -5.50 21.59
N SER B 943 -18.24 -4.38 21.62
CA SER B 943 -19.11 -3.96 20.53
C SER B 943 -18.41 -3.04 19.53
N SER B 944 -17.12 -2.78 19.70
CA SER B 944 -16.38 -1.90 18.81
C SER B 944 -15.73 -2.72 17.71
N LYS B 945 -15.87 -2.24 16.47
CA LYS B 945 -15.32 -2.97 15.33
C LYS B 945 -13.81 -2.98 15.32
N PHE B 946 -13.18 -1.98 15.94
CA PHE B 946 -11.72 -1.87 16.00
C PHE B 946 -11.11 -1.78 14.61
N GLY B 947 -11.85 -1.23 13.65
CA GLY B 947 -11.39 -1.14 12.28
C GLY B 947 -11.67 -2.35 11.42
N ALA B 948 -12.24 -3.41 11.99
CA ALA B 948 -12.56 -4.60 11.22
C ALA B 948 -13.95 -4.45 10.58
N ILE B 949 -14.38 -5.51 9.89
CA ILE B 949 -15.67 -5.46 9.22
C ILE B 949 -16.82 -5.48 10.22
N SER B 950 -16.69 -6.27 11.29
CA SER B 950 -17.75 -6.38 12.28
C SER B 950 -17.14 -6.68 13.63
N SER B 951 -17.91 -6.38 14.69
CA SER B 951 -17.45 -6.55 16.05
C SER B 951 -17.76 -7.92 16.64
N VAL B 952 -18.50 -8.76 15.93
CA VAL B 952 -18.84 -10.10 16.38
C VAL B 952 -17.98 -11.11 15.64
N LEU B 953 -17.32 -11.99 16.39
CA LEU B 953 -16.36 -12.90 15.79
C LEU B 953 -17.03 -13.98 14.94
N ASN B 954 -18.17 -14.49 15.40
CA ASN B 954 -18.80 -15.61 14.71
C ASN B 954 -19.23 -15.24 13.30
N ASP B 955 -19.81 -14.04 13.13
CA ASP B 955 -20.28 -13.64 11.81
C ASP B 955 -19.11 -13.51 10.83
N ILE B 956 -18.02 -12.85 11.26
CA ILE B 956 -16.90 -12.68 10.35
C ILE B 956 -16.21 -14.01 10.07
N LEU B 957 -16.17 -14.92 11.06
CA LEU B 957 -15.57 -16.22 10.84
C LEU B 957 -16.38 -17.05 9.86
N SER B 958 -17.71 -16.96 9.94
CA SER B 958 -18.57 -17.69 9.03
C SER B 958 -18.74 -17.01 7.68
N ARG B 959 -18.34 -15.74 7.55
CA ARG B 959 -18.50 -15.01 6.30
C ARG B 959 -17.19 -14.76 5.57
N LEU B 960 -16.04 -15.04 6.17
CA LEU B 960 -14.76 -14.80 5.51
C LEU B 960 -13.94 -16.07 5.47
N ASP B 961 -13.30 -16.30 4.33
CA ASP B 961 -12.36 -17.42 4.22
C ASP B 961 -11.21 -17.20 5.19
N PRO B 962 -10.68 -18.27 5.79
CA PRO B 962 -9.71 -18.10 6.89
C PRO B 962 -8.51 -17.25 6.51
N PRO B 963 -7.94 -17.39 5.30
CA PRO B 963 -6.80 -16.51 4.95
C PRO B 963 -7.12 -15.03 5.08
N GLU B 964 -8.30 -14.60 4.64
CA GLU B 964 -8.66 -13.20 4.77
C GLU B 964 -9.10 -12.87 6.19
N ALA B 965 -9.82 -13.80 6.84
CA ALA B 965 -10.32 -13.58 8.19
C ALA B 965 -9.20 -13.49 9.21
N GLU B 966 -7.99 -13.95 8.87
CA GLU B 966 -6.85 -13.75 9.76
C GLU B 966 -6.69 -12.28 10.13
N VAL B 967 -6.80 -11.39 9.14
CA VAL B 967 -6.57 -9.97 9.38
C VAL B 967 -7.64 -9.40 10.31
N GLN B 968 -8.91 -9.72 10.05
CA GLN B 968 -9.98 -9.18 10.87
C GLN B 968 -9.92 -9.74 12.29
N ILE B 969 -9.68 -11.05 12.43
CA ILE B 969 -9.55 -11.63 13.76
C ILE B 969 -8.37 -11.03 14.49
N ASP B 970 -7.26 -10.77 13.78
CA ASP B 970 -6.10 -10.16 14.42
C ASP B 970 -6.40 -8.74 14.89
N ARG B 971 -7.15 -7.99 14.08
CA ARG B 971 -7.55 -6.65 14.51
C ARG B 971 -8.42 -6.70 15.76
N LEU B 972 -9.37 -7.63 15.79
CA LEU B 972 -10.19 -7.80 17.00
C LEU B 972 -9.32 -8.23 18.18
N ILE B 973 -8.35 -9.12 17.94
CA ILE B 973 -7.46 -9.59 18.98
C ILE B 973 -6.71 -8.42 19.60
N THR B 974 -6.10 -7.59 18.76
CA THR B 974 -5.29 -6.50 19.28
C THR B 974 -6.15 -5.43 19.95
N GLY B 975 -7.36 -5.17 19.42
CA GLY B 975 -8.24 -4.22 20.09
C GLY B 975 -8.67 -4.71 21.46
N ARG B 976 -9.10 -5.97 21.55
CA ARG B 976 -9.51 -6.52 22.84
C ARG B 976 -8.33 -6.62 23.80
N LEU B 977 -7.14 -6.94 23.28
CA LEU B 977 -5.95 -7.00 24.12
C LEU B 977 -5.60 -5.64 24.68
N GLN B 978 -5.68 -4.60 23.85
CA GLN B 978 -5.42 -3.24 24.34
C GLN B 978 -6.45 -2.85 25.39
N SER B 979 -7.73 -3.17 25.15
CA SER B 979 -8.77 -2.84 26.13
C SER B 979 -8.53 -3.57 27.44
N LEU B 980 -8.18 -4.86 27.37
CA LEU B 980 -7.97 -5.65 28.58
C LEU B 980 -6.73 -5.19 29.32
N GLN B 981 -5.67 -4.83 28.60
CA GLN B 981 -4.48 -4.29 29.25
C GLN B 981 -4.78 -2.97 29.93
N THR B 982 -5.56 -2.10 29.28
CA THR B 982 -5.96 -0.85 29.91
C THR B 982 -6.76 -1.11 31.18
N TYR B 983 -7.71 -2.03 31.11
CA TYR B 983 -8.51 -2.36 32.29
C TYR B 983 -7.65 -2.92 33.41
N VAL B 984 -6.70 -3.79 33.08
CA VAL B 984 -5.87 -4.41 34.11
C VAL B 984 -4.94 -3.37 34.73
N THR B 985 -4.39 -2.46 33.92
CA THR B 985 -3.54 -1.41 34.47
C THR B 985 -4.33 -0.46 35.38
N GLN B 986 -5.54 -0.08 34.95
CA GLN B 986 -6.38 0.78 35.79
C GLN B 986 -6.78 0.05 37.06
N GLN B 987 -7.05 -1.26 36.97
CA GLN B 987 -7.38 -2.03 38.15
C GLN B 987 -6.19 -2.15 39.10
N LEU B 988 -4.97 -2.26 38.54
CA LEU B 988 -3.78 -2.28 39.38
C LEU B 988 -3.58 -0.96 40.10
N ILE B 989 -3.80 0.17 39.40
CA ILE B 989 -3.69 1.47 40.04
C ILE B 989 -4.73 1.63 41.14
N ARG B 990 -5.97 1.23 40.84
CA ARG B 990 -7.03 1.30 41.84
C ARG B 990 -6.76 0.37 43.01
N ALA B 991 -6.16 -0.79 42.75
CA ALA B 991 -5.81 -1.71 43.82
C ALA B 991 -4.70 -1.15 44.70
N ALA B 992 -3.74 -0.45 44.09
CA ALA B 992 -2.72 0.22 44.89
C ALA B 992 -3.34 1.30 45.78
N GLU B 993 -4.26 2.08 45.22
CA GLU B 993 -4.93 3.12 46.01
C GLU B 993 -5.74 2.49 47.14
N ILE B 994 -6.46 1.40 46.84
CA ILE B 994 -7.26 0.73 47.85
C ILE B 994 -6.37 0.08 48.91
N ARG B 995 -5.20 -0.42 48.50
CA ARG B 995 -4.25 -0.97 49.46
C ARG B 995 -3.72 0.12 50.39
N ALA B 996 -3.43 1.30 49.85
CA ALA B 996 -3.02 2.41 50.69
C ALA B 996 -4.13 2.80 51.67
N SER B 997 -5.37 2.85 51.18
CA SER B 997 -6.49 3.19 52.06
C SER B 997 -6.70 2.13 53.13
N ALA B 998 -6.50 0.85 52.77
CA ALA B 998 -6.67 -0.23 53.74
C ALA B 998 -5.55 -0.25 54.76
N ASN B 999 -4.33 0.08 54.35
CA ASN B 999 -3.25 0.24 55.31
C ASN B 999 -3.54 1.38 56.26
N LEU B 1000 -4.07 2.49 55.75
CA LEU B 1000 -4.46 3.60 56.62
C LEU B 1000 -5.57 3.17 57.57
N ALA B 1001 -6.54 2.40 57.09
CA ALA B 1001 -7.62 1.93 57.95
C ALA B 1001 -7.12 0.99 59.03
N ALA B 1002 -6.19 0.09 58.67
CA ALA B 1002 -5.61 -0.80 59.66
C ALA B 1002 -4.80 -0.03 60.69
N THR B 1003 -4.04 0.98 60.25
CA THR B 1003 -3.32 1.83 61.19
C THR B 1003 -4.27 2.54 62.14
N LYS B 1004 -5.36 3.09 61.60
CA LYS B 1004 -6.36 3.75 62.45
C LYS B 1004 -6.97 2.77 63.44
N MET B 1005 -7.32 1.57 62.98
CA MET B 1005 -7.85 0.56 63.88
C MET B 1005 -6.88 0.29 65.03
N SER B 1006 -5.62 0.00 64.68
CA SER B 1006 -4.63 -0.35 65.69
C SER B 1006 -4.38 0.79 66.65
N GLU B 1007 -4.39 2.03 66.15
CA GLU B 1007 -4.01 3.17 66.98
C GLU B 1007 -5.16 3.69 67.83
N CYS B 1008 -6.28 4.07 67.20
CA CYS B 1008 -7.38 4.71 67.93
C CYS B 1008 -8.54 3.75 68.19
N VAL B 1009 -8.36 2.45 68.00
CA VAL B 1009 -9.32 1.45 68.43
C VAL B 1009 -8.74 0.53 69.49
N LEU B 1010 -7.58 -0.06 69.21
CA LEU B 1010 -6.83 -0.80 70.21
C LEU B 1010 -5.90 0.14 70.99
N GLY B 1011 -6.47 1.23 71.50
CA GLY B 1011 -5.70 2.22 72.21
C GLY B 1011 -6.13 3.64 71.92
N GLN B 1012 -5.44 4.61 72.52
CA GLN B 1012 -5.73 6.02 72.31
C GLN B 1012 -4.55 6.65 71.56
N SER B 1013 -4.86 7.34 70.48
CA SER B 1013 -3.83 7.93 69.61
C SER B 1013 -3.60 9.38 70.01
N LYS B 1014 -2.36 9.69 70.40
CA LYS B 1014 -2.00 11.06 70.73
C LYS B 1014 -1.79 11.92 69.49
N ARG B 1015 -1.74 11.31 68.30
CA ARG B 1015 -1.60 12.06 67.05
C ARG B 1015 -2.85 12.90 66.85
N VAL B 1016 -2.72 14.22 67.03
CA VAL B 1016 -3.87 15.10 66.96
C VAL B 1016 -4.36 15.21 65.52
N ASP B 1017 -5.67 15.38 65.36
CA ASP B 1017 -6.35 15.51 64.07
C ASP B 1017 -6.16 14.28 63.19
N PHE B 1018 -5.72 13.16 63.77
CA PHE B 1018 -5.59 11.91 63.03
C PHE B 1018 -6.86 11.08 63.13
N CYS B 1019 -7.34 10.83 64.34
CA CYS B 1019 -8.56 10.07 64.58
C CYS B 1019 -9.59 11.03 65.15
N GLY B 1020 -10.32 11.71 64.27
CA GLY B 1020 -11.34 12.65 64.68
C GLY B 1020 -10.78 14.00 65.06
N LYS B 1021 -11.53 15.06 64.78
CA LYS B 1021 -11.11 16.40 65.14
C LYS B 1021 -11.18 16.59 66.64
N GLY B 1022 -10.12 17.14 67.22
CA GLY B 1022 -10.03 17.35 68.65
C GLY B 1022 -9.24 16.26 69.33
N TYR B 1023 -9.15 16.38 70.66
CA TYR B 1023 -8.44 15.39 71.46
C TYR B 1023 -9.20 14.06 71.41
N HIS B 1024 -8.51 13.01 70.97
CA HIS B 1024 -9.15 11.74 70.73
C HIS B 1024 -9.35 10.98 72.04
N LEU B 1025 -10.52 10.34 72.17
CA LEU B 1025 -10.83 9.49 73.31
C LEU B 1025 -10.89 8.01 72.92
N MET B 1026 -11.72 7.67 71.94
CA MET B 1026 -11.88 6.29 71.51
C MET B 1026 -12.56 6.30 70.15
N SER B 1027 -12.45 5.16 69.46
CA SER B 1027 -13.12 4.98 68.19
C SER B 1027 -13.78 3.61 68.15
N PHE B 1028 -14.87 3.51 67.39
CA PHE B 1028 -15.64 2.29 67.27
C PHE B 1028 -15.73 1.86 65.81
N PRO B 1029 -15.05 0.79 65.41
CA PRO B 1029 -15.16 0.34 64.02
C PRO B 1029 -16.57 -0.13 63.71
N GLN B 1030 -16.99 0.11 62.47
CA GLN B 1030 -18.30 -0.32 62.00
C GLN B 1030 -18.14 -0.97 60.64
N SER B 1031 -18.73 -2.15 60.48
CA SER B 1031 -18.65 -2.86 59.21
C SER B 1031 -19.43 -2.11 58.14
N ALA B 1032 -18.81 -1.93 56.97
CA ALA B 1032 -19.42 -1.25 55.85
C ALA B 1032 -19.17 -2.06 54.58
N PRO B 1033 -20.04 -1.94 53.59
CA PRO B 1033 -19.82 -2.68 52.33
C PRO B 1033 -18.54 -2.23 51.65
N HIS B 1034 -17.58 -3.14 51.56
CA HIS B 1034 -16.29 -2.89 50.94
C HIS B 1034 -15.58 -1.70 51.58
N GLY B 1035 -15.63 -1.63 52.90
CA GLY B 1035 -14.98 -0.56 53.62
C GLY B 1035 -15.23 -0.68 55.10
N VAL B 1036 -14.72 0.31 55.84
CA VAL B 1036 -14.91 0.38 57.28
C VAL B 1036 -15.31 1.80 57.64
N VAL B 1037 -16.03 1.94 58.75
CA VAL B 1037 -16.50 3.23 59.24
C VAL B 1037 -16.07 3.37 60.69
N PHE B 1038 -15.37 4.46 61.00
CA PHE B 1038 -14.91 4.73 62.36
C PHE B 1038 -15.76 5.81 62.99
N LEU B 1039 -16.13 5.59 64.25
CA LEU B 1039 -16.87 6.58 65.03
C LEU B 1039 -15.90 7.17 66.05
N HIS B 1040 -15.19 8.20 65.63
CA HIS B 1040 -14.11 8.80 66.42
C HIS B 1040 -14.73 9.62 67.54
N VAL B 1041 -14.83 9.04 68.73
CA VAL B 1041 -15.29 9.80 69.89
C VAL B 1041 -14.14 10.69 70.37
N THR B 1042 -14.35 11.99 70.32
CA THR B 1042 -13.30 12.95 70.59
C THR B 1042 -13.75 13.94 71.66
N TYR B 1043 -12.77 14.43 72.43
CA TYR B 1043 -12.99 15.45 73.45
C TYR B 1043 -12.74 16.80 72.81
N VAL B 1044 -13.78 17.62 72.71
CA VAL B 1044 -13.70 18.95 72.13
C VAL B 1044 -13.98 19.96 73.24
N PRO B 1045 -13.09 20.93 73.47
CA PRO B 1045 -13.34 21.94 74.49
C PRO B 1045 -14.58 22.77 74.17
N ALA B 1046 -14.94 23.63 75.11
CA ALA B 1046 -16.18 24.40 75.03
C ALA B 1046 -15.88 25.82 75.49
N GLN B 1047 -16.94 26.55 75.81
CA GLN B 1047 -16.86 27.96 76.19
C GLN B 1047 -15.65 28.26 77.04
N GLU B 1048 -14.88 29.28 76.64
CA GLU B 1048 -13.65 29.65 77.30
C GLU B 1048 -13.70 31.12 77.70
N LYS B 1049 -13.12 31.42 78.86
CA LYS B 1049 -13.02 32.80 79.34
C LYS B 1049 -11.56 33.08 79.66
N ASN B 1050 -11.00 34.10 79.03
CA ASN B 1050 -9.61 34.48 79.22
C ASN B 1050 -9.51 35.71 80.09
N PHE B 1051 -8.91 35.54 81.29
CA PHE B 1051 -8.77 36.63 82.25
C PHE B 1051 -7.37 37.23 82.23
N THR B 1052 -6.35 36.43 82.57
CA THR B 1052 -4.97 36.87 82.70
C THR B 1052 -4.10 35.65 83.01
N THR B 1053 -2.82 35.69 82.63
CA THR B 1053 -1.90 34.60 82.96
C THR B 1053 -0.54 35.18 83.30
N ALA B 1054 0.31 34.33 83.88
CA ALA B 1054 1.65 34.70 84.25
C ALA B 1054 2.54 33.47 84.11
N PRO B 1055 3.71 33.60 83.46
CA PRO B 1055 4.58 32.42 83.30
C PRO B 1055 5.04 31.81 84.62
N ALA B 1056 5.25 32.62 85.65
CA ALA B 1056 5.73 32.11 86.92
C ALA B 1056 5.22 33.00 88.05
N ILE B 1057 5.25 32.46 89.26
CA ILE B 1057 4.83 33.15 90.46
C ILE B 1057 6.03 33.32 91.37
N CYS B 1058 6.29 34.55 91.80
CA CYS B 1058 7.44 34.86 92.66
C CYS B 1058 6.93 34.98 94.09
N HIS B 1059 7.31 34.03 94.95
CA HIS B 1059 6.91 34.09 96.35
C HIS B 1059 7.84 35.00 97.14
N ASP B 1060 9.12 34.64 97.22
CA ASP B 1060 10.11 35.49 97.90
C ASP B 1060 11.45 35.25 97.22
N GLY B 1061 11.74 36.08 96.21
CA GLY B 1061 13.01 35.99 95.50
C GLY B 1061 13.20 34.68 94.77
N LYS B 1062 12.13 33.91 94.61
CA LYS B 1062 12.18 32.60 93.98
C LYS B 1062 11.05 32.49 92.96
N ALA B 1063 11.37 31.93 91.80
CA ALA B 1063 10.40 31.76 90.73
C ALA B 1063 9.72 30.40 90.87
N HIS B 1064 8.41 30.41 91.03
CA HIS B 1064 7.62 29.18 91.12
C HIS B 1064 6.91 28.95 89.79
N PHE B 1065 7.14 27.78 89.20
CA PHE B 1065 6.48 27.40 87.97
C PHE B 1065 5.48 26.28 88.23
N PRO B 1066 4.36 26.25 87.52
CA PRO B 1066 3.39 25.17 87.73
C PRO B 1066 3.96 23.82 87.34
N ARG B 1067 3.56 22.79 88.08
CA ARG B 1067 4.07 21.45 87.80
C ARG B 1067 3.37 20.84 86.59
N GLU B 1068 2.07 20.62 86.69
CA GLU B 1068 1.23 20.30 85.54
C GLU B 1068 0.06 21.28 85.56
N GLY B 1069 0.16 22.33 84.76
CA GLY B 1069 -0.88 23.32 84.69
C GLY B 1069 -0.29 24.69 84.37
N VAL B 1070 -1.14 25.71 84.51
CA VAL B 1070 -0.75 27.08 84.24
C VAL B 1070 -1.29 27.99 85.33
N PHE B 1071 -0.69 29.17 85.44
CA PHE B 1071 -1.08 30.15 86.44
C PHE B 1071 -2.08 31.12 85.82
N VAL B 1072 -3.33 31.03 86.24
CA VAL B 1072 -4.39 31.92 85.78
C VAL B 1072 -4.92 32.70 86.98
N SER B 1073 -5.66 33.76 86.69
CA SER B 1073 -6.18 34.64 87.72
C SER B 1073 -7.68 34.81 87.57
N ASN B 1074 -8.39 34.75 88.70
CA ASN B 1074 -9.80 35.14 88.72
C ASN B 1074 -9.98 36.58 88.27
N GLY B 1075 -8.95 37.41 88.46
CA GLY B 1075 -9.03 38.84 88.26
C GLY B 1075 -8.27 39.54 89.37
N THR B 1076 -8.26 38.92 90.55
CA THR B 1076 -7.53 39.43 91.71
C THR B 1076 -6.62 38.38 92.34
N HIS B 1077 -7.04 37.11 92.37
CA HIS B 1077 -6.29 36.03 93.00
C HIS B 1077 -5.77 35.08 91.93
N TRP B 1078 -4.48 34.74 92.02
CA TRP B 1078 -3.88 33.83 91.06
C TRP B 1078 -4.14 32.38 91.46
N PHE B 1079 -4.40 31.54 90.46
CA PHE B 1079 -4.70 30.14 90.68
C PHE B 1079 -3.95 29.28 89.67
N VAL B 1080 -3.72 28.03 90.02
CA VAL B 1080 -3.16 27.04 89.11
C VAL B 1080 -4.28 26.09 88.70
N THR B 1081 -4.31 25.73 87.42
CA THR B 1081 -5.40 24.93 86.89
C THR B 1081 -4.87 24.07 85.74
N GLN B 1082 -5.62 23.03 85.42
CA GLN B 1082 -5.25 22.13 84.34
C GLN B 1082 -5.23 22.85 83.00
N ARG B 1083 -4.44 22.31 82.08
CA ARG B 1083 -4.24 22.96 80.79
C ARG B 1083 -5.53 23.02 79.98
N ASN B 1084 -6.28 21.92 79.94
CA ASN B 1084 -7.43 21.80 79.05
C ASN B 1084 -8.76 21.94 79.76
N PHE B 1085 -8.76 22.33 81.03
CA PHE B 1085 -10.02 22.53 81.75
C PHE B 1085 -9.79 23.53 82.86
N TYR B 1086 -10.84 24.30 83.16
CA TYR B 1086 -10.78 25.30 84.23
C TYR B 1086 -11.16 24.63 85.53
N GLU B 1087 -10.15 24.19 86.28
CA GLU B 1087 -10.33 23.67 87.63
C GLU B 1087 -9.35 24.39 88.55
N PRO B 1088 -9.63 25.65 88.85
CA PRO B 1088 -8.67 26.46 89.62
C PRO B 1088 -8.44 25.88 91.01
N GLN B 1089 -7.20 25.96 91.46
CA GLN B 1089 -6.81 25.55 92.79
C GLN B 1089 -5.91 26.60 93.39
N ILE B 1090 -5.87 26.66 94.73
CA ILE B 1090 -4.97 27.58 95.40
C ILE B 1090 -3.53 27.18 95.08
N ILE B 1091 -2.63 28.17 95.08
CA ILE B 1091 -1.25 27.92 94.67
C ILE B 1091 -0.47 27.35 95.85
N THR B 1092 -0.51 26.03 95.99
CA THR B 1092 0.23 25.34 97.04
C THR B 1092 1.63 25.01 96.56
N THR B 1093 2.54 24.80 97.51
CA THR B 1093 3.91 24.44 97.15
C THR B 1093 3.99 23.06 96.52
N ASP B 1094 2.92 22.24 96.65
CA ASP B 1094 2.89 20.95 95.99
C ASP B 1094 2.44 21.04 94.54
N ASN B 1095 1.72 22.09 94.17
CA ASN B 1095 1.30 22.28 92.79
C ASN B 1095 2.37 22.92 91.93
N THR B 1096 3.42 23.48 92.53
CA THR B 1096 4.46 24.20 91.80
C THR B 1096 5.84 23.68 92.21
N PHE B 1097 6.77 23.74 91.26
CA PHE B 1097 8.17 23.48 91.54
C PHE B 1097 8.97 24.76 91.34
N VAL B 1098 9.88 25.03 92.27
CA VAL B 1098 10.62 26.29 92.29
C VAL B 1098 12.04 26.05 91.79
N SER B 1099 12.43 26.80 90.77
CA SER B 1099 13.81 26.78 90.29
C SER B 1099 14.06 28.11 89.56
N GLY B 1100 14.71 29.03 90.25
CA GLY B 1100 14.98 30.33 89.65
C GLY B 1100 15.40 31.34 90.70
N ASN B 1101 15.40 32.60 90.29
CA ASN B 1101 15.83 33.69 91.16
C ASN B 1101 14.93 34.91 91.06
N CYS B 1102 13.73 34.79 90.47
CA CYS B 1102 12.73 35.85 90.37
C CYS B 1102 13.16 37.00 89.48
N ASP B 1103 14.37 36.97 88.92
CA ASP B 1103 14.89 38.09 88.13
C ASP B 1103 14.98 37.78 86.64
N VAL B 1104 15.46 36.60 86.26
CA VAL B 1104 15.65 36.31 84.85
C VAL B 1104 14.36 35.89 84.16
N VAL B 1105 13.33 35.54 84.93
CA VAL B 1105 12.04 35.16 84.34
C VAL B 1105 11.32 36.43 83.89
N ILE B 1106 10.96 36.49 82.62
CA ILE B 1106 10.28 37.65 82.06
C ILE B 1106 8.78 37.44 82.18
N GLY B 1107 8.08 38.44 82.70
CA GLY B 1107 6.65 38.35 82.90
C GLY B 1107 6.23 37.74 84.21
N ILE B 1108 7.16 37.52 85.15
CA ILE B 1108 6.79 36.93 86.43
C ILE B 1108 5.87 37.88 87.20
N VAL B 1109 5.05 37.30 88.07
CA VAL B 1109 4.04 38.05 88.82
C VAL B 1109 4.18 37.70 90.29
N ASN B 1110 4.21 38.73 91.14
CA ASN B 1110 4.28 38.51 92.57
C ASN B 1110 2.99 37.88 93.10
N ASN B 1111 3.14 36.89 93.97
CA ASN B 1111 1.99 36.25 94.61
C ASN B 1111 2.49 35.47 95.82
N THR B 1112 1.55 34.99 96.61
CA THR B 1112 1.84 34.22 97.81
C THR B 1112 1.52 32.76 97.55
N VAL B 1113 2.48 31.88 97.85
CA VAL B 1113 2.31 30.44 97.68
C VAL B 1113 2.16 29.82 99.06
N TYR B 1114 1.01 29.21 99.32
CA TYR B 1114 0.74 28.61 100.61
C TYR B 1114 1.49 27.30 100.76
N ASP B 1115 1.66 26.87 102.01
CA ASP B 1115 2.40 25.65 102.30
C ASP B 1115 1.80 24.97 103.53
N PRO B 1116 1.24 23.77 103.39
CA PRO B 1116 0.67 23.07 104.55
C PRO B 1116 1.70 22.77 105.62
N LEU B 1117 2.96 22.54 105.25
CA LEU B 1117 3.99 22.28 106.24
C LEU B 1117 4.19 23.47 107.16
N GLN B 1118 4.16 24.68 106.60
CA GLN B 1118 4.21 25.89 107.43
C GLN B 1118 2.89 26.14 108.14
N LEU B 1119 1.76 25.76 107.53
CA LEU B 1119 0.47 25.97 108.16
C LEU B 1119 0.33 25.15 109.44
N GLU B 1120 0.80 23.90 109.41
CA GLU B 1120 0.71 23.04 110.59
C GLU B 1120 1.73 23.46 111.64
N THR C 1 51.52 19.43 -9.67
CA THR C 1 51.98 19.72 -8.32
C THR C 1 50.80 19.84 -7.36
N THR C 2 50.32 18.70 -6.87
CA THR C 2 49.18 18.64 -5.96
C THR C 2 49.62 17.92 -4.69
N THR C 3 49.44 18.58 -3.54
CA THR C 3 49.78 17.97 -2.27
C THR C 3 48.65 17.07 -1.78
N GLN C 4 48.97 16.23 -0.78
CA GLN C 4 47.97 15.33 -0.21
C GLN C 4 48.10 15.28 1.32
N SER C 5 48.53 16.37 1.94
CA SER C 5 48.66 16.41 3.38
C SER C 5 47.28 16.28 4.05
N TYR C 6 47.27 15.72 5.24
CA TYR C 6 46.04 15.43 5.96
C TYR C 6 45.85 16.42 7.10
N THR C 7 44.63 16.97 7.20
CA THR C 7 44.29 17.92 8.24
C THR C 7 43.00 17.46 8.94
N ASN C 8 42.81 17.95 10.16
CA ASN C 8 41.63 17.61 10.93
C ASN C 8 40.45 18.47 10.49
N SER C 9 39.28 17.84 10.39
CA SER C 9 38.09 18.55 9.92
C SER C 9 37.61 19.61 10.90
N PHE C 10 37.98 19.51 12.17
CA PHE C 10 37.61 20.47 13.21
C PHE C 10 36.08 20.55 13.27
N THR C 11 35.54 21.67 13.77
CA THR C 11 34.10 21.88 13.90
C THR C 11 33.65 22.73 12.71
N ARG C 12 33.58 22.10 11.53
CA ARG C 12 33.17 22.77 10.32
C ARG C 12 32.30 21.83 9.49
N GLY C 13 31.60 22.40 8.51
CA GLY C 13 30.82 21.61 7.59
C GLY C 13 29.38 21.36 8.00
N VAL C 14 28.85 22.13 8.94
CA VAL C 14 27.46 21.97 9.38
C VAL C 14 26.56 22.80 8.49
N TYR C 15 25.61 22.14 7.84
CA TYR C 15 24.65 22.78 6.96
C TYR C 15 23.23 22.58 7.48
N TYR C 16 22.32 23.42 7.03
CA TYR C 16 20.94 23.31 7.43
C TYR C 16 20.31 22.08 6.79
N PRO C 17 19.80 21.12 7.57
CA PRO C 17 19.23 19.91 6.96
C PRO C 17 18.00 20.16 6.12
N ASP C 18 17.31 21.29 6.32
CA ASP C 18 16.10 21.60 5.58
C ASP C 18 15.88 23.11 5.63
N LYS C 19 14.73 23.56 5.13
CA LYS C 19 14.37 24.97 5.11
C LYS C 19 13.42 25.34 6.24
N VAL C 20 13.62 24.73 7.41
CA VAL C 20 12.73 24.90 8.56
C VAL C 20 13.37 25.89 9.52
N PHE C 21 12.61 26.90 9.92
CA PHE C 21 13.08 27.90 10.86
C PHE C 21 12.84 27.43 12.30
N ARG C 22 13.87 27.58 13.14
CA ARG C 22 13.77 27.25 14.55
C ARG C 22 14.45 28.35 15.35
N SER C 23 13.81 28.79 16.43
CA SER C 23 14.30 29.88 17.26
C SER C 23 14.59 29.34 18.66
N SER C 24 15.84 29.47 19.09
CA SER C 24 16.28 29.01 20.41
C SER C 24 15.95 27.52 20.61
N VAL C 25 16.25 26.72 19.60
CA VAL C 25 15.95 25.30 19.60
C VAL C 25 17.24 24.53 19.42
N LEU C 26 17.37 23.41 20.13
CA LEU C 26 18.51 22.51 20.02
C LEU C 26 18.09 21.21 19.33
N HIS C 27 17.29 21.34 18.28
CA HIS C 27 16.70 20.19 17.61
C HIS C 27 17.76 19.21 17.13
N LEU C 28 17.54 17.92 17.39
CA LEU C 28 18.47 16.86 17.03
C LEU C 28 18.15 16.38 15.62
N THR C 29 19.16 16.39 14.76
CA THR C 29 18.99 16.03 13.35
C THR C 29 19.82 14.80 13.03
N GLN C 30 19.20 13.84 12.34
CA GLN C 30 19.89 12.65 11.83
C GLN C 30 20.00 12.83 10.32
N ASP C 31 21.15 13.32 9.86
CA ASP C 31 21.34 13.65 8.46
C ASP C 31 22.79 13.42 8.09
N LEU C 32 23.03 13.27 6.78
CA LEU C 32 24.38 13.10 6.26
C LEU C 32 25.22 14.33 6.58
N PHE C 33 26.21 14.18 7.44
CA PHE C 33 27.02 15.29 7.91
C PHE C 33 28.49 14.91 7.88
N LEU C 34 29.34 15.93 7.80
CA LEU C 34 30.78 15.73 7.91
C LEU C 34 31.14 15.47 9.37
N PRO C 35 31.78 14.34 9.69
CA PRO C 35 32.10 14.05 11.09
C PRO C 35 33.00 15.12 11.70
N PHE C 36 32.76 15.41 12.96
CA PHE C 36 33.59 16.37 13.68
C PHE C 36 34.98 15.77 13.91
N PHE C 37 36.01 16.60 13.75
CA PHE C 37 37.40 16.19 13.91
C PHE C 37 37.74 15.00 13.04
N SER C 38 37.23 15.02 11.80
CA SER C 38 37.49 13.95 10.86
C SER C 38 38.71 14.29 10.01
N ASN C 39 39.01 13.42 9.05
CA ASN C 39 40.16 13.59 8.16
C ASN C 39 39.69 14.17 6.83
N VAL C 40 40.24 15.31 6.46
CA VAL C 40 39.94 15.96 5.18
C VAL C 40 41.21 16.03 4.36
N THR C 41 41.13 15.59 3.11
CA THR C 41 42.29 15.57 2.22
C THR C 41 42.55 16.98 1.69
N TRP C 42 43.74 17.49 1.99
CA TRP C 42 44.13 18.83 1.55
C TRP C 42 44.96 18.70 0.27
N PHE C 43 44.50 19.34 -0.80
CA PHE C 43 45.16 19.28 -2.09
C PHE C 43 45.74 20.64 -2.46
N HIS C 44 46.46 20.67 -3.57
CA HIS C 44 47.07 21.89 -4.08
C HIS C 44 46.93 21.92 -5.60
N ALA C 45 47.06 23.11 -6.16
CA ALA C 45 46.92 23.29 -7.62
C ALA C 45 47.98 24.26 -8.10
N ILE C 46 48.84 23.79 -9.00
CA ILE C 46 49.86 24.64 -9.59
C ILE C 46 49.91 24.41 -11.09
N ASP C 58 47.24 15.96 -11.78
CA ASP C 58 46.48 16.88 -12.63
C ASP C 58 44.99 16.76 -12.36
N ASN C 59 44.57 17.27 -11.20
CA ASN C 59 43.16 17.24 -10.77
C ASN C 59 42.64 15.82 -10.75
N PRO C 60 43.09 14.98 -9.81
CA PRO C 60 42.67 13.58 -9.80
C PRO C 60 41.17 13.44 -9.53
N VAL C 61 40.59 12.37 -10.07
CA VAL C 61 39.17 12.10 -9.89
C VAL C 61 38.95 11.54 -8.50
N LEU C 62 38.03 12.15 -7.75
CA LEU C 62 37.73 11.72 -6.40
C LEU C 62 36.39 11.00 -6.33
N PRO C 63 36.30 9.89 -5.59
CA PRO C 63 35.04 9.17 -5.50
C PRO C 63 33.97 9.97 -4.77
N PHE C 64 32.71 9.75 -5.17
CA PHE C 64 31.56 10.41 -4.58
C PHE C 64 30.67 9.34 -3.96
N ASN C 65 30.41 9.46 -2.67
CA ASN C 65 29.54 8.51 -1.98
C ASN C 65 28.92 9.21 -0.77
N ASP C 66 27.59 9.25 -0.73
CA ASP C 66 26.85 9.85 0.38
C ASP C 66 27.22 11.31 0.60
N GLY C 67 27.54 12.02 -0.48
CA GLY C 67 27.87 13.43 -0.40
C GLY C 67 29.35 13.68 -0.21
N VAL C 68 29.75 14.93 -0.46
CA VAL C 68 31.13 15.35 -0.31
C VAL C 68 31.15 16.81 0.12
N TYR C 69 32.01 17.14 1.06
CA TYR C 69 32.20 18.50 1.54
C TYR C 69 33.43 19.10 0.87
N PHE C 70 33.24 20.15 0.09
CA PHE C 70 34.32 20.78 -0.67
C PHE C 70 34.55 22.19 -0.16
N ALA C 71 35.81 22.50 0.14
CA ALA C 71 36.21 23.82 0.61
C ALA C 71 37.42 24.30 -0.18
N SER C 72 37.44 25.58 -0.51
CA SER C 72 38.52 26.16 -1.28
C SER C 72 38.91 27.51 -0.68
N THR C 73 40.16 27.90 -0.91
CA THR C 73 40.66 29.18 -0.41
C THR C 73 41.72 29.68 -1.39
N GLU C 74 41.40 30.74 -2.12
CA GLU C 74 42.31 31.31 -3.12
C GLU C 74 42.39 32.81 -2.95
N LYS C 75 43.41 33.41 -3.57
CA LYS C 75 43.58 34.85 -3.49
C LYS C 75 42.47 35.58 -4.25
N SER C 76 42.38 35.33 -5.56
CA SER C 76 41.33 35.91 -6.38
C SER C 76 40.41 34.87 -6.98
N ASN C 77 40.96 33.87 -7.68
CA ASN C 77 40.15 32.83 -8.29
C ASN C 77 41.02 31.65 -8.72
N ILE C 78 40.67 30.44 -8.27
CA ILE C 78 41.41 29.25 -8.64
C ILE C 78 40.54 28.13 -9.18
N ILE C 79 39.23 28.12 -8.93
CA ILE C 79 38.34 27.06 -9.38
C ILE C 79 37.22 27.70 -10.20
N ARG C 80 36.94 27.13 -11.37
CA ARG C 80 35.91 27.67 -12.25
C ARG C 80 34.69 26.76 -12.38
N GLY C 81 34.71 25.57 -11.79
CA GLY C 81 33.56 24.70 -11.87
C GLY C 81 33.82 23.34 -11.28
N TRP C 82 32.80 22.50 -11.35
CA TRP C 82 32.83 21.13 -10.87
C TRP C 82 32.18 20.22 -11.90
N ILE C 83 32.60 18.95 -11.91
CA ILE C 83 32.05 17.92 -12.78
C ILE C 83 31.52 16.78 -11.94
N PHE C 84 30.28 16.37 -12.21
CA PHE C 84 29.69 15.19 -11.61
C PHE C 84 29.33 14.20 -12.72
N GLY C 85 28.67 13.12 -12.36
CA GLY C 85 28.24 12.12 -13.30
C GLY C 85 28.99 10.81 -13.13
N THR C 86 29.01 10.03 -14.22
CA THR C 86 29.63 8.72 -14.22
C THR C 86 30.45 8.54 -15.49
N THR C 87 31.67 8.03 -15.34
CA THR C 87 32.55 7.64 -16.45
C THR C 87 32.96 8.82 -17.33
N LEU C 88 32.52 10.03 -16.98
CA LEU C 88 32.88 11.29 -17.64
C LEU C 88 32.91 11.19 -19.16
N ASP C 89 31.98 10.44 -19.75
CA ASP C 89 31.94 10.27 -21.20
C ASP C 89 30.48 10.34 -21.65
N SER C 90 30.26 10.03 -22.92
CA SER C 90 28.92 10.11 -23.52
C SER C 90 28.16 8.80 -23.38
N LYS C 91 28.08 8.29 -22.15
CA LYS C 91 27.31 7.09 -21.84
C LYS C 91 26.13 7.40 -20.94
N THR C 92 26.37 8.03 -19.80
CA THR C 92 25.34 8.43 -18.85
C THR C 92 25.37 9.95 -18.70
N GLN C 93 24.46 10.46 -17.86
CA GLN C 93 24.37 11.89 -17.65
C GLN C 93 25.51 12.39 -16.78
N SER C 94 26.17 13.45 -17.22
CA SER C 94 27.25 14.10 -16.47
C SER C 94 26.86 15.54 -16.22
N LEU C 95 26.96 15.98 -14.97
CA LEU C 95 26.50 17.29 -14.54
C LEU C 95 27.68 18.24 -14.44
N LEU C 96 27.45 19.50 -14.78
CA LEU C 96 28.52 20.49 -14.95
C LEU C 96 28.19 21.73 -14.12
N ILE C 97 29.16 22.23 -13.37
CA ILE C 97 28.97 23.38 -12.49
C ILE C 97 29.95 24.50 -12.85
N VAL C 98 30.27 24.64 -14.14
CA VAL C 98 31.18 25.70 -14.55
C VAL C 98 30.50 27.05 -14.34
N ASN C 99 31.25 28.00 -13.78
CA ASN C 99 30.76 29.33 -13.48
C ASN C 99 31.72 30.37 -14.03
N ASN C 100 31.25 31.61 -14.13
CA ASN C 100 32.09 32.73 -14.50
C ASN C 100 31.68 33.95 -13.68
N ALA C 101 32.17 35.12 -14.08
CA ALA C 101 31.99 36.32 -13.26
C ALA C 101 30.56 36.85 -13.27
N THR C 102 29.70 36.36 -14.13
CA THR C 102 28.36 36.94 -14.21
C THR C 102 27.24 35.93 -14.01
N ASN C 103 27.37 34.72 -14.55
CA ASN C 103 26.32 33.72 -14.45
C ASN C 103 26.97 32.35 -14.22
N VAL C 104 26.17 31.30 -14.39
CA VAL C 104 26.62 29.92 -14.29
C VAL C 104 26.08 29.15 -15.49
N PHE C 105 26.60 27.95 -15.68
CA PHE C 105 26.21 27.07 -16.77
C PHE C 105 25.80 25.70 -16.23
N ILE C 106 24.92 25.70 -15.24
CA ILE C 106 24.54 24.45 -14.58
C ILE C 106 23.64 23.65 -15.51
N LYS C 107 24.24 22.67 -16.21
CA LYS C 107 23.52 21.80 -17.12
C LYS C 107 24.10 20.39 -17.03
N VAL C 108 23.24 19.39 -16.94
CA VAL C 108 23.66 18.00 -16.96
C VAL C 108 23.51 17.47 -18.38
N CYS C 109 24.56 16.83 -18.89
CA CYS C 109 24.57 16.36 -20.26
C CYS C 109 25.47 15.11 -20.32
N GLU C 110 25.88 14.74 -21.53
CA GLU C 110 26.67 13.54 -21.78
C GLU C 110 27.96 13.90 -22.52
N PHE C 111 28.69 14.88 -21.98
CA PHE C 111 29.91 15.35 -22.62
C PHE C 111 30.90 14.20 -22.80
N GLN C 112 31.60 14.22 -23.93
CA GLN C 112 32.50 13.11 -24.26
C GLN C 112 33.81 13.20 -23.50
N PHE C 113 34.58 14.25 -23.73
CA PHE C 113 35.89 14.39 -23.10
C PHE C 113 36.43 15.80 -23.37
N CYS C 114 37.10 16.36 -22.38
CA CYS C 114 37.82 17.62 -22.53
C CYS C 114 39.32 17.47 -22.32
N ASN C 115 39.73 16.90 -21.19
CA ASN C 115 41.14 16.65 -20.88
C ASN C 115 41.96 17.93 -20.91
N ASP C 116 41.34 19.06 -20.64
CA ASP C 116 42.03 20.34 -20.62
C ASP C 116 41.28 21.37 -19.77
N GLY C 136 35.05 25.33 -24.31
CA GLY C 136 35.85 24.33 -25.00
C GLY C 136 36.03 23.05 -24.20
N VAL C 137 35.11 22.82 -23.26
CA VAL C 137 35.15 21.64 -22.39
C VAL C 137 34.14 20.59 -22.84
N TYR C 138 32.89 21.01 -23.06
CA TYR C 138 31.85 20.09 -23.48
C TYR C 138 31.90 19.88 -24.97
N SER C 139 31.92 18.61 -25.39
CA SER C 139 32.03 18.25 -26.80
C SER C 139 30.88 17.37 -27.29
N SER C 140 29.96 16.99 -26.41
CA SER C 140 28.83 16.14 -26.81
C SER C 140 27.66 16.44 -25.88
N ALA C 141 26.72 17.24 -26.36
CA ALA C 141 25.49 17.56 -25.63
C ALA C 141 24.29 16.85 -26.26
N ASN C 142 24.48 15.60 -26.69
CA ASN C 142 23.47 14.90 -27.46
C ASN C 142 22.23 14.60 -26.63
N ASN C 143 22.39 13.82 -25.56
CA ASN C 143 21.24 13.27 -24.82
C ASN C 143 21.13 14.02 -23.49
N CYS C 144 20.42 15.14 -23.50
CA CYS C 144 20.13 15.89 -22.29
C CYS C 144 19.07 16.95 -22.59
N THR C 145 18.17 17.16 -21.64
CA THR C 145 17.11 18.16 -21.77
C THR C 145 17.00 19.05 -20.54
N PHE C 146 18.07 19.12 -19.73
CA PHE C 146 18.06 19.90 -18.50
C PHE C 146 19.04 21.06 -18.64
N GLU C 147 18.57 22.26 -18.26
CA GLU C 147 19.42 23.45 -18.26
C GLU C 147 19.07 24.29 -17.04
N TYR C 148 20.03 25.11 -16.62
CA TYR C 148 19.82 25.96 -15.46
C TYR C 148 20.86 27.08 -15.48
N VAL C 149 20.45 28.27 -15.06
CA VAL C 149 21.32 29.44 -14.98
C VAL C 149 20.87 30.29 -13.81
N SER C 150 21.83 30.88 -13.11
CA SER C 150 21.55 31.70 -11.92
C SER C 150 22.81 32.50 -11.59
N GLN C 151 22.81 33.13 -10.42
CA GLN C 151 23.95 33.92 -9.98
C GLN C 151 25.17 33.03 -9.78
N PRO C 152 26.37 33.56 -10.01
CA PRO C 152 27.58 32.76 -9.78
C PRO C 152 27.72 32.34 -8.31
N PHE C 153 28.27 31.15 -8.11
CA PHE C 153 28.46 30.61 -6.77
C PHE C 153 29.73 31.09 -6.08
N LEU C 154 30.58 31.81 -6.80
CA LEU C 154 31.84 32.31 -6.25
C LEU C 154 31.76 33.83 -6.13
N MET C 155 32.14 34.34 -4.96
CA MET C 155 32.19 35.78 -4.74
C MET C 155 33.64 36.27 -4.76
N ASP C 156 33.79 37.59 -4.76
CA ASP C 156 35.10 38.21 -4.71
C ASP C 156 34.95 39.60 -4.11
N LEU C 157 35.41 39.78 -2.88
CA LEU C 157 35.32 41.07 -2.20
C LEU C 157 36.60 41.25 -1.39
N GLU C 158 37.55 42.00 -1.94
CA GLU C 158 38.82 42.29 -1.28
C GLU C 158 38.90 43.78 -1.00
N GLY C 159 39.27 44.13 0.23
CA GLY C 159 39.38 45.51 0.63
C GLY C 159 40.67 46.15 0.16
N LYS C 160 40.84 46.27 -1.16
CA LYS C 160 42.00 46.88 -1.80
C LYS C 160 43.29 46.12 -1.52
N GLN C 161 43.21 44.91 -0.99
CA GLN C 161 44.40 44.14 -0.64
C GLN C 161 44.08 42.66 -0.70
N GLY C 162 45.13 41.86 -0.81
CA GLY C 162 45.00 40.42 -0.81
C GLY C 162 44.90 39.78 0.56
N ASN C 163 44.94 40.59 1.62
CA ASN C 163 44.84 40.03 2.97
C ASN C 163 43.49 39.35 3.21
N PHE C 164 42.44 39.81 2.53
CA PHE C 164 41.11 39.21 2.66
C PHE C 164 41.04 37.99 1.73
N LYS C 165 41.77 36.94 2.11
CA LYS C 165 41.80 35.72 1.33
C LYS C 165 40.43 35.05 1.35
N ASN C 166 39.83 34.89 0.17
CA ASN C 166 38.48 34.35 0.08
C ASN C 166 38.47 32.87 0.47
N LEU C 167 37.45 32.48 1.22
CA LEU C 167 37.25 31.10 1.63
C LEU C 167 35.81 30.69 1.29
N ARG C 168 35.65 29.55 0.63
CA ARG C 168 34.36 29.07 0.20
C ARG C 168 34.19 27.62 0.63
N GLU C 169 32.99 27.28 1.10
CA GLU C 169 32.64 25.93 1.52
C GLU C 169 31.39 25.47 0.77
N PHE C 170 31.40 24.22 0.33
CA PHE C 170 30.27 23.68 -0.43
C PHE C 170 30.01 22.24 0.00
N VAL C 171 28.75 21.85 -0.05
CA VAL C 171 28.33 20.48 0.22
C VAL C 171 27.39 20.04 -0.90
N PHE C 172 27.69 18.89 -1.51
CA PHE C 172 26.92 18.37 -2.62
C PHE C 172 26.28 17.04 -2.21
N LYS C 173 24.97 16.94 -2.40
CA LYS C 173 24.23 15.72 -2.08
C LYS C 173 23.28 15.39 -3.22
N ASN C 174 23.00 14.10 -3.39
CA ASN C 174 22.14 13.61 -4.45
C ASN C 174 21.17 12.56 -3.90
N ILE C 175 20.53 12.87 -2.78
CA ILE C 175 19.56 11.95 -2.20
C ILE C 175 18.29 11.97 -3.05
N ASP C 176 17.80 10.78 -3.39
CA ASP C 176 16.68 10.57 -4.33
C ASP C 176 16.74 11.55 -5.51
N GLY C 177 17.87 11.54 -6.20
CA GLY C 177 18.14 12.56 -7.19
C GLY C 177 18.23 13.90 -6.49
N TYR C 178 17.42 14.86 -6.96
CA TYR C 178 17.16 16.11 -6.26
C TYR C 178 18.44 16.74 -5.71
N PHE C 179 19.32 17.11 -6.64
CA PHE C 179 20.64 17.60 -6.27
C PHE C 179 20.53 18.86 -5.41
N LYS C 180 21.26 18.87 -4.29
CA LYS C 180 21.20 19.96 -3.32
C LYS C 180 22.60 20.49 -3.06
N ILE C 181 22.73 21.82 -3.07
CA ILE C 181 24.00 22.49 -2.82
C ILE C 181 23.82 23.44 -1.65
N TYR C 182 24.72 23.36 -0.67
CA TYR C 182 24.77 24.31 0.43
C TYR C 182 26.12 25.02 0.41
N SER C 183 26.12 26.30 0.78
CA SER C 183 27.33 27.09 0.66
C SER C 183 27.36 28.17 1.74
N LYS C 184 28.57 28.64 2.03
CA LYS C 184 28.79 29.76 2.93
C LYS C 184 30.16 30.35 2.63
N HIS C 185 30.20 31.65 2.35
CA HIS C 185 31.40 32.33 1.90
C HIS C 185 31.86 33.30 2.98
N THR C 186 32.98 32.99 3.62
CA THR C 186 33.56 33.85 4.66
C THR C 186 35.06 33.98 4.42
N PRO C 187 35.48 35.04 3.74
CA PRO C 187 36.91 35.27 3.54
C PRO C 187 37.67 35.52 4.82
N ILE C 188 37.92 34.46 5.60
CA ILE C 188 38.73 34.54 6.81
C ILE C 188 40.18 34.73 6.40
N ILE C 189 41.04 35.03 7.37
CA ILE C 189 42.47 35.34 7.15
C ILE C 189 43.13 34.29 6.26
N GLY C 190 42.58 33.08 6.24
CA GLY C 190 43.01 32.06 5.29
C GLY C 190 44.43 31.56 5.47
N ARG C 191 44.88 31.41 6.72
CA ARG C 191 46.18 30.79 6.97
C ARG C 191 46.18 29.35 6.50
N ASP C 192 45.12 28.61 6.82
CA ASP C 192 44.95 27.21 6.44
C ASP C 192 43.49 26.87 6.61
N PHE C 193 43.17 25.57 6.63
CA PHE C 193 41.83 25.14 7.00
C PHE C 193 41.50 25.72 8.37
N PRO C 194 40.56 26.64 8.46
CA PRO C 194 40.40 27.46 9.67
C PRO C 194 39.68 26.69 10.77
N GLN C 195 39.44 27.39 11.88
CA GLN C 195 38.80 26.83 13.06
C GLN C 195 37.41 27.39 13.32
N GLY C 196 37.12 28.61 12.86
CA GLY C 196 35.84 29.25 13.12
C GLY C 196 34.65 28.49 12.59
N PHE C 197 33.67 28.23 13.44
CA PHE C 197 32.47 27.52 13.04
C PHE C 197 31.52 28.46 12.30
N SER C 198 30.85 27.92 11.28
CA SER C 198 29.89 28.69 10.51
C SER C 198 28.93 27.73 9.83
N ALA C 199 27.65 28.07 9.84
CA ALA C 199 26.64 27.26 9.18
C ALA C 199 26.77 27.38 7.66
N LEU C 200 26.19 26.40 6.96
CA LEU C 200 26.24 26.35 5.50
C LEU C 200 24.81 26.45 4.98
N GLU C 201 24.43 27.66 4.55
CA GLU C 201 23.08 27.87 4.03
C GLU C 201 22.92 27.18 2.68
N PRO C 202 21.74 26.63 2.41
CA PRO C 202 21.51 26.01 1.10
C PRO C 202 21.57 27.03 -0.03
N LEU C 203 22.09 26.59 -1.17
CA LEU C 203 22.16 27.46 -2.35
C LEU C 203 20.98 27.25 -3.28
N VAL C 204 20.83 26.04 -3.83
CA VAL C 204 19.79 25.74 -4.80
C VAL C 204 19.40 24.27 -4.67
N ASP C 205 18.26 23.92 -5.25
CA ASP C 205 17.79 22.54 -5.31
C ASP C 205 17.37 22.23 -6.75
N LEU C 206 17.91 21.14 -7.30
CA LEU C 206 17.61 20.77 -8.68
C LEU C 206 17.33 19.27 -8.79
N PRO C 207 16.15 18.87 -9.27
CA PRO C 207 15.90 17.45 -9.50
C PRO C 207 16.66 16.93 -10.72
N ILE C 208 17.28 15.77 -10.57
CA ILE C 208 18.07 15.18 -11.65
C ILE C 208 17.53 13.80 -12.01
N GLY C 209 17.55 12.88 -11.04
CA GLY C 209 17.08 11.53 -11.24
C GLY C 209 18.16 10.50 -11.49
N ILE C 210 19.36 10.92 -11.89
CA ILE C 210 20.48 10.03 -12.10
C ILE C 210 21.15 9.76 -10.75
N ASN C 211 22.04 8.76 -10.70
CA ASN C 211 22.84 8.54 -9.51
C ASN C 211 24.31 8.68 -9.85
N ILE C 212 25.05 9.34 -8.96
CA ILE C 212 26.43 9.73 -9.21
C ILE C 212 27.37 8.80 -8.46
N THR C 213 28.54 8.59 -9.02
CA THR C 213 29.57 7.74 -8.43
C THR C 213 30.87 8.48 -8.15
N ARG C 214 31.25 9.42 -9.01
CA ARG C 214 32.51 10.15 -8.83
C ARG C 214 32.27 11.65 -8.82
N PHE C 215 33.37 12.43 -8.79
CA PHE C 215 33.28 13.87 -8.69
C PHE C 215 34.61 14.47 -9.11
N GLN C 216 34.56 15.56 -9.87
CA GLN C 216 35.76 16.22 -10.37
C GLN C 216 35.62 17.73 -10.20
N THR C 217 36.76 18.40 -10.12
CA THR C 217 36.82 19.84 -9.90
C THR C 217 37.69 20.48 -10.97
N LEU C 218 37.25 21.63 -11.50
CA LEU C 218 37.95 22.31 -12.58
C LEU C 218 39.20 23.02 -12.05
N LEU C 219 39.85 23.78 -12.91
CA LEU C 219 41.04 24.55 -12.56
C LEU C 219 41.02 25.87 -13.31
N ALA C 220 41.78 26.83 -12.82
CA ALA C 220 41.89 28.14 -13.43
C ALA C 220 43.12 28.21 -14.33
N LEU C 221 43.25 29.32 -15.05
CA LEU C 221 44.37 29.55 -15.95
C LEU C 221 45.15 30.78 -15.47
N ASN C 222 46.47 30.61 -15.34
CA ASN C 222 47.36 31.71 -14.97
C ASN C 222 48.53 31.75 -15.93
N ARG C 223 49.02 32.95 -16.19
CA ARG C 223 50.09 33.14 -17.16
C ARG C 223 51.27 33.87 -16.52
N ALA C 240 46.75 25.58 -0.71
CA ALA C 240 45.93 26.13 0.36
C ALA C 240 44.46 26.19 -0.05
N ASP C 241 44.02 25.19 -0.80
CA ASP C 241 42.66 25.11 -1.30
C ASP C 241 42.34 23.65 -1.59
N TYR C 242 41.24 23.43 -2.32
CA TYR C 242 40.88 22.09 -2.80
C TYR C 242 40.62 21.12 -1.65
N TYR C 243 40.15 21.63 -0.51
CA TYR C 243 39.82 20.77 0.61
C TYR C 243 38.63 19.89 0.28
N VAL C 244 38.70 18.62 0.66
CA VAL C 244 37.66 17.65 0.38
C VAL C 244 37.32 16.91 1.67
N GLY C 245 36.01 16.85 1.98
CA GLY C 245 35.55 16.08 3.10
C GLY C 245 34.40 15.18 2.68
N TYR C 246 34.22 14.09 3.43
CA TYR C 246 33.24 13.08 3.11
C TYR C 246 32.15 13.09 4.17
N LEU C 247 30.90 13.27 3.73
CA LEU C 247 29.77 13.27 4.64
C LEU C 247 29.47 11.87 5.14
N GLN C 248 29.05 11.77 6.40
CA GLN C 248 28.71 10.50 7.01
C GLN C 248 27.34 10.60 7.66
N PRO C 249 26.59 9.49 7.70
CA PRO C 249 25.24 9.51 8.30
C PRO C 249 25.28 9.44 9.83
N ARG C 250 25.67 10.56 10.45
CA ARG C 250 25.73 10.66 11.89
C ARG C 250 24.70 11.66 12.40
N THR C 251 24.35 11.51 13.67
CA THR C 251 23.37 12.39 14.31
C THR C 251 24.06 13.62 14.86
N PHE C 252 23.43 14.78 14.65
CA PHE C 252 23.98 16.06 15.10
C PHE C 252 22.96 16.78 15.96
N LEU C 253 23.46 17.63 16.86
CA LEU C 253 22.62 18.46 17.71
C LEU C 253 22.92 19.92 17.38
N LEU C 254 22.20 20.47 16.40
CA LEU C 254 22.39 21.85 16.00
C LEU C 254 21.65 22.77 16.95
N LYS C 255 22.31 23.83 17.40
CA LYS C 255 21.72 24.83 18.28
C LYS C 255 21.30 26.01 17.41
N TYR C 256 19.99 26.11 17.14
CA TYR C 256 19.47 27.23 16.38
C TYR C 256 19.36 28.46 17.26
N ASN C 257 19.84 29.59 16.75
CA ASN C 257 19.73 30.84 17.46
C ASN C 257 18.30 31.36 17.38
N GLU C 258 18.05 32.49 18.05
CA GLU C 258 16.72 33.10 17.98
C GLU C 258 16.41 33.63 16.59
N ASN C 259 17.42 33.85 15.75
CA ASN C 259 17.22 34.28 14.38
C ASN C 259 17.17 33.11 13.40
N GLY C 260 17.31 31.88 13.87
CA GLY C 260 17.29 30.72 13.02
C GLY C 260 18.65 30.22 12.57
N THR C 261 19.71 31.00 12.76
CA THR C 261 21.04 30.57 12.36
C THR C 261 21.58 29.53 13.33
N ILE C 262 22.41 28.64 12.81
CA ILE C 262 23.02 27.58 13.61
C ILE C 262 24.27 28.15 14.26
N THR C 263 24.15 28.59 15.51
CA THR C 263 25.29 29.17 16.21
C THR C 263 26.37 28.13 16.47
N ASP C 264 25.99 26.93 16.89
CA ASP C 264 26.95 25.89 17.23
C ASP C 264 26.25 24.54 17.17
N ALA C 265 27.05 23.49 16.93
CA ALA C 265 26.53 22.13 16.88
C ALA C 265 27.53 21.19 17.54
N VAL C 266 27.02 20.07 18.03
CA VAL C 266 27.84 19.04 18.65
C VAL C 266 27.48 17.69 18.05
N ASP C 267 28.49 16.85 17.84
CA ASP C 267 28.27 15.53 17.30
C ASP C 267 27.69 14.60 18.36
N CYS C 268 27.20 13.45 17.91
CA CYS C 268 26.63 12.46 18.82
C CYS C 268 27.45 11.18 18.92
N ALA C 269 28.53 11.06 18.14
CA ALA C 269 29.37 9.87 18.17
C ALA C 269 30.85 10.23 18.12
N LEU C 270 31.21 11.39 18.63
CA LEU C 270 32.60 11.85 18.63
C LEU C 270 33.25 11.75 20.01
N ASP C 271 32.58 12.26 21.04
CA ASP C 271 33.09 12.29 22.40
C ASP C 271 32.01 11.77 23.32
N PRO C 272 32.38 11.14 24.44
CA PRO C 272 31.34 10.76 25.42
C PRO C 272 30.57 11.96 25.95
N LEU C 273 31.24 13.09 26.16
CA LEU C 273 30.54 14.30 26.56
C LEU C 273 29.57 14.76 25.49
N SER C 274 29.98 14.69 24.23
CA SER C 274 29.10 15.07 23.13
C SER C 274 27.89 14.14 23.05
N GLU C 275 28.10 12.84 23.26
CA GLU C 275 27.00 11.89 23.26
C GLU C 275 26.04 12.15 24.42
N THR C 276 26.58 12.49 25.59
CA THR C 276 25.73 12.86 26.72
C THR C 276 24.92 14.11 26.41
N LYS C 277 25.54 15.10 25.78
CA LYS C 277 24.82 16.30 25.38
C LYS C 277 23.73 15.98 24.38
N CYS C 278 24.00 15.06 23.45
CA CYS C 278 22.97 14.63 22.50
C CYS C 278 21.81 13.96 23.20
N THR C 279 22.10 13.09 24.17
CA THR C 279 21.04 12.40 24.89
C THR C 279 20.20 13.37 25.70
N LEU C 280 20.84 14.33 26.36
CA LEU C 280 20.11 15.32 27.16
C LEU C 280 19.48 16.41 26.34
N LYS C 281 19.81 16.52 25.05
CA LYS C 281 19.30 17.56 24.17
C LYS C 281 19.57 18.96 24.75
N SER C 282 20.79 19.13 25.25
CA SER C 282 21.20 20.40 25.82
C SER C 282 22.71 20.55 25.68
N PHE C 283 23.16 21.80 25.59
CA PHE C 283 24.58 22.10 25.49
C PHE C 283 25.27 22.11 26.85
N THR C 284 24.52 22.16 27.94
CA THR C 284 25.06 22.19 29.29
C THR C 284 24.70 20.90 30.01
N VAL C 285 25.70 20.25 30.58
CA VAL C 285 25.53 18.99 31.29
C VAL C 285 25.91 19.22 32.74
N GLU C 286 24.98 18.94 33.66
CA GLU C 286 25.24 19.08 35.08
C GLU C 286 25.97 17.86 35.61
N LYS C 287 26.57 18.02 36.78
CA LYS C 287 27.33 16.94 37.40
C LYS C 287 26.42 15.76 37.71
N GLY C 288 26.86 14.58 37.32
CA GLY C 288 26.10 13.36 37.56
C GLY C 288 26.43 12.32 36.53
N ILE C 289 25.77 11.17 36.66
CA ILE C 289 25.93 10.06 35.74
C ILE C 289 24.73 10.02 34.80
N TYR C 290 24.98 9.63 33.55
CA TYR C 290 23.93 9.62 32.53
C TYR C 290 24.07 8.36 31.70
N GLN C 291 23.00 7.56 31.65
CA GLN C 291 22.97 6.36 30.82
C GLN C 291 22.68 6.79 29.38
N THR C 292 23.75 7.03 28.62
CA THR C 292 23.59 7.58 27.28
C THR C 292 23.08 6.53 26.30
N SER C 293 23.85 5.46 26.09
CA SER C 293 23.51 4.47 25.08
C SER C 293 24.03 3.11 25.53
N ASN C 294 23.99 2.15 24.62
CA ASN C 294 24.44 0.78 24.87
C ASN C 294 25.67 0.49 24.03
N PHE C 295 26.50 -0.44 24.53
CA PHE C 295 27.71 -0.85 23.83
C PHE C 295 27.64 -2.33 23.51
N ARG C 296 28.14 -2.69 22.34
CA ARG C 296 28.19 -4.08 21.90
C ARG C 296 29.52 -4.33 21.19
N VAL C 297 29.93 -5.59 21.17
CA VAL C 297 31.07 -6.01 20.36
C VAL C 297 30.53 -6.55 19.04
N GLN C 298 30.92 -5.91 17.94
CA GLN C 298 30.55 -6.42 16.64
C GLN C 298 31.25 -7.75 16.38
N PRO C 299 30.58 -8.71 15.74
CA PRO C 299 31.23 -10.00 15.49
C PRO C 299 32.50 -9.85 14.68
N THR C 300 33.53 -10.59 15.08
CA THR C 300 34.80 -10.52 14.38
C THR C 300 34.68 -11.04 12.96
N GLU C 301 33.94 -12.13 12.78
CA GLU C 301 33.74 -12.72 11.46
C GLU C 301 32.44 -13.50 11.48
N SER C 302 31.92 -13.79 10.28
CA SER C 302 30.72 -14.58 10.11
C SER C 302 31.12 -15.97 9.62
N ILE C 303 30.73 -17.00 10.37
CA ILE C 303 31.05 -18.38 10.04
C ILE C 303 29.76 -19.13 9.78
N VAL C 304 29.70 -19.83 8.65
CA VAL C 304 28.56 -20.65 8.28
C VAL C 304 29.00 -22.10 8.30
N ARG C 305 28.25 -22.93 9.03
CA ARG C 305 28.59 -24.34 9.19
C ARG C 305 27.37 -25.19 8.91
N PHE C 306 27.54 -26.21 8.08
CA PHE C 306 26.47 -27.11 7.70
C PHE C 306 26.95 -28.55 7.85
N PRO C 307 26.05 -29.51 8.06
CA PRO C 307 26.47 -30.90 8.23
C PRO C 307 27.19 -31.41 6.99
N ASN C 308 28.23 -32.21 7.24
CA ASN C 308 28.98 -32.81 6.14
C ASN C 308 28.09 -33.75 5.35
N VAL C 309 28.15 -33.65 4.03
CA VAL C 309 27.27 -34.38 3.14
C VAL C 309 28.03 -35.54 2.53
N THR C 310 27.44 -36.74 2.59
CA THR C 310 28.04 -37.95 2.05
C THR C 310 27.04 -38.72 1.19
N ASN C 311 26.06 -38.02 0.63
CA ASN C 311 25.07 -38.68 -0.22
C ASN C 311 25.73 -39.29 -1.45
N LEU C 312 26.51 -38.48 -2.19
CA LEU C 312 27.31 -38.94 -3.32
C LEU C 312 26.44 -39.64 -4.36
N CYS C 313 25.54 -38.86 -4.96
CA CYS C 313 24.68 -39.39 -6.00
C CYS C 313 25.52 -39.85 -7.18
N PRO C 314 25.15 -40.96 -7.84
CA PRO C 314 25.97 -41.49 -8.92
C PRO C 314 25.93 -40.65 -10.19
N PHE C 315 26.28 -39.36 -10.08
CA PHE C 315 26.43 -38.53 -11.26
C PHE C 315 27.58 -39.02 -12.14
N HIS C 316 28.67 -39.44 -11.50
CA HIS C 316 29.80 -40.00 -12.25
C HIS C 316 29.42 -41.30 -12.94
N GLU C 317 28.48 -42.05 -12.36
CA GLU C 317 28.07 -43.33 -12.96
C GLU C 317 27.30 -43.11 -14.26
N VAL C 318 26.57 -42.01 -14.38
CA VAL C 318 25.83 -41.69 -15.60
C VAL C 318 26.63 -40.77 -16.51
N PHE C 319 27.90 -40.52 -16.20
CA PHE C 319 28.75 -39.68 -17.03
C PHE C 319 29.94 -40.44 -17.61
N ASN C 320 30.02 -41.76 -17.39
CA ASN C 320 31.09 -42.58 -17.92
C ASN C 320 30.59 -43.85 -18.61
N ALA C 321 29.28 -43.99 -18.76
CA ALA C 321 28.72 -45.20 -19.35
C ALA C 321 29.01 -45.26 -20.85
N THR C 322 29.19 -46.48 -21.35
CA THR C 322 29.47 -46.72 -22.77
C THR C 322 28.30 -47.37 -23.50
N ARG C 323 27.44 -48.09 -22.79
CA ARG C 323 26.38 -48.90 -23.41
C ARG C 323 25.05 -48.15 -23.48
N PHE C 324 25.10 -46.84 -23.70
CA PHE C 324 23.89 -46.04 -23.83
C PHE C 324 22.97 -46.58 -24.91
N ALA C 325 21.67 -46.60 -24.63
CA ALA C 325 20.67 -47.11 -25.54
C ALA C 325 20.25 -46.01 -26.52
N SER C 326 19.14 -46.24 -27.22
CA SER C 326 18.68 -45.31 -28.25
C SER C 326 18.03 -44.10 -27.60
N VAL C 327 17.41 -43.26 -28.43
CA VAL C 327 16.82 -42.00 -27.96
C VAL C 327 15.39 -42.21 -27.48
N TYR C 328 14.58 -42.98 -28.20
CA TYR C 328 13.19 -43.16 -27.82
C TYR C 328 13.03 -43.93 -26.51
N ALA C 329 14.05 -44.66 -26.09
CA ALA C 329 14.02 -45.43 -24.85
C ALA C 329 15.00 -44.79 -23.88
N TRP C 330 14.51 -43.84 -23.09
CA TRP C 330 15.33 -43.09 -22.14
C TRP C 330 14.85 -43.39 -20.73
N ASN C 331 15.80 -43.55 -19.81
CA ASN C 331 15.49 -43.76 -18.40
C ASN C 331 14.75 -42.58 -17.80
N ARG C 332 14.24 -42.76 -16.58
CA ARG C 332 13.90 -41.66 -15.68
C ARG C 332 14.61 -41.97 -14.37
N THR C 333 15.88 -41.59 -14.28
CA THR C 333 16.70 -41.91 -13.11
C THR C 333 16.18 -41.16 -11.90
N ARG C 334 15.96 -41.88 -10.80
CA ARG C 334 15.39 -41.31 -9.58
C ARG C 334 16.54 -40.73 -8.76
N ILE C 335 16.69 -39.41 -8.79
CA ILE C 335 17.71 -38.73 -7.99
C ILE C 335 17.04 -38.42 -6.65
N SER C 336 17.12 -39.37 -5.72
CA SER C 336 16.50 -39.26 -4.42
C SER C 336 17.56 -39.34 -3.33
N ASN C 337 17.33 -38.61 -2.24
CA ASN C 337 18.25 -38.49 -1.11
C ASN C 337 19.70 -38.39 -1.57
N CYS C 338 19.92 -37.52 -2.55
CA CYS C 338 21.23 -37.27 -3.12
C CYS C 338 21.76 -35.91 -2.71
N VAL C 339 22.93 -35.56 -3.25
CA VAL C 339 23.52 -34.25 -3.09
C VAL C 339 23.72 -33.65 -4.47
N ALA C 340 23.27 -32.41 -4.66
CA ALA C 340 23.41 -31.73 -5.94
C ALA C 340 24.80 -31.10 -6.02
N ASP C 341 25.79 -31.96 -6.22
CA ASP C 341 27.18 -31.54 -6.38
C ASP C 341 27.46 -31.47 -7.88
N TYR C 342 27.55 -30.25 -8.41
CA TYR C 342 27.79 -30.04 -9.83
C TYR C 342 29.26 -29.83 -10.16
N SER C 343 30.16 -30.16 -9.23
CA SER C 343 31.59 -30.03 -9.52
C SER C 343 32.00 -30.90 -10.70
N VAL C 344 31.47 -32.13 -10.76
CA VAL C 344 31.69 -32.98 -11.91
C VAL C 344 31.10 -32.34 -13.16
N LEU C 345 29.96 -31.66 -13.02
CA LEU C 345 29.30 -31.01 -14.14
C LEU C 345 30.09 -29.83 -14.71
N TYR C 346 31.22 -29.49 -14.12
CA TYR C 346 32.15 -28.54 -14.71
C TYR C 346 33.52 -29.12 -15.01
N ASN C 347 34.03 -30.03 -14.18
CA ASN C 347 35.35 -30.59 -14.42
C ASN C 347 35.33 -31.64 -15.53
N PHE C 348 34.26 -32.44 -15.61
CA PHE C 348 34.24 -33.58 -16.52
C PHE C 348 33.86 -33.14 -17.92
N ALA C 349 34.70 -33.51 -18.90
CA ALA C 349 34.45 -33.39 -20.33
C ALA C 349 34.38 -31.95 -20.81
N PRO C 350 34.83 -31.69 -22.04
CA PRO C 350 34.65 -30.34 -22.65
C PRO C 350 33.21 -30.15 -23.12
N PHE C 351 32.36 -29.73 -22.19
CA PHE C 351 30.94 -29.61 -22.47
C PHE C 351 30.68 -28.61 -23.59
N PHE C 352 29.76 -28.98 -24.49
CA PHE C 352 29.46 -28.18 -25.67
C PHE C 352 28.22 -27.31 -25.51
N ALA C 353 27.25 -27.73 -24.69
CA ALA C 353 26.02 -26.99 -24.48
C ALA C 353 25.59 -27.14 -23.03
N PHE C 354 25.46 -26.01 -22.34
CA PHE C 354 25.03 -25.97 -20.94
C PHE C 354 23.90 -24.96 -20.76
N LYS C 355 22.93 -24.99 -21.68
CA LYS C 355 21.84 -24.03 -21.64
C LYS C 355 20.87 -24.34 -20.51
N CYS C 356 20.39 -23.29 -19.85
CA CYS C 356 19.42 -23.40 -18.77
C CYS C 356 18.30 -22.40 -18.98
N TYR C 357 17.10 -22.75 -18.54
CA TYR C 357 15.92 -21.91 -18.73
C TYR C 357 15.35 -21.37 -17.43
N GLY C 358 15.00 -22.26 -16.49
CA GLY C 358 14.36 -21.82 -15.26
C GLY C 358 15.26 -21.84 -14.05
N VAL C 359 16.48 -22.34 -14.22
CA VAL C 359 17.46 -22.47 -13.13
C VAL C 359 18.73 -21.76 -13.55
N SER C 360 19.31 -21.00 -12.62
CA SER C 360 20.56 -20.29 -12.91
C SER C 360 21.65 -21.30 -13.26
N PRO C 361 22.43 -21.05 -14.32
CA PRO C 361 23.41 -22.05 -14.75
C PRO C 361 24.69 -22.08 -13.92
N THR C 362 24.91 -21.09 -13.05
CA THR C 362 26.12 -21.05 -12.24
C THR C 362 25.82 -21.17 -10.75
N LYS C 363 24.95 -20.31 -10.22
CA LYS C 363 24.63 -20.32 -8.78
C LYS C 363 23.43 -21.22 -8.47
N LEU C 364 23.50 -22.47 -8.93
CA LEU C 364 22.46 -23.44 -8.69
C LEU C 364 22.83 -24.45 -7.60
N ASN C 365 23.93 -24.22 -6.90
CA ASN C 365 24.35 -25.12 -5.83
C ASN C 365 23.51 -24.97 -4.58
N ASP C 366 22.76 -23.88 -4.44
CA ASP C 366 21.95 -23.64 -3.25
C ASP C 366 20.47 -23.96 -3.45
N LEU C 367 20.05 -24.32 -4.66
CA LEU C 367 18.66 -24.63 -4.93
C LEU C 367 18.35 -26.05 -4.51
N CYS C 368 17.32 -26.23 -3.69
CA CYS C 368 16.94 -27.53 -3.16
C CYS C 368 15.58 -27.92 -3.72
N PHE C 369 15.51 -29.13 -4.28
CA PHE C 369 14.30 -29.65 -4.90
C PHE C 369 13.93 -30.99 -4.28
N THR C 370 12.63 -31.28 -4.28
CA THR C 370 12.16 -32.53 -3.70
C THR C 370 12.62 -33.73 -4.53
N ASN C 371 12.43 -33.67 -5.84
CA ASN C 371 12.82 -34.76 -6.73
C ASN C 371 13.50 -34.18 -7.96
N VAL C 372 14.49 -34.92 -8.47
CA VAL C 372 15.25 -34.53 -9.65
C VAL C 372 15.17 -35.65 -10.67
N TYR C 373 14.83 -35.30 -11.90
CA TYR C 373 14.75 -36.25 -13.00
C TYR C 373 15.93 -36.03 -13.93
N ALA C 374 16.68 -37.10 -14.21
CA ALA C 374 17.85 -37.02 -15.07
C ALA C 374 17.71 -38.04 -16.19
N ASP C 375 17.81 -37.57 -17.43
CA ASP C 375 17.78 -38.44 -18.61
C ASP C 375 18.98 -38.11 -19.48
N SER C 376 19.44 -39.12 -20.22
CA SER C 376 20.61 -38.92 -21.07
C SER C 376 20.57 -39.91 -22.23
N PHE C 377 21.00 -39.44 -23.40
CA PHE C 377 21.07 -40.25 -24.60
C PHE C 377 22.15 -39.66 -25.50
N VAL C 378 22.21 -40.14 -26.74
CA VAL C 378 23.21 -39.70 -27.73
C VAL C 378 22.48 -39.14 -28.94
N ILE C 379 22.85 -37.92 -29.33
CA ILE C 379 22.29 -37.23 -30.49
C ILE C 379 23.43 -36.60 -31.27
N LYS C 380 23.07 -35.84 -32.30
CA LYS C 380 24.04 -35.17 -33.15
C LYS C 380 24.13 -33.69 -32.78
N GLY C 381 25.05 -32.98 -33.45
CA GLY C 381 25.28 -31.58 -33.12
C GLY C 381 24.07 -30.70 -33.36
N ASN C 382 23.40 -30.89 -34.50
CA ASN C 382 22.19 -30.12 -34.77
C ASN C 382 21.09 -30.48 -33.78
N GLU C 383 20.98 -31.76 -33.42
CA GLU C 383 19.97 -32.16 -32.45
C GLU C 383 20.25 -31.58 -31.07
N VAL C 384 21.52 -31.28 -30.78
CA VAL C 384 21.85 -30.65 -29.49
C VAL C 384 21.14 -29.31 -29.35
N SER C 385 21.19 -28.49 -30.40
CA SER C 385 20.45 -27.23 -30.39
C SER C 385 18.96 -27.47 -30.60
N GLN C 386 18.59 -28.55 -31.27
CA GLN C 386 17.18 -28.86 -31.49
C GLN C 386 16.46 -29.13 -30.17
N ILE C 387 17.12 -29.80 -29.23
CA ILE C 387 16.50 -30.12 -27.95
C ILE C 387 16.40 -28.85 -27.11
N ALA C 388 15.21 -28.26 -27.09
CA ALA C 388 14.95 -27.01 -26.36
C ALA C 388 13.44 -26.82 -26.23
N PRO C 389 12.97 -26.07 -25.23
CA PRO C 389 11.53 -25.82 -25.12
C PRO C 389 11.01 -25.03 -26.31
N GLY C 390 9.80 -25.37 -26.74
CA GLY C 390 9.21 -24.70 -27.89
C GLY C 390 9.98 -24.88 -29.17
N GLN C 391 10.45 -26.10 -29.42
CA GLN C 391 11.23 -26.41 -30.61
C GLN C 391 10.56 -27.52 -31.41
N THR C 392 10.57 -27.38 -32.73
CA THR C 392 9.99 -28.36 -33.63
C THR C 392 11.09 -28.99 -34.48
N GLY C 393 11.15 -30.32 -34.48
CA GLY C 393 12.16 -31.02 -35.24
C GLY C 393 11.82 -32.49 -35.35
N ASN C 394 12.66 -33.21 -36.10
CA ASN C 394 12.44 -34.63 -36.33
C ASN C 394 12.77 -35.49 -35.12
N ILE C 395 13.54 -34.96 -34.17
CA ILE C 395 13.92 -35.73 -32.98
C ILE C 395 13.31 -35.07 -31.75
N ALA C 396 13.13 -33.74 -31.81
CA ALA C 396 12.55 -33.01 -30.70
C ALA C 396 11.04 -33.22 -30.58
N ASP C 397 10.39 -33.70 -31.63
CA ASP C 397 8.95 -33.91 -31.63
C ASP C 397 8.55 -35.36 -31.75
N TYR C 398 9.49 -36.28 -31.98
CA TYR C 398 9.19 -37.69 -32.14
C TYR C 398 9.90 -38.59 -31.15
N ASN C 399 11.05 -38.17 -30.61
CA ASN C 399 11.81 -38.97 -29.67
C ASN C 399 11.79 -38.42 -28.25
N TYR C 400 12.14 -37.15 -28.08
CA TYR C 400 12.13 -36.51 -26.76
C TYR C 400 11.59 -35.10 -26.93
N LYS C 401 10.43 -34.84 -26.32
CA LYS C 401 9.79 -33.53 -26.38
C LYS C 401 9.91 -32.88 -25.01
N LEU C 402 10.54 -31.71 -24.97
CA LEU C 402 10.67 -30.95 -23.73
C LEU C 402 9.49 -30.01 -23.57
N PRO C 403 8.84 -29.99 -22.41
CA PRO C 403 7.70 -29.09 -22.22
C PRO C 403 8.10 -27.63 -22.30
N ASP C 404 7.15 -26.79 -22.70
CA ASP C 404 7.43 -25.35 -22.81
C ASP C 404 7.73 -24.75 -21.43
N ASP C 405 7.01 -25.19 -20.41
CA ASP C 405 7.20 -24.71 -19.04
C ASP C 405 8.34 -25.43 -18.32
N PHE C 406 9.24 -26.08 -19.06
CA PHE C 406 10.32 -26.83 -18.44
C PHE C 406 11.28 -25.90 -17.71
N THR C 407 11.69 -26.32 -16.52
CA THR C 407 12.68 -25.61 -15.72
C THR C 407 13.84 -26.56 -15.46
N GLY C 408 15.00 -26.27 -16.04
CA GLY C 408 16.15 -27.14 -15.88
C GLY C 408 17.26 -26.75 -16.84
N CYS C 409 18.13 -27.71 -17.12
CA CYS C 409 19.28 -27.48 -17.98
C CYS C 409 19.48 -28.67 -18.92
N VAL C 410 20.15 -28.40 -20.03
CA VAL C 410 20.55 -29.43 -20.98
C VAL C 410 22.07 -29.45 -21.04
N ILE C 411 22.65 -30.63 -20.88
CA ILE C 411 24.09 -30.81 -20.76
C ILE C 411 24.54 -31.74 -21.87
N ALA C 412 25.40 -31.24 -22.77
CA ALA C 412 25.87 -32.01 -23.90
C ALA C 412 27.36 -31.75 -24.11
N TRP C 413 28.02 -32.70 -24.75
CA TRP C 413 29.44 -32.59 -25.05
C TRP C 413 29.74 -33.45 -26.28
N ASN C 414 31.04 -33.65 -26.55
CA ASN C 414 31.49 -34.45 -27.68
C ASN C 414 32.12 -35.73 -27.18
N SER C 415 31.66 -36.87 -27.71
CA SER C 415 32.21 -38.18 -27.39
C SER C 415 32.79 -38.79 -28.66
N ASN C 416 34.01 -39.29 -28.56
CA ASN C 416 34.70 -39.88 -29.71
C ASN C 416 35.33 -41.24 -29.43
N LYS C 417 35.59 -41.59 -28.18
CA LYS C 417 36.21 -42.87 -27.85
C LYS C 417 35.25 -43.88 -27.24
N LEU C 418 34.21 -43.42 -26.55
CA LEU C 418 33.29 -44.35 -25.90
C LEU C 418 32.24 -44.87 -26.88
N ASP C 419 31.42 -43.96 -27.42
CA ASP C 419 30.34 -44.34 -28.33
C ASP C 419 30.79 -44.14 -29.78
N SER C 420 31.73 -45.00 -30.19
CA SER C 420 32.25 -44.96 -31.54
C SER C 420 32.92 -46.29 -31.87
N LYS C 421 32.60 -46.85 -33.02
CA LYS C 421 33.22 -48.08 -33.48
C LYS C 421 33.37 -48.04 -34.99
N HIS C 422 34.33 -48.79 -35.50
CA HIS C 422 34.62 -48.80 -36.92
C HIS C 422 33.60 -49.66 -37.68
N SER C 423 33.62 -49.54 -39.00
CA SER C 423 32.75 -50.30 -39.90
C SER C 423 31.28 -50.03 -39.62
N GLY C 424 30.96 -48.82 -39.16
CA GLY C 424 29.58 -48.45 -38.94
C GLY C 424 28.99 -49.01 -37.66
N ASN C 425 27.74 -48.63 -37.41
CA ASN C 425 27.02 -49.10 -36.23
C ASN C 425 25.53 -49.18 -36.57
N TYR C 426 24.86 -50.16 -35.96
CA TYR C 426 23.43 -50.34 -36.18
C TYR C 426 22.68 -50.66 -34.89
N ASP C 427 23.26 -50.33 -33.73
CA ASP C 427 22.67 -50.66 -32.44
C ASP C 427 21.80 -49.53 -31.88
N TYR C 428 21.69 -48.40 -32.57
CA TYR C 428 20.91 -47.26 -32.12
C TYR C 428 19.87 -46.92 -33.17
N TRP C 429 18.64 -46.69 -32.73
CA TRP C 429 17.52 -46.41 -33.62
C TRP C 429 16.83 -45.12 -33.20
N TYR C 430 16.15 -44.49 -34.15
CA TYR C 430 15.39 -43.27 -33.88
C TYR C 430 14.03 -43.37 -34.54
N ARG C 431 13.04 -42.72 -33.92
CA ARG C 431 11.67 -42.75 -34.40
C ARG C 431 11.30 -41.42 -35.05
N LEU C 432 10.58 -41.50 -36.18
CA LEU C 432 10.10 -40.31 -36.87
C LEU C 432 8.63 -40.36 -37.25
N PHE C 433 8.01 -41.54 -37.32
CA PHE C 433 6.63 -41.67 -37.76
C PHE C 433 5.75 -42.09 -36.59
N ARG C 434 4.69 -41.33 -36.34
CA ARG C 434 3.72 -41.69 -35.31
C ARG C 434 2.42 -40.96 -35.61
N LYS C 435 1.35 -41.39 -34.93
CA LYS C 435 0.00 -40.99 -35.30
C LYS C 435 -0.22 -39.49 -35.13
N SER C 436 0.21 -38.93 -34.00
CA SER C 436 -0.11 -37.55 -33.66
C SER C 436 1.13 -36.92 -33.02
N LYS C 437 0.93 -35.77 -32.37
CA LYS C 437 2.01 -35.11 -31.67
C LYS C 437 2.42 -35.91 -30.43
N LEU C 438 3.64 -35.67 -29.97
CA LEU C 438 4.21 -36.37 -28.83
C LEU C 438 4.09 -35.52 -27.57
N LYS C 439 3.54 -36.10 -26.51
CA LYS C 439 3.42 -35.40 -25.24
C LYS C 439 4.77 -35.34 -24.53
N PRO C 440 5.04 -34.26 -23.80
CA PRO C 440 6.32 -34.15 -23.09
C PRO C 440 6.45 -35.20 -22.00
N PHE C 441 7.70 -35.60 -21.74
CA PHE C 441 8.03 -36.57 -20.70
C PHE C 441 7.23 -37.85 -20.85
N GLU C 442 7.15 -38.35 -22.08
CA GLU C 442 6.40 -39.56 -22.39
C GLU C 442 7.24 -40.47 -23.27
N ARG C 443 7.03 -41.77 -23.12
CA ARG C 443 7.70 -42.79 -23.91
C ARG C 443 6.73 -43.31 -24.97
N ASP C 444 7.18 -43.28 -26.22
CA ASP C 444 6.32 -43.69 -27.33
C ASP C 444 6.98 -44.79 -28.15
N ILE C 445 7.53 -45.80 -27.47
CA ILE C 445 8.17 -46.93 -28.16
C ILE C 445 7.08 -47.70 -28.90
N SER C 446 7.09 -47.62 -30.22
CA SER C 446 6.08 -48.27 -31.07
C SER C 446 6.81 -49.17 -32.07
N THR C 447 6.95 -50.44 -31.72
CA THR C 447 7.56 -51.44 -32.61
C THR C 447 6.56 -51.96 -33.64
N GLU C 448 5.92 -51.04 -34.35
CA GLU C 448 4.94 -51.37 -35.37
C GLU C 448 5.23 -50.57 -36.63
N ILE C 449 4.80 -51.11 -37.77
CA ILE C 449 5.05 -50.47 -39.05
C ILE C 449 4.05 -49.34 -39.25
N TYR C 450 4.56 -48.14 -39.51
CA TYR C 450 3.70 -46.99 -39.73
C TYR C 450 3.06 -47.06 -41.11
N GLN C 451 1.81 -46.59 -41.21
CA GLN C 451 1.07 -46.62 -42.46
C GLN C 451 0.36 -45.29 -42.66
N ALA C 452 0.20 -44.91 -43.94
CA ALA C 452 -0.56 -43.73 -44.30
C ALA C 452 -1.21 -43.96 -45.65
N GLY C 453 -2.24 -43.17 -45.93
CA GLY C 453 -2.93 -43.25 -47.21
C GLY C 453 -3.69 -44.55 -47.45
N ASN C 454 -4.37 -45.06 -46.43
CA ASN C 454 -5.22 -46.26 -46.51
C ASN C 454 -4.31 -47.43 -46.93
N LYS C 455 -4.80 -48.35 -47.79
CA LYS C 455 -4.05 -49.51 -48.25
C LYS C 455 -3.50 -50.31 -47.08
N PRO C 456 -4.34 -51.07 -46.38
CA PRO C 456 -3.89 -51.75 -45.15
C PRO C 456 -2.70 -52.67 -45.40
N CYS C 457 -1.83 -52.74 -44.39
CA CYS C 457 -0.52 -53.36 -44.52
C CYS C 457 -0.37 -54.55 -43.60
N LYS C 458 0.62 -55.38 -43.92
CA LYS C 458 1.06 -56.47 -43.05
C LYS C 458 2.48 -56.25 -42.56
N GLY C 459 3.42 -56.05 -43.47
CA GLY C 459 4.80 -55.75 -43.12
C GLY C 459 5.37 -54.67 -44.02
N LYS C 460 6.64 -54.32 -43.82
CA LYS C 460 7.25 -53.22 -44.57
C LYS C 460 7.15 -53.48 -46.08
N GLY C 461 6.72 -52.46 -46.82
CA GLY C 461 6.53 -52.57 -48.24
C GLY C 461 5.85 -51.37 -48.87
N PRO C 462 4.83 -51.62 -49.70
CA PRO C 462 4.18 -50.52 -50.43
C PRO C 462 3.41 -49.60 -49.50
N ASN C 463 3.74 -48.30 -49.56
CA ASN C 463 3.11 -47.29 -48.72
C ASN C 463 3.19 -47.68 -47.24
N CYS C 464 4.23 -48.43 -46.90
CA CYS C 464 4.38 -48.97 -45.54
C CYS C 464 5.77 -48.58 -45.03
N TYR C 465 5.86 -47.82 -43.93
CA TYR C 465 7.18 -47.30 -43.48
C TYR C 465 7.41 -47.68 -42.01
N PHE C 466 8.63 -48.09 -41.66
CA PHE C 466 8.94 -48.37 -40.24
C PHE C 466 9.50 -47.10 -39.58
N PRO C 467 8.84 -46.56 -38.53
CA PRO C 467 9.30 -45.33 -37.86
C PRO C 467 10.73 -45.43 -37.35
N LEU C 468 11.17 -46.61 -36.93
CA LEU C 468 12.48 -46.78 -36.32
C LEU C 468 13.52 -46.98 -37.43
N GLN C 469 14.55 -46.14 -37.42
CA GLN C 469 15.60 -46.17 -38.42
C GLN C 469 16.96 -46.20 -37.74
N SER C 470 17.91 -46.89 -38.36
CA SER C 470 19.22 -47.09 -37.77
C SER C 470 20.02 -45.79 -37.70
N TYR C 471 20.84 -45.68 -36.66
CA TYR C 471 21.75 -44.55 -36.49
C TYR C 471 23.10 -44.87 -37.11
N GLY C 472 23.58 -43.99 -37.97
CA GLY C 472 24.90 -44.15 -38.56
C GLY C 472 25.98 -43.47 -37.74
N PHE C 473 26.84 -44.25 -37.10
CA PHE C 473 27.86 -43.73 -36.21
C PHE C 473 29.21 -44.31 -36.59
N ARG C 474 30.20 -43.43 -36.77
CA ARG C 474 31.56 -43.83 -37.12
C ARG C 474 32.52 -42.80 -36.56
N PRO C 475 33.74 -43.20 -36.19
CA PRO C 475 34.71 -42.22 -35.67
C PRO C 475 35.19 -41.22 -36.70
N THR C 476 35.00 -41.50 -37.99
CA THR C 476 35.51 -40.63 -39.05
C THR C 476 34.56 -39.49 -39.40
N TYR C 477 33.41 -39.39 -38.74
CA TYR C 477 32.42 -38.38 -39.09
C TYR C 477 32.88 -36.99 -38.63
N GLY C 478 32.26 -35.97 -39.22
CA GLY C 478 32.59 -34.59 -38.93
C GLY C 478 31.91 -34.07 -37.69
N VAL C 479 32.11 -32.77 -37.45
CA VAL C 479 31.59 -32.13 -36.25
C VAL C 479 30.05 -32.09 -36.27
N GLY C 480 29.46 -31.87 -37.45
CA GLY C 480 28.01 -31.74 -37.51
C GLY C 480 27.28 -33.00 -37.08
N HIS C 481 27.82 -34.16 -37.44
CA HIS C 481 27.21 -35.44 -37.09
C HIS C 481 28.07 -36.26 -36.14
N GLN C 482 28.97 -35.61 -35.40
CA GLN C 482 29.78 -36.32 -34.42
C GLN C 482 28.90 -36.85 -33.29
N PRO C 483 29.22 -38.02 -32.74
CA PRO C 483 28.45 -38.54 -31.60
C PRO C 483 28.48 -37.59 -30.41
N TYR C 484 27.32 -37.02 -30.07
CA TYR C 484 27.18 -36.08 -28.96
C TYR C 484 26.26 -36.69 -27.92
N ARG C 485 26.82 -37.00 -26.75
CA ARG C 485 26.02 -37.51 -25.64
C ARG C 485 25.47 -36.32 -24.86
N VAL C 486 24.15 -36.31 -24.66
CA VAL C 486 23.45 -35.20 -24.03
C VAL C 486 22.76 -35.70 -22.77
N VAL C 487 22.84 -34.90 -21.70
CA VAL C 487 22.16 -35.19 -20.45
C VAL C 487 21.23 -34.03 -20.13
N VAL C 488 19.98 -34.33 -19.84
CA VAL C 488 18.97 -33.33 -19.51
C VAL C 488 18.56 -33.51 -18.05
N LEU C 489 18.57 -32.41 -17.31
CA LEU C 489 18.21 -32.40 -15.90
C LEU C 489 16.89 -31.67 -15.71
N SER C 490 15.94 -32.31 -15.04
CA SER C 490 14.60 -31.77 -14.85
C SER C 490 14.43 -31.33 -13.41
N PHE C 491 13.89 -30.14 -13.22
CA PHE C 491 13.61 -29.57 -11.91
C PHE C 491 12.15 -29.16 -11.82
N GLU C 492 11.53 -29.48 -10.69
CA GLU C 492 10.12 -29.15 -10.46
C GLU C 492 9.99 -28.48 -9.10
N LEU C 493 9.26 -27.37 -9.06
CA LEU C 493 9.05 -26.60 -7.84
C LEU C 493 7.66 -26.92 -7.31
N LEU C 494 7.58 -27.95 -6.48
CA LEU C 494 6.34 -28.38 -5.86
C LEU C 494 6.49 -28.43 -4.35
N HIS C 495 5.39 -28.20 -3.65
CA HIS C 495 5.39 -28.17 -2.19
C HIS C 495 5.49 -29.61 -1.67
N ALA C 496 6.70 -30.04 -1.38
CA ALA C 496 6.97 -31.38 -0.87
C ALA C 496 8.29 -31.36 -0.12
N PRO C 497 8.51 -32.31 0.80
CA PRO C 497 9.78 -32.34 1.54
C PRO C 497 10.95 -32.58 0.59
N ALA C 498 11.93 -31.67 0.64
CA ALA C 498 13.08 -31.71 -0.25
C ALA C 498 14.27 -32.36 0.45
N THR C 499 15.01 -33.19 -0.29
CA THR C 499 16.15 -33.89 0.27
C THR C 499 17.36 -33.92 -0.65
N VAL C 500 17.32 -33.24 -1.80
CA VAL C 500 18.42 -33.26 -2.76
C VAL C 500 18.80 -31.82 -3.08
N CYS C 501 20.00 -31.41 -2.65
CA CYS C 501 20.57 -30.11 -3.01
C CYS C 501 22.06 -30.14 -2.72
N GLY C 502 22.70 -28.96 -2.81
CA GLY C 502 24.13 -28.88 -2.89
C GLY C 502 24.82 -29.27 -1.60
N PRO C 503 26.15 -29.26 -1.63
CA PRO C 503 26.93 -29.71 -0.46
C PRO C 503 26.79 -28.81 0.76
N LYS C 504 26.26 -27.59 0.60
CA LYS C 504 26.09 -26.66 1.71
C LYS C 504 27.44 -26.37 2.38
N LYS C 505 28.29 -25.69 1.62
CA LYS C 505 29.66 -25.39 2.05
C LYS C 505 29.69 -24.81 3.46
N SER C 506 30.74 -25.14 4.20
CA SER C 506 30.89 -24.76 5.59
C SER C 506 32.15 -23.91 5.76
N THR C 507 32.33 -23.41 6.98
CA THR C 507 33.48 -22.59 7.34
C THR C 507 34.03 -23.06 8.67
N ASN C 508 35.34 -22.93 8.84
CA ASN C 508 35.98 -23.33 10.09
C ASN C 508 35.40 -22.54 11.26
N LEU C 509 35.05 -23.26 12.32
CA LEU C 509 34.46 -22.63 13.48
C LEU C 509 35.51 -21.84 14.27
N VAL C 510 35.06 -20.77 14.92
CA VAL C 510 35.92 -19.92 15.73
C VAL C 510 35.41 -19.99 17.17
N LYS C 511 36.29 -20.34 18.09
CA LYS C 511 35.94 -20.49 19.49
C LYS C 511 36.49 -19.33 20.32
N ASN C 512 35.71 -18.95 21.34
CA ASN C 512 36.07 -17.86 22.25
C ASN C 512 36.23 -16.53 21.53
N LYS C 513 35.48 -16.35 20.45
CA LYS C 513 35.45 -15.09 19.72
C LYS C 513 34.03 -14.84 19.23
N CYS C 514 33.51 -13.64 19.48
CA CYS C 514 32.17 -13.28 19.06
C CYS C 514 32.04 -13.36 17.54
N VAL C 515 31.23 -14.30 17.04
CA VAL C 515 31.10 -14.54 15.62
C VAL C 515 29.63 -14.69 15.26
N ASN C 516 29.34 -14.54 13.97
CA ASN C 516 28.01 -14.80 13.43
C ASN C 516 27.95 -16.24 12.93
N PHE C 517 27.27 -17.10 13.68
CA PHE C 517 27.22 -18.52 13.38
C PHE C 517 25.97 -18.85 12.57
N ASN C 518 26.08 -19.89 11.73
CA ASN C 518 25.00 -20.36 10.89
C ASN C 518 24.90 -21.88 10.94
N PHE C 519 24.91 -22.43 12.16
CA PHE C 519 24.92 -23.88 12.36
C PHE C 519 23.66 -24.55 11.82
N ASN C 520 23.80 -25.31 10.73
CA ASN C 520 22.74 -26.19 10.23
C ASN C 520 21.43 -25.44 10.00
N GLY C 521 21.52 -24.20 9.53
CA GLY C 521 20.37 -23.40 9.20
C GLY C 521 19.94 -22.41 10.26
N LEU C 522 20.27 -22.66 11.52
CA LEU C 522 20.02 -21.66 12.55
C LEU C 522 21.00 -20.51 12.39
N THR C 523 20.63 -19.35 12.91
CA THR C 523 21.52 -18.19 12.82
C THR C 523 21.37 -17.32 14.06
N GLY C 524 22.48 -16.73 14.47
CA GLY C 524 22.49 -15.83 15.61
C GLY C 524 23.88 -15.27 15.80
N THR C 525 23.97 -14.31 16.71
CA THR C 525 25.23 -13.65 17.03
C THR C 525 25.63 -14.00 18.46
N GLY C 526 26.86 -14.48 18.63
CA GLY C 526 27.32 -14.85 19.95
C GLY C 526 28.74 -15.37 19.88
N VAL C 527 29.23 -15.80 21.05
CA VAL C 527 30.57 -16.34 21.18
C VAL C 527 30.45 -17.84 21.43
N LEU C 528 31.23 -18.63 20.69
CA LEU C 528 31.20 -20.08 20.81
C LEU C 528 32.38 -20.58 21.63
N THR C 529 32.15 -21.64 22.40
CA THR C 529 33.17 -22.20 23.26
C THR C 529 32.83 -23.65 23.54
N LYS C 530 33.82 -24.37 24.07
CA LYS C 530 33.60 -25.78 24.42
C LYS C 530 32.74 -25.89 25.67
N SER C 531 31.70 -26.72 25.58
CA SER C 531 30.78 -26.96 26.69
C SER C 531 30.93 -28.39 27.19
N ASN C 532 30.31 -28.66 28.34
CA ASN C 532 30.32 -29.98 28.95
C ASN C 532 28.90 -30.48 29.19
N LYS C 533 28.03 -30.24 28.23
CA LYS C 533 26.65 -30.73 28.29
C LYS C 533 26.59 -32.16 27.77
N LYS C 534 26.02 -33.06 28.57
CA LYS C 534 25.86 -34.44 28.16
C LYS C 534 24.67 -34.52 27.21
N PHE C 535 24.93 -34.30 25.94
CA PHE C 535 23.89 -34.29 24.92
C PHE C 535 23.44 -35.72 24.64
N LEU C 536 22.59 -35.88 23.63
CA LEU C 536 22.15 -37.16 23.15
C LEU C 536 22.34 -37.23 21.64
N PRO C 537 22.51 -38.43 21.09
CA PRO C 537 22.81 -38.53 19.65
C PRO C 537 21.78 -37.86 18.75
N PHE C 538 20.50 -37.92 19.12
CA PHE C 538 19.47 -37.28 18.30
C PHE C 538 19.36 -35.78 18.55
N GLN C 539 19.95 -35.28 19.63
CA GLN C 539 19.85 -33.87 19.96
C GLN C 539 20.80 -33.04 19.10
N GLN C 540 20.25 -32.02 18.43
CA GLN C 540 21.03 -31.11 17.61
C GLN C 540 21.01 -29.69 18.16
N PHE C 541 19.85 -29.22 18.60
CA PHE C 541 19.69 -27.87 19.12
C PHE C 541 20.09 -27.83 20.60
N GLY C 542 19.78 -26.71 21.26
CA GLY C 542 19.96 -26.57 22.68
C GLY C 542 19.31 -25.30 23.17
N ARG C 543 18.50 -25.40 24.22
CA ARG C 543 17.72 -24.27 24.70
C ARG C 543 17.82 -24.22 26.22
N ASP C 544 16.99 -23.39 26.83
CA ASP C 544 17.01 -23.20 28.28
C ASP C 544 15.58 -22.86 28.73
N ILE C 545 15.46 -22.32 29.94
CA ILE C 545 14.14 -22.14 30.55
C ILE C 545 13.30 -21.15 29.74
N VAL C 546 13.91 -20.07 29.28
CA VAL C 546 13.18 -18.99 28.63
C VAL C 546 13.17 -19.12 27.11
N ASP C 547 13.41 -20.32 26.59
CA ASP C 547 13.26 -20.63 25.17
C ASP C 547 14.21 -19.81 24.31
N THR C 548 15.48 -19.82 24.69
CA THR C 548 16.54 -19.15 23.94
C THR C 548 17.64 -20.16 23.60
N THR C 549 18.20 -20.03 22.40
CA THR C 549 19.27 -20.92 21.97
C THR C 549 20.49 -20.77 22.86
N ASP C 550 20.81 -21.82 23.62
CA ASP C 550 21.93 -21.79 24.55
C ASP C 550 23.15 -22.54 24.03
N ALA C 551 22.96 -23.74 23.51
CA ALA C 551 24.06 -24.55 23.00
C ALA C 551 23.68 -25.14 21.65
N VAL C 552 24.70 -25.42 20.84
CA VAL C 552 24.51 -26.00 19.51
C VAL C 552 25.52 -27.11 19.32
N ARG C 553 25.09 -28.21 18.72
CA ARG C 553 25.97 -29.31 18.38
C ARG C 553 26.59 -29.08 17.01
N ASP C 554 27.88 -29.34 16.91
CA ASP C 554 28.58 -29.14 15.64
C ASP C 554 28.08 -30.14 14.61
N PRO C 555 27.51 -29.70 13.50
CA PRO C 555 27.04 -30.65 12.48
C PRO C 555 28.14 -31.29 11.66
N GLN C 556 29.38 -30.81 11.80
CA GLN C 556 30.50 -31.34 11.03
C GLN C 556 31.43 -32.23 11.84
N THR C 557 31.51 -32.02 13.15
CA THR C 557 32.38 -32.82 14.01
C THR C 557 31.62 -33.56 15.11
N LEU C 558 30.30 -33.42 15.17
CA LEU C 558 29.47 -34.06 16.19
C LEU C 558 29.91 -33.69 17.60
N GLU C 559 30.40 -32.46 17.77
CA GLU C 559 30.77 -31.92 19.07
C GLU C 559 29.77 -30.85 19.48
N ILE C 560 29.81 -30.51 20.76
CA ILE C 560 28.86 -29.55 21.33
C ILE C 560 29.57 -28.22 21.57
N LEU C 561 28.80 -27.14 21.42
CA LEU C 561 29.27 -25.79 21.69
C LEU C 561 28.11 -24.99 22.27
N ASP C 562 28.39 -24.21 23.31
CA ASP C 562 27.37 -23.35 23.91
C ASP C 562 27.53 -21.92 23.42
N ILE C 563 26.43 -21.17 23.47
CA ILE C 563 26.34 -19.84 22.89
C ILE C 563 26.09 -18.83 24.01
N THR C 564 26.82 -17.73 23.97
CA THR C 564 26.72 -16.66 24.95
C THR C 564 26.62 -15.32 24.22
N PRO C 565 25.87 -14.36 24.78
CA PRO C 565 25.87 -13.02 24.21
C PRO C 565 27.28 -12.48 24.08
N CYS C 566 27.48 -11.58 23.11
CA CYS C 566 28.84 -11.17 22.78
C CYS C 566 29.42 -10.22 23.81
N SER C 567 28.88 -9.00 23.92
CA SER C 567 29.36 -8.08 24.95
C SER C 567 28.25 -7.17 25.47
N PHE C 568 27.00 -7.60 25.42
CA PHE C 568 25.89 -6.69 25.70
C PHE C 568 26.02 -6.05 27.09
N GLY C 569 25.77 -4.75 27.15
CA GLY C 569 25.82 -4.02 28.40
C GLY C 569 25.20 -2.65 28.29
N GLY C 570 25.70 -1.69 29.08
CA GLY C 570 25.18 -0.35 29.04
C GLY C 570 26.23 0.71 29.35
N VAL C 571 26.31 1.73 28.52
CA VAL C 571 27.30 2.78 28.68
C VAL C 571 26.68 3.93 29.47
N SER C 572 27.32 4.31 30.56
CA SER C 572 26.93 5.46 31.35
C SER C 572 28.12 6.40 31.48
N VAL C 573 27.94 7.66 31.11
CA VAL C 573 29.03 8.63 31.09
C VAL C 573 29.00 9.39 32.41
N ILE C 574 30.07 9.27 33.18
CA ILE C 574 30.21 9.99 34.43
C ILE C 574 30.92 11.30 34.16
N THR C 575 30.31 12.41 34.56
CA THR C 575 30.88 13.71 34.27
C THR C 575 30.51 14.72 35.33
N PRO C 576 31.45 15.58 35.72
CA PRO C 576 31.10 16.75 36.53
C PRO C 576 30.37 17.78 35.67
N GLY C 577 30.01 18.89 36.32
CA GLY C 577 29.33 19.96 35.61
C GLY C 577 30.14 20.47 34.44
N THR C 578 29.51 20.62 33.27
CA THR C 578 30.22 21.09 32.10
C THR C 578 30.72 22.52 32.27
N ASN C 579 30.16 23.28 33.21
CA ASN C 579 30.71 24.60 33.52
C ASN C 579 31.97 24.50 34.35
N THR C 580 32.23 23.34 34.96
CA THR C 580 33.44 23.14 35.77
C THR C 580 34.57 22.57 34.93
N SER C 581 34.34 21.45 34.25
CA SER C 581 35.36 20.80 33.46
C SER C 581 34.69 20.02 32.34
N ASN C 582 35.51 19.53 31.41
CA ASN C 582 35.02 18.77 30.27
C ASN C 582 35.44 17.31 30.27
N GLN C 583 36.32 16.90 31.19
CA GLN C 583 36.71 15.50 31.26
C GLN C 583 35.54 14.65 31.73
N VAL C 584 35.44 13.43 31.17
CA VAL C 584 34.36 12.52 31.48
C VAL C 584 34.94 11.15 31.76
N ALA C 585 34.16 10.33 32.46
CA ALA C 585 34.50 8.94 32.74
C ALA C 585 33.36 8.05 32.24
N VAL C 586 33.71 7.01 31.49
CA VAL C 586 32.74 6.12 30.86
C VAL C 586 32.70 4.82 31.65
N LEU C 587 31.50 4.39 32.03
CA LEU C 587 31.30 3.15 32.77
C LEU C 587 30.51 2.19 31.90
N TYR C 588 31.16 1.09 31.49
CA TYR C 588 30.50 0.03 30.73
C TYR C 588 29.88 -0.93 31.73
N GLN C 589 28.57 -0.81 31.92
CA GLN C 589 27.90 -1.52 33.01
C GLN C 589 27.94 -3.03 32.80
N GLY C 590 28.23 -3.75 33.87
CA GLY C 590 28.10 -5.20 33.90
C GLY C 590 28.92 -5.97 32.89
N VAL C 591 30.23 -5.73 32.85
CA VAL C 591 31.11 -6.46 31.94
C VAL C 591 32.49 -6.57 32.57
N ASN C 592 33.09 -7.75 32.46
CA ASN C 592 34.50 -7.94 32.78
C ASN C 592 35.31 -7.16 31.77
N CYS C 593 35.82 -5.99 32.15
CA CYS C 593 36.31 -5.04 31.16
C CYS C 593 37.72 -5.34 30.69
N THR C 594 38.32 -6.46 31.10
CA THR C 594 39.44 -6.98 30.34
C THR C 594 39.00 -7.33 28.92
N GLU C 595 37.80 -7.92 28.80
CA GLU C 595 37.23 -8.14 27.47
C GLU C 595 36.91 -6.82 26.79
N VAL C 596 36.56 -5.78 27.55
CA VAL C 596 36.35 -4.47 26.94
C VAL C 596 37.66 -3.93 26.39
N SER C 597 38.75 -4.10 27.13
CA SER C 597 40.06 -3.65 26.66
C SER C 597 40.49 -4.40 25.40
N VAL C 598 40.29 -5.72 25.36
CA VAL C 598 40.65 -6.45 24.16
C VAL C 598 39.74 -6.09 23.00
N ALA C 599 38.47 -5.79 23.27
CA ALA C 599 37.57 -5.31 22.21
C ALA C 599 38.01 -3.96 21.69
N ILE C 600 38.50 -3.09 22.57
CA ILE C 600 39.02 -1.80 22.12
C ILE C 600 40.26 -2.00 21.26
N HIS C 601 41.12 -2.94 21.66
CA HIS C 601 42.29 -3.25 20.85
C HIS C 601 41.88 -3.75 19.47
N ALA C 602 40.88 -4.62 19.40
CA ALA C 602 40.37 -5.10 18.13
C ALA C 602 39.55 -4.06 17.38
N ASP C 603 39.19 -2.96 18.04
CA ASP C 603 38.39 -1.89 17.45
C ASP C 603 37.06 -2.42 16.88
N GLN C 604 36.34 -3.20 17.69
CA GLN C 604 35.06 -3.76 17.30
C GLN C 604 33.93 -3.39 18.26
N LEU C 605 34.14 -2.40 19.13
CA LEU C 605 33.08 -1.96 20.03
C LEU C 605 32.09 -1.07 19.28
N THR C 606 30.83 -1.16 19.67
CA THR C 606 29.78 -0.38 19.00
C THR C 606 29.98 1.12 19.15
N PRO C 607 30.25 1.69 20.32
CA PRO C 607 30.45 3.14 20.40
C PRO C 607 31.66 3.58 19.58
N THR C 608 31.44 4.58 18.73
CA THR C 608 32.52 5.06 17.87
C THR C 608 33.63 5.72 18.67
N TRP C 609 33.27 6.52 19.68
CA TRP C 609 34.27 7.23 20.45
C TRP C 609 35.09 6.27 21.30
N ARG C 610 36.28 6.72 21.69
CA ARG C 610 37.22 5.90 22.44
C ARG C 610 37.89 6.76 23.50
N VAL C 611 37.60 6.48 24.77
CA VAL C 611 38.24 7.20 25.87
C VAL C 611 39.68 6.71 26.05
N TYR C 612 40.50 7.56 26.65
CA TYR C 612 41.89 7.22 26.88
C TYR C 612 42.02 6.18 27.98
N SER C 613 42.69 5.07 27.68
CA SER C 613 42.91 3.99 28.62
C SER C 613 44.42 3.87 28.85
N THR C 614 44.93 4.65 29.80
CA THR C 614 46.36 4.68 30.09
C THR C 614 46.74 3.72 31.22
N GLY C 615 45.93 2.71 31.49
CA GLY C 615 46.22 1.76 32.55
C GLY C 615 45.84 2.22 33.95
N SER C 616 46.18 3.46 34.29
CA SER C 616 45.80 3.99 35.61
C SER C 616 44.30 4.22 35.70
N ASN C 617 43.66 4.60 34.59
CA ASN C 617 42.23 4.91 34.59
C ASN C 617 41.39 3.67 34.28
N VAL C 618 41.64 2.58 35.00
CA VAL C 618 40.84 1.37 34.91
C VAL C 618 40.61 0.85 36.32
N PHE C 619 39.35 0.57 36.65
CA PHE C 619 38.99 0.13 38.00
C PHE C 619 37.79 -0.82 37.88
N GLN C 620 38.05 -2.12 37.96
CA GLN C 620 36.99 -3.11 37.80
C GLN C 620 36.10 -3.12 39.04
N THR C 621 34.88 -2.62 38.89
CA THR C 621 33.88 -2.66 39.94
C THR C 621 32.86 -3.75 39.63
N ARG C 622 31.81 -3.83 40.44
CA ARG C 622 30.74 -4.78 40.21
C ARG C 622 29.69 -4.26 39.24
N ALA C 623 29.86 -3.05 38.72
CA ALA C 623 28.99 -2.51 37.69
C ALA C 623 29.79 -2.19 36.44
N GLY C 624 30.64 -3.13 36.03
CA GLY C 624 31.61 -2.86 35.00
C GLY C 624 32.82 -2.14 35.60
N CYS C 625 33.65 -1.58 34.73
CA CYS C 625 34.82 -0.85 35.18
C CYS C 625 34.83 0.56 34.61
N LEU C 626 35.19 1.51 35.47
CA LEU C 626 35.29 2.90 35.08
C LEU C 626 36.54 3.12 34.23
N ILE C 627 36.38 3.76 33.08
CA ILE C 627 37.49 4.12 32.21
C ILE C 627 37.55 5.63 32.12
N GLY C 628 38.72 6.19 32.41
CA GLY C 628 38.90 7.62 32.48
C GLY C 628 38.94 8.19 33.89
N ALA C 629 38.62 7.39 34.90
CA ALA C 629 38.66 7.81 36.29
C ALA C 629 39.51 6.84 37.10
N GLU C 630 40.43 7.38 37.88
CA GLU C 630 41.31 6.56 38.71
C GLU C 630 40.63 6.27 40.05
N TYR C 631 41.19 5.30 40.76
CA TYR C 631 40.64 4.85 42.05
C TYR C 631 41.56 5.30 43.18
N VAL C 632 40.98 5.91 44.20
CA VAL C 632 41.71 6.35 45.38
C VAL C 632 41.13 5.65 46.59
N ASN C 633 42.00 5.16 47.47
CA ASN C 633 41.56 4.43 48.65
C ASN C 633 40.90 5.33 49.68
N ASN C 634 41.00 6.65 49.54
CA ASN C 634 40.32 7.56 50.44
C ASN C 634 38.81 7.42 50.32
N SER C 635 38.12 7.63 51.43
CA SER C 635 36.67 7.49 51.50
C SER C 635 36.05 8.86 51.74
N TYR C 636 35.26 9.33 50.79
CA TYR C 636 34.51 10.57 50.92
C TYR C 636 33.02 10.29 50.77
N GLU C 637 32.22 11.32 51.00
CA GLU C 637 30.79 11.21 50.78
C GLU C 637 30.50 11.09 49.28
N CYS C 638 29.38 10.44 48.96
CA CYS C 638 29.05 10.20 47.57
C CYS C 638 28.72 11.50 46.85
N ASP C 639 29.24 11.64 45.63
CA ASP C 639 28.95 12.77 44.78
C ASP C 639 28.23 12.36 43.50
N ILE C 640 28.77 11.43 42.76
CA ILE C 640 28.14 10.86 41.57
C ILE C 640 28.01 9.35 41.79
N PRO C 641 26.85 8.88 42.23
CA PRO C 641 26.69 7.44 42.51
C PRO C 641 26.92 6.61 41.25
N ILE C 642 27.53 5.45 41.45
CA ILE C 642 27.84 4.53 40.35
C ILE C 642 27.15 3.20 40.61
N GLY C 643 27.45 2.58 41.74
CA GLY C 643 26.90 1.29 42.10
C GLY C 643 27.92 0.49 42.86
N ALA C 644 27.44 -0.48 43.64
CA ALA C 644 28.29 -1.36 44.44
C ALA C 644 29.21 -0.56 45.37
N GLY C 645 28.67 0.50 45.96
CA GLY C 645 29.43 1.29 46.91
C GLY C 645 30.61 2.01 46.31
N ILE C 646 30.47 2.51 45.09
CA ILE C 646 31.51 3.29 44.41
C ILE C 646 30.89 4.60 43.96
N CYS C 647 31.56 5.71 44.27
CA CYS C 647 31.11 7.03 43.86
C CYS C 647 32.28 7.80 43.28
N ALA C 648 32.09 8.37 42.11
CA ALA C 648 33.11 9.18 41.45
C ALA C 648 32.86 10.65 41.73
N SER C 649 33.93 11.43 41.81
CA SER C 649 33.83 12.85 42.06
C SER C 649 35.05 13.55 41.46
N TYR C 650 34.91 14.86 41.25
CA TYR C 650 36.01 15.68 40.77
C TYR C 650 36.76 16.26 41.95
N GLN C 651 38.08 16.07 41.96
CA GLN C 651 38.93 16.53 43.06
C GLN C 651 40.28 16.92 42.51
N THR C 652 40.98 17.74 43.28
CA THR C 652 42.33 18.15 42.91
C THR C 652 43.30 16.98 43.09
N GLN C 653 44.31 16.93 42.21
CA GLN C 653 45.31 15.86 42.26
C GLN C 653 46.26 16.09 43.43
N SER C 665 45.37 20.06 37.13
CA SER C 665 45.46 19.43 38.45
C SER C 665 44.10 18.91 38.90
N GLN C 666 43.18 18.75 37.95
CA GLN C 666 41.84 18.26 38.20
C GLN C 666 41.59 16.98 37.42
N SER C 667 40.99 16.00 38.09
CA SER C 667 40.67 14.73 37.44
C SER C 667 39.53 14.08 38.21
N ILE C 668 38.84 13.16 37.53
CA ILE C 668 37.75 12.41 38.14
C ILE C 668 38.34 11.19 38.86
N ILE C 669 37.99 11.05 40.14
CA ILE C 669 38.49 9.96 40.97
C ILE C 669 37.32 9.15 41.48
N ALA C 670 37.41 7.83 41.35
CA ALA C 670 36.43 6.91 41.91
C ALA C 670 36.91 6.42 43.27
N TYR C 671 35.96 6.17 44.16
CA TYR C 671 36.30 5.76 45.52
C TYR C 671 35.11 5.04 46.13
N THR C 672 35.37 4.31 47.20
CA THR C 672 34.31 3.73 48.01
C THR C 672 33.68 4.83 48.86
N MET C 673 32.34 4.89 48.85
CA MET C 673 31.65 5.94 49.58
C MET C 673 31.90 5.81 51.07
N SER C 674 31.89 6.95 51.76
CA SER C 674 32.02 7.01 53.21
C SER C 674 30.65 7.26 53.81
N LEU C 675 30.19 6.33 54.64
CA LEU C 675 28.85 6.46 55.22
C LEU C 675 28.77 7.59 56.24
N GLY C 676 29.89 7.92 56.88
CA GLY C 676 29.92 8.99 57.83
C GLY C 676 31.14 8.91 58.70
N ALA C 677 31.28 9.90 59.57
CA ALA C 677 32.39 9.93 60.52
C ALA C 677 32.16 8.91 61.61
N GLU C 678 33.04 7.92 61.71
CA GLU C 678 32.91 6.90 62.74
C GLU C 678 33.04 7.54 64.11
N ASN C 679 32.12 7.16 65.01
CA ASN C 679 32.07 7.75 66.35
C ASN C 679 31.82 6.63 67.35
N SER C 680 32.89 6.19 68.03
CA SER C 680 32.76 5.18 69.07
C SER C 680 32.15 5.82 70.31
N VAL C 681 31.03 5.27 70.76
CA VAL C 681 30.32 5.80 71.91
C VAL C 681 30.87 5.16 73.18
N ALA C 682 31.24 5.98 74.15
CA ALA C 682 31.87 5.51 75.38
C ALA C 682 30.81 4.96 76.34
N TYR C 683 30.27 3.81 75.98
CA TYR C 683 29.33 3.11 76.85
C TYR C 683 30.06 2.54 78.06
N SER C 684 29.39 2.56 79.20
CA SER C 684 29.97 2.07 80.43
C SER C 684 28.86 1.67 81.39
N ASN C 685 29.25 0.99 82.47
CA ASN C 685 28.27 0.54 83.46
C ASN C 685 27.57 1.71 84.13
N ASN C 686 28.31 2.76 84.45
CA ASN C 686 27.79 3.87 85.23
C ASN C 686 28.21 5.20 84.61
N SER C 687 28.02 5.35 83.31
CA SER C 687 28.34 6.58 82.61
C SER C 687 27.14 7.01 81.78
N ILE C 688 26.64 8.22 82.03
CA ILE C 688 25.56 8.81 81.26
C ILE C 688 25.92 10.24 80.90
N ALA C 689 25.59 10.65 79.68
CA ALA C 689 25.85 12.00 79.20
C ALA C 689 24.54 12.77 79.11
N ILE C 690 24.55 13.98 79.64
CA ILE C 690 23.36 14.84 79.67
C ILE C 690 23.73 16.17 79.03
N PRO C 691 22.95 16.66 78.07
CA PRO C 691 23.27 17.95 77.43
C PRO C 691 23.04 19.10 78.41
N THR C 692 24.08 19.90 78.61
CA THR C 692 23.96 21.10 79.45
C THR C 692 23.43 22.30 78.69
N ASN C 693 23.15 22.14 77.40
CA ASN C 693 22.69 23.23 76.55
C ASN C 693 21.82 22.64 75.45
N PHE C 694 21.40 23.49 74.51
CA PHE C 694 20.58 23.03 73.41
C PHE C 694 20.72 24.00 72.24
N THR C 695 20.33 23.53 71.07
CA THR C 695 20.27 24.35 69.86
C THR C 695 18.89 24.20 69.24
N ILE C 696 18.20 25.32 69.04
CA ILE C 696 16.88 25.33 68.42
C ILE C 696 17.12 25.44 66.91
N SER C 697 17.27 24.28 66.27
CA SER C 697 17.56 24.24 64.84
C SER C 697 16.26 24.13 64.05
N VAL C 698 16.11 25.00 63.06
CA VAL C 698 14.93 25.02 62.19
C VAL C 698 15.31 24.31 60.90
N THR C 699 14.76 23.11 60.71
CA THR C 699 14.99 22.32 59.51
C THR C 699 13.78 22.41 58.60
N THR C 700 14.02 22.48 57.30
CA THR C 700 12.96 22.62 56.31
C THR C 700 12.82 21.32 55.52
N GLU C 701 11.58 20.99 55.19
CA GLU C 701 11.29 19.87 54.29
C GLU C 701 10.25 20.33 53.29
N ILE C 702 10.27 19.71 52.12
CA ILE C 702 9.39 20.08 51.01
C ILE C 702 8.66 18.84 50.53
N LEU C 703 7.34 18.96 50.36
CA LEU C 703 6.51 17.84 49.93
C LEU C 703 5.59 18.32 48.82
N PRO C 704 5.61 17.69 47.65
CA PRO C 704 4.63 18.03 46.62
C PRO C 704 3.22 17.72 47.09
N VAL C 705 2.27 18.56 46.70
CA VAL C 705 0.89 18.40 47.14
C VAL C 705 0.00 18.11 45.94
N SER C 706 0.37 18.64 44.78
CA SER C 706 -0.42 18.46 43.57
C SER C 706 0.47 18.75 42.37
N MET C 707 -0.12 18.67 41.18
CA MET C 707 0.56 19.05 39.94
C MET C 707 -0.46 19.71 39.02
N THR C 708 -0.01 20.07 37.82
CA THR C 708 -0.91 20.67 36.85
C THR C 708 -1.97 19.67 36.41
N LYS C 709 -3.21 20.13 36.35
CA LYS C 709 -4.32 19.30 35.92
C LYS C 709 -4.50 19.41 34.40
N THR C 710 -4.49 18.27 33.73
CA THR C 710 -4.59 18.22 32.28
C THR C 710 -6.01 17.86 31.86
N SER C 711 -6.43 18.42 30.72
CA SER C 711 -7.78 18.27 30.19
C SER C 711 -7.73 17.81 28.74
N VAL C 712 -6.99 16.73 28.49
CA VAL C 712 -6.84 16.23 27.12
C VAL C 712 -8.21 15.92 26.53
N ASP C 713 -8.28 15.99 25.20
CA ASP C 713 -9.46 15.58 24.46
C ASP C 713 -9.04 14.64 23.34
N CYS C 714 -9.98 13.82 22.88
CA CYS C 714 -9.65 12.75 21.96
C CYS C 714 -9.53 13.26 20.53
N THR C 715 -10.58 13.91 20.04
CA THR C 715 -10.69 14.23 18.62
C THR C 715 -9.59 15.17 18.17
N MET C 716 -9.43 16.29 18.87
CA MET C 716 -8.47 17.30 18.41
C MET C 716 -7.04 16.79 18.53
N TYR C 717 -6.75 16.00 19.57
CA TYR C 717 -5.41 15.44 19.72
C TYR C 717 -5.11 14.43 18.62
N ILE C 718 -6.00 13.46 18.40
CA ILE C 718 -5.66 12.35 17.51
C ILE C 718 -5.88 12.75 16.05
N CYS C 719 -7.09 13.20 15.72
CA CYS C 719 -7.46 13.55 14.35
C CYS C 719 -7.90 15.02 14.35
N GLY C 720 -6.94 15.92 14.18
CA GLY C 720 -7.24 17.34 14.19
C GLY C 720 -7.97 17.79 12.95
N ASP C 721 -9.27 18.12 13.11
CA ASP C 721 -10.10 18.65 12.02
C ASP C 721 -10.12 17.70 10.82
N SER C 722 -10.40 16.42 11.09
CA SER C 722 -10.53 15.41 10.04
C SER C 722 -11.77 14.57 10.34
N THR C 723 -12.79 14.69 9.48
CA THR C 723 -14.04 14.00 9.74
C THR C 723 -13.89 12.49 9.61
N GLU C 724 -13.23 12.01 8.57
CA GLU C 724 -13.06 10.57 8.39
C GLU C 724 -12.17 9.98 9.48
N CYS C 725 -11.15 10.72 9.91
CA CYS C 725 -10.31 10.26 10.99
C CYS C 725 -11.07 10.23 12.31
N SER C 726 -11.94 11.22 12.52
CA SER C 726 -12.80 11.20 13.70
C SER C 726 -13.73 10.00 13.69
N ASN C 727 -14.29 9.66 12.51
CA ASN C 727 -15.13 8.48 12.40
C ASN C 727 -14.34 7.21 12.70
N LEU C 728 -13.13 7.11 12.16
CA LEU C 728 -12.30 5.93 12.41
C LEU C 728 -11.95 5.80 13.89
N LEU C 729 -11.67 6.94 14.55
CA LEU C 729 -11.44 6.91 15.99
C LEU C 729 -12.69 6.48 16.73
N LEU C 730 -13.85 6.95 16.29
CA LEU C 730 -15.12 6.54 16.88
C LEU C 730 -15.36 5.05 16.68
N GLN C 731 -14.77 4.44 15.65
CA GLN C 731 -14.89 3.00 15.46
C GLN C 731 -14.26 2.21 16.60
N TYR C 732 -13.42 2.85 17.42
CA TYR C 732 -12.81 2.20 18.57
C TYR C 732 -13.74 2.15 19.78
N GLY C 733 -14.94 2.71 19.67
CA GLY C 733 -15.87 2.67 20.79
C GLY C 733 -15.48 3.64 21.89
N SER C 734 -15.82 3.27 23.12
CA SER C 734 -15.49 4.09 24.28
C SER C 734 -14.04 3.86 24.69
N PHE C 735 -13.12 4.02 23.74
CA PHE C 735 -11.72 3.74 24.00
C PHE C 735 -10.99 4.96 24.56
N CYS C 736 -11.53 6.16 24.34
CA CYS C 736 -10.89 7.38 24.76
C CYS C 736 -11.64 8.13 25.87
N THR C 737 -12.96 7.99 25.95
CA THR C 737 -13.68 8.58 27.07
C THR C 737 -13.22 8.00 28.39
N GLN C 738 -12.68 6.78 28.39
CA GLN C 738 -12.02 6.27 29.58
C GLN C 738 -10.82 7.14 29.96
N LEU C 739 -10.03 7.55 28.98
CA LEU C 739 -8.90 8.43 29.26
C LEU C 739 -9.37 9.80 29.75
N LYS C 740 -10.44 10.32 29.13
CA LYS C 740 -10.98 11.60 29.59
C LYS C 740 -11.47 11.52 31.03
N ARG C 741 -12.16 10.44 31.38
CA ARG C 741 -12.63 10.26 32.74
C ARG C 741 -11.47 10.09 33.70
N ALA C 742 -10.42 9.38 33.28
CA ALA C 742 -9.25 9.22 34.13
C ALA C 742 -8.58 10.55 34.42
N LEU C 743 -8.44 11.40 33.40
CA LEU C 743 -7.80 12.69 33.63
C LEU C 743 -8.69 13.62 34.44
N THR C 744 -10.02 13.55 34.24
CA THR C 744 -10.91 14.33 35.09
C THR C 744 -10.81 13.89 36.54
N GLY C 745 -10.74 12.58 36.78
CA GLY C 745 -10.55 12.09 38.13
C GLY C 745 -9.22 12.51 38.71
N ILE C 746 -8.18 12.57 37.87
CA ILE C 746 -6.88 13.06 38.33
C ILE C 746 -6.96 14.51 38.76
N ALA C 747 -7.65 15.34 37.97
CA ALA C 747 -7.80 16.75 38.34
C ALA C 747 -8.59 16.89 39.64
N VAL C 748 -9.67 16.13 39.78
CA VAL C 748 -10.45 16.17 41.01
C VAL C 748 -9.60 15.73 42.20
N GLU C 749 -8.77 14.71 42.00
CA GLU C 749 -7.88 14.23 43.06
C GLU C 749 -6.86 15.29 43.44
N GLN C 750 -6.34 16.03 42.45
CA GLN C 750 -5.39 17.10 42.76
C GLN C 750 -6.06 18.19 43.59
N ASP C 751 -7.29 18.57 43.20
CA ASP C 751 -8.01 19.57 43.98
C ASP C 751 -8.27 19.09 45.40
N LYS C 752 -8.66 17.82 45.54
CA LYS C 752 -8.90 17.26 46.87
C LYS C 752 -7.62 17.21 47.69
N ASN C 753 -6.50 16.90 47.04
CA ASN C 753 -5.21 16.86 47.73
C ASN C 753 -4.86 18.24 48.27
N THR C 754 -5.01 19.27 47.43
CA THR C 754 -4.73 20.63 47.89
C THR C 754 -5.65 21.02 49.04
N GLN C 755 -6.94 20.70 48.94
CA GLN C 755 -7.87 21.03 50.01
C GLN C 755 -7.51 20.31 51.30
N GLU C 756 -7.18 19.03 51.22
CA GLU C 756 -6.84 18.26 52.41
C GLU C 756 -5.56 18.76 53.05
N VAL C 757 -4.56 19.10 52.24
CA VAL C 757 -3.30 19.58 52.80
C VAL C 757 -3.48 20.94 53.46
N PHE C 758 -4.12 21.87 52.77
CA PHE C 758 -4.15 23.26 53.24
C PHE C 758 -5.42 23.62 53.99
N ALA C 759 -6.60 23.28 53.46
CA ALA C 759 -7.84 23.64 54.12
C ALA C 759 -8.09 22.74 55.33
N GLN C 760 -7.24 22.86 56.35
CA GLN C 760 -7.36 22.05 57.55
C GLN C 760 -8.13 22.75 58.67
N VAL C 761 -8.27 24.06 58.60
CA VAL C 761 -8.96 24.83 59.63
C VAL C 761 -10.19 25.49 59.01
N LYS C 762 -11.34 25.34 59.67
CA LYS C 762 -12.56 25.92 59.15
C LYS C 762 -12.50 27.45 59.17
N GLN C 763 -11.94 28.03 60.22
CA GLN C 763 -11.87 29.47 60.35
C GLN C 763 -10.53 30.00 59.85
N ILE C 764 -10.50 31.29 59.55
CA ILE C 764 -9.30 31.97 59.05
C ILE C 764 -8.87 32.94 60.15
N TYR C 765 -7.82 32.57 60.88
CA TYR C 765 -7.32 33.42 61.96
C TYR C 765 -6.39 34.49 61.41
N LYS C 766 -6.32 35.60 62.13
CA LYS C 766 -5.51 36.74 61.74
C LYS C 766 -4.56 37.10 62.87
N THR C 767 -3.28 37.26 62.54
CA THR C 767 -2.30 37.68 63.52
C THR C 767 -2.59 39.12 63.95
N PRO C 768 -2.55 39.40 65.25
CA PRO C 768 -2.82 40.76 65.72
C PRO C 768 -1.79 41.73 65.18
N PRO C 769 -2.16 43.00 65.01
CA PRO C 769 -1.22 43.97 64.42
C PRO C 769 0.09 44.10 65.17
N ILE C 770 0.05 44.01 66.50
CA ILE C 770 1.29 44.04 67.27
C ILE C 770 2.00 42.69 67.14
N LYS C 771 3.30 42.73 66.90
CA LYS C 771 4.11 41.53 66.71
C LYS C 771 5.22 41.54 67.74
N TYR C 772 4.92 41.03 68.94
CA TYR C 772 5.92 40.82 69.99
C TYR C 772 5.60 39.47 70.61
N PHE C 773 6.19 38.42 70.06
CA PHE C 773 5.92 37.05 70.51
C PHE C 773 6.98 36.60 71.51
N GLY C 774 7.12 37.37 72.58
CA GLY C 774 8.10 37.06 73.61
C GLY C 774 9.53 37.10 73.10
N GLY C 775 9.82 37.99 72.16
CA GLY C 775 11.13 38.07 71.57
C GLY C 775 11.31 37.28 70.29
N PHE C 776 10.43 36.32 70.02
CA PHE C 776 10.50 35.56 68.78
C PHE C 776 10.13 36.43 67.59
N ASN C 777 10.85 36.25 66.49
CA ASN C 777 10.63 37.02 65.27
C ASN C 777 9.94 36.15 64.24
N PHE C 778 8.81 36.62 63.72
CA PHE C 778 8.03 35.88 62.74
C PHE C 778 7.80 36.66 61.46
N SER C 779 8.51 37.77 61.25
CA SER C 779 8.31 38.57 60.05
C SER C 779 8.67 37.81 58.79
N GLN C 780 9.54 36.81 58.89
CA GLN C 780 9.95 36.06 57.71
C GLN C 780 8.88 35.09 57.23
N ILE C 781 8.05 34.57 58.15
CA ILE C 781 7.00 33.63 57.78
C ILE C 781 5.61 34.24 57.83
N LEU C 782 5.40 35.30 58.60
CA LEU C 782 4.11 35.96 58.59
C LEU C 782 3.93 36.74 57.28
N PRO C 783 2.70 36.88 56.81
CA PRO C 783 2.48 37.57 55.52
C PRO C 783 2.95 39.01 55.57
N ASP C 784 3.47 39.47 54.43
CA ASP C 784 3.92 40.84 54.28
C ASP C 784 2.84 41.64 53.59
N PRO C 785 2.18 42.59 54.26
CA PRO C 785 1.13 43.37 53.58
C PRO C 785 1.64 44.23 52.43
N SER C 786 2.95 44.51 52.39
CA SER C 786 3.48 45.34 51.31
C SER C 786 3.31 44.66 49.95
N LYS C 787 3.58 43.37 49.89
CA LYS C 787 3.41 42.65 48.63
C LYS C 787 1.93 42.56 48.28
N PRO C 788 1.57 42.74 47.01
CA PRO C 788 0.14 42.68 46.63
C PRO C 788 -0.46 41.29 46.82
N SER C 789 0.34 40.23 46.86
CA SER C 789 -0.17 38.89 47.05
C SER C 789 -0.31 38.52 48.53
N LYS C 790 0.14 39.37 49.44
CA LYS C 790 0.07 39.13 50.88
C LYS C 790 0.75 37.82 51.25
N ARG C 791 2.04 37.75 50.97
CA ARG C 791 2.83 36.54 51.19
C ARG C 791 4.10 36.88 51.95
N SER C 792 4.59 35.89 52.70
CA SER C 792 5.79 36.07 53.49
C SER C 792 7.02 36.12 52.58
N PRO C 793 8.13 36.67 53.09
CA PRO C 793 9.38 36.62 52.29
C PRO C 793 9.81 35.21 51.95
N ILE C 794 9.62 34.25 52.87
CA ILE C 794 9.94 32.87 52.56
C ILE C 794 9.06 32.35 51.43
N GLU C 795 7.77 32.67 51.47
CA GLU C 795 6.86 32.25 50.40
C GLU C 795 7.26 32.89 49.08
N ASP C 796 7.66 34.16 49.09
CA ASP C 796 8.12 34.81 47.87
C ASP C 796 9.37 34.15 47.32
N LEU C 797 10.31 33.79 48.20
CA LEU C 797 11.51 33.09 47.75
C LEU C 797 11.14 31.74 47.14
N LEU C 798 10.20 31.02 47.75
CA LEU C 798 9.76 29.74 47.21
C LEU C 798 9.12 29.91 45.83
N PHE C 799 8.29 30.95 45.68
CA PHE C 799 7.62 31.17 44.40
C PHE C 799 8.60 31.60 43.32
N ASN C 800 9.61 32.38 43.68
CA ASN C 800 10.58 32.83 42.70
C ASN C 800 11.57 31.72 42.33
N LYS C 801 11.87 30.82 43.26
CA LYS C 801 12.84 29.77 43.01
C LYS C 801 12.27 28.59 42.24
N VAL C 802 10.97 28.57 41.98
CA VAL C 802 10.32 27.51 41.22
C VAL C 802 9.91 28.08 39.88
N THR C 803 10.39 27.46 38.80
CA THR C 803 10.08 27.88 37.44
C THR C 803 9.08 26.90 36.83
N LEU C 804 7.98 27.42 36.30
CA LEU C 804 6.92 26.61 35.72
C LEU C 804 6.94 26.76 34.20
N ALA C 805 6.86 25.63 33.50
CA ALA C 805 6.87 25.66 32.04
C ALA C 805 5.52 26.12 31.48
N ASP C 806 4.43 25.72 32.12
CA ASP C 806 3.07 26.09 31.70
C ASP C 806 2.43 26.95 32.78
N ALA C 807 2.05 28.17 32.42
CA ALA C 807 1.37 29.04 33.38
C ALA C 807 0.00 28.48 33.75
N GLY C 808 -0.76 27.98 32.78
CA GLY C 808 -2.06 27.39 33.05
C GLY C 808 -3.14 28.41 33.33
N PHE C 809 -3.05 29.07 34.47
CA PHE C 809 -4.05 30.07 34.87
C PHE C 809 -3.75 31.42 34.25
N ILE C 810 -3.57 31.45 32.93
CA ILE C 810 -3.22 32.70 32.24
C ILE C 810 -4.12 33.01 31.05
N LYS C 811 -4.84 32.04 30.49
CA LYS C 811 -5.61 32.21 29.26
C LYS C 811 -4.70 32.76 28.16
N GLN C 812 -3.70 31.96 27.81
CA GLN C 812 -2.60 32.39 26.95
C GLN C 812 -3.04 32.67 25.50
N TYR C 813 -4.32 32.57 25.18
CA TYR C 813 -4.75 32.92 23.83
C TYR C 813 -4.71 34.43 23.65
N GLY C 814 -4.52 34.85 22.39
CA GLY C 814 -4.42 36.25 22.06
C GLY C 814 -3.00 36.80 22.07
N ASP C 815 -2.01 36.02 22.52
CA ASP C 815 -0.63 36.45 22.51
C ASP C 815 0.30 35.49 21.78
N CYS C 816 -0.14 34.25 21.50
CA CYS C 816 0.70 33.32 20.75
C CYS C 816 0.94 33.82 19.34
N LEU C 817 -0.09 34.39 18.71
CA LEU C 817 0.04 34.89 17.34
C LEU C 817 0.99 36.09 17.25
N GLY C 818 1.19 36.82 18.34
CA GLY C 818 2.05 37.98 18.35
C GLY C 818 3.44 37.76 18.90
N ASP C 819 3.81 36.51 19.23
CA ASP C 819 5.13 36.25 19.79
C ASP C 819 6.19 36.38 18.71
N ILE C 820 7.18 37.26 18.96
CA ILE C 820 8.26 37.45 17.99
C ILE C 820 9.09 36.17 17.86
N ALA C 821 9.43 35.56 18.99
CA ALA C 821 10.24 34.34 18.99
C ALA C 821 9.34 33.15 18.69
N ALA C 822 9.88 31.94 18.87
CA ALA C 822 9.11 30.73 18.63
C ALA C 822 7.95 30.61 19.61
N ARG C 823 6.86 30.03 19.14
CA ARG C 823 5.69 29.85 19.97
C ARG C 823 6.00 28.94 21.16
N ASP C 824 5.53 29.32 22.34
CA ASP C 824 5.86 28.58 23.55
C ASP C 824 5.15 27.23 23.57
N LEU C 825 5.63 26.36 24.46
CA LEU C 825 5.07 25.01 24.55
C LEU C 825 3.60 25.05 24.97
N ILE C 826 3.19 26.05 25.74
CA ILE C 826 1.80 26.15 26.16
C ILE C 826 0.91 26.36 24.94
N CYS C 827 1.25 27.32 24.08
CA CYS C 827 0.50 27.54 22.86
C CYS C 827 0.59 26.34 21.93
N ALA C 828 1.75 25.69 21.88
CA ALA C 828 1.93 24.53 21.02
C ALA C 828 1.00 23.40 21.43
N GLN C 829 0.91 23.11 22.72
CA GLN C 829 0.03 22.03 23.17
C GLN C 829 -1.43 22.45 23.13
N LYS C 830 -1.72 23.75 23.26
CA LYS C 830 -3.08 24.22 23.03
C LYS C 830 -3.50 23.96 21.58
N PHE C 831 -2.59 24.18 20.64
CA PHE C 831 -2.86 23.83 19.24
C PHE C 831 -2.92 22.32 19.05
N ASN C 832 -2.18 21.57 19.87
CA ASN C 832 -2.06 20.13 19.69
C ASN C 832 -3.08 19.33 20.48
N GLY C 833 -3.89 19.97 21.32
CA GLY C 833 -4.95 19.26 21.99
C GLY C 833 -5.00 19.37 23.50
N LEU C 834 -3.90 19.79 24.12
CA LEU C 834 -3.78 19.77 25.58
C LEU C 834 -4.12 21.14 26.16
N THR C 835 -5.00 21.16 27.15
CA THR C 835 -5.31 22.34 27.93
C THR C 835 -5.06 22.04 29.40
N VAL C 836 -4.42 22.97 30.10
CA VAL C 836 -4.08 22.81 31.50
C VAL C 836 -5.13 23.53 32.33
N LEU C 837 -5.86 22.77 33.14
CA LEU C 837 -6.87 23.37 34.01
C LEU C 837 -6.20 24.08 35.18
N PRO C 838 -6.57 25.32 35.47
CA PRO C 838 -5.98 26.00 36.62
C PRO C 838 -6.41 25.35 37.91
N PRO C 839 -5.60 25.44 38.97
CA PRO C 839 -5.98 24.82 40.25
C PRO C 839 -7.22 25.48 40.82
N LEU C 840 -8.02 24.69 41.54
CA LEU C 840 -9.24 25.21 42.13
C LEU C 840 -8.93 26.26 43.19
N LEU C 841 -7.93 26.02 44.02
CA LEU C 841 -7.47 26.97 45.03
C LEU C 841 -6.27 27.70 44.45
N THR C 842 -6.44 28.99 44.15
CA THR C 842 -5.33 29.75 43.59
C THR C 842 -4.29 30.04 44.65
N ASP C 843 -3.13 30.54 44.20
CA ASP C 843 -2.01 30.76 45.11
C ASP C 843 -2.35 31.75 46.20
N GLU C 844 -3.18 32.76 45.89
CA GLU C 844 -3.57 33.74 46.91
C GLU C 844 -4.35 33.07 48.04
N MET C 845 -5.31 32.21 47.70
CA MET C 845 -6.08 31.55 48.74
C MET C 845 -5.27 30.49 49.47
N ILE C 846 -4.34 29.83 48.78
CA ILE C 846 -3.44 28.91 49.47
C ILE C 846 -2.58 29.66 50.48
N ALA C 847 -2.07 30.83 50.09
CA ALA C 847 -1.31 31.65 51.02
C ALA C 847 -2.18 32.12 52.17
N GLN C 848 -3.45 32.43 51.91
CA GLN C 848 -4.35 32.82 52.99
C GLN C 848 -4.57 31.67 53.96
N TYR C 849 -4.73 30.45 53.45
CA TYR C 849 -4.85 29.28 54.32
C TYR C 849 -3.59 29.09 55.15
N THR C 850 -2.43 29.23 54.53
CA THR C 850 -1.17 29.11 55.26
C THR C 850 -1.05 30.18 56.34
N SER C 851 -1.47 31.40 56.03
CA SER C 851 -1.46 32.48 57.01
C SER C 851 -2.38 32.18 58.17
N ALA C 852 -3.57 31.64 57.88
CA ALA C 852 -4.49 31.28 58.95
C ALA C 852 -3.90 30.20 59.84
N LEU C 853 -3.30 29.17 59.24
CA LEU C 853 -2.67 28.12 60.04
C LEU C 853 -1.54 28.67 60.89
N LEU C 854 -0.71 29.55 60.31
CA LEU C 854 0.40 30.12 61.06
C LEU C 854 -0.09 31.00 62.21
N ALA C 855 -1.10 31.82 61.96
CA ALA C 855 -1.65 32.65 63.03
C ALA C 855 -2.23 31.78 64.14
N GLY C 856 -2.93 30.70 63.78
CA GLY C 856 -3.45 29.80 64.78
C GLY C 856 -2.35 29.15 65.60
N THR C 857 -1.28 28.70 64.94
CA THR C 857 -0.24 27.98 65.65
C THR C 857 0.70 28.90 66.42
N ILE C 858 0.69 30.21 66.16
CA ILE C 858 1.51 31.15 66.93
C ILE C 858 0.69 32.02 67.86
N THR C 859 -0.64 31.90 67.87
CA THR C 859 -1.43 32.55 68.89
C THR C 859 -2.24 31.60 69.77
N SER C 860 -2.32 30.32 69.43
CA SER C 860 -3.11 29.39 70.20
C SER C 860 -2.49 28.01 70.38
N GLY C 861 -1.27 27.79 69.88
CA GLY C 861 -0.65 26.48 70.03
C GLY C 861 -1.42 25.41 69.27
N TRP C 862 -1.76 24.34 69.96
CA TRP C 862 -2.54 23.25 69.37
C TRP C 862 -4.04 23.39 69.62
N THR C 863 -4.44 24.37 70.43
CA THR C 863 -5.85 24.49 70.79
C THR C 863 -6.72 24.83 69.59
N PHE C 864 -6.22 25.64 68.66
CA PHE C 864 -6.99 25.96 67.47
C PHE C 864 -7.15 24.74 66.57
N GLY C 865 -6.14 23.86 66.53
CA GLY C 865 -6.26 22.65 65.76
C GLY C 865 -7.13 21.60 66.41
N ALA C 866 -7.25 21.64 67.73
CA ALA C 866 -8.09 20.68 68.45
C ALA C 866 -9.55 21.13 68.48
N GLY C 867 -9.81 22.28 69.09
CA GLY C 867 -11.15 22.80 69.17
C GLY C 867 -11.18 24.31 68.95
N PRO C 868 -11.82 25.04 69.86
CA PRO C 868 -11.79 26.50 69.77
C PRO C 868 -10.38 27.03 69.94
N ALA C 869 -10.09 28.13 69.25
CA ALA C 869 -8.77 28.74 69.29
C ALA C 869 -8.61 29.49 70.61
N LEU C 870 -8.06 28.81 71.60
CA LEU C 870 -7.81 29.42 72.90
C LEU C 870 -6.48 30.14 72.87
N GLN C 871 -6.51 31.46 73.06
CA GLN C 871 -5.30 32.26 73.02
C GLN C 871 -4.37 31.89 74.17
N ILE C 872 -3.07 32.06 73.92
CA ILE C 872 -2.05 31.77 74.93
C ILE C 872 -0.78 32.53 74.54
N PRO C 873 -0.12 33.20 75.48
CA PRO C 873 1.12 33.90 75.16
C PRO C 873 2.17 32.93 74.63
N PHE C 874 2.97 33.42 73.69
CA PHE C 874 3.96 32.55 73.04
C PHE C 874 5.00 31.97 73.99
N PRO C 875 5.55 32.70 74.97
CA PRO C 875 6.44 32.02 75.92
C PRO C 875 5.76 30.87 76.65
N MET C 876 4.48 31.02 76.99
CA MET C 876 3.77 29.94 77.66
C MET C 876 3.54 28.77 76.70
N GLN C 877 3.28 29.07 75.43
CA GLN C 877 3.17 27.98 74.45
C GLN C 877 4.50 27.26 74.28
N MET C 878 5.60 28.00 74.31
CA MET C 878 6.92 27.38 74.26
C MET C 878 7.16 26.50 75.48
N ALA C 879 6.70 26.94 76.65
CA ALA C 879 6.77 26.09 77.83
C ALA C 879 5.96 24.81 77.65
N TYR C 880 4.78 24.95 77.04
CA TYR C 880 3.97 23.77 76.71
C TYR C 880 4.76 22.79 75.84
N ARG C 881 5.38 23.31 74.77
CA ARG C 881 6.12 22.44 73.86
C ARG C 881 7.31 21.79 74.55
N PHE C 882 8.02 22.55 75.40
CA PHE C 882 9.15 21.98 76.13
C PHE C 882 8.68 20.86 77.06
N ASN C 883 7.57 21.08 77.76
CA ASN C 883 7.01 20.01 78.59
C ASN C 883 6.64 18.81 77.75
N GLY C 884 6.12 19.04 76.54
CA GLY C 884 5.79 17.93 75.66
C GLY C 884 7.00 17.11 75.27
N ILE C 885 8.09 17.78 74.89
CA ILE C 885 9.31 17.05 74.53
C ILE C 885 9.97 16.44 75.76
N GLY C 886 9.67 16.91 76.96
CA GLY C 886 10.15 16.30 78.17
C GLY C 886 11.15 17.12 78.98
N VAL C 887 11.22 18.42 78.77
CA VAL C 887 12.07 19.31 79.54
C VAL C 887 11.19 20.36 80.22
N THR C 888 11.46 20.60 81.50
CA THR C 888 10.58 21.44 82.30
C THR C 888 10.56 22.87 81.79
N GLN C 889 9.46 23.58 82.12
CA GLN C 889 9.27 24.94 81.62
C GLN C 889 10.32 25.89 82.14
N ASN C 890 10.87 25.62 83.33
CA ASN C 890 11.88 26.52 83.88
C ASN C 890 13.10 26.61 82.98
N VAL C 891 13.42 25.54 82.26
CA VAL C 891 14.55 25.56 81.34
C VAL C 891 14.33 26.62 80.26
N LEU C 892 13.12 26.66 79.69
CA LEU C 892 12.78 27.71 78.73
C LEU C 892 12.82 29.09 79.39
N TYR C 893 12.21 29.21 80.57
CA TYR C 893 12.04 30.53 81.15
C TYR C 893 13.35 31.15 81.66
N GLU C 894 14.34 30.32 81.98
CA GLU C 894 15.64 30.87 82.35
C GLU C 894 16.28 31.62 81.20
N ASN C 895 16.20 31.06 79.98
CA ASN C 895 16.90 31.58 78.82
C ASN C 895 15.92 31.80 77.66
N GLN C 896 14.81 32.47 77.96
CA GLN C 896 13.84 32.77 76.90
C GLN C 896 14.46 33.69 75.85
N LYS C 897 15.23 34.69 76.29
CA LYS C 897 15.89 35.58 75.34
C LYS C 897 16.88 34.83 74.46
N LEU C 898 17.66 33.92 75.06
CA LEU C 898 18.61 33.13 74.28
C LEU C 898 17.89 32.24 73.27
N ILE C 899 16.77 31.63 73.69
CA ILE C 899 16.02 30.76 72.80
C ILE C 899 15.42 31.57 71.64
N ALA C 900 14.90 32.76 71.95
CA ALA C 900 14.36 33.62 70.89
C ALA C 900 15.45 34.04 69.91
N ASN C 901 16.64 34.37 70.42
CA ASN C 901 17.75 34.74 69.55
C ASN C 901 18.15 33.57 68.66
N GLN C 902 18.21 32.36 69.24
CA GLN C 902 18.53 31.19 68.45
C GLN C 902 17.48 30.95 67.37
N PHE C 903 16.20 31.13 67.71
CA PHE C 903 15.14 30.94 66.73
C PHE C 903 15.25 31.94 65.60
N ASN C 904 15.50 33.21 65.93
CA ASN C 904 15.63 34.23 64.89
C ASN C 904 16.85 33.96 63.99
N SER C 905 17.97 33.56 64.60
CA SER C 905 19.14 33.23 63.82
C SER C 905 18.89 32.04 62.91
N ALA C 906 18.17 31.02 63.41
CA ALA C 906 17.85 29.86 62.60
C ALA C 906 16.95 30.23 61.43
N ILE C 907 15.98 31.12 61.67
CA ILE C 907 15.08 31.55 60.60
C ILE C 907 15.86 32.31 59.53
N GLY C 908 16.72 33.24 59.95
CA GLY C 908 17.54 33.95 59.00
C GLY C 908 18.43 33.01 58.20
N LYS C 909 19.03 32.03 58.89
CA LYS C 909 19.94 31.12 58.22
C LYS C 909 19.21 30.20 57.25
N ILE C 910 17.99 29.75 57.58
CA ILE C 910 17.26 28.90 56.65
C ILE C 910 16.82 29.70 55.43
N GLN C 911 16.42 30.96 55.63
CA GLN C 911 16.10 31.81 54.47
C GLN C 911 17.32 31.99 53.59
N ASP C 912 18.47 32.27 54.18
CA ASP C 912 19.70 32.46 53.41
C ASP C 912 20.10 31.18 52.69
N SER C 913 19.94 30.03 53.35
CA SER C 913 20.27 28.75 52.71
C SER C 913 19.35 28.47 51.53
N LEU C 914 18.06 28.74 51.68
CA LEU C 914 17.13 28.57 50.56
C LEU C 914 17.51 29.49 49.41
N PHE C 915 17.89 30.73 49.71
CA PHE C 915 18.29 31.66 48.66
C PHE C 915 19.56 31.19 47.95
N SER C 916 20.58 30.80 48.71
CA SER C 916 21.89 30.54 48.14
C SER C 916 21.99 29.15 47.49
N THR C 917 21.20 28.18 47.96
CA THR C 917 21.33 26.82 47.46
C THR C 917 20.96 26.76 45.98
N PRO C 918 21.60 25.86 45.22
CA PRO C 918 21.21 25.68 43.81
C PRO C 918 19.75 25.29 43.66
N SER C 919 19.35 24.18 44.29
CA SER C 919 17.96 23.76 44.26
C SER C 919 17.70 22.92 45.52
N ALA C 920 17.13 23.54 46.54
CA ALA C 920 16.56 22.81 47.67
C ALA C 920 15.10 22.46 47.45
N LEU C 921 14.49 23.00 46.40
CA LEU C 921 13.12 22.68 46.00
C LEU C 921 13.08 21.60 44.93
N GLY C 922 14.01 20.64 44.99
CA GLY C 922 14.12 19.65 43.95
C GLY C 922 12.87 18.83 43.74
N LYS C 923 12.11 18.57 44.82
CA LYS C 923 10.90 17.77 44.67
C LYS C 923 9.86 18.47 43.80
N LEU C 924 9.53 19.72 44.12
CA LEU C 924 8.59 20.47 43.29
C LEU C 924 9.14 20.70 41.89
N GLN C 925 10.44 21.01 41.80
CA GLN C 925 11.05 21.25 40.50
C GLN C 925 10.96 20.02 39.61
N ASP C 926 11.23 18.84 40.16
CA ASP C 926 11.17 17.63 39.36
C ASP C 926 9.74 17.21 39.07
N VAL C 927 8.79 17.50 39.96
CA VAL C 927 7.39 17.25 39.64
C VAL C 927 6.96 18.09 38.44
N VAL C 928 7.27 19.38 38.47
CA VAL C 928 6.92 20.26 37.36
C VAL C 928 7.65 19.83 36.09
N ASN C 929 8.92 19.50 36.20
CA ASN C 929 9.70 19.09 35.04
C ASN C 929 9.17 17.79 34.44
N HIS C 930 8.78 16.83 35.28
CA HIS C 930 8.23 15.58 34.78
C HIS C 930 6.91 15.81 34.07
N ASN C 931 6.04 16.66 34.64
CA ASN C 931 4.79 16.96 33.96
C ASN C 931 5.03 17.64 32.63
N ALA C 932 5.96 18.60 32.59
CA ALA C 932 6.26 19.31 31.34
C ALA C 932 6.86 18.35 30.31
N GLN C 933 7.75 17.46 30.74
CA GLN C 933 8.35 16.50 29.83
C GLN C 933 7.31 15.55 29.27
N ALA C 934 6.39 15.08 30.12
CA ALA C 934 5.32 14.21 29.64
C ALA C 934 4.46 14.92 28.61
N LEU C 935 4.07 16.17 28.90
CA LEU C 935 3.27 16.93 27.94
C LEU C 935 4.02 17.14 26.63
N ASN C 936 5.30 17.50 26.70
CA ASN C 936 6.08 17.76 25.50
C ASN C 936 6.26 16.49 24.67
N THR C 937 6.54 15.36 25.32
CA THR C 937 6.67 14.11 24.59
C THR C 937 5.36 13.70 23.96
N LEU C 938 4.25 13.87 24.69
CA LEU C 938 2.95 13.51 24.14
C LEU C 938 2.59 14.38 22.94
N VAL C 939 2.95 15.66 22.97
CA VAL C 939 2.76 16.52 21.80
C VAL C 939 3.65 16.08 20.66
N LYS C 940 4.93 15.84 20.94
CA LYS C 940 5.90 15.47 19.91
C LYS C 940 5.62 14.10 19.31
N GLN C 941 4.76 13.28 19.94
CA GLN C 941 4.40 12.00 19.35
C GLN C 941 3.63 12.15 18.04
N LEU C 942 3.11 13.34 17.73
CA LEU C 942 2.38 13.57 16.51
C LEU C 942 3.28 13.82 15.31
N SER C 943 4.58 13.98 15.52
CA SER C 943 5.55 14.11 14.44
C SER C 943 6.15 12.78 14.05
N SER C 944 5.69 11.68 14.65
CA SER C 944 6.19 10.36 14.37
C SER C 944 5.28 9.64 13.37
N LYS C 945 5.90 8.95 12.42
CA LYS C 945 5.13 8.30 11.36
C LYS C 945 4.32 7.12 11.88
N PHE C 946 4.80 6.46 12.95
CA PHE C 946 4.15 5.29 13.52
C PHE C 946 4.03 4.15 12.52
N GLY C 947 4.90 4.11 11.52
CA GLY C 947 4.85 3.12 10.47
C GLY C 947 4.19 3.60 9.19
N ALA C 948 3.41 4.68 9.25
CA ALA C 948 2.79 5.21 8.05
C ALA C 948 3.82 5.96 7.20
N ILE C 949 3.44 6.22 5.95
CA ILE C 949 4.36 6.92 5.03
C ILE C 949 4.52 8.37 5.47
N SER C 950 3.45 8.99 5.95
CA SER C 950 3.50 10.38 6.40
C SER C 950 2.78 10.51 7.74
N SER C 951 3.21 11.51 8.51
CA SER C 951 2.65 11.78 9.83
C SER C 951 1.64 12.92 9.82
N VAL C 952 1.29 13.44 8.64
CA VAL C 952 0.33 14.53 8.51
C VAL C 952 -0.96 13.96 7.94
N LEU C 953 -2.04 14.09 8.71
CA LEU C 953 -3.32 13.52 8.31
C LEU C 953 -3.84 14.17 7.03
N ASN C 954 -3.78 15.49 6.96
CA ASN C 954 -4.26 16.18 5.76
C ASN C 954 -3.39 15.89 4.56
N ASP C 955 -2.07 15.75 4.76
CA ASP C 955 -1.20 15.36 3.66
C ASP C 955 -1.54 13.96 3.16
N ILE C 956 -1.83 13.04 4.08
CA ILE C 956 -2.26 11.70 3.68
C ILE C 956 -3.56 11.77 2.90
N LEU C 957 -4.50 12.58 3.37
CA LEU C 957 -5.79 12.70 2.68
C LEU C 957 -5.62 13.26 1.27
N SER C 958 -4.77 14.28 1.11
CA SER C 958 -4.66 14.99 -0.15
C SER C 958 -3.84 14.26 -1.20
N ARG C 959 -3.09 13.23 -0.81
CA ARG C 959 -2.23 12.54 -1.76
C ARG C 959 -2.44 11.03 -1.80
N LEU C 960 -3.39 10.49 -1.05
CA LEU C 960 -3.66 9.06 -1.04
C LEU C 960 -5.16 8.82 -1.14
N ASP C 961 -5.53 7.76 -1.87
CA ASP C 961 -6.93 7.44 -2.06
C ASP C 961 -7.56 6.96 -0.76
N PRO C 962 -8.87 7.15 -0.59
CA PRO C 962 -9.53 6.81 0.68
C PRO C 962 -9.36 5.35 1.07
N PRO C 963 -9.74 4.38 0.21
CA PRO C 963 -9.80 2.99 0.70
C PRO C 963 -8.47 2.43 1.13
N GLU C 964 -7.37 2.81 0.47
CA GLU C 964 -6.06 2.33 0.87
C GLU C 964 -5.42 3.21 1.95
N ALA C 965 -5.69 4.52 1.94
CA ALA C 965 -5.19 5.39 2.97
C ALA C 965 -5.89 5.17 4.31
N GLU C 966 -7.03 4.48 4.31
CA GLU C 966 -7.70 4.17 5.57
C GLU C 966 -6.83 3.30 6.46
N VAL C 967 -6.09 2.36 5.88
CA VAL C 967 -5.23 1.49 6.68
C VAL C 967 -4.14 2.30 7.37
N GLN C 968 -3.50 3.21 6.64
CA GLN C 968 -2.44 4.01 7.23
C GLN C 968 -3.00 5.03 8.22
N ILE C 969 -4.19 5.57 7.96
CA ILE C 969 -4.83 6.45 8.93
C ILE C 969 -5.15 5.69 10.21
N ASP C 970 -5.59 4.43 10.08
CA ASP C 970 -5.82 3.61 11.26
C ASP C 970 -4.53 3.32 12.00
N ARG C 971 -3.44 3.10 11.27
CA ARG C 971 -2.14 2.93 11.93
C ARG C 971 -1.76 4.18 12.72
N LEU C 972 -1.94 5.35 12.12
CA LEU C 972 -1.66 6.60 12.83
C LEU C 972 -2.56 6.76 14.05
N ILE C 973 -3.84 6.40 13.90
CA ILE C 973 -4.78 6.49 15.02
C ILE C 973 -4.34 5.60 16.16
N THR C 974 -3.96 4.36 15.85
CA THR C 974 -3.58 3.44 16.92
C THR C 974 -2.26 3.86 17.56
N GLY C 975 -1.33 4.41 16.77
CA GLY C 975 -0.11 4.92 17.36
C GLY C 975 -0.35 6.09 18.30
N ARG C 976 -1.16 7.05 17.86
CA ARG C 976 -1.44 8.21 18.70
C ARG C 976 -2.25 7.82 19.93
N LEU C 977 -3.18 6.87 19.78
CA LEU C 977 -3.96 6.41 20.91
C LEU C 977 -3.09 5.67 21.91
N GLN C 978 -2.14 4.86 21.43
CA GLN C 978 -1.22 4.18 22.33
C GLN C 978 -0.33 5.18 23.06
N SER C 979 0.13 6.22 22.37
CA SER C 979 0.91 7.26 23.03
C SER C 979 0.08 7.98 24.09
N LEU C 980 -1.18 8.29 23.77
CA LEU C 980 -2.06 8.94 24.73
C LEU C 980 -2.31 8.05 25.95
N GLN C 981 -2.51 6.75 25.73
CA GLN C 981 -2.70 5.84 26.84
C GLN C 981 -1.44 5.72 27.69
N THR C 982 -0.27 5.70 27.06
CA THR C 982 0.97 5.69 27.83
C THR C 982 1.09 6.94 28.70
N TYR C 983 0.77 8.10 28.12
CA TYR C 983 0.80 9.34 28.89
C TYR C 983 -0.20 9.31 30.04
N VAL C 984 -1.40 8.78 29.79
CA VAL C 984 -2.43 8.74 30.82
C VAL C 984 -2.04 7.79 31.93
N THR C 985 -1.44 6.65 31.59
CA THR C 985 -0.99 5.70 32.61
C THR C 985 0.15 6.30 33.45
N GLN C 986 1.10 6.98 32.79
CA GLN C 986 2.15 7.65 33.55
C GLN C 986 1.57 8.72 34.45
N GLN C 987 0.57 9.47 33.97
CA GLN C 987 -0.08 10.48 34.79
C GLN C 987 -0.82 9.85 35.96
N LEU C 988 -1.44 8.70 35.75
CA LEU C 988 -2.13 8.01 36.84
C LEU C 988 -1.15 7.54 37.91
N ILE C 989 -0.01 6.98 37.50
CA ILE C 989 0.99 6.55 38.46
C ILE C 989 1.56 7.74 39.22
N ARG C 990 1.87 8.82 38.49
CA ARG C 990 2.36 10.03 39.14
C ARG C 990 1.31 10.63 40.06
N ALA C 991 0.04 10.51 39.71
CA ALA C 991 -1.02 11.02 40.57
C ALA C 991 -1.16 10.19 41.82
N ALA C 992 -0.99 8.87 41.71
CA ALA C 992 -0.97 8.03 42.90
C ALA C 992 0.18 8.41 43.83
N GLU C 993 1.37 8.62 43.26
CA GLU C 993 2.51 9.03 44.07
C GLU C 993 2.29 10.40 44.70
N ILE C 994 1.73 11.33 43.93
CA ILE C 994 1.48 12.67 44.44
C ILE C 994 0.40 12.64 45.52
N ARG C 995 -0.60 11.76 45.38
CA ARG C 995 -1.62 11.62 46.41
C ARG C 995 -1.03 11.02 47.68
N ALA C 996 -0.11 10.07 47.55
CA ALA C 996 0.58 9.55 48.72
C ALA C 996 1.38 10.66 49.41
N SER C 997 2.10 11.46 48.63
CA SER C 997 2.86 12.57 49.19
C SER C 997 1.94 13.62 49.82
N ALA C 998 0.77 13.85 49.24
CA ALA C 998 -0.16 14.83 49.77
C ALA C 998 -0.82 14.32 51.05
N ASN C 999 -1.10 13.04 51.13
CA ASN C 999 -1.57 12.46 52.38
C ASN C 999 -0.50 12.57 53.46
N LEU C 1000 0.76 12.33 53.09
CA LEU C 1000 1.85 12.52 54.04
C LEU C 1000 1.93 13.97 54.49
N ALA C 1001 1.80 14.91 53.56
CA ALA C 1001 1.88 16.33 53.90
C ALA C 1001 0.71 16.75 54.78
N ALA C 1002 -0.49 16.24 54.51
CA ALA C 1002 -1.65 16.54 55.34
C ALA C 1002 -1.47 15.98 56.75
N THR C 1003 -0.94 14.76 56.86
CA THR C 1003 -0.66 14.19 58.17
C THR C 1003 0.39 15.02 58.91
N LYS C 1004 1.44 15.45 58.19
CA LYS C 1004 2.47 16.28 58.81
C LYS C 1004 1.90 17.60 59.28
N MET C 1005 1.03 18.21 58.48
CA MET C 1005 0.38 19.45 58.91
C MET C 1005 -0.44 19.21 60.18
N SER C 1006 -1.32 18.21 60.13
CA SER C 1006 -2.24 17.96 61.24
C SER C 1006 -1.49 17.61 62.52
N GLU C 1007 -0.32 17.00 62.42
CA GLU C 1007 0.42 16.60 63.61
C GLU C 1007 1.42 17.66 64.06
N CYS C 1008 2.38 17.99 63.20
CA CYS C 1008 3.43 18.92 63.57
C CYS C 1008 2.91 20.35 63.66
N VAL C 1009 2.09 20.77 62.70
CA VAL C 1009 1.66 22.17 62.66
C VAL C 1009 0.57 22.42 63.70
N LEU C 1010 -0.54 21.68 63.60
CA LEU C 1010 -1.65 21.86 64.53
C LEU C 1010 -1.44 21.04 65.80
N GLY C 1011 -0.28 21.16 66.41
CA GLY C 1011 0.02 20.41 67.60
C GLY C 1011 1.51 20.15 67.71
N GLN C 1012 1.84 19.05 68.39
CA GLN C 1012 3.21 18.62 68.56
C GLN C 1012 3.26 17.11 68.44
N SER C 1013 4.19 16.59 67.67
CA SER C 1013 4.29 15.16 67.38
C SER C 1013 5.45 14.57 68.16
N LYS C 1014 5.17 13.48 68.89
CA LYS C 1014 6.20 12.76 69.62
C LYS C 1014 6.92 11.73 68.76
N ARG C 1015 6.52 11.57 67.51
CA ARG C 1015 7.19 10.63 66.61
C ARG C 1015 8.56 11.17 66.23
N VAL C 1016 9.59 10.36 66.42
CA VAL C 1016 10.95 10.82 66.21
C VAL C 1016 11.26 10.88 64.72
N ASP C 1017 11.96 11.93 64.31
CA ASP C 1017 12.41 12.13 62.93
C ASP C 1017 11.26 12.24 61.96
N PHE C 1018 10.08 12.62 62.44
CA PHE C 1018 8.93 12.85 61.57
C PHE C 1018 8.86 14.32 61.15
N CYS C 1019 8.78 15.22 62.12
CA CYS C 1019 8.79 16.65 61.86
C CYS C 1019 10.20 17.21 62.07
N GLY C 1020 11.12 16.74 61.24
CA GLY C 1020 12.49 17.17 61.31
C GLY C 1020 13.31 16.38 62.31
N LYS C 1021 14.63 16.43 62.11
CA LYS C 1021 15.54 15.72 63.01
C LYS C 1021 15.62 16.44 64.35
N GLY C 1022 15.49 15.68 65.43
CA GLY C 1022 15.53 16.21 66.77
C GLY C 1022 14.15 16.22 67.41
N TYR C 1023 14.14 16.61 68.68
CA TYR C 1023 12.89 16.72 69.42
C TYR C 1023 12.05 17.85 68.84
N HIS C 1024 10.91 17.50 68.26
CA HIS C 1024 10.09 18.45 67.54
C HIS C 1024 9.37 19.39 68.52
N LEU C 1025 9.32 20.67 68.15
CA LEU C 1025 8.63 21.70 68.94
C LEU C 1025 7.39 22.21 68.23
N MET C 1026 7.53 22.71 67.00
CA MET C 1026 6.40 23.13 66.20
C MET C 1026 6.80 23.09 64.74
N SER C 1027 5.85 23.41 63.87
CA SER C 1027 6.13 23.53 62.44
C SER C 1027 5.35 24.72 61.91
N PHE C 1028 5.90 25.34 60.86
CA PHE C 1028 5.28 26.51 60.24
C PHE C 1028 5.02 26.24 58.77
N PRO C 1029 3.77 26.24 58.33
CA PRO C 1029 3.49 26.04 56.91
C PRO C 1029 4.04 27.16 56.06
N GLN C 1030 4.44 26.81 54.84
CA GLN C 1030 4.87 27.79 53.85
C GLN C 1030 4.39 27.31 52.49
N SER C 1031 3.50 28.07 51.88
CA SER C 1031 2.93 27.67 50.59
C SER C 1031 4.00 27.69 49.51
N ALA C 1032 3.97 26.68 48.66
CA ALA C 1032 4.92 26.50 47.58
C ALA C 1032 4.16 26.14 46.30
N PRO C 1033 4.76 26.38 45.13
CA PRO C 1033 4.07 26.02 43.89
C PRO C 1033 3.85 24.51 43.78
N HIS C 1034 2.59 24.10 43.80
CA HIS C 1034 2.22 22.68 43.72
C HIS C 1034 2.90 21.87 44.83
N GLY C 1035 2.88 22.43 46.03
CA GLY C 1035 3.48 21.75 47.16
C GLY C 1035 3.39 22.60 48.40
N VAL C 1036 3.98 22.07 49.48
CA VAL C 1036 3.99 22.75 50.77
C VAL C 1036 5.39 22.59 51.37
N VAL C 1037 5.84 23.61 52.07
CA VAL C 1037 7.15 23.62 52.72
C VAL C 1037 6.94 23.79 54.21
N PHE C 1038 7.48 22.87 55.00
CA PHE C 1038 7.35 22.90 56.44
C PHE C 1038 8.64 23.43 57.07
N LEU C 1039 8.51 24.45 57.91
CA LEU C 1039 9.65 24.98 58.64
C LEU C 1039 9.68 24.35 60.04
N HIS C 1040 10.07 23.08 60.06
CA HIS C 1040 10.10 22.33 61.31
C HIS C 1040 11.05 22.98 62.30
N VAL C 1041 10.56 23.23 63.51
CA VAL C 1041 11.37 23.78 64.60
C VAL C 1041 11.63 22.65 65.57
N THR C 1042 12.90 22.25 65.69
CA THR C 1042 13.28 21.10 66.48
C THR C 1042 14.20 21.50 67.61
N TYR C 1043 14.09 20.79 68.73
CA TYR C 1043 14.96 20.99 69.88
C TYR C 1043 16.10 19.98 69.78
N VAL C 1044 17.29 20.45 69.48
CA VAL C 1044 18.47 19.61 69.31
C VAL C 1044 19.39 19.86 70.50
N PRO C 1045 19.76 18.83 71.27
CA PRO C 1045 20.68 19.02 72.38
C PRO C 1045 22.04 19.53 71.93
N ALA C 1046 22.86 19.89 72.90
CA ALA C 1046 24.13 20.55 72.63
C ALA C 1046 25.19 19.93 73.53
N GLN C 1047 26.31 20.64 73.69
CA GLN C 1047 27.46 20.17 74.45
C GLN C 1047 27.04 19.46 75.74
N GLU C 1048 27.60 18.28 75.94
CA GLU C 1048 27.22 17.41 77.05
C GLU C 1048 28.47 16.94 77.77
N LYS C 1049 28.29 16.57 79.04
CA LYS C 1049 29.37 16.07 79.87
C LYS C 1049 28.87 14.91 80.70
N ASN C 1050 29.61 13.79 80.65
CA ASN C 1050 29.22 12.59 81.36
C ASN C 1050 29.95 12.53 82.71
N PHE C 1051 29.20 12.27 83.77
CA PHE C 1051 29.78 12.24 85.12
C PHE C 1051 29.75 10.85 85.72
N THR C 1052 28.57 10.29 85.95
CA THR C 1052 28.32 9.00 86.58
C THR C 1052 26.81 8.82 86.64
N THR C 1053 26.38 7.58 86.85
CA THR C 1053 24.97 7.33 87.05
C THR C 1053 24.79 6.10 87.92
N ALA C 1054 23.61 6.00 88.53
CA ALA C 1054 23.28 4.87 89.39
C ALA C 1054 21.79 4.60 89.25
N PRO C 1055 21.38 3.34 89.14
CA PRO C 1055 19.94 3.04 89.01
C PRO C 1055 19.12 3.53 90.18
N ALA C 1056 19.66 3.50 91.39
CA ALA C 1056 18.91 3.91 92.56
C ALA C 1056 19.86 4.43 93.64
N ILE C 1057 19.30 5.16 94.58
CA ILE C 1057 20.05 5.69 95.73
C ILE C 1057 19.46 5.09 96.99
N CYS C 1058 20.29 4.39 97.76
CA CYS C 1058 19.86 3.71 98.98
C CYS C 1058 20.17 4.61 100.17
N HIS C 1059 19.12 5.15 100.79
CA HIS C 1059 19.31 5.99 101.96
C HIS C 1059 19.49 5.15 103.23
N ASP C 1060 18.46 4.37 103.60
CA ASP C 1060 18.53 3.47 104.75
C ASP C 1060 17.74 2.22 104.41
N GLY C 1061 18.42 1.23 103.84
CA GLY C 1061 17.82 -0.06 103.57
C GLY C 1061 16.69 -0.04 102.55
N LYS C 1062 16.43 1.11 101.94
CA LYS C 1062 15.37 1.26 100.96
C LYS C 1062 15.91 1.98 99.74
N ALA C 1063 15.63 1.42 98.56
CA ALA C 1063 16.09 2.01 97.31
C ALA C 1063 15.19 3.17 96.91
N HIS C 1064 15.80 4.26 96.43
CA HIS C 1064 15.09 5.41 95.95
C HIS C 1064 15.31 5.56 94.45
N PHE C 1065 14.23 5.70 93.69
CA PHE C 1065 14.30 5.90 92.27
C PHE C 1065 13.76 7.28 91.90
N PRO C 1066 14.33 7.94 90.90
CA PRO C 1066 13.90 9.30 90.57
C PRO C 1066 12.52 9.30 89.91
N ARG C 1067 11.64 10.16 90.41
CA ARG C 1067 10.30 10.28 89.82
C ARG C 1067 10.38 10.76 88.37
N GLU C 1068 11.23 11.75 88.12
CA GLU C 1068 11.39 12.29 86.76
C GLU C 1068 12.84 12.77 86.64
N GLY C 1069 13.72 11.92 86.12
CA GLY C 1069 15.10 12.30 85.94
C GLY C 1069 16.08 11.18 86.18
N VAL C 1070 17.37 11.48 86.07
CA VAL C 1070 18.43 10.51 86.27
C VAL C 1070 19.13 10.79 87.59
N PHE C 1071 19.96 9.84 88.01
CA PHE C 1071 20.85 10.03 89.15
C PHE C 1071 22.26 10.28 88.62
N VAL C 1072 22.80 11.45 88.90
CA VAL C 1072 24.15 11.81 88.47
C VAL C 1072 24.90 12.41 89.63
N SER C 1073 26.23 12.45 89.50
CA SER C 1073 27.10 12.94 90.56
C SER C 1073 27.99 14.05 90.02
N ASN C 1074 28.17 15.10 90.82
CA ASN C 1074 29.19 16.10 90.52
C ASN C 1074 30.56 15.46 90.41
N GLY C 1075 30.75 14.33 91.08
CA GLY C 1075 32.03 13.69 91.27
C GLY C 1075 32.13 13.18 92.68
N THR C 1076 31.46 13.85 93.60
CA THR C 1076 31.38 13.48 95.01
C THR C 1076 29.95 13.41 95.53
N HIS C 1077 29.07 14.31 95.09
CA HIS C 1077 27.70 14.39 95.58
C HIS C 1077 26.72 14.06 94.46
N TRP C 1078 25.71 13.27 94.79
CA TRP C 1078 24.73 12.83 93.81
C TRP C 1078 23.60 13.85 93.66
N PHE C 1079 23.00 13.87 92.47
CA PHE C 1079 21.94 14.81 92.15
C PHE C 1079 20.90 14.13 91.28
N VAL C 1080 19.71 14.73 91.23
CA VAL C 1080 18.65 14.32 90.33
C VAL C 1080 18.47 15.42 89.29
N THR C 1081 18.59 15.06 88.02
CA THR C 1081 18.45 16.04 86.94
C THR C 1081 17.66 15.41 85.80
N GLN C 1082 17.04 16.28 84.99
CA GLN C 1082 16.27 15.83 83.86
C GLN C 1082 17.17 15.15 82.83
N ARG C 1083 16.60 14.20 82.09
CA ARG C 1083 17.38 13.47 81.11
C ARG C 1083 17.81 14.36 79.96
N ASN C 1084 16.95 15.28 79.53
CA ASN C 1084 17.20 16.07 78.34
C ASN C 1084 17.88 17.40 78.63
N PHE C 1085 18.15 17.73 79.89
CA PHE C 1085 18.84 18.96 80.23
C PHE C 1085 19.47 18.81 81.61
N TYR C 1086 20.67 19.36 81.77
CA TYR C 1086 21.40 19.24 83.02
C TYR C 1086 20.90 20.30 84.00
N GLU C 1087 19.99 19.91 84.87
CA GLU C 1087 19.47 20.77 85.93
C GLU C 1087 19.61 20.02 87.25
N PRO C 1088 20.79 20.05 87.86
CA PRO C 1088 21.01 19.26 89.07
C PRO C 1088 20.10 19.72 90.20
N GLN C 1089 19.62 18.76 90.97
CA GLN C 1089 18.77 19.03 92.12
C GLN C 1089 19.21 18.14 93.27
N ILE C 1090 19.19 18.69 94.48
CA ILE C 1090 19.54 17.92 95.67
C ILE C 1090 18.52 16.81 95.86
N ILE C 1091 18.99 15.60 96.12
CA ILE C 1091 18.08 14.46 96.24
C ILE C 1091 17.16 14.67 97.43
N THR C 1092 15.86 14.52 97.18
CA THR C 1092 14.84 14.73 98.21
C THR C 1092 13.79 13.65 98.08
N THR C 1093 13.03 13.45 99.16
CA THR C 1093 11.97 12.43 99.15
C THR C 1093 10.91 12.76 98.11
N ASP C 1094 10.61 14.05 97.94
CA ASP C 1094 9.67 14.44 96.89
C ASP C 1094 10.24 14.18 95.50
N ASN C 1095 11.54 14.41 95.33
CA ASN C 1095 12.16 14.18 94.02
C ASN C 1095 12.16 12.70 93.66
N THR C 1096 12.47 11.82 94.60
CA THR C 1096 12.67 10.41 94.33
C THR C 1096 11.69 9.58 95.15
N PHE C 1097 10.85 8.80 94.47
CA PHE C 1097 10.00 7.84 95.17
C PHE C 1097 10.81 6.63 95.60
N VAL C 1098 10.37 6.00 96.68
CA VAL C 1098 11.10 4.90 97.30
C VAL C 1098 10.27 3.63 97.24
N SER C 1099 10.85 2.58 96.68
CA SER C 1099 10.20 1.27 96.66
C SER C 1099 11.28 0.22 96.40
N GLY C 1100 11.58 -0.60 97.40
CA GLY C 1100 12.59 -1.61 97.25
C GLY C 1100 13.13 -2.05 98.60
N ASN C 1101 14.28 -2.74 98.55
CA ASN C 1101 14.90 -3.25 99.76
C ASN C 1101 16.42 -3.10 99.77
N CYS C 1102 16.98 -2.26 98.88
CA CYS C 1102 18.38 -1.89 98.82
C CYS C 1102 19.30 -3.03 98.37
N ASP C 1103 18.77 -4.24 98.15
CA ASP C 1103 19.61 -5.37 97.76
C ASP C 1103 19.22 -5.99 96.43
N VAL C 1104 17.97 -5.84 95.99
CA VAL C 1104 17.54 -6.45 94.73
C VAL C 1104 17.94 -5.62 93.51
N VAL C 1105 18.42 -4.41 93.71
CA VAL C 1105 18.81 -3.53 92.62
C VAL C 1105 20.29 -3.76 92.31
N ILE C 1106 20.59 -4.03 91.04
CA ILE C 1106 21.96 -4.27 90.60
C ILE C 1106 22.58 -2.93 90.20
N GLY C 1107 23.71 -2.60 90.79
CA GLY C 1107 24.38 -1.34 90.53
C GLY C 1107 23.97 -0.19 91.42
N ILE C 1108 23.17 -0.45 92.45
CA ILE C 1108 22.76 0.62 93.35
C ILE C 1108 23.96 1.13 94.14
N VAL C 1109 23.93 2.42 94.47
CA VAL C 1109 24.98 3.05 95.26
C VAL C 1109 24.37 3.61 96.52
N ASN C 1110 25.19 3.75 97.56
CA ASN C 1110 24.73 4.27 98.83
C ASN C 1110 24.92 5.78 98.88
N ASN C 1111 23.95 6.47 99.46
CA ASN C 1111 23.99 7.92 99.61
C ASN C 1111 22.87 8.31 100.57
N THR C 1112 22.70 9.62 100.75
CA THR C 1112 21.68 10.16 101.64
C THR C 1112 20.64 10.92 100.82
N VAL C 1113 19.37 10.70 101.15
CA VAL C 1113 18.26 11.44 100.55
C VAL C 1113 17.65 12.31 101.63
N TYR C 1114 17.29 13.54 101.27
CA TYR C 1114 16.80 14.50 102.23
C TYR C 1114 15.27 14.55 102.19
N ASP C 1115 14.69 15.33 103.10
CA ASP C 1115 13.25 15.51 103.18
C ASP C 1115 12.94 16.78 103.95
N PRO C 1116 12.06 17.64 103.45
CA PRO C 1116 11.72 18.88 104.17
C PRO C 1116 10.89 18.64 105.42
N LEU C 1117 10.50 17.40 105.71
CA LEU C 1117 9.67 17.10 106.87
C LEU C 1117 10.52 16.91 108.13
N GLN C 1118 11.46 15.97 108.09
CA GLN C 1118 12.27 15.67 109.27
C GLN C 1118 13.20 16.83 109.66
N LEU C 1119 13.53 17.72 108.72
CA LEU C 1119 14.32 18.89 109.06
C LEU C 1119 13.52 19.81 109.99
N GLU C 1120 12.23 19.96 109.75
CA GLU C 1120 11.38 20.78 110.59
C GLU C 1120 10.63 19.94 111.62
N THR D 1 -5.06 -66.92 15.16
CA THR D 1 -5.80 -65.67 15.18
C THR D 1 -5.25 -64.73 16.26
N THR D 2 -6.13 -63.92 16.84
CA THR D 2 -5.72 -62.94 17.84
C THR D 2 -6.93 -62.56 18.68
N THR D 3 -6.65 -61.98 19.85
CA THR D 3 -7.68 -61.48 20.74
C THR D 3 -7.74 -59.97 20.65
N GLN D 4 -8.71 -59.38 21.37
CA GLN D 4 -8.93 -57.94 21.36
C GLN D 4 -9.19 -57.42 22.77
N SER D 5 -8.41 -57.89 23.74
CA SER D 5 -8.57 -57.40 25.10
C SER D 5 -8.07 -55.97 25.22
N TYR D 6 -8.46 -55.32 26.31
CA TYR D 6 -8.13 -53.93 26.56
C TYR D 6 -7.27 -53.80 27.81
N THR D 7 -6.41 -52.78 27.83
CA THR D 7 -5.52 -52.53 28.94
C THR D 7 -5.39 -51.03 29.14
N ASN D 8 -4.62 -50.64 30.15
CA ASN D 8 -4.41 -49.23 30.49
C ASN D 8 -3.02 -48.81 30.05
N SER D 9 -2.94 -47.62 29.43
CA SER D 9 -1.66 -47.14 28.90
C SER D 9 -0.68 -46.79 30.01
N PHE D 10 -1.19 -46.20 31.11
CA PHE D 10 -0.35 -45.63 32.16
C PHE D 10 0.55 -44.54 31.57
N THR D 11 1.66 -44.24 32.25
CA THR D 11 2.61 -43.25 31.79
C THR D 11 3.49 -43.88 30.71
N ARG D 12 2.92 -43.98 29.50
CA ARG D 12 3.57 -44.65 28.39
C ARG D 12 3.30 -43.87 27.12
N GLY D 13 4.18 -44.07 26.14
CA GLY D 13 4.02 -43.44 24.84
C GLY D 13 4.54 -42.03 24.73
N VAL D 14 5.21 -41.52 25.75
CA VAL D 14 5.76 -40.17 25.71
C VAL D 14 7.09 -40.20 24.99
N TYR D 15 7.24 -39.36 23.97
CA TYR D 15 8.44 -39.27 23.17
C TYR D 15 9.02 -37.86 23.27
N TYR D 16 10.18 -37.67 22.66
CA TYR D 16 10.80 -36.35 22.61
C TYR D 16 10.11 -35.51 21.55
N PRO D 17 9.49 -34.38 21.91
CA PRO D 17 8.75 -33.61 20.89
C PRO D 17 9.61 -33.12 19.75
N ASP D 18 10.88 -32.79 20.01
CA ASP D 18 11.79 -32.31 18.99
C ASP D 18 13.20 -32.74 19.35
N LYS D 19 14.18 -32.23 18.61
CA LYS D 19 15.59 -32.51 18.85
C LYS D 19 16.27 -31.37 19.60
N VAL D 20 15.55 -30.70 20.48
CA VAL D 20 16.04 -29.54 21.21
C VAL D 20 16.48 -29.99 22.60
N PHE D 21 17.74 -29.72 22.94
CA PHE D 21 18.25 -30.05 24.25
C PHE D 21 17.63 -29.14 25.31
N ARG D 22 17.37 -29.69 26.48
CA ARG D 22 16.80 -28.94 27.58
C ARG D 22 17.18 -29.63 28.88
N SER D 23 17.90 -28.92 29.75
CA SER D 23 18.46 -29.50 30.96
C SER D 23 17.75 -28.91 32.18
N SER D 24 17.19 -29.79 33.01
CA SER D 24 16.58 -29.41 34.28
C SER D 24 15.49 -28.36 34.09
N VAL D 25 14.65 -28.55 33.08
CA VAL D 25 13.53 -27.64 32.83
C VAL D 25 12.23 -28.39 32.97
N LEU D 26 11.10 -27.67 32.88
CA LEU D 26 9.76 -28.23 32.97
C LEU D 26 8.95 -27.80 31.75
N HIS D 27 9.54 -27.98 30.57
CA HIS D 27 8.94 -27.48 29.34
C HIS D 27 7.58 -28.12 29.08
N LEU D 28 6.61 -27.30 28.70
CA LEU D 28 5.27 -27.75 28.35
C LEU D 28 5.13 -27.76 26.84
N THR D 29 4.82 -28.93 26.28
CA THR D 29 4.75 -29.11 24.84
C THR D 29 3.34 -29.54 24.45
N GLN D 30 2.79 -28.89 23.43
CA GLN D 30 1.52 -29.30 22.83
C GLN D 30 1.83 -30.12 21.59
N ASP D 31 1.63 -31.43 21.69
CA ASP D 31 1.96 -32.34 20.60
C ASP D 31 1.09 -33.58 20.70
N LEU D 32 1.13 -34.38 19.64
CA LEU D 32 0.31 -35.59 19.54
C LEU D 32 0.92 -36.66 20.44
N PHE D 33 0.49 -36.68 21.69
CA PHE D 33 0.95 -37.66 22.66
C PHE D 33 -0.14 -38.70 22.93
N LEU D 34 0.28 -39.85 23.43
CA LEU D 34 -0.66 -40.87 23.86
C LEU D 34 -1.26 -40.46 25.21
N PRO D 35 -2.58 -40.34 25.32
CA PRO D 35 -3.18 -39.92 26.60
C PRO D 35 -2.83 -40.89 27.71
N PHE D 36 -2.60 -40.35 28.91
CA PHE D 36 -2.25 -41.17 30.05
C PHE D 36 -3.45 -41.99 30.49
N PHE D 37 -3.19 -43.25 30.87
CA PHE D 37 -4.23 -44.17 31.32
C PHE D 37 -5.31 -44.34 30.27
N SER D 38 -4.91 -44.40 29.01
CA SER D 38 -5.84 -44.60 27.91
C SER D 38 -5.95 -46.09 27.57
N ASN D 39 -6.97 -46.41 26.79
CA ASN D 39 -7.22 -47.80 26.41
C ASN D 39 -6.32 -48.19 25.25
N VAL D 40 -5.58 -49.28 25.43
CA VAL D 40 -4.65 -49.79 24.42
C VAL D 40 -5.14 -51.18 24.01
N THR D 41 -5.32 -51.37 22.70
CA THR D 41 -5.77 -52.66 22.20
C THR D 41 -4.67 -53.71 22.36
N TRP D 42 -5.08 -54.92 22.72
CA TRP D 42 -4.17 -56.06 22.90
C TRP D 42 -4.43 -57.06 21.79
N PHE D 43 -3.36 -57.54 21.16
CA PHE D 43 -3.46 -58.51 20.10
C PHE D 43 -2.55 -59.70 20.40
N HIS D 44 -2.74 -60.78 19.65
CA HIS D 44 -1.96 -62.00 19.83
C HIS D 44 -1.44 -62.48 18.49
N ALA D 45 -0.43 -63.35 18.55
CA ALA D 45 0.20 -63.92 17.36
C ALA D 45 0.27 -65.43 17.51
N ILE D 46 -0.58 -66.14 16.78
CA ILE D 46 -0.60 -67.59 16.82
C ILE D 46 -0.33 -68.15 15.41
N ASP D 58 -6.93 -63.30 10.01
CA ASP D 58 -5.72 -63.08 10.78
C ASP D 58 -5.08 -61.74 10.43
N ASN D 59 -4.37 -61.15 11.40
CA ASN D 59 -3.65 -59.89 11.24
C ASN D 59 -4.59 -58.77 10.81
N PRO D 60 -5.47 -58.30 11.69
CA PRO D 60 -6.39 -57.23 11.30
C PRO D 60 -5.66 -55.92 11.03
N VAL D 61 -6.26 -55.11 10.15
CA VAL D 61 -5.70 -53.82 9.75
C VAL D 61 -6.36 -52.73 10.58
N LEU D 62 -5.53 -51.88 11.20
CA LEU D 62 -6.04 -50.81 12.05
C LEU D 62 -5.86 -49.46 11.38
N PRO D 63 -6.78 -48.52 11.62
CA PRO D 63 -6.62 -47.18 11.04
C PRO D 63 -5.44 -46.43 11.63
N PHE D 64 -4.89 -45.52 10.83
CA PHE D 64 -3.78 -44.65 11.22
C PHE D 64 -4.36 -43.24 11.32
N ASN D 65 -4.81 -42.87 12.53
CA ASN D 65 -5.43 -41.58 12.77
C ASN D 65 -4.55 -40.80 13.75
N ASP D 66 -3.98 -39.69 13.27
CA ASP D 66 -3.15 -38.80 14.08
C ASP D 66 -2.01 -39.56 14.77
N GLY D 67 -1.41 -40.49 14.04
CA GLY D 67 -0.33 -41.29 14.57
C GLY D 67 -0.83 -42.50 15.34
N VAL D 68 0.10 -43.39 15.65
CA VAL D 68 -0.22 -44.62 16.38
C VAL D 68 0.97 -44.99 17.26
N TYR D 69 0.67 -45.39 18.48
CA TYR D 69 1.69 -45.91 19.39
C TYR D 69 1.71 -47.43 19.30
N PHE D 70 2.89 -48.00 19.06
CA PHE D 70 3.05 -49.43 18.89
C PHE D 70 4.00 -49.99 19.93
N ALA D 71 3.64 -51.13 20.50
CA ALA D 71 4.49 -51.81 21.47
C ALA D 71 4.28 -53.30 21.33
N SER D 72 5.32 -54.07 21.64
CA SER D 72 5.27 -55.53 21.55
C SER D 72 6.46 -56.12 22.27
N THR D 73 6.26 -57.27 22.91
CA THR D 73 7.33 -58.00 23.57
C THR D 73 7.24 -59.47 23.18
N GLU D 74 8.37 -60.04 22.79
CA GLU D 74 8.46 -61.44 22.39
C GLU D 74 9.76 -62.03 22.91
N LYS D 75 9.81 -63.36 22.95
CA LYS D 75 11.01 -64.06 23.41
C LYS D 75 12.20 -63.75 22.52
N SER D 76 12.13 -64.17 21.25
CA SER D 76 13.20 -63.90 20.29
C SER D 76 12.73 -63.01 19.15
N ASN D 77 11.70 -63.43 18.42
CA ASN D 77 11.17 -62.63 17.30
C ASN D 77 9.82 -63.16 16.86
N ILE D 78 8.83 -62.26 16.76
CA ILE D 78 7.52 -62.63 16.24
C ILE D 78 7.02 -61.71 15.15
N ILE D 79 7.52 -60.48 15.05
CA ILE D 79 7.06 -59.52 14.05
C ILE D 79 8.27 -59.00 13.28
N ARG D 80 8.08 -58.73 11.99
CA ARG D 80 9.14 -58.22 11.14
C ARG D 80 9.03 -56.71 10.92
N GLY D 81 7.91 -56.25 10.40
CA GLY D 81 7.76 -54.85 10.10
C GLY D 81 6.31 -54.43 10.05
N TRP D 82 6.08 -53.31 9.37
CA TRP D 82 4.75 -52.71 9.28
C TRP D 82 4.49 -52.23 7.86
N ILE D 83 3.21 -52.13 7.51
CA ILE D 83 2.78 -51.63 6.21
C ILE D 83 1.88 -50.43 6.44
N PHE D 84 2.17 -49.33 5.76
CA PHE D 84 1.40 -48.10 5.86
C PHE D 84 0.82 -47.74 4.50
N GLY D 85 0.18 -46.57 4.44
CA GLY D 85 -0.41 -46.11 3.20
C GLY D 85 -1.91 -45.96 3.28
N THR D 86 -2.57 -45.92 2.12
CA THR D 86 -4.02 -45.78 2.04
C THR D 86 -4.59 -47.04 1.40
N THR D 87 -5.36 -47.81 2.17
CA THR D 87 -6.07 -49.01 1.76
C THR D 87 -5.14 -50.16 1.35
N LEU D 88 -3.82 -49.95 1.37
CA LEU D 88 -2.84 -50.97 1.02
C LEU D 88 -3.20 -51.65 -0.31
N ASP D 89 -3.28 -50.83 -1.35
CA ASP D 89 -3.70 -51.30 -2.67
C ASP D 89 -2.82 -50.67 -3.74
N SER D 90 -3.03 -51.11 -4.98
CA SER D 90 -2.27 -50.62 -6.12
C SER D 90 -2.73 -49.25 -6.61
N LYS D 91 -3.83 -48.73 -6.08
CA LYS D 91 -4.33 -47.42 -6.48
C LYS D 91 -3.80 -46.29 -5.61
N THR D 92 -3.09 -46.60 -4.53
CA THR D 92 -2.58 -45.59 -3.61
C THR D 92 -1.16 -45.92 -3.21
N GLN D 93 -0.39 -44.88 -2.88
CA GLN D 93 0.97 -45.06 -2.43
C GLN D 93 1.00 -45.72 -1.05
N SER D 94 1.97 -46.60 -0.85
CA SER D 94 2.09 -47.35 0.39
C SER D 94 3.52 -47.29 0.91
N LEU D 95 3.65 -47.40 2.23
CA LEU D 95 4.94 -47.38 2.91
C LEU D 95 5.13 -48.71 3.63
N LEU D 96 6.28 -49.35 3.42
CA LEU D 96 6.55 -50.66 3.97
C LEU D 96 7.87 -50.61 4.75
N ILE D 97 7.84 -51.07 6.00
CA ILE D 97 8.97 -50.94 6.91
C ILE D 97 9.42 -52.32 7.41
N VAL D 98 9.31 -53.35 6.56
CA VAL D 98 9.70 -54.68 6.98
C VAL D 98 11.19 -54.70 7.30
N ASN D 99 11.55 -55.32 8.41
CA ASN D 99 12.94 -55.47 8.81
C ASN D 99 13.36 -56.93 8.69
N ASN D 100 14.64 -57.19 8.91
CA ASN D 100 15.12 -58.56 8.97
C ASN D 100 16.27 -58.63 9.98
N ALA D 101 17.04 -59.72 9.93
CA ALA D 101 17.96 -60.03 11.01
C ALA D 101 19.02 -58.97 11.20
N THR D 102 19.61 -58.47 10.11
CA THR D 102 20.78 -57.61 10.21
C THR D 102 20.51 -56.14 9.92
N ASN D 103 19.39 -55.79 9.30
CA ASN D 103 19.14 -54.41 8.92
C ASN D 103 17.64 -54.21 8.75
N VAL D 104 17.27 -53.08 8.14
CA VAL D 104 15.88 -52.72 7.90
C VAL D 104 15.68 -52.47 6.41
N PHE D 105 14.43 -52.55 5.99
CA PHE D 105 14.06 -52.39 4.59
C PHE D 105 12.87 -51.42 4.57
N ILE D 106 13.13 -50.18 4.15
CA ILE D 106 12.10 -49.16 4.00
C ILE D 106 12.02 -48.80 2.52
N LYS D 107 10.81 -48.84 1.96
CA LYS D 107 10.59 -48.47 0.58
C LYS D 107 9.23 -47.81 0.44
N VAL D 108 9.07 -47.05 -0.65
CA VAL D 108 7.81 -46.38 -0.96
C VAL D 108 7.43 -46.85 -2.36
N CYS D 109 6.63 -47.93 -2.44
CA CYS D 109 6.19 -48.47 -3.71
C CYS D 109 4.68 -48.71 -3.70
N GLU D 110 4.18 -49.40 -4.72
CA GLU D 110 2.73 -49.56 -4.84
C GLU D 110 2.22 -50.57 -3.82
N PHE D 111 2.92 -51.68 -3.65
CA PHE D 111 2.65 -52.67 -2.59
C PHE D 111 1.19 -53.16 -2.65
N GLN D 112 0.91 -53.89 -3.73
CA GLN D 112 -0.45 -54.33 -4.01
C GLN D 112 -1.06 -55.10 -2.83
N PHE D 113 -0.50 -56.29 -2.53
CA PHE D 113 -1.03 -57.13 -1.46
C PHE D 113 -0.13 -58.34 -1.22
N CYS D 114 -0.12 -58.83 0.01
CA CYS D 114 0.61 -60.04 0.36
C CYS D 114 -0.30 -61.14 0.90
N ASN D 115 -1.13 -60.83 1.89
CA ASN D 115 -2.00 -61.81 2.55
C ASN D 115 -1.21 -63.01 3.07
N ASP D 116 0.04 -62.77 3.48
CA ASP D 116 0.90 -63.83 3.97
C ASP D 116 2.01 -63.26 4.85
N GLY D 136 9.82 -61.18 -0.07
CA GLY D 136 8.90 -61.26 -1.19
C GLY D 136 7.46 -60.98 -0.80
N VAL D 137 7.28 -60.10 0.18
CA VAL D 137 5.94 -59.75 0.64
C VAL D 137 5.16 -59.05 -0.46
N TYR D 138 5.80 -58.07 -1.11
CA TYR D 138 5.14 -57.29 -2.15
C TYR D 138 5.26 -57.98 -3.50
N SER D 139 4.36 -57.61 -4.41
CA SER D 139 4.34 -58.18 -5.76
C SER D 139 4.09 -57.10 -6.82
N SER D 140 4.49 -55.87 -6.54
CA SER D 140 4.32 -54.78 -7.49
C SER D 140 5.44 -53.77 -7.30
N ALA D 141 5.70 -52.99 -8.34
CA ALA D 141 6.74 -51.97 -8.28
C ALA D 141 6.38 -50.85 -9.23
N ASN D 142 5.78 -49.78 -8.70
CA ASN D 142 5.46 -48.59 -9.48
C ASN D 142 5.83 -47.37 -8.66
N ASN D 143 6.56 -46.43 -9.28
CA ASN D 143 7.02 -45.22 -8.61
C ASN D 143 7.80 -45.56 -7.34
N CYS D 144 8.68 -46.54 -7.46
CA CYS D 144 9.45 -47.03 -6.32
C CYS D 144 10.52 -46.01 -5.96
N THR D 145 10.26 -45.22 -4.92
CA THR D 145 11.20 -44.21 -4.44
C THR D 145 11.54 -44.46 -2.98
N PHE D 146 12.63 -43.83 -2.54
CA PHE D 146 13.07 -43.83 -1.15
C PHE D 146 13.30 -45.26 -0.64
N GLU D 147 14.29 -45.91 -1.25
CA GLU D 147 14.78 -47.18 -0.74
C GLU D 147 15.76 -46.91 0.41
N TYR D 148 15.42 -47.38 1.60
CA TYR D 148 16.21 -47.10 2.80
C TYR D 148 16.62 -48.40 3.47
N VAL D 149 17.92 -48.55 3.72
CA VAL D 149 18.46 -49.65 4.50
C VAL D 149 19.39 -49.06 5.54
N SER D 150 19.16 -49.42 6.80
CA SER D 150 19.95 -48.87 7.91
C SER D 150 20.02 -49.93 9.01
N GLN D 151 20.37 -49.49 10.21
CA GLN D 151 20.48 -50.42 11.34
C GLN D 151 19.10 -50.99 11.68
N PRO D 152 19.05 -52.21 12.22
CA PRO D 152 17.75 -52.80 12.57
C PRO D 152 17.05 -52.01 13.66
N PHE D 153 15.72 -52.02 13.60
CA PHE D 153 14.92 -51.32 14.59
C PHE D 153 14.85 -52.05 15.93
N LEU D 154 15.05 -53.37 15.93
CA LEU D 154 14.88 -54.18 17.13
C LEU D 154 16.23 -54.57 17.70
N MET D 155 16.40 -54.36 19.00
CA MET D 155 17.59 -54.79 19.73
C MET D 155 17.25 -56.03 20.54
N ASP D 156 18.07 -57.07 20.40
CA ASP D 156 17.91 -58.33 21.14
C ASP D 156 19.23 -58.61 21.85
N LEU D 157 19.39 -58.05 23.04
CA LEU D 157 20.57 -58.25 23.87
C LEU D 157 20.15 -59.01 25.13
N GLU D 158 20.61 -60.24 25.26
CA GLU D 158 20.28 -61.08 26.40
C GLU D 158 21.56 -61.73 26.93
N GLY D 159 21.62 -61.89 28.24
CA GLY D 159 22.77 -62.51 28.87
C GLY D 159 22.63 -64.01 29.02
N LYS D 160 22.49 -64.71 27.90
CA LYS D 160 22.32 -66.16 27.89
C LYS D 160 21.13 -66.60 28.75
N GLN D 161 20.03 -65.86 28.64
CA GLN D 161 18.82 -66.18 29.38
C GLN D 161 17.61 -65.73 28.57
N GLY D 162 16.54 -66.53 28.63
CA GLY D 162 15.32 -66.25 27.90
C GLY D 162 14.36 -65.31 28.59
N ASN D 163 14.67 -64.87 29.81
CA ASN D 163 13.79 -63.97 30.54
C ASN D 163 13.97 -62.51 30.14
N PHE D 164 14.93 -62.19 29.30
CA PHE D 164 15.15 -60.81 28.84
C PHE D 164 14.23 -60.53 27.65
N LYS D 165 12.94 -60.52 27.94
CA LYS D 165 11.92 -60.22 26.94
C LYS D 165 11.85 -58.72 26.75
N ASN D 166 12.51 -58.22 25.69
CA ASN D 166 12.55 -56.80 25.44
C ASN D 166 11.17 -56.28 25.03
N LEU D 167 10.80 -55.12 25.55
CA LEU D 167 9.55 -54.46 25.21
C LEU D 167 9.86 -53.37 24.21
N ARG D 168 9.69 -53.68 22.92
CA ARG D 168 9.97 -52.75 21.84
C ARG D 168 8.76 -51.86 21.63
N GLU D 169 8.91 -50.57 21.93
CA GLU D 169 7.84 -49.60 21.77
C GLU D 169 8.17 -48.64 20.64
N PHE D 170 7.17 -48.34 19.80
CA PHE D 170 7.37 -47.47 18.66
C PHE D 170 6.21 -46.48 18.58
N VAL D 171 6.50 -45.32 18.00
CA VAL D 171 5.50 -44.30 17.71
C VAL D 171 5.73 -43.81 16.29
N PHE D 172 4.68 -43.83 15.47
CA PHE D 172 4.75 -43.39 14.09
C PHE D 172 3.87 -42.17 13.92
N LYS D 173 4.45 -41.07 13.44
CA LYS D 173 3.73 -39.83 13.23
C LYS D 173 3.96 -39.33 11.80
N ASN D 174 2.90 -38.86 11.16
CA ASN D 174 2.99 -38.40 9.78
C ASN D 174 2.45 -36.98 9.65
N ILE D 175 2.84 -36.09 10.54
CA ILE D 175 2.35 -34.72 10.53
C ILE D 175 3.14 -33.92 9.50
N ASP D 176 2.40 -33.27 8.59
CA ASP D 176 2.95 -32.55 7.43
C ASP D 176 4.11 -33.32 6.79
N GLY D 177 3.80 -34.56 6.39
CA GLY D 177 4.83 -35.41 5.85
C GLY D 177 5.85 -35.79 6.91
N TYR D 178 7.08 -36.04 6.46
CA TYR D 178 8.21 -36.32 7.35
C TYR D 178 7.86 -37.44 8.34
N PHE D 179 7.63 -38.62 7.79
CA PHE D 179 7.28 -39.78 8.62
C PHE D 179 8.35 -40.02 9.67
N LYS D 180 7.97 -39.88 10.94
CA LYS D 180 8.90 -39.94 12.05
C LYS D 180 8.65 -41.17 12.90
N ILE D 181 9.72 -41.84 13.30
CA ILE D 181 9.65 -43.04 14.12
C ILE D 181 10.40 -42.76 15.42
N TYR D 182 9.70 -42.89 16.55
CA TYR D 182 10.30 -42.79 17.87
C TYR D 182 10.23 -44.15 18.53
N SER D 183 11.36 -44.61 19.06
CA SER D 183 11.43 -45.95 19.63
C SER D 183 12.33 -45.96 20.86
N LYS D 184 12.08 -46.92 21.75
CA LYS D 184 12.87 -47.12 22.94
C LYS D 184 12.63 -48.53 23.45
N HIS D 185 13.70 -49.24 23.77
CA HIS D 185 13.61 -50.63 24.21
C HIS D 185 13.89 -50.71 25.70
N THR D 186 13.02 -51.41 26.43
CA THR D 186 13.12 -51.56 27.87
C THR D 186 13.09 -53.05 28.20
N PRO D 187 14.22 -53.74 28.08
CA PRO D 187 14.23 -55.19 28.35
C PRO D 187 13.89 -55.54 29.78
N ILE D 188 14.06 -54.62 30.73
CA ILE D 188 13.75 -54.92 32.12
C ILE D 188 12.24 -55.09 32.30
N ILE D 189 11.87 -55.74 33.41
CA ILE D 189 10.49 -55.99 33.78
C ILE D 189 9.80 -56.86 32.73
N GLY D 190 9.73 -58.16 32.99
CA GLY D 190 9.06 -59.07 32.08
C GLY D 190 7.54 -58.97 32.11
N ARG D 191 6.99 -58.28 33.10
CA ARG D 191 5.55 -58.07 33.15
C ARG D 191 5.11 -57.14 32.02
N ASP D 192 3.97 -57.47 31.41
CA ASP D 192 3.48 -56.67 30.29
C ASP D 192 3.07 -55.28 30.75
N PHE D 193 3.42 -54.28 29.94
CA PHE D 193 3.12 -52.88 30.21
C PHE D 193 3.60 -52.46 31.60
N PRO D 194 4.91 -52.34 31.82
CA PRO D 194 5.40 -51.89 33.12
C PRO D 194 4.90 -50.49 33.45
N GLN D 195 4.65 -50.25 34.73
CA GLN D 195 4.19 -48.94 35.17
C GLN D 195 5.28 -47.88 35.11
N GLY D 196 6.53 -48.28 34.87
CA GLY D 196 7.61 -47.31 34.80
C GLY D 196 7.50 -46.42 33.58
N PHE D 197 8.21 -45.30 33.64
CA PHE D 197 8.20 -44.29 32.60
C PHE D 197 9.47 -44.38 31.77
N SER D 198 9.31 -44.41 30.45
CA SER D 198 10.45 -44.47 29.53
C SER D 198 10.13 -43.62 28.31
N ALA D 199 10.93 -42.58 28.09
CA ALA D 199 10.74 -41.72 26.93
C ALA D 199 11.16 -42.43 25.66
N LEU D 200 10.56 -42.03 24.54
CA LEU D 200 10.83 -42.62 23.24
C LEU D 200 11.73 -41.67 22.45
N GLU D 201 12.98 -42.07 22.25
CA GLU D 201 13.90 -41.26 21.46
C GLU D 201 13.64 -41.47 19.97
N PRO D 202 13.80 -40.43 19.16
CA PRO D 202 13.61 -40.57 17.72
C PRO D 202 14.72 -41.41 17.09
N LEU D 203 14.36 -42.13 16.03
CA LEU D 203 15.34 -42.89 15.25
C LEU D 203 15.48 -42.36 13.84
N VAL D 204 14.38 -42.26 13.08
CA VAL D 204 14.44 -41.83 11.70
C VAL D 204 13.41 -40.72 11.48
N ASP D 205 13.65 -39.93 10.44
CA ASP D 205 12.71 -38.89 9.98
C ASP D 205 12.67 -38.99 8.46
N LEU D 206 11.73 -39.79 7.95
CA LEU D 206 11.67 -40.06 6.53
C LEU D 206 10.78 -39.04 5.84
N PRO D 207 11.31 -38.23 4.92
CA PRO D 207 10.49 -37.24 4.21
C PRO D 207 9.66 -37.87 3.08
N ILE D 208 8.84 -38.85 3.46
CA ILE D 208 8.03 -39.57 2.47
C ILE D 208 6.95 -38.65 1.91
N GLY D 209 6.24 -37.94 2.78
CA GLY D 209 5.22 -37.00 2.33
C GLY D 209 4.06 -37.63 1.58
N ILE D 210 3.56 -38.76 2.07
CA ILE D 210 2.42 -39.43 1.45
C ILE D 210 1.30 -39.54 2.46
N ASN D 211 0.07 -39.65 1.94
CA ASN D 211 -1.11 -39.77 2.79
C ASN D 211 -1.21 -41.20 3.32
N ILE D 212 -1.29 -41.32 4.64
CA ILE D 212 -1.37 -42.62 5.31
C ILE D 212 -2.62 -42.65 6.17
N THR D 213 -3.44 -43.69 6.00
CA THR D 213 -4.65 -43.87 6.80
C THR D 213 -4.76 -45.23 7.46
N ARG D 214 -4.08 -46.25 6.96
CA ARG D 214 -4.14 -47.59 7.52
C ARG D 214 -2.75 -48.00 8.02
N PHE D 215 -2.72 -49.11 8.75
CA PHE D 215 -1.48 -49.59 9.37
C PHE D 215 -1.67 -51.04 9.78
N GLN D 216 -0.77 -51.91 9.32
CA GLN D 216 -0.84 -53.34 9.59
C GLN D 216 0.55 -53.86 9.92
N THR D 217 0.62 -54.80 10.86
CA THR D 217 1.87 -55.36 11.33
C THR D 217 2.11 -56.72 10.68
N LEU D 218 3.31 -56.91 10.13
CA LEU D 218 3.66 -58.17 9.50
C LEU D 218 4.11 -59.20 10.54
N LEU D 219 4.16 -60.46 10.12
CA LEU D 219 4.53 -61.57 10.98
C LEU D 219 5.65 -62.37 10.34
N ALA D 220 6.21 -63.30 11.11
CA ALA D 220 7.28 -64.17 10.66
C ALA D 220 6.83 -65.63 10.78
N LEU D 221 7.76 -66.55 10.55
CA LEU D 221 7.50 -67.98 10.61
C LEU D 221 8.36 -68.62 11.69
N ASN D 222 7.76 -69.54 12.44
CA ASN D 222 8.45 -70.26 13.50
C ASN D 222 8.24 -71.76 13.32
N ARG D 223 9.33 -72.51 13.38
CA ARG D 223 9.25 -73.97 13.22
C ARG D 223 10.07 -74.67 14.30
N ALA D 240 0.56 -61.70 23.61
CA ALA D 240 1.44 -61.02 24.56
C ALA D 240 2.32 -60.02 23.83
N ASP D 241 1.78 -59.41 22.78
CA ASP D 241 2.51 -58.43 21.97
C ASP D 241 1.48 -57.62 21.19
N TYR D 242 1.97 -56.84 20.23
CA TYR D 242 1.12 -56.13 19.27
C TYR D 242 0.15 -55.19 19.98
N TYR D 243 0.70 -54.32 20.84
CA TYR D 243 -0.07 -53.31 21.52
C TYR D 243 -0.17 -52.07 20.63
N VAL D 244 -1.38 -51.63 20.34
CA VAL D 244 -1.62 -50.49 19.46
C VAL D 244 -2.34 -49.41 20.26
N GLY D 245 -1.75 -48.23 20.32
CA GLY D 245 -2.37 -47.08 20.95
C GLY D 245 -2.43 -45.91 19.99
N TYR D 246 -3.39 -45.03 20.22
CA TYR D 246 -3.64 -43.90 19.34
C TYR D 246 -3.22 -42.61 20.02
N LEU D 247 -2.49 -41.76 19.29
CA LEU D 247 -2.05 -40.48 19.79
C LEU D 247 -3.12 -39.41 19.56
N GLN D 248 -3.20 -38.46 20.48
CA GLN D 248 -4.15 -37.37 20.40
C GLN D 248 -3.44 -36.05 20.70
N PRO D 249 -3.94 -34.94 20.16
CA PRO D 249 -3.32 -33.64 20.46
C PRO D 249 -3.61 -33.20 21.89
N ARG D 250 -2.60 -33.30 22.75
CA ARG D 250 -2.74 -32.96 24.15
C ARG D 250 -1.49 -32.27 24.65
N THR D 251 -1.66 -31.23 25.46
CA THR D 251 -0.52 -30.57 26.07
C THR D 251 0.08 -31.47 27.13
N PHE D 252 1.40 -31.66 27.07
CA PHE D 252 2.11 -32.50 28.01
C PHE D 252 3.25 -31.70 28.65
N LEU D 253 3.40 -31.85 29.95
CA LEU D 253 4.48 -31.20 30.69
C LEU D 253 5.50 -32.26 31.07
N LEU D 254 6.75 -32.07 30.63
CA LEU D 254 7.78 -33.09 30.73
C LEU D 254 8.90 -32.58 31.63
N LYS D 255 9.34 -33.43 32.56
CA LYS D 255 10.43 -33.09 33.47
C LYS D 255 11.74 -33.50 32.83
N TYR D 256 12.35 -32.56 32.11
CA TYR D 256 13.64 -32.82 31.50
C TYR D 256 14.72 -32.94 32.58
N ASN D 257 15.56 -33.97 32.46
CA ASN D 257 16.60 -34.21 33.43
C ASN D 257 17.75 -33.22 33.23
N GLU D 258 18.76 -33.31 34.09
CA GLU D 258 19.94 -32.45 33.94
C GLU D 258 20.76 -32.80 32.71
N ASN D 259 20.57 -34.00 32.16
CA ASN D 259 21.29 -34.45 30.98
C ASN D 259 20.46 -34.37 29.71
N GLY D 260 19.32 -33.68 29.75
CA GLY D 260 18.46 -33.56 28.60
C GLY D 260 17.50 -34.72 28.38
N THR D 261 17.52 -35.73 29.25
CA THR D 261 16.62 -36.85 29.13
C THR D 261 15.30 -36.55 29.83
N ILE D 262 14.23 -37.20 29.35
CA ILE D 262 12.90 -37.02 29.91
C ILE D 262 12.70 -38.10 30.97
N THR D 263 12.94 -37.74 32.23
CA THR D 263 12.79 -38.70 33.32
C THR D 263 11.35 -38.93 33.73
N ASP D 264 10.48 -37.94 33.54
CA ASP D 264 9.08 -38.06 33.92
C ASP D 264 8.27 -37.02 33.16
N ALA D 265 6.97 -37.28 33.03
CA ALA D 265 6.06 -36.37 32.37
C ALA D 265 4.70 -36.48 33.04
N VAL D 266 3.93 -35.39 32.95
CA VAL D 266 2.59 -35.33 33.50
C VAL D 266 1.64 -34.81 32.44
N ASP D 267 0.37 -35.17 32.56
CA ASP D 267 -0.63 -34.74 31.60
C ASP D 267 -1.21 -33.39 32.03
N CYS D 268 -2.16 -32.89 31.24
CA CYS D 268 -2.83 -31.63 31.56
C CYS D 268 -4.35 -31.72 31.42
N ALA D 269 -4.89 -32.85 30.95
CA ALA D 269 -6.32 -33.01 30.82
C ALA D 269 -6.76 -34.37 31.35
N LEU D 270 -6.03 -34.92 32.31
CA LEU D 270 -6.34 -36.23 32.88
C LEU D 270 -6.93 -36.15 34.28
N ASP D 271 -6.36 -35.32 35.15
CA ASP D 271 -6.84 -35.15 36.51
C ASP D 271 -6.79 -33.68 36.87
N PRO D 272 -7.61 -33.23 37.83
CA PRO D 272 -7.48 -31.84 38.30
C PRO D 272 -6.10 -31.55 38.87
N LEU D 273 -5.51 -32.51 39.56
CA LEU D 273 -4.15 -32.33 40.07
C LEU D 273 -3.16 -32.19 38.92
N SER D 274 -3.32 -32.99 37.87
CA SER D 274 -2.43 -32.88 36.71
C SER D 274 -2.60 -31.54 36.01
N GLU D 275 -3.84 -31.05 35.91
CA GLU D 275 -4.07 -29.73 35.32
C GLU D 275 -3.45 -28.62 36.16
N THR D 276 -3.54 -28.74 37.49
CA THR D 276 -2.90 -27.76 38.36
C THR D 276 -1.39 -27.78 38.19
N LYS D 277 -0.80 -28.98 38.11
CA LYS D 277 0.63 -29.08 37.85
C LYS D 277 0.99 -28.45 36.50
N CYS D 278 0.16 -28.68 35.49
CA CYS D 278 0.42 -28.13 34.16
C CYS D 278 0.39 -26.61 34.19
N THR D 279 -0.60 -26.03 34.88
CA THR D 279 -0.69 -24.57 34.93
C THR D 279 0.33 -23.95 35.87
N LEU D 280 0.89 -24.72 36.80
CA LEU D 280 1.95 -24.21 37.67
C LEU D 280 3.34 -24.48 37.13
N LYS D 281 3.48 -25.29 36.07
CA LYS D 281 4.78 -25.62 35.50
C LYS D 281 5.71 -26.23 36.53
N SER D 282 5.18 -27.13 37.36
CA SER D 282 5.98 -27.77 38.39
C SER D 282 5.35 -29.11 38.75
N PHE D 283 6.20 -30.10 39.00
CA PHE D 283 5.72 -31.40 39.47
C PHE D 283 5.22 -31.31 40.91
N THR D 284 5.82 -30.44 41.72
CA THR D 284 5.44 -30.27 43.11
C THR D 284 4.53 -29.07 43.21
N VAL D 285 3.31 -29.28 43.70
CA VAL D 285 2.30 -28.23 43.82
C VAL D 285 2.10 -27.94 45.30
N GLU D 286 2.26 -26.67 45.69
CA GLU D 286 2.07 -26.28 47.07
C GLU D 286 0.59 -26.32 47.44
N LYS D 287 0.34 -26.37 48.74
CA LYS D 287 -1.03 -26.40 49.23
C LYS D 287 -1.71 -25.06 49.00
N GLY D 288 -2.93 -25.09 48.49
CA GLY D 288 -3.67 -23.88 48.23
C GLY D 288 -4.72 -24.11 47.15
N ILE D 289 -5.28 -22.99 46.69
CA ILE D 289 -6.30 -23.00 45.65
C ILE D 289 -5.70 -22.35 44.40
N TYR D 290 -5.80 -23.05 43.27
CA TYR D 290 -5.23 -22.60 42.02
C TYR D 290 -6.31 -22.57 40.95
N GLN D 291 -6.47 -21.41 40.31
CA GLN D 291 -7.42 -21.26 39.21
C GLN D 291 -6.77 -21.83 37.96
N THR D 292 -7.11 -23.08 37.63
CA THR D 292 -6.43 -23.77 36.54
C THR D 292 -6.98 -23.36 35.18
N SER D 293 -8.25 -23.63 34.94
CA SER D 293 -8.85 -23.40 33.62
C SER D 293 -10.31 -23.01 33.82
N ASN D 294 -11.06 -22.99 32.71
CA ASN D 294 -12.46 -22.64 32.70
C ASN D 294 -13.29 -23.82 32.21
N PHE D 295 -14.55 -23.85 32.61
CA PHE D 295 -15.47 -24.91 32.24
C PHE D 295 -16.65 -24.33 31.47
N ARG D 296 -17.07 -25.05 30.43
CA ARG D 296 -18.20 -24.64 29.62
C ARG D 296 -19.03 -25.87 29.26
N VAL D 297 -20.35 -25.74 29.38
CA VAL D 297 -21.25 -26.81 28.95
C VAL D 297 -21.23 -26.87 27.42
N GLN D 298 -20.64 -27.93 26.88
CA GLN D 298 -20.54 -28.05 25.43
C GLN D 298 -21.92 -28.28 24.82
N PRO D 299 -22.15 -27.79 23.61
CA PRO D 299 -23.45 -28.00 22.96
C PRO D 299 -23.72 -29.48 22.70
N THR D 300 -24.99 -29.85 22.84
CA THR D 300 -25.39 -31.23 22.56
C THR D 300 -25.57 -31.45 21.05
N GLU D 301 -26.44 -30.67 20.43
CA GLU D 301 -26.64 -30.69 18.99
C GLU D 301 -26.67 -29.27 18.46
N SER D 302 -26.67 -29.13 17.15
CA SER D 302 -26.68 -27.83 16.49
C SER D 302 -27.91 -27.71 15.60
N ILE D 303 -28.52 -26.54 15.60
CA ILE D 303 -29.69 -26.24 14.77
C ILE D 303 -29.31 -25.14 13.79
N VAL D 304 -29.82 -25.26 12.57
CA VAL D 304 -29.45 -24.36 11.48
C VAL D 304 -30.72 -23.75 10.89
N ARG D 305 -31.73 -23.57 11.74
CA ARG D 305 -33.05 -23.12 11.32
C ARG D 305 -32.97 -21.92 10.39
N PHE D 306 -33.56 -22.07 9.21
CA PHE D 306 -33.58 -21.09 8.14
C PHE D 306 -35.01 -20.92 7.65
N PRO D 307 -35.36 -19.76 7.09
CA PRO D 307 -36.73 -19.56 6.61
C PRO D 307 -37.10 -20.55 5.52
N ASN D 308 -38.38 -20.94 5.50
CA ASN D 308 -38.89 -21.93 4.57
C ASN D 308 -39.10 -21.28 3.21
N VAL D 309 -38.05 -21.29 2.39
CA VAL D 309 -38.08 -20.71 1.05
C VAL D 309 -37.61 -21.76 0.06
N THR D 310 -38.32 -21.86 -1.06
CA THR D 310 -37.95 -22.81 -2.11
C THR D 310 -37.80 -22.18 -3.49
N ASN D 311 -38.37 -21.01 -3.74
CA ASN D 311 -38.27 -20.39 -5.06
C ASN D 311 -36.84 -19.93 -5.32
N LEU D 312 -36.37 -20.17 -6.54
CA LEU D 312 -35.03 -19.77 -6.92
C LEU D 312 -34.98 -18.29 -7.28
N CYS D 313 -33.78 -17.73 -7.18
CA CYS D 313 -33.57 -16.30 -7.42
C CYS D 313 -33.48 -16.00 -8.90
N PRO D 314 -33.72 -14.74 -9.29
CA PRO D 314 -33.68 -14.37 -10.71
C PRO D 314 -32.26 -14.23 -11.27
N PHE D 315 -31.27 -14.81 -10.58
CA PHE D 315 -29.89 -14.76 -11.06
C PHE D 315 -29.78 -15.20 -12.52
N HIS D 316 -30.54 -16.23 -12.91
CA HIS D 316 -30.53 -16.66 -14.30
C HIS D 316 -30.99 -15.54 -15.23
N GLU D 317 -32.10 -14.89 -14.88
CA GLU D 317 -32.64 -13.83 -15.71
C GLU D 317 -31.74 -12.59 -15.72
N VAL D 318 -30.89 -12.42 -14.71
CA VAL D 318 -30.01 -11.26 -14.68
C VAL D 318 -28.64 -11.54 -15.28
N PHE D 319 -28.26 -12.81 -15.41
CA PHE D 319 -26.95 -13.14 -15.98
C PHE D 319 -27.01 -13.61 -17.42
N ASN D 320 -28.08 -14.29 -17.82
CA ASN D 320 -28.20 -14.74 -19.21
C ASN D 320 -28.72 -13.65 -20.14
N ALA D 321 -29.10 -12.49 -19.61
CA ALA D 321 -29.63 -11.42 -20.45
C ALA D 321 -28.57 -10.88 -21.38
N THR D 322 -28.98 -10.51 -22.60
CA THR D 322 -28.09 -9.94 -23.59
C THR D 322 -28.28 -8.44 -23.76
N ARG D 323 -29.02 -7.80 -22.86
CA ARG D 323 -29.29 -6.37 -22.97
C ARG D 323 -28.67 -5.61 -21.81
N PHE D 324 -27.42 -5.94 -21.48
CA PHE D 324 -26.71 -5.23 -20.43
C PHE D 324 -26.57 -3.76 -20.80
N ALA D 325 -27.06 -2.89 -19.93
CA ALA D 325 -27.11 -1.46 -20.22
C ALA D 325 -25.73 -0.84 -20.05
N SER D 326 -25.68 0.48 -20.20
CA SER D 326 -24.44 1.24 -20.11
C SER D 326 -24.15 1.62 -18.67
N VAL D 327 -22.95 2.18 -18.46
CA VAL D 327 -22.58 2.63 -17.12
C VAL D 327 -23.40 3.85 -16.71
N TYR D 328 -23.68 4.75 -17.66
CA TYR D 328 -24.43 5.95 -17.33
C TYR D 328 -25.83 5.62 -16.83
N ALA D 329 -26.41 4.53 -17.30
CA ALA D 329 -27.71 4.04 -16.84
C ALA D 329 -27.53 2.56 -16.51
N TRP D 330 -27.06 2.27 -15.31
CA TRP D 330 -26.79 0.90 -14.90
C TRP D 330 -28.08 0.27 -14.37
N ASN D 331 -28.47 -0.84 -14.97
CA ASN D 331 -29.70 -1.52 -14.57
C ASN D 331 -29.48 -2.26 -13.25
N ARG D 332 -30.38 -2.04 -12.30
CA ARG D 332 -30.36 -2.72 -11.02
C ARG D 332 -31.70 -3.41 -10.80
N THR D 333 -31.66 -4.68 -10.42
CA THR D 333 -32.86 -5.44 -10.10
C THR D 333 -32.82 -5.86 -8.64
N ARG D 334 -33.92 -5.65 -7.93
CA ARG D 334 -34.01 -6.06 -6.55
C ARG D 334 -34.27 -7.55 -6.46
N ILE D 335 -33.47 -8.25 -5.67
CA ILE D 335 -33.60 -9.68 -5.48
C ILE D 335 -33.93 -9.92 -4.01
N SER D 336 -35.07 -10.57 -3.76
CA SER D 336 -35.50 -10.85 -2.40
C SER D 336 -36.49 -12.00 -2.43
N ASN D 337 -36.65 -12.64 -1.26
CA ASN D 337 -37.59 -13.74 -1.07
C ASN D 337 -37.33 -14.87 -2.07
N CYS D 338 -36.10 -15.36 -2.05
CA CYS D 338 -35.73 -16.49 -2.89
C CYS D 338 -34.51 -17.18 -2.29
N VAL D 339 -34.27 -18.40 -2.76
CA VAL D 339 -33.11 -19.18 -2.31
C VAL D 339 -31.89 -18.67 -3.06
N ALA D 340 -30.97 -18.03 -2.34
CA ALA D 340 -29.79 -17.41 -2.95
C ALA D 340 -28.60 -18.35 -2.81
N ASP D 341 -28.58 -19.37 -3.66
CA ASP D 341 -27.42 -20.26 -3.77
C ASP D 341 -26.57 -19.79 -4.95
N TYR D 342 -25.26 -19.67 -4.70
CA TYR D 342 -24.36 -19.06 -5.68
C TYR D 342 -23.50 -20.09 -6.39
N SER D 343 -23.90 -21.36 -6.36
CA SER D 343 -23.21 -22.38 -7.15
C SER D 343 -23.44 -22.20 -8.64
N VAL D 344 -24.56 -21.58 -9.03
CA VAL D 344 -24.83 -21.30 -10.44
C VAL D 344 -24.05 -20.11 -10.96
N LEU D 345 -23.25 -19.46 -10.12
CA LEU D 345 -22.44 -18.33 -10.57
C LEU D 345 -21.35 -18.78 -11.54
N TYR D 346 -20.69 -19.89 -11.23
CA TYR D 346 -19.44 -20.24 -11.91
C TYR D 346 -19.67 -20.59 -13.37
N ASN D 347 -20.75 -21.28 -13.68
CA ASN D 347 -20.99 -21.75 -15.04
C ASN D 347 -21.64 -20.70 -15.94
N PHE D 348 -21.95 -19.52 -15.41
CA PHE D 348 -22.65 -18.50 -16.17
C PHE D 348 -21.73 -17.50 -16.85
N ALA D 349 -20.41 -17.58 -16.62
CA ALA D 349 -19.49 -16.61 -17.21
C ALA D 349 -18.05 -17.11 -17.14
N PRO D 350 -17.20 -16.73 -18.10
CA PRO D 350 -15.75 -16.99 -18.00
C PRO D 350 -15.05 -15.93 -17.17
N PHE D 351 -15.07 -16.14 -15.85
CA PHE D 351 -14.68 -15.13 -14.89
C PHE D 351 -13.27 -14.62 -15.13
N PHE D 352 -13.11 -13.31 -15.11
CA PHE D 352 -11.82 -12.64 -15.20
C PHE D 352 -11.38 -12.01 -13.89
N ALA D 353 -12.31 -11.39 -13.16
CA ALA D 353 -12.03 -10.84 -11.84
C ALA D 353 -13.23 -11.11 -10.94
N PHE D 354 -12.98 -11.79 -9.82
CA PHE D 354 -14.02 -12.17 -8.87
C PHE D 354 -13.65 -11.69 -7.47
N LYS D 355 -13.17 -10.45 -7.37
CA LYS D 355 -12.80 -9.90 -6.07
C LYS D 355 -14.05 -9.60 -5.25
N CYS D 356 -14.06 -10.04 -4.00
CA CYS D 356 -15.16 -9.81 -3.08
C CYS D 356 -14.64 -9.12 -1.84
N TYR D 357 -15.39 -8.14 -1.33
CA TYR D 357 -14.94 -7.30 -0.23
C TYR D 357 -15.58 -7.68 1.09
N GLY D 358 -16.92 -7.69 1.15
CA GLY D 358 -17.59 -7.94 2.41
C GLY D 358 -17.66 -9.39 2.83
N VAL D 359 -17.61 -10.31 1.87
CA VAL D 359 -17.78 -11.73 2.16
C VAL D 359 -17.01 -12.54 1.13
N SER D 360 -16.30 -13.55 1.61
CA SER D 360 -15.58 -14.44 0.70
C SER D 360 -16.56 -15.24 -0.13
N PRO D 361 -16.33 -15.38 -1.44
CA PRO D 361 -17.25 -16.16 -2.28
C PRO D 361 -17.31 -17.64 -1.90
N THR D 362 -16.28 -18.17 -1.23
CA THR D 362 -16.29 -19.58 -0.86
C THR D 362 -17.43 -19.89 0.11
N LYS D 363 -17.52 -19.13 1.20
CA LYS D 363 -18.62 -19.27 2.14
C LYS D 363 -19.61 -18.13 1.88
N LEU D 364 -20.36 -18.29 0.78
CA LEU D 364 -21.35 -17.32 0.37
C LEU D 364 -22.78 -17.86 0.37
N ASN D 365 -22.94 -19.17 0.21
CA ASN D 365 -24.28 -19.75 0.27
C ASN D 365 -24.81 -19.84 1.69
N ASP D 366 -23.90 -19.96 2.68
CA ASP D 366 -24.34 -20.13 4.06
C ASP D 366 -24.98 -18.87 4.62
N LEU D 367 -24.53 -17.70 4.17
CA LEU D 367 -25.01 -16.45 4.75
C LEU D 367 -26.46 -16.18 4.34
N CYS D 368 -27.05 -15.21 5.04
CA CYS D 368 -28.38 -14.71 4.74
C CYS D 368 -28.30 -13.20 4.56
N PHE D 369 -28.79 -12.70 3.44
CA PHE D 369 -28.73 -11.28 3.11
C PHE D 369 -30.12 -10.67 3.17
N THR D 370 -30.20 -9.46 3.70
CA THR D 370 -31.49 -8.77 3.81
C THR D 370 -32.06 -8.47 2.43
N ASN D 371 -31.26 -7.85 1.56
CA ASN D 371 -31.65 -7.59 0.19
C ASN D 371 -30.43 -7.81 -0.70
N VAL D 372 -30.68 -8.21 -1.95
CA VAL D 372 -29.62 -8.49 -2.90
C VAL D 372 -29.84 -7.61 -4.12
N TYR D 373 -28.82 -6.83 -4.48
CA TYR D 373 -28.90 -5.91 -5.61
C TYR D 373 -27.78 -6.23 -6.59
N ALA D 374 -28.13 -6.37 -7.86
CA ALA D 374 -27.17 -6.65 -8.92
C ALA D 374 -27.23 -5.53 -9.94
N ASP D 375 -26.09 -4.87 -10.17
CA ASP D 375 -25.96 -3.80 -11.14
C ASP D 375 -25.16 -4.29 -12.33
N SER D 376 -25.70 -4.09 -13.54
CA SER D 376 -25.10 -4.59 -14.76
C SER D 376 -24.69 -3.42 -15.65
N PHE D 377 -23.46 -3.47 -16.14
CA PHE D 377 -22.96 -2.45 -17.06
C PHE D 377 -21.80 -3.05 -17.85
N VAL D 378 -21.44 -2.36 -18.94
CA VAL D 378 -20.36 -2.79 -19.82
C VAL D 378 -19.24 -1.75 -19.73
N ILE D 379 -18.03 -2.23 -19.44
CA ILE D 379 -16.88 -1.37 -19.20
C ILE D 379 -15.72 -1.81 -20.08
N LYS D 380 -14.69 -0.98 -20.11
CA LYS D 380 -13.50 -1.24 -20.93
C LYS D 380 -12.59 -2.23 -20.21
N GLY D 381 -11.38 -2.42 -20.74
CA GLY D 381 -10.44 -3.38 -20.17
C GLY D 381 -9.57 -2.83 -19.06
N ASN D 382 -8.84 -1.76 -19.35
CA ASN D 382 -7.90 -1.20 -18.37
C ASN D 382 -8.60 -0.51 -17.20
N GLU D 383 -9.92 -0.32 -17.26
CA GLU D 383 -10.65 0.38 -16.22
C GLU D 383 -11.33 -0.57 -15.23
N VAL D 384 -11.02 -1.86 -15.27
CA VAL D 384 -11.60 -2.78 -14.30
C VAL D 384 -11.15 -2.45 -12.89
N SER D 385 -10.01 -1.78 -12.73
CA SER D 385 -9.62 -1.30 -11.41
C SER D 385 -10.44 -0.09 -11.00
N GLN D 386 -10.97 0.66 -11.97
CA GLN D 386 -11.75 1.85 -11.66
C GLN D 386 -13.07 1.51 -10.99
N ILE D 387 -13.67 0.36 -11.34
CA ILE D 387 -14.88 -0.09 -10.67
C ILE D 387 -14.48 -0.78 -9.37
N ALA D 388 -14.43 -0.01 -8.29
CA ALA D 388 -13.97 -0.48 -6.99
C ALA D 388 -14.35 0.58 -5.95
N PRO D 389 -14.40 0.21 -4.67
CA PRO D 389 -14.68 1.21 -3.64
C PRO D 389 -13.66 2.34 -3.65
N GLY D 390 -14.17 3.56 -3.46
CA GLY D 390 -13.34 4.75 -3.36
C GLY D 390 -12.31 4.93 -4.47
N GLN D 391 -12.77 5.10 -5.70
CA GLN D 391 -11.88 5.28 -6.84
C GLN D 391 -12.12 6.64 -7.48
N THR D 392 -11.04 7.22 -7.99
CA THR D 392 -11.08 8.53 -8.64
C THR D 392 -10.83 8.38 -10.13
N GLY D 393 -11.53 9.18 -10.92
CA GLY D 393 -11.39 9.15 -12.37
C GLY D 393 -12.50 9.90 -13.07
N ASN D 394 -13.02 9.33 -14.15
CA ASN D 394 -14.15 9.92 -14.87
C ASN D 394 -15.39 9.05 -14.80
N ILE D 395 -15.30 7.79 -15.23
CA ILE D 395 -16.48 6.92 -15.24
C ILE D 395 -16.92 6.60 -13.82
N ALA D 396 -15.97 6.23 -12.95
CA ALA D 396 -16.29 5.96 -11.56
C ALA D 396 -16.63 7.22 -10.78
N ASP D 397 -16.39 8.40 -11.34
CA ASP D 397 -16.68 9.65 -10.67
C ASP D 397 -17.97 10.30 -11.13
N TYR D 398 -18.47 9.95 -12.31
CA TYR D 398 -19.68 10.56 -12.85
C TYR D 398 -20.81 9.58 -13.13
N ASN D 399 -20.52 8.33 -13.46
CA ASN D 399 -21.55 7.37 -13.85
C ASN D 399 -21.91 6.42 -12.71
N TYR D 400 -20.93 5.69 -12.18
CA TYR D 400 -21.18 4.69 -11.16
C TYR D 400 -20.09 4.78 -10.10
N LYS D 401 -20.47 5.14 -8.88
CA LYS D 401 -19.54 5.25 -7.76
C LYS D 401 -19.86 4.15 -6.76
N LEU D 402 -18.90 3.24 -6.57
CA LEU D 402 -19.07 2.20 -5.56
C LEU D 402 -18.86 2.80 -4.17
N PRO D 403 -19.69 2.42 -3.19
CA PRO D 403 -19.53 2.98 -1.84
C PRO D 403 -18.18 2.60 -1.25
N ASP D 404 -17.65 3.50 -0.41
CA ASP D 404 -16.37 3.24 0.24
C ASP D 404 -16.46 2.03 1.16
N ASP D 405 -17.56 1.92 1.91
CA ASP D 405 -17.81 0.76 2.77
C ASP D 405 -18.59 -0.32 2.03
N PHE D 406 -18.10 -0.70 0.86
CA PHE D 406 -18.81 -1.69 0.04
C PHE D 406 -18.64 -3.09 0.61
N THR D 407 -19.73 -3.85 0.59
CA THR D 407 -19.72 -5.25 1.00
C THR D 407 -20.44 -6.07 -0.04
N GLY D 408 -19.84 -7.20 -0.43
CA GLY D 408 -20.42 -8.05 -1.45
C GLY D 408 -19.40 -8.64 -2.40
N CYS D 409 -19.81 -8.87 -3.65
CA CYS D 409 -18.94 -9.47 -4.65
C CYS D 409 -19.06 -8.70 -5.96
N VAL D 410 -18.00 -8.76 -6.76
CA VAL D 410 -17.97 -8.15 -8.09
C VAL D 410 -17.60 -9.24 -9.09
N ILE D 411 -18.43 -9.39 -10.13
CA ILE D 411 -18.24 -10.40 -11.16
C ILE D 411 -17.77 -9.71 -12.43
N ALA D 412 -16.66 -10.18 -12.99
CA ALA D 412 -16.09 -9.60 -14.20
C ALA D 412 -15.77 -10.69 -15.20
N TRP D 413 -16.14 -10.45 -16.46
CA TRP D 413 -15.79 -11.36 -17.54
C TRP D 413 -15.86 -10.60 -18.86
N ASN D 414 -14.92 -10.88 -19.75
CA ASN D 414 -14.86 -10.19 -21.04
C ASN D 414 -15.90 -10.76 -21.99
N SER D 415 -16.66 -9.87 -22.62
CA SER D 415 -17.69 -10.25 -23.60
C SER D 415 -17.46 -9.42 -24.85
N ASN D 416 -16.62 -9.93 -25.76
CA ASN D 416 -16.34 -9.22 -27.00
C ASN D 416 -17.40 -9.49 -28.06
N LYS D 417 -17.84 -10.75 -28.17
CA LYS D 417 -18.79 -11.11 -29.22
C LYS D 417 -20.18 -10.58 -28.94
N LEU D 418 -20.59 -10.53 -27.66
CA LEU D 418 -21.94 -10.12 -27.30
C LEU D 418 -22.07 -8.62 -27.09
N ASP D 419 -20.97 -7.86 -27.16
CA ASP D 419 -21.01 -6.42 -26.96
C ASP D 419 -20.33 -5.62 -28.07
N SER D 420 -19.60 -6.25 -28.97
CA SER D 420 -18.91 -5.56 -30.04
C SER D 420 -19.24 -6.20 -31.38
N LYS D 421 -19.13 -5.40 -32.44
CA LYS D 421 -19.37 -5.88 -33.79
C LYS D 421 -18.45 -5.12 -34.74
N HIS D 422 -18.30 -5.68 -35.94
CA HIS D 422 -17.42 -5.09 -36.94
C HIS D 422 -17.94 -3.72 -37.38
N SER D 423 -17.01 -2.85 -37.77
CA SER D 423 -17.31 -1.51 -38.26
C SER D 423 -17.97 -0.66 -37.16
N GLY D 424 -17.52 -0.85 -35.93
CA GLY D 424 -17.92 0.02 -34.85
C GLY D 424 -19.20 -0.37 -34.13
N ASN D 425 -19.21 -0.22 -32.81
CA ASN D 425 -20.41 -0.46 -31.99
C ASN D 425 -20.35 0.51 -30.81
N TYR D 426 -20.98 1.67 -30.97
CA TYR D 426 -21.01 2.70 -29.95
C TYR D 426 -22.43 2.97 -29.49
N ASP D 427 -23.24 1.92 -29.38
CA ASP D 427 -24.57 2.07 -28.80
C ASP D 427 -24.51 2.42 -27.33
N TYR D 428 -23.48 1.94 -26.63
CA TYR D 428 -23.30 2.27 -25.23
C TYR D 428 -22.81 3.71 -25.08
N TRP D 429 -23.12 4.31 -23.93
CA TRP D 429 -22.72 5.67 -23.65
C TRP D 429 -22.23 5.78 -22.21
N TYR D 430 -21.11 6.47 -22.02
CA TYR D 430 -20.61 6.81 -20.69
C TYR D 430 -20.42 8.31 -20.62
N ARG D 431 -20.86 8.90 -19.51
CA ARG D 431 -20.83 10.35 -19.33
C ARG D 431 -19.52 10.73 -18.65
N LEU D 432 -18.65 11.42 -19.37
CA LEU D 432 -17.39 11.93 -18.82
C LEU D 432 -17.45 13.41 -18.50
N PHE D 433 -18.62 14.02 -18.62
CA PHE D 433 -18.82 15.44 -18.30
C PHE D 433 -19.89 15.55 -17.23
N ARG D 434 -19.48 15.90 -16.01
CA ARG D 434 -20.41 16.12 -14.92
C ARG D 434 -19.92 17.30 -14.08
N LYS D 435 -20.86 17.97 -13.40
CA LYS D 435 -20.52 19.15 -12.64
C LYS D 435 -19.54 18.84 -11.51
N SER D 436 -19.76 17.74 -10.79
CA SER D 436 -18.89 17.36 -9.69
C SER D 436 -18.80 15.84 -9.65
N LYS D 437 -18.21 15.31 -8.58
CA LYS D 437 -18.11 13.87 -8.39
C LYS D 437 -19.48 13.30 -8.00
N LEU D 438 -19.61 11.99 -8.13
CA LEU D 438 -20.89 11.31 -7.91
C LEU D 438 -20.89 10.63 -6.54
N LYS D 439 -22.00 10.78 -5.83
CA LYS D 439 -22.16 10.07 -4.53
C LYS D 439 -22.43 8.59 -4.82
N PRO D 440 -22.27 7.66 -3.86
CA PRO D 440 -22.45 6.22 -4.14
C PRO D 440 -23.85 5.78 -4.57
N PHE D 441 -23.93 4.78 -5.47
CA PHE D 441 -25.21 4.20 -5.89
C PHE D 441 -26.16 5.30 -6.38
N GLU D 442 -25.67 6.07 -7.35
CA GLU D 442 -26.37 7.23 -7.86
C GLU D 442 -26.44 7.16 -9.38
N ARG D 443 -27.61 7.52 -9.93
CA ARG D 443 -27.84 7.57 -11.37
C ARG D 443 -28.12 9.01 -11.76
N ASP D 444 -27.34 9.53 -12.71
CA ASP D 444 -27.46 10.90 -13.18
C ASP D 444 -27.76 10.95 -14.68
N ILE D 445 -28.71 10.13 -15.12
CA ILE D 445 -29.03 10.06 -16.54
C ILE D 445 -29.56 11.41 -17.02
N SER D 446 -28.83 12.04 -17.92
CA SER D 446 -29.19 13.34 -18.47
C SER D 446 -28.30 13.65 -19.66
N THR D 447 -28.90 14.19 -20.71
CA THR D 447 -28.18 14.65 -21.89
C THR D 447 -28.33 16.16 -21.98
N GLU D 448 -27.47 16.87 -21.26
CA GLU D 448 -27.48 18.32 -21.22
C GLU D 448 -26.10 18.85 -21.59
N ILE D 449 -26.08 19.91 -22.39
CA ILE D 449 -24.83 20.43 -22.90
C ILE D 449 -23.97 20.94 -21.76
N TYR D 450 -22.73 20.45 -21.70
CA TYR D 450 -21.76 20.86 -20.68
C TYR D 450 -20.88 21.95 -21.30
N GLN D 451 -21.16 23.20 -20.97
CA GLN D 451 -20.42 24.30 -21.54
C GLN D 451 -18.99 24.33 -21.03
N ALA D 452 -18.10 24.87 -21.86
CA ALA D 452 -16.70 25.07 -21.51
C ALA D 452 -16.46 26.56 -21.29
N GLY D 453 -15.83 26.89 -20.16
CA GLY D 453 -15.58 28.28 -19.82
C GLY D 453 -16.77 28.94 -19.15
N ASN D 454 -17.33 29.96 -19.78
CA ASN D 454 -18.47 30.68 -19.22
C ASN D 454 -19.60 30.93 -20.22
N LYS D 455 -19.40 30.64 -21.50
CA LYS D 455 -20.45 30.89 -22.49
C LYS D 455 -21.56 29.84 -22.38
N PRO D 456 -22.81 30.24 -22.66
CA PRO D 456 -23.93 29.31 -22.50
C PRO D 456 -24.18 28.43 -23.71
N CYS D 457 -23.18 28.27 -24.57
CA CYS D 457 -23.33 27.53 -25.83
C CYS D 457 -24.07 26.21 -25.64
N LYS D 458 -24.91 25.88 -26.61
CA LYS D 458 -25.63 24.62 -26.65
C LYS D 458 -25.35 23.91 -27.96
N GLY D 459 -25.11 22.60 -27.89
CA GLY D 459 -24.79 21.81 -29.06
C GLY D 459 -23.43 21.14 -28.93
N LYS D 460 -22.75 21.02 -30.06
CA LYS D 460 -21.43 20.39 -30.12
C LYS D 460 -20.47 21.28 -30.88
N GLY D 461 -19.21 21.26 -30.46
CA GLY D 461 -18.17 22.01 -31.12
C GLY D 461 -17.51 23.05 -30.24
N PRO D 462 -17.69 24.34 -30.57
CA PRO D 462 -16.96 25.39 -29.86
C PRO D 462 -17.47 25.60 -28.44
N ASN D 463 -16.65 25.23 -27.46
CA ASN D 463 -16.85 25.47 -26.02
C ASN D 463 -18.25 25.08 -25.53
N CYS D 464 -18.93 24.18 -26.23
CA CYS D 464 -20.16 23.57 -25.74
C CYS D 464 -20.12 22.09 -26.08
N TYR D 465 -20.16 21.24 -25.06
CA TYR D 465 -19.89 19.82 -25.20
C TYR D 465 -21.09 18.99 -24.78
N PHE D 466 -21.27 17.85 -25.46
CA PHE D 466 -22.24 16.87 -25.01
C PHE D 466 -21.71 16.17 -23.77
N PRO D 467 -22.58 15.84 -22.81
CA PRO D 467 -22.10 15.24 -21.55
C PRO D 467 -21.45 13.89 -21.72
N LEU D 468 -21.70 13.19 -22.83
CA LEU D 468 -21.23 11.84 -23.05
C LEU D 468 -20.64 11.72 -24.44
N GLN D 469 -19.66 10.82 -24.57
CA GLN D 469 -18.97 10.57 -25.83
C GLN D 469 -19.09 9.10 -26.22
N SER D 470 -18.45 8.74 -27.33
CA SER D 470 -18.63 7.43 -27.92
C SER D 470 -18.04 6.33 -27.05
N TYR D 471 -18.69 5.17 -27.10
CA TYR D 471 -18.19 3.96 -26.43
C TYR D 471 -18.03 2.84 -27.45
N GLY D 472 -17.44 3.15 -28.60
CA GLY D 472 -17.29 2.20 -29.68
C GLY D 472 -16.59 0.93 -29.29
N PHE D 473 -17.19 -0.21 -29.66
CA PHE D 473 -16.65 -1.53 -29.31
C PHE D 473 -16.42 -2.32 -30.59
N ARG D 474 -15.17 -2.71 -30.81
CA ARG D 474 -14.74 -3.55 -31.92
C ARG D 474 -13.79 -4.59 -31.39
N PRO D 475 -13.64 -5.72 -32.10
CA PRO D 475 -12.57 -6.67 -31.75
C PRO D 475 -11.18 -6.22 -32.15
N THR D 476 -11.00 -4.95 -32.52
CA THR D 476 -9.74 -4.46 -33.08
C THR D 476 -8.85 -3.75 -32.08
N TYR D 477 -9.36 -3.37 -30.91
CA TYR D 477 -8.49 -2.77 -29.91
C TYR D 477 -7.80 -3.85 -29.09
N GLY D 478 -7.02 -3.41 -28.09
CA GLY D 478 -6.32 -4.31 -27.22
C GLY D 478 -7.12 -4.70 -26.00
N VAL D 479 -6.45 -5.44 -25.10
CA VAL D 479 -7.10 -5.93 -23.89
C VAL D 479 -7.57 -4.79 -23.01
N GLY D 480 -6.89 -3.64 -23.07
CA GLY D 480 -7.31 -2.49 -22.28
C GLY D 480 -8.55 -1.81 -22.77
N HIS D 481 -9.00 -2.11 -23.99
CA HIS D 481 -10.23 -1.56 -24.52
C HIS D 481 -11.23 -2.64 -24.96
N GLN D 482 -10.96 -3.91 -24.68
CA GLN D 482 -11.92 -4.96 -24.99
C GLN D 482 -13.21 -4.72 -24.21
N PRO D 483 -14.36 -5.07 -24.79
CA PRO D 483 -15.66 -4.82 -24.12
C PRO D 483 -15.94 -5.78 -22.97
N TYR D 484 -15.39 -5.46 -21.81
CA TYR D 484 -15.63 -6.29 -20.62
C TYR D 484 -17.04 -6.05 -20.10
N ARG D 485 -17.76 -7.14 -19.86
CA ARG D 485 -19.13 -7.09 -19.36
C ARG D 485 -19.12 -7.56 -17.91
N VAL D 486 -19.22 -6.61 -16.98
CA VAL D 486 -19.07 -6.90 -15.56
C VAL D 486 -20.37 -6.59 -14.85
N VAL D 487 -20.62 -7.32 -13.76
CA VAL D 487 -21.81 -7.15 -12.93
C VAL D 487 -21.39 -7.24 -11.47
N VAL D 488 -21.90 -6.35 -10.64
CA VAL D 488 -21.59 -6.33 -9.23
C VAL D 488 -22.74 -6.96 -8.45
N LEU D 489 -22.44 -7.42 -7.24
CA LEU D 489 -23.43 -7.98 -6.34
C LEU D 489 -23.28 -7.31 -4.99
N SER D 490 -24.32 -6.60 -4.55
CA SER D 490 -24.30 -5.83 -3.32
C SER D 490 -25.26 -6.44 -2.32
N PHE D 491 -24.78 -6.65 -1.10
CA PHE D 491 -25.57 -7.18 0.00
C PHE D 491 -25.45 -6.27 1.21
N GLU D 492 -26.45 -6.34 2.09
CA GLU D 492 -26.45 -5.60 3.34
C GLU D 492 -26.53 -6.61 4.49
N LEU D 493 -25.38 -6.90 5.10
CA LEU D 493 -25.32 -7.82 6.23
C LEU D 493 -25.66 -7.04 7.50
N LEU D 494 -26.94 -6.77 7.67
CA LEU D 494 -27.43 -5.96 8.78
C LEU D 494 -28.59 -6.68 9.46
N HIS D 495 -28.92 -6.20 10.67
CA HIS D 495 -29.91 -6.85 11.52
C HIS D 495 -31.31 -6.53 11.00
N ALA D 496 -31.72 -7.27 9.97
CA ALA D 496 -33.04 -7.15 9.38
C ALA D 496 -33.53 -8.55 9.02
N PRO D 497 -34.85 -8.74 8.92
CA PRO D 497 -35.38 -10.04 8.50
C PRO D 497 -34.86 -10.41 7.12
N ALA D 498 -34.07 -11.47 7.07
CA ALA D 498 -33.45 -11.88 5.81
C ALA D 498 -34.49 -12.34 4.82
N THR D 499 -34.39 -11.85 3.58
CA THR D 499 -35.28 -12.27 2.52
C THR D 499 -34.71 -13.43 1.72
N VAL D 500 -33.41 -13.40 1.44
CA VAL D 500 -32.71 -14.49 0.78
C VAL D 500 -31.84 -15.19 1.82
N CYS D 501 -31.85 -16.53 1.79
CA CYS D 501 -31.19 -17.31 2.82
C CYS D 501 -30.27 -18.40 2.29
N GLY D 502 -30.13 -18.54 0.97
CA GLY D 502 -29.31 -19.58 0.41
C GLY D 502 -29.94 -20.95 0.53
N PRO D 503 -29.11 -22.00 0.50
CA PRO D 503 -29.64 -23.36 0.62
C PRO D 503 -30.52 -23.56 1.84
N LYS D 504 -31.79 -23.87 1.61
CA LYS D 504 -32.77 -23.97 2.69
C LYS D 504 -32.52 -25.23 3.50
N LYS D 505 -31.92 -25.06 4.67
CA LYS D 505 -31.72 -26.14 5.63
C LYS D 505 -32.34 -25.72 6.95
N SER D 506 -33.27 -26.53 7.46
CA SER D 506 -33.99 -26.22 8.68
C SER D 506 -33.98 -27.43 9.60
N THR D 507 -33.50 -27.24 10.82
CA THR D 507 -33.53 -28.26 11.86
C THR D 507 -34.56 -27.86 12.91
N ASN D 508 -35.33 -28.84 13.37
CA ASN D 508 -36.39 -28.56 14.35
C ASN D 508 -35.82 -27.87 15.58
N LEU D 509 -36.44 -26.77 15.97
CA LEU D 509 -35.93 -25.97 17.07
C LEU D 509 -36.18 -26.66 18.41
N VAL D 510 -35.16 -26.68 19.26
CA VAL D 510 -35.26 -27.25 20.59
C VAL D 510 -35.10 -26.14 21.61
N LYS D 511 -35.61 -26.37 22.81
CA LYS D 511 -35.61 -25.38 23.86
C LYS D 511 -35.09 -25.97 25.16
N ASN D 512 -34.59 -25.09 26.03
CA ASN D 512 -34.03 -25.47 27.33
C ASN D 512 -32.87 -26.46 27.20
N LYS D 513 -32.09 -26.32 26.14
CA LYS D 513 -30.94 -27.18 25.91
C LYS D 513 -29.80 -26.37 25.30
N CYS D 514 -28.58 -26.78 25.59
CA CYS D 514 -27.39 -26.10 25.08
C CYS D 514 -27.19 -26.51 23.62
N VAL D 515 -27.37 -25.56 22.71
CA VAL D 515 -27.32 -25.83 21.27
C VAL D 515 -26.62 -24.67 20.57
N ASN D 516 -26.31 -24.89 19.30
CA ASN D 516 -25.80 -23.84 18.42
C ASN D 516 -26.91 -23.41 17.48
N PHE D 517 -27.14 -22.10 17.41
CA PHE D 517 -28.21 -21.55 16.59
C PHE D 517 -27.63 -20.83 15.38
N ASN D 518 -28.33 -20.92 14.26
CA ASN D 518 -27.95 -20.27 13.01
C ASN D 518 -29.15 -19.56 12.40
N PHE D 519 -29.88 -18.81 13.23
CA PHE D 519 -31.08 -18.12 12.78
C PHE D 519 -30.70 -17.01 11.81
N ASN D 520 -30.96 -17.22 10.52
CA ASN D 520 -30.70 -16.23 9.48
C ASN D 520 -29.25 -15.76 9.50
N GLY D 521 -28.33 -16.70 9.68
CA GLY D 521 -26.93 -16.39 9.73
C GLY D 521 -26.40 -15.92 11.07
N LEU D 522 -27.24 -15.88 12.10
CA LEU D 522 -26.82 -15.47 13.44
C LEU D 522 -26.12 -16.65 14.11
N THR D 523 -24.88 -16.88 13.69
CA THR D 523 -24.10 -17.97 14.25
C THR D 523 -23.77 -17.67 15.71
N GLY D 524 -23.88 -18.70 16.55
CA GLY D 524 -23.60 -18.52 17.96
C GLY D 524 -23.97 -19.78 18.73
N THR D 525 -23.83 -19.68 20.05
CA THR D 525 -24.11 -20.80 20.95
C THR D 525 -24.81 -20.28 22.18
N GLY D 526 -25.72 -21.10 22.71
CA GLY D 526 -26.43 -20.73 23.92
C GLY D 526 -27.64 -21.62 24.13
N VAL D 527 -28.38 -21.30 25.19
CA VAL D 527 -29.59 -22.01 25.55
C VAL D 527 -30.78 -21.17 25.13
N LEU D 528 -31.62 -21.73 24.27
CA LEU D 528 -32.77 -21.01 23.73
C LEU D 528 -34.01 -21.32 24.55
N THR D 529 -34.59 -20.30 25.17
CA THR D 529 -35.83 -20.41 25.92
C THR D 529 -36.82 -19.38 25.39
N LYS D 530 -38.09 -19.76 25.34
CA LYS D 530 -39.11 -18.83 24.85
C LYS D 530 -39.19 -17.62 25.78
N SER D 531 -39.39 -16.46 25.19
CA SER D 531 -39.34 -15.20 25.91
C SER D 531 -40.70 -14.52 25.93
N ASN D 532 -40.88 -13.64 26.90
CA ASN D 532 -42.12 -12.87 27.07
C ASN D 532 -41.91 -11.41 26.75
N LYS D 533 -41.12 -11.13 25.72
CA LYS D 533 -40.86 -9.76 25.29
C LYS D 533 -42.03 -9.24 24.44
N LYS D 534 -41.88 -8.02 23.94
CA LYS D 534 -42.91 -7.37 23.15
C LYS D 534 -42.40 -7.04 21.75
N PHE D 535 -41.77 -8.02 21.10
CA PHE D 535 -41.18 -7.82 19.79
C PHE D 535 -42.20 -7.27 18.81
N LEU D 536 -41.83 -6.18 18.15
CA LEU D 536 -42.64 -5.61 17.09
C LEU D 536 -42.37 -6.37 15.78
N PRO D 537 -43.31 -6.32 14.83
CA PRO D 537 -43.16 -7.13 13.62
C PRO D 537 -41.88 -6.85 12.84
N PHE D 538 -41.38 -5.62 12.84
CA PHE D 538 -40.15 -5.33 12.11
C PHE D 538 -38.90 -5.76 12.86
N GLN D 539 -39.01 -6.03 14.17
CA GLN D 539 -37.85 -6.46 14.94
C GLN D 539 -37.49 -7.90 14.59
N GLN D 540 -36.20 -8.15 14.34
CA GLN D 540 -35.74 -9.46 13.95
C GLN D 540 -34.71 -10.05 14.90
N PHE D 541 -33.68 -9.30 15.27
CA PHE D 541 -32.54 -9.83 16.00
C PHE D 541 -32.64 -9.63 17.51
N GLY D 542 -33.12 -8.48 17.96
CA GLY D 542 -33.18 -8.22 19.39
C GLY D 542 -31.82 -7.95 19.98
N ARG D 543 -31.77 -7.21 21.08
CA ARG D 543 -30.51 -6.82 21.70
C ARG D 543 -30.66 -6.79 23.22
N ASP D 544 -29.55 -6.55 23.90
CA ASP D 544 -29.53 -6.43 25.35
C ASP D 544 -28.88 -5.10 25.72
N ILE D 545 -28.54 -4.92 26.99
CA ILE D 545 -27.88 -3.69 27.43
C ILE D 545 -26.62 -3.44 26.61
N VAL D 546 -25.66 -4.35 26.69
CA VAL D 546 -24.38 -4.19 25.99
C VAL D 546 -24.51 -4.87 24.63
N ASP D 547 -25.17 -4.16 23.71
CA ASP D 547 -25.08 -4.35 22.26
C ASP D 547 -24.88 -5.80 21.81
N THR D 548 -25.65 -6.74 22.37
CA THR D 548 -25.52 -8.14 21.99
C THR D 548 -26.89 -8.77 21.89
N THR D 549 -27.00 -9.76 21.01
CA THR D 549 -28.27 -10.46 20.81
C THR D 549 -28.69 -11.17 22.09
N ASP D 550 -29.97 -11.06 22.43
CA ASP D 550 -30.50 -11.68 23.65
C ASP D 550 -31.73 -12.52 23.34
N ALA D 551 -32.48 -12.12 22.31
CA ALA D 551 -33.69 -12.85 21.94
C ALA D 551 -33.89 -12.72 20.43
N VAL D 552 -33.84 -13.85 19.73
CA VAL D 552 -33.94 -13.88 18.27
C VAL D 552 -35.29 -14.47 17.89
N ARG D 553 -36.02 -13.75 17.03
CA ARG D 553 -37.31 -14.24 16.56
C ARG D 553 -37.13 -15.42 15.62
N ASP D 554 -37.96 -16.44 15.80
CA ASP D 554 -37.86 -17.65 14.98
C ASP D 554 -38.29 -17.37 13.55
N PRO D 555 -37.51 -17.76 12.54
CA PRO D 555 -37.94 -17.54 11.15
C PRO D 555 -39.22 -18.26 10.79
N GLN D 556 -39.48 -19.44 11.36
CA GLN D 556 -40.64 -20.23 10.97
C GLN D 556 -41.84 -19.96 11.88
N THR D 557 -41.69 -20.21 13.18
CA THR D 557 -42.82 -20.06 14.10
C THR D 557 -43.09 -18.61 14.47
N LEU D 558 -42.21 -17.69 14.09
CA LEU D 558 -42.38 -16.26 14.39
C LEU D 558 -42.53 -16.03 15.89
N GLU D 559 -41.80 -16.80 16.69
CA GLU D 559 -41.76 -16.65 18.13
C GLU D 559 -40.38 -16.20 18.56
N ILE D 560 -40.31 -15.62 19.76
CA ILE D 560 -39.08 -15.04 20.28
C ILE D 560 -38.45 -16.01 21.27
N LEU D 561 -37.16 -16.26 21.10
CA LEU D 561 -36.41 -17.20 21.93
C LEU D 561 -35.32 -16.44 22.67
N ASP D 562 -35.46 -16.30 23.99
CA ASP D 562 -34.41 -15.72 24.79
C ASP D 562 -33.14 -16.56 24.68
N ILE D 563 -32.01 -15.90 24.45
CA ILE D 563 -30.74 -16.57 24.24
C ILE D 563 -29.93 -16.44 25.52
N THR D 564 -29.76 -17.56 26.23
CA THR D 564 -28.91 -17.61 27.41
C THR D 564 -27.62 -18.32 27.06
N PRO D 565 -26.47 -17.69 27.17
CA PRO D 565 -25.21 -18.33 26.76
C PRO D 565 -24.92 -19.57 27.59
N CYS D 566 -23.86 -20.28 27.18
CA CYS D 566 -23.49 -21.52 27.82
C CYS D 566 -23.09 -21.30 29.27
N SER D 567 -23.30 -22.31 30.10
CA SER D 567 -22.82 -22.27 31.48
C SER D 567 -21.31 -22.07 31.48
N PHE D 568 -20.83 -21.15 32.32
CA PHE D 568 -19.46 -20.69 32.23
C PHE D 568 -18.94 -20.36 33.62
N GLY D 569 -17.63 -20.25 33.72
CA GLY D 569 -17.00 -19.88 34.97
C GLY D 569 -15.52 -20.24 34.94
N GLY D 570 -14.97 -20.47 36.13
CA GLY D 570 -13.58 -20.84 36.25
C GLY D 570 -13.37 -21.96 37.25
N VAL D 571 -12.70 -23.02 36.81
CA VAL D 571 -12.43 -24.17 37.67
C VAL D 571 -11.19 -23.88 38.49
N SER D 572 -11.34 -23.86 39.81
CA SER D 572 -10.23 -23.69 40.74
C SER D 572 -10.08 -24.96 41.56
N VAL D 573 -8.88 -25.53 41.56
CA VAL D 573 -8.62 -26.79 42.24
C VAL D 573 -8.03 -26.48 43.61
N ILE D 574 -8.78 -26.80 44.66
CA ILE D 574 -8.29 -26.67 46.03
C ILE D 574 -7.56 -27.97 46.38
N THR D 575 -6.25 -27.90 46.50
CA THR D 575 -5.47 -29.10 46.79
C THR D 575 -4.48 -28.84 47.90
N PRO D 576 -4.21 -29.83 48.73
CA PRO D 576 -3.08 -29.75 49.65
C PRO D 576 -1.78 -29.99 48.90
N GLY D 577 -0.68 -29.87 49.64
CA GLY D 577 0.62 -30.14 49.05
C GLY D 577 0.70 -31.55 48.51
N THR D 578 1.30 -31.69 47.32
CA THR D 578 1.44 -33.01 46.72
C THR D 578 2.28 -33.94 47.58
N ASN D 579 3.16 -33.40 48.44
CA ASN D 579 3.88 -34.23 49.38
C ASN D 579 2.95 -34.80 50.44
N THR D 580 1.82 -34.14 50.70
CA THR D 580 0.86 -34.64 51.67
C THR D 580 -0.04 -35.70 51.05
N SER D 581 -0.79 -35.33 50.02
CA SER D 581 -1.67 -36.28 49.34
C SER D 581 -1.98 -35.76 47.95
N ASN D 582 -2.45 -36.66 47.10
CA ASN D 582 -2.85 -36.33 45.74
C ASN D 582 -4.35 -36.08 45.61
N GLN D 583 -5.11 -36.16 46.70
CA GLN D 583 -6.53 -35.89 46.65
C GLN D 583 -6.77 -34.41 46.36
N VAL D 584 -7.70 -34.13 45.45
CA VAL D 584 -8.01 -32.77 45.04
C VAL D 584 -9.51 -32.58 45.02
N ALA D 585 -9.92 -31.31 45.12
CA ALA D 585 -11.31 -30.92 44.98
C ALA D 585 -11.39 -29.73 44.03
N VAL D 586 -12.49 -29.65 43.30
CA VAL D 586 -12.67 -28.64 42.27
C VAL D 586 -13.81 -27.71 42.66
N LEU D 587 -13.64 -26.42 42.42
CA LEU D 587 -14.65 -25.41 42.69
C LEU D 587 -15.08 -24.81 41.36
N TYR D 588 -16.25 -25.21 40.88
CA TYR D 588 -16.82 -24.67 39.66
C TYR D 588 -17.42 -23.30 39.98
N GLN D 589 -16.66 -22.25 39.73
CA GLN D 589 -17.05 -20.92 40.18
C GLN D 589 -18.29 -20.42 39.44
N GLY D 590 -19.18 -19.75 40.17
CA GLY D 590 -20.33 -19.10 39.60
C GLY D 590 -21.32 -20.04 38.91
N VAL D 591 -21.67 -21.14 39.57
CA VAL D 591 -22.59 -22.12 39.00
C VAL D 591 -23.15 -22.98 40.12
N ASN D 592 -24.29 -23.61 39.86
CA ASN D 592 -24.91 -24.53 40.81
C ASN D 592 -24.41 -25.95 40.55
N CYS D 593 -24.25 -26.71 41.64
CA CYS D 593 -23.81 -28.10 41.48
C CYS D 593 -24.88 -28.95 40.79
N THR D 594 -26.15 -28.59 40.90
CA THR D 594 -27.17 -29.29 40.13
C THR D 594 -26.93 -29.10 38.64
N GLU D 595 -26.57 -27.88 38.24
CA GLU D 595 -26.27 -27.63 36.83
C GLU D 595 -25.08 -28.46 36.37
N VAL D 596 -23.99 -28.46 37.14
CA VAL D 596 -22.86 -29.28 36.75
C VAL D 596 -23.17 -30.76 36.93
N SER D 597 -24.10 -31.11 37.83
CA SER D 597 -24.50 -32.51 37.95
C SER D 597 -25.14 -33.00 36.66
N VAL D 598 -26.10 -32.23 36.14
CA VAL D 598 -26.73 -32.63 34.88
C VAL D 598 -25.75 -32.51 33.72
N ALA D 599 -24.82 -31.57 33.79
CA ALA D 599 -23.80 -31.45 32.73
C ALA D 599 -22.91 -32.69 32.70
N ILE D 600 -22.49 -33.18 33.87
CA ILE D 600 -21.69 -34.39 33.92
C ILE D 600 -22.51 -35.60 33.49
N HIS D 601 -23.78 -35.64 33.89
CA HIS D 601 -24.65 -36.75 33.50
C HIS D 601 -24.81 -36.81 31.99
N ALA D 602 -24.98 -35.67 31.33
CA ALA D 602 -25.09 -35.64 29.88
C ALA D 602 -23.74 -35.65 29.18
N ASP D 603 -22.64 -35.54 29.94
CA ASP D 603 -21.28 -35.57 29.39
C ASP D 603 -21.08 -34.46 28.35
N GLN D 604 -21.23 -33.22 28.81
CA GLN D 604 -21.05 -32.07 27.92
C GLN D 604 -20.25 -30.95 28.59
N LEU D 605 -19.41 -31.26 29.57
CA LEU D 605 -18.55 -30.26 30.19
C LEU D 605 -17.20 -30.22 29.50
N THR D 606 -16.66 -29.02 29.34
CA THR D 606 -15.38 -28.86 28.64
C THR D 606 -14.23 -29.61 29.32
N PRO D 607 -14.02 -29.51 30.64
CA PRO D 607 -12.95 -30.32 31.24
C PRO D 607 -13.33 -31.79 31.22
N THR D 608 -12.66 -32.57 30.37
CA THR D 608 -13.03 -33.97 30.18
C THR D 608 -12.77 -34.81 31.42
N TRP D 609 -11.89 -34.38 32.32
CA TRP D 609 -11.65 -35.11 33.54
C TRP D 609 -12.86 -35.01 34.46
N ARG D 610 -13.06 -36.05 35.26
CA ARG D 610 -14.19 -36.12 36.19
C ARG D 610 -13.67 -36.36 37.60
N VAL D 611 -14.31 -35.71 38.56
CA VAL D 611 -13.99 -35.86 39.98
C VAL D 611 -15.01 -36.80 40.59
N TYR D 612 -14.53 -37.79 41.35
CA TYR D 612 -15.42 -38.74 42.01
C TYR D 612 -16.41 -37.99 42.92
N SER D 613 -17.69 -38.30 42.76
CA SER D 613 -18.76 -37.64 43.50
C SER D 613 -19.68 -38.70 44.08
N THR D 614 -19.60 -38.90 45.40
CA THR D 614 -20.43 -39.86 46.10
C THR D 614 -21.67 -39.21 46.71
N GLY D 615 -22.00 -38.00 46.29
CA GLY D 615 -23.15 -37.28 46.86
C GLY D 615 -22.82 -36.51 48.10
N SER D 616 -22.11 -37.12 49.04
CA SER D 616 -21.70 -36.41 50.25
C SER D 616 -20.66 -35.35 49.92
N ASN D 617 -19.75 -35.63 48.99
CA ASN D 617 -18.68 -34.69 48.64
C ASN D 617 -19.12 -33.75 47.52
N VAL D 618 -20.27 -33.11 47.70
CA VAL D 618 -20.76 -32.08 46.81
C VAL D 618 -21.33 -30.97 47.68
N PHE D 619 -20.70 -29.81 47.67
CA PHE D 619 -21.11 -28.68 48.51
C PHE D 619 -21.47 -27.52 47.62
N GLN D 620 -22.63 -26.91 47.89
CA GLN D 620 -23.10 -25.75 47.14
C GLN D 620 -22.75 -24.49 47.92
N THR D 621 -21.50 -24.07 47.78
CA THR D 621 -21.04 -22.85 48.43
C THR D 621 -21.50 -21.64 47.64
N ARG D 622 -21.16 -20.45 48.13
CA ARG D 622 -21.52 -19.21 47.46
C ARG D 622 -20.45 -18.74 46.48
N ALA D 623 -19.29 -19.39 46.45
CA ALA D 623 -18.23 -19.10 45.49
C ALA D 623 -18.27 -20.05 44.30
N GLY D 624 -19.46 -20.46 43.90
CA GLY D 624 -19.62 -21.49 42.90
C GLY D 624 -20.28 -22.71 43.52
N CYS D 625 -19.64 -23.88 43.41
CA CYS D 625 -20.06 -25.03 44.19
C CYS D 625 -18.92 -26.03 44.21
N LEU D 626 -18.81 -26.75 45.32
CA LEU D 626 -17.65 -27.58 45.59
C LEU D 626 -17.94 -29.04 45.24
N ILE D 627 -16.99 -29.68 44.56
CA ILE D 627 -17.08 -31.10 44.22
C ILE D 627 -15.79 -31.76 44.66
N GLY D 628 -15.91 -32.86 45.42
CA GLY D 628 -14.78 -33.62 45.89
C GLY D 628 -14.42 -33.38 47.34
N ALA D 629 -15.06 -32.42 48.01
CA ALA D 629 -14.80 -32.13 49.41
C ALA D 629 -16.10 -32.22 50.19
N GLU D 630 -16.08 -32.94 51.30
CA GLU D 630 -17.27 -33.13 52.13
C GLU D 630 -17.36 -32.01 53.16
N TYR D 631 -18.52 -31.37 53.23
CA TYR D 631 -18.71 -30.27 54.17
C TYR D 631 -18.87 -30.81 55.59
N VAL D 632 -18.22 -30.15 56.54
CA VAL D 632 -18.33 -30.48 57.96
C VAL D 632 -18.84 -29.26 58.71
N ASN D 633 -19.61 -29.51 59.76
CA ASN D 633 -20.20 -28.43 60.54
C ASN D 633 -19.27 -27.87 61.59
N ASN D 634 -18.06 -28.42 61.72
CA ASN D 634 -17.10 -27.90 62.67
C ASN D 634 -16.51 -26.58 62.15
N SER D 635 -15.55 -26.04 62.90
CA SER D 635 -14.92 -24.79 62.50
C SER D 635 -13.52 -24.73 63.08
N TYR D 636 -12.53 -24.47 62.23
CA TYR D 636 -11.14 -24.32 62.64
C TYR D 636 -10.56 -23.09 61.96
N GLU D 637 -9.33 -22.75 62.34
CA GLU D 637 -8.59 -21.71 61.64
C GLU D 637 -8.34 -22.18 60.22
N CYS D 638 -9.08 -21.65 59.26
CA CYS D 638 -9.16 -22.27 57.95
C CYS D 638 -7.84 -22.09 57.18
N ASP D 639 -7.55 -23.07 56.33
CA ASP D 639 -6.24 -23.18 55.68
C ASP D 639 -6.25 -22.64 54.26
N ILE D 640 -7.14 -23.16 53.40
CA ILE D 640 -7.21 -22.76 52.00
C ILE D 640 -8.48 -21.94 51.82
N PRO D 641 -8.39 -20.64 51.60
CA PRO D 641 -9.59 -19.84 51.36
C PRO D 641 -10.30 -20.24 50.09
N ILE D 642 -11.62 -20.16 50.11
CA ILE D 642 -12.44 -20.44 48.92
C ILE D 642 -13.30 -19.23 48.61
N GLY D 643 -14.16 -18.84 49.55
CA GLY D 643 -15.03 -17.70 49.36
C GLY D 643 -16.27 -17.73 50.23
N ALA D 644 -16.77 -16.55 50.57
CA ALA D 644 -17.98 -16.41 51.38
C ALA D 644 -17.86 -17.16 52.71
N GLY D 645 -16.71 -17.02 53.36
CA GLY D 645 -16.50 -17.63 54.66
C GLY D 645 -16.50 -19.14 54.66
N ILE D 646 -15.89 -19.76 53.64
CA ILE D 646 -15.77 -21.21 53.58
C ILE D 646 -14.34 -21.53 53.17
N CYS D 647 -13.71 -22.45 53.91
CA CYS D 647 -12.35 -22.87 53.61
C CYS D 647 -12.27 -24.40 53.63
N ALA D 648 -11.40 -24.94 52.80
CA ALA D 648 -11.19 -26.37 52.71
C ALA D 648 -9.78 -26.70 53.18
N SER D 649 -9.68 -27.65 54.10
CA SER D 649 -8.39 -28.07 54.65
C SER D 649 -8.33 -29.58 54.72
N TYR D 650 -7.11 -30.12 54.69
CA TYR D 650 -6.89 -31.56 54.75
C TYR D 650 -6.87 -31.99 56.21
N GLN D 651 -7.88 -32.74 56.62
CA GLN D 651 -7.99 -33.24 57.98
C GLN D 651 -8.31 -34.73 57.95
N THR D 652 -7.93 -35.42 59.02
CA THR D 652 -8.18 -36.85 59.13
C THR D 652 -9.68 -37.12 59.23
N GLN D 653 -10.07 -38.30 58.77
CA GLN D 653 -11.48 -38.70 58.78
C GLN D 653 -11.96 -38.96 60.20
N SER D 665 -8.38 -42.67 55.74
CA SER D 665 -7.96 -42.06 56.99
C SER D 665 -7.91 -40.54 56.88
N GLN D 666 -7.70 -40.06 55.65
CA GLN D 666 -7.59 -38.63 55.38
C GLN D 666 -8.51 -38.25 54.23
N SER D 667 -9.03 -37.04 54.27
CA SER D 667 -9.93 -36.54 53.24
C SER D 667 -9.92 -35.02 53.28
N ILE D 668 -10.43 -34.42 52.21
CA ILE D 668 -10.54 -32.97 52.10
C ILE D 668 -11.92 -32.57 52.61
N ILE D 669 -11.95 -31.68 53.60
CA ILE D 669 -13.18 -31.24 54.23
C ILE D 669 -13.30 -29.73 54.09
N ALA D 670 -14.50 -29.27 53.75
CA ALA D 670 -14.81 -27.85 53.68
C ALA D 670 -15.65 -27.45 54.88
N TYR D 671 -15.45 -26.23 55.37
CA TYR D 671 -16.14 -25.78 56.57
C TYR D 671 -16.19 -24.26 56.58
N THR D 672 -17.09 -23.72 57.39
CA THR D 672 -17.10 -22.29 57.64
C THR D 672 -15.97 -21.94 58.59
N MET D 673 -15.14 -20.98 58.19
CA MET D 673 -13.95 -20.67 58.96
C MET D 673 -14.32 -20.08 60.31
N SER D 674 -13.49 -20.37 61.31
CA SER D 674 -13.68 -19.89 62.67
C SER D 674 -12.82 -18.65 62.88
N LEU D 675 -13.47 -17.56 63.31
CA LEU D 675 -12.76 -16.30 63.52
C LEU D 675 -11.84 -16.34 64.73
N GLY D 676 -11.96 -17.34 65.59
CA GLY D 676 -11.12 -17.45 66.76
C GLY D 676 -11.87 -17.98 67.96
N ALA D 677 -11.20 -18.05 69.11
CA ALA D 677 -11.85 -18.52 70.33
C ALA D 677 -12.94 -17.54 70.74
N GLU D 678 -14.10 -18.06 71.11
CA GLU D 678 -15.25 -17.23 71.50
C GLU D 678 -15.13 -16.89 72.98
N ASN D 679 -14.09 -16.13 73.29
CA ASN D 679 -13.84 -15.72 74.67
C ASN D 679 -14.85 -14.67 75.10
N SER D 680 -15.36 -14.82 76.32
CA SER D 680 -16.28 -13.86 76.92
C SER D 680 -15.58 -13.17 78.07
N VAL D 681 -15.52 -11.84 78.01
CA VAL D 681 -14.86 -11.08 79.07
C VAL D 681 -15.73 -11.09 80.32
N ALA D 682 -15.10 -10.80 81.46
CA ALA D 682 -15.76 -10.78 82.76
C ALA D 682 -16.02 -9.35 83.25
N TYR D 683 -16.43 -8.47 82.35
CA TYR D 683 -16.66 -7.07 82.71
C TYR D 683 -17.69 -6.96 83.82
N SER D 684 -17.46 -6.05 84.75
CA SER D 684 -18.35 -5.82 85.87
C SER D 684 -18.24 -4.36 86.31
N ASN D 685 -19.16 -3.96 87.19
CA ASN D 685 -19.19 -2.57 87.63
C ASN D 685 -17.93 -2.20 88.38
N ASN D 686 -17.43 -3.08 89.24
CA ASN D 686 -16.30 -2.79 90.11
C ASN D 686 -15.28 -3.92 90.08
N SER D 687 -14.95 -4.41 88.89
CA SER D 687 -13.97 -5.46 88.72
C SER D 687 -12.92 -5.01 87.73
N ILE D 688 -11.65 -5.06 88.12
CA ILE D 688 -10.53 -4.71 87.27
C ILE D 688 -9.50 -5.82 87.33
N ALA D 689 -8.87 -6.11 86.19
CA ALA D 689 -7.81 -7.09 86.11
C ALA D 689 -6.50 -6.35 85.86
N ILE D 690 -5.52 -6.58 86.73
CA ILE D 690 -4.21 -5.93 86.66
C ILE D 690 -3.16 -7.02 86.56
N PRO D 691 -2.25 -6.95 85.58
CA PRO D 691 -1.28 -8.04 85.41
C PRO D 691 -0.25 -8.08 86.53
N THR D 692 -0.31 -9.13 87.35
CA THR D 692 0.67 -9.31 88.41
C THR D 692 2.05 -9.65 87.88
N ASN D 693 2.16 -10.02 86.60
CA ASN D 693 3.43 -10.39 85.99
C ASN D 693 3.46 -9.80 84.58
N PHE D 694 4.51 -10.11 83.84
CA PHE D 694 4.67 -9.62 82.48
C PHE D 694 5.62 -10.54 81.74
N THR D 695 5.63 -10.41 80.41
CA THR D 695 6.55 -11.16 79.58
C THR D 695 7.12 -10.23 78.52
N ILE D 696 8.33 -10.54 78.08
CA ILE D 696 9.00 -9.79 77.02
C ILE D 696 8.98 -10.67 75.78
N SER D 697 8.22 -10.26 74.78
CA SER D 697 8.07 -11.00 73.54
C SER D 697 8.68 -10.21 72.40
N VAL D 698 9.48 -10.87 71.58
CA VAL D 698 10.14 -10.25 70.44
C VAL D 698 9.46 -10.75 69.18
N THR D 699 8.90 -9.83 68.40
CA THR D 699 8.28 -10.16 67.13
C THR D 699 9.20 -9.75 65.98
N THR D 700 8.93 -10.32 64.81
CA THR D 700 9.72 -10.06 63.61
C THR D 700 8.82 -9.46 62.55
N GLU D 701 9.25 -8.35 61.96
CA GLU D 701 8.53 -7.67 60.90
C GLU D 701 9.38 -7.66 59.64
N ILE D 702 8.80 -8.11 58.53
CA ILE D 702 9.48 -8.20 57.25
C ILE D 702 8.98 -7.08 56.37
N LEU D 703 9.89 -6.23 55.89
CA LEU D 703 9.48 -5.10 55.07
C LEU D 703 10.44 -4.90 53.91
N PRO D 704 10.00 -5.11 52.67
CA PRO D 704 10.86 -4.80 51.52
C PRO D 704 11.11 -3.31 51.43
N VAL D 705 12.32 -2.96 51.00
CA VAL D 705 12.69 -1.57 50.83
C VAL D 705 13.11 -1.23 49.39
N SER D 706 13.56 -2.21 48.61
CA SER D 706 13.94 -1.97 47.22
C SER D 706 13.91 -3.29 46.49
N MET D 707 13.88 -3.22 45.17
CA MET D 707 13.95 -4.39 44.32
C MET D 707 15.11 -4.23 43.34
N THR D 708 15.23 -5.22 42.44
CA THR D 708 16.31 -5.19 41.46
C THR D 708 16.10 -4.04 40.49
N LYS D 709 17.13 -3.23 40.29
CA LYS D 709 17.06 -2.12 39.36
C LYS D 709 17.35 -2.62 37.94
N THR D 710 16.48 -2.26 37.00
CA THR D 710 16.58 -2.71 35.63
C THR D 710 16.81 -1.53 34.70
N SER D 711 17.57 -1.76 33.64
CA SER D 711 17.96 -0.74 32.68
C SER D 711 17.75 -1.25 31.26
N VAL D 712 16.55 -1.79 31.01
CA VAL D 712 16.25 -2.41 29.72
C VAL D 712 16.51 -1.44 28.58
N ASP D 713 17.27 -1.89 27.60
CA ASP D 713 17.57 -1.09 26.41
C ASP D 713 16.49 -1.28 25.36
N CYS D 714 16.19 -0.21 24.64
CA CYS D 714 15.18 -0.23 23.59
C CYS D 714 15.55 -1.17 22.45
N THR D 715 16.61 -0.80 21.72
CA THR D 715 16.87 -1.38 20.41
C THR D 715 17.26 -2.84 20.50
N MET D 716 18.07 -3.20 21.50
CA MET D 716 18.52 -4.57 21.60
C MET D 716 17.35 -5.52 21.82
N TYR D 717 16.40 -5.13 22.66
CA TYR D 717 15.24 -5.97 22.91
C TYR D 717 14.25 -5.92 21.76
N ILE D 718 14.09 -4.78 21.11
CA ILE D 718 13.07 -4.64 20.07
C ILE D 718 13.53 -5.29 18.76
N CYS D 719 14.69 -4.88 18.26
CA CYS D 719 15.26 -5.41 17.03
C CYS D 719 16.65 -5.95 17.31
N GLY D 720 16.80 -7.26 17.26
CA GLY D 720 18.12 -7.85 17.44
C GLY D 720 19.06 -7.49 16.31
N ASP D 721 20.01 -6.60 16.61
CA ASP D 721 21.10 -6.17 15.72
C ASP D 721 20.69 -5.99 14.27
N SER D 722 19.48 -5.49 14.03
CA SER D 722 18.95 -5.29 12.68
C SER D 722 18.87 -3.80 12.39
N THR D 723 19.68 -3.34 11.44
CA THR D 723 19.77 -1.92 11.15
C THR D 723 18.45 -1.38 10.60
N GLU D 724 17.87 -2.08 9.62
CA GLU D 724 16.61 -1.59 9.04
C GLU D 724 15.47 -1.69 10.04
N CYS D 725 15.51 -2.69 10.93
CA CYS D 725 14.49 -2.78 11.97
C CYS D 725 14.61 -1.62 12.95
N SER D 726 15.83 -1.24 13.32
CA SER D 726 16.01 -0.06 14.15
C SER D 726 15.54 1.20 13.43
N ASN D 727 15.79 1.28 12.13
CA ASN D 727 15.30 2.42 11.35
C ASN D 727 13.78 2.48 11.36
N LEU D 728 13.13 1.33 11.22
CA LEU D 728 11.67 1.29 11.30
C LEU D 728 11.17 1.66 12.69
N LEU D 729 11.87 1.20 13.73
CA LEU D 729 11.51 1.59 15.09
C LEU D 729 11.64 3.09 15.31
N LEU D 730 12.61 3.72 14.62
CA LEU D 730 12.78 5.16 14.72
C LEU D 730 11.53 5.92 14.28
N GLN D 731 10.67 5.30 13.46
CA GLN D 731 9.43 5.95 13.06
C GLN D 731 8.49 6.18 14.23
N TYR D 732 8.64 5.42 15.32
CA TYR D 732 7.82 5.61 16.51
C TYR D 732 8.22 6.85 17.31
N GLY D 733 9.32 7.50 16.94
CA GLY D 733 9.72 8.71 17.65
C GLY D 733 10.31 8.40 19.01
N SER D 734 10.26 9.39 19.89
CA SER D 734 10.76 9.26 21.25
C SER D 734 9.75 8.49 22.11
N PHE D 735 9.49 7.26 21.68
CA PHE D 735 8.49 6.43 22.35
C PHE D 735 9.12 5.54 23.42
N CYS D 736 10.27 4.93 23.12
CA CYS D 736 10.94 4.10 24.10
C CYS D 736 11.86 4.90 25.01
N THR D 737 12.13 6.16 24.66
CA THR D 737 12.84 7.03 25.60
C THR D 737 12.04 7.21 26.86
N GLN D 738 10.70 7.21 26.76
CA GLN D 738 9.86 7.23 27.96
C GLN D 738 10.13 6.01 28.83
N LEU D 739 10.22 4.83 28.21
CA LEU D 739 10.49 3.61 28.99
C LEU D 739 11.86 3.66 29.63
N LYS D 740 12.87 4.12 28.89
CA LYS D 740 14.22 4.21 29.46
C LYS D 740 14.25 5.20 30.62
N ARG D 741 13.60 6.35 30.47
CA ARG D 741 13.53 7.33 31.54
C ARG D 741 12.79 6.77 32.75
N ALA D 742 11.70 6.03 32.52
CA ALA D 742 10.96 5.45 33.61
C ALA D 742 11.81 4.43 34.38
N LEU D 743 12.56 3.60 33.65
CA LEU D 743 13.41 2.62 34.33
C LEU D 743 14.55 3.29 35.08
N THR D 744 15.14 4.33 34.51
CA THR D 744 16.18 5.08 35.22
C THR D 744 15.61 5.72 36.48
N GLY D 745 14.42 6.31 36.40
CA GLY D 745 13.79 6.86 37.57
C GLY D 745 13.47 5.80 38.61
N ILE D 746 13.08 4.61 38.17
CA ILE D 746 12.82 3.52 39.10
C ILE D 746 14.09 3.13 39.83
N ALA D 747 15.21 3.01 39.10
CA ALA D 747 16.47 2.67 39.75
C ALA D 747 16.89 3.74 40.75
N VAL D 748 16.77 5.01 40.36
CA VAL D 748 17.11 6.10 41.28
C VAL D 748 16.19 6.07 42.50
N GLU D 749 14.91 5.73 42.29
CA GLU D 749 13.97 5.64 43.39
C GLU D 749 14.34 4.50 44.34
N GLN D 750 14.79 3.36 43.80
CA GLN D 750 15.24 2.27 44.67
C GLN D 750 16.45 2.69 45.50
N ASP D 751 17.40 3.38 44.87
CA ASP D 751 18.56 3.87 45.63
C ASP D 751 18.12 4.84 46.72
N LYS D 752 17.20 5.74 46.40
CA LYS D 752 16.71 6.69 47.38
C LYS D 752 15.97 5.99 48.51
N ASN D 753 15.20 4.96 48.19
CA ASN D 753 14.49 4.20 49.21
C ASN D 753 15.47 3.53 50.17
N THR D 754 16.51 2.90 49.62
CA THR D 754 17.50 2.26 50.48
C THR D 754 18.20 3.31 51.36
N GLN D 755 18.57 4.44 50.77
CA GLN D 755 19.23 5.49 51.54
C GLN D 755 18.33 6.01 52.66
N GLU D 756 17.06 6.26 52.36
CA GLU D 756 16.14 6.77 53.37
C GLU D 756 15.92 5.75 54.48
N VAL D 757 15.80 4.47 54.11
CA VAL D 757 15.54 3.45 55.12
C VAL D 757 16.73 3.26 56.04
N PHE D 758 17.93 3.12 55.46
CA PHE D 758 19.08 2.70 56.26
C PHE D 758 19.98 3.83 56.72
N ALA D 759 20.28 4.80 55.85
CA ALA D 759 21.17 5.90 56.21
C ALA D 759 20.42 6.96 57.02
N GLN D 760 19.81 6.52 58.12
CA GLN D 760 19.09 7.44 58.99
C GLN D 760 20.06 8.28 59.81
N VAL D 761 21.17 7.69 60.24
CA VAL D 761 22.17 8.38 61.04
C VAL D 761 23.40 8.62 60.17
N LYS D 762 23.90 9.85 60.18
CA LYS D 762 25.06 10.22 59.39
C LYS D 762 26.38 9.96 60.11
N GLN D 763 26.33 9.44 61.33
CA GLN D 763 27.53 9.07 62.08
C GLN D 763 27.48 7.59 62.40
N ILE D 764 28.53 6.87 62.05
CA ILE D 764 28.60 5.44 62.31
C ILE D 764 29.06 5.23 63.75
N TYR D 765 28.27 4.48 64.51
CA TYR D 765 28.58 4.20 65.90
C TYR D 765 29.08 2.77 66.03
N LYS D 766 30.17 2.59 66.76
CA LYS D 766 30.77 1.29 66.97
C LYS D 766 30.45 0.78 68.38
N THR D 767 30.09 -0.50 68.47
CA THR D 767 29.80 -1.09 69.76
C THR D 767 31.07 -1.15 70.62
N PRO D 768 30.92 -1.05 71.94
CA PRO D 768 32.09 -1.14 72.81
C PRO D 768 32.76 -2.49 72.67
N PRO D 769 34.08 -2.57 72.87
CA PRO D 769 34.78 -3.85 72.69
C PRO D 769 34.24 -4.95 73.60
N ILE D 770 33.86 -4.62 74.82
CA ILE D 770 33.26 -5.58 75.74
C ILE D 770 31.74 -5.45 75.63
N LYS D 771 31.04 -6.56 75.88
CA LYS D 771 29.58 -6.62 75.71
C LYS D 771 28.97 -7.19 76.98
N TYR D 772 28.68 -6.33 77.95
CA TYR D 772 27.88 -6.68 79.12
C TYR D 772 26.88 -5.52 79.30
N PHE D 773 25.73 -5.65 78.67
CA PHE D 773 24.69 -4.63 78.75
C PHE D 773 23.66 -4.99 79.82
N GLY D 774 24.15 -5.05 81.05
CA GLY D 774 23.29 -5.43 82.16
C GLY D 774 22.72 -6.82 82.05
N GLY D 775 23.53 -7.77 81.59
CA GLY D 775 23.09 -9.14 81.41
C GLY D 775 22.30 -9.41 80.15
N PHE D 776 22.15 -8.42 79.27
CA PHE D 776 21.37 -8.59 78.06
C PHE D 776 22.24 -9.19 76.95
N ASN D 777 21.86 -10.37 76.47
CA ASN D 777 22.47 -10.91 75.27
C ASN D 777 22.28 -9.97 74.09
N PHE D 778 23.36 -9.74 73.34
CA PHE D 778 23.25 -8.98 72.10
C PHE D 778 24.11 -9.57 70.99
N SER D 779 24.80 -10.68 71.23
CA SER D 779 25.68 -11.24 70.21
C SER D 779 24.90 -11.72 68.99
N GLN D 780 23.63 -12.09 69.18
CA GLN D 780 22.84 -12.60 68.06
C GLN D 780 22.52 -11.51 67.04
N ILE D 781 22.36 -10.26 67.49
CA ILE D 781 21.97 -9.18 66.59
C ILE D 781 23.16 -8.29 66.29
N LEU D 782 24.13 -8.26 67.20
CA LEU D 782 25.34 -7.49 66.95
C LEU D 782 26.22 -8.20 65.92
N PRO D 783 27.01 -7.45 65.15
CA PRO D 783 27.85 -8.08 64.12
C PRO D 783 28.86 -9.04 64.74
N ASP D 784 29.16 -10.09 63.98
CA ASP D 784 30.16 -11.07 64.41
C ASP D 784 31.44 -10.82 63.64
N PRO D 785 32.50 -10.32 64.28
CA PRO D 785 33.75 -10.06 63.55
C PRO D 785 34.38 -11.30 62.97
N SER D 786 34.10 -12.49 63.51
CA SER D 786 34.66 -13.71 62.97
C SER D 786 34.18 -13.96 61.54
N LYS D 787 32.91 -13.69 61.28
CA LYS D 787 32.37 -13.88 59.94
C LYS D 787 33.04 -12.93 58.95
N PRO D 788 33.41 -13.41 57.77
CA PRO D 788 34.08 -12.53 56.80
C PRO D 788 33.26 -11.33 56.39
N SER D 789 31.94 -11.46 56.32
CA SER D 789 31.07 -10.37 55.90
C SER D 789 30.74 -9.40 57.02
N LYS D 790 31.17 -9.68 58.25
CA LYS D 790 30.89 -8.83 59.41
C LYS D 790 29.39 -8.61 59.57
N ARG D 791 28.62 -9.68 59.47
CA ARG D 791 27.18 -9.65 59.63
C ARG D 791 26.76 -10.49 60.84
N SER D 792 25.69 -10.06 61.49
CA SER D 792 25.19 -10.76 62.65
C SER D 792 24.64 -12.13 62.27
N PRO D 793 24.56 -13.06 63.22
CA PRO D 793 23.97 -14.37 62.90
C PRO D 793 22.57 -14.29 62.34
N ILE D 794 21.74 -13.38 62.86
CA ILE D 794 20.39 -13.21 62.33
C ILE D 794 20.45 -12.75 60.88
N GLU D 795 21.31 -11.78 60.58
CA GLU D 795 21.43 -11.28 59.22
C GLU D 795 21.92 -12.38 58.28
N ASP D 796 22.87 -13.20 58.74
CA ASP D 796 23.35 -14.29 57.90
C ASP D 796 22.27 -15.34 57.66
N LEU D 797 21.46 -15.63 58.67
CA LEU D 797 20.34 -16.55 58.48
C LEU D 797 19.35 -15.98 57.47
N LEU D 798 19.08 -14.67 57.55
CA LEU D 798 18.19 -14.04 56.58
C LEU D 798 18.76 -14.11 55.17
N PHE D 799 20.07 -13.88 55.04
CA PHE D 799 20.71 -13.95 53.73
C PHE D 799 20.66 -15.35 53.15
N ASN D 800 20.90 -16.36 53.99
CA ASN D 800 20.87 -17.75 53.52
C ASN D 800 19.45 -18.24 53.28
N LYS D 801 18.45 -17.59 53.86
CA LYS D 801 17.06 -17.95 53.66
C LYS D 801 16.43 -17.27 52.45
N VAL D 802 17.20 -16.41 51.75
CA VAL D 802 16.71 -15.72 50.57
C VAL D 802 17.64 -16.06 49.41
N THR D 803 17.06 -16.51 48.30
CA THR D 803 17.82 -16.84 47.10
C THR D 803 17.54 -15.79 46.03
N LEU D 804 18.59 -15.17 45.51
CA LEU D 804 18.46 -14.13 44.49
C LEU D 804 18.56 -14.77 43.11
N ALA D 805 17.53 -14.59 42.30
CA ALA D 805 17.55 -15.13 40.94
C ALA D 805 18.64 -14.47 40.10
N ASP D 806 18.76 -13.14 40.20
CA ASP D 806 19.77 -12.38 39.46
C ASP D 806 20.63 -11.63 40.45
N ALA D 807 21.89 -12.07 40.60
CA ALA D 807 22.82 -11.37 41.48
C ALA D 807 23.19 -10.00 40.92
N GLY D 808 23.54 -9.95 39.64
CA GLY D 808 23.92 -8.69 39.00
C GLY D 808 25.29 -8.16 39.35
N PHE D 809 25.61 -8.07 40.63
CA PHE D 809 26.90 -7.57 41.10
C PHE D 809 27.93 -8.70 41.22
N ILE D 810 28.09 -9.46 40.14
CA ILE D 810 28.99 -10.60 40.15
C ILE D 810 29.80 -10.61 38.86
N LYS D 811 29.43 -9.76 37.91
CA LYS D 811 30.01 -9.75 36.57
C LYS D 811 29.92 -11.16 35.96
N GLN D 812 28.68 -11.60 35.76
CA GLN D 812 28.42 -12.98 35.36
C GLN D 812 29.04 -13.34 34.03
N TYR D 813 29.38 -12.34 33.21
CA TYR D 813 30.08 -12.64 31.96
C TYR D 813 31.45 -13.22 32.25
N GLY D 814 31.81 -14.25 31.50
CA GLY D 814 33.04 -14.98 31.73
C GLY D 814 32.76 -16.39 32.21
N ASP D 815 31.77 -16.51 33.11
CA ASP D 815 31.31 -17.81 33.58
C ASP D 815 30.01 -18.24 32.92
N CYS D 816 29.33 -17.33 32.20
CA CYS D 816 28.15 -17.73 31.43
C CYS D 816 28.54 -18.70 30.31
N LEU D 817 29.65 -18.45 29.63
CA LEU D 817 30.15 -19.37 28.63
C LEU D 817 30.79 -20.61 29.24
N GLY D 818 31.24 -20.53 30.49
CA GLY D 818 31.81 -21.68 31.17
C GLY D 818 30.81 -22.36 32.10
N ASP D 819 29.52 -22.14 31.86
CA ASP D 819 28.48 -22.66 32.74
C ASP D 819 28.37 -24.18 32.71
N ILE D 820 29.01 -24.85 31.75
CA ILE D 820 29.04 -26.31 31.65
C ILE D 820 27.64 -26.85 31.42
N ALA D 821 26.73 -26.59 32.35
CA ALA D 821 25.33 -27.01 32.21
C ALA D 821 24.57 -25.98 31.40
N ALA D 822 23.24 -26.09 31.37
CA ALA D 822 22.43 -25.11 30.66
C ALA D 822 22.56 -23.74 31.31
N ARG D 823 22.69 -22.71 30.48
CA ARG D 823 22.84 -21.36 30.99
C ARG D 823 21.59 -20.93 31.76
N ASP D 824 21.81 -20.17 32.82
CA ASP D 824 20.72 -19.77 33.70
C ASP D 824 19.96 -18.60 33.08
N LEU D 825 19.09 -17.98 33.86
CA LEU D 825 18.29 -16.87 33.36
C LEU D 825 19.16 -15.67 32.99
N ILE D 826 20.30 -15.51 33.66
CA ILE D 826 21.09 -14.29 33.53
C ILE D 826 21.71 -14.20 32.14
N CYS D 827 22.31 -15.28 31.66
CA CYS D 827 22.94 -15.26 30.34
C CYS D 827 21.92 -14.99 29.24
N ALA D 828 20.74 -15.60 29.34
CA ALA D 828 19.69 -15.34 28.36
C ALA D 828 19.20 -13.91 28.45
N GLN D 829 19.10 -13.37 29.65
CA GLN D 829 18.68 -11.97 29.80
C GLN D 829 19.70 -11.03 29.17
N LYS D 830 20.99 -11.35 29.30
CA LYS D 830 22.05 -10.55 28.70
C LYS D 830 22.08 -10.66 27.18
N PHE D 831 21.12 -11.34 26.57
CA PHE D 831 21.05 -11.46 25.12
C PHE D 831 20.03 -10.53 24.48
N ASN D 832 19.05 -10.05 25.24
CA ASN D 832 17.93 -9.29 24.70
C ASN D 832 17.63 -8.06 25.54
N GLY D 833 18.67 -7.30 25.85
CA GLY D 833 18.50 -5.98 26.42
C GLY D 833 17.98 -5.93 27.84
N LEU D 834 18.52 -6.77 28.73
CA LEU D 834 18.11 -6.81 30.12
C LEU D 834 19.34 -6.73 31.00
N THR D 835 19.42 -5.69 31.82
CA THR D 835 20.51 -5.50 32.77
C THR D 835 19.96 -5.28 34.16
N VAL D 836 20.68 -5.77 35.15
CA VAL D 836 20.33 -5.60 36.56
C VAL D 836 21.46 -4.81 37.19
N LEU D 837 21.28 -3.50 37.28
CA LEU D 837 22.30 -2.66 37.90
C LEU D 837 22.42 -2.98 39.38
N PRO D 838 23.63 -3.08 39.93
CA PRO D 838 23.77 -3.38 41.34
C PRO D 838 23.29 -2.21 42.18
N PRO D 839 22.82 -2.48 43.40
CA PRO D 839 22.39 -1.38 44.28
C PRO D 839 23.58 -0.50 44.65
N LEU D 840 23.27 0.78 44.90
CA LEU D 840 24.33 1.71 45.29
C LEU D 840 24.97 1.30 46.61
N LEU D 841 24.17 0.84 47.56
CA LEU D 841 24.68 0.34 48.82
C LEU D 841 24.86 -1.17 48.72
N THR D 842 26.08 -1.65 48.97
CA THR D 842 26.33 -3.08 48.95
C THR D 842 25.65 -3.75 50.14
N ASP D 843 25.61 -5.08 50.10
CA ASP D 843 25.07 -5.82 51.23
C ASP D 843 25.89 -5.58 52.49
N GLU D 844 27.22 -5.59 52.36
CA GLU D 844 28.07 -5.31 53.50
C GLU D 844 27.89 -3.87 53.98
N MET D 845 27.69 -2.94 53.05
CA MET D 845 27.49 -1.54 53.43
C MET D 845 26.18 -1.36 54.19
N ILE D 846 25.11 -2.01 53.73
CA ILE D 846 23.84 -1.94 54.44
C ILE D 846 23.96 -2.61 55.81
N ALA D 847 24.72 -3.70 55.89
CA ALA D 847 24.98 -4.33 57.18
C ALA D 847 25.73 -3.40 58.10
N GLN D 848 26.68 -2.63 57.56
CA GLN D 848 27.41 -1.67 58.38
C GLN D 848 26.48 -0.56 58.88
N TYR D 849 25.58 -0.08 58.02
CA TYR D 849 24.61 0.91 58.45
C TYR D 849 23.71 0.38 59.55
N THR D 850 23.25 -0.86 59.39
CA THR D 850 22.42 -1.48 60.43
C THR D 850 23.19 -1.65 61.72
N SER D 851 24.47 -2.02 61.63
CA SER D 851 25.31 -2.15 62.81
C SER D 851 25.49 -0.82 63.51
N ALA D 852 25.67 0.25 62.74
CA ALA D 852 25.78 1.58 63.33
C ALA D 852 24.51 1.97 64.05
N LEU D 853 23.35 1.71 63.43
CA LEU D 853 22.08 1.98 64.09
C LEU D 853 21.94 1.18 65.38
N LEU D 854 22.30 -0.10 65.33
CA LEU D 854 22.17 -0.97 66.50
C LEU D 854 23.09 -0.51 67.63
N ALA D 855 24.34 -0.20 67.31
CA ALA D 855 25.27 0.27 68.34
C ALA D 855 24.79 1.58 68.94
N GLY D 856 24.35 2.51 68.09
CA GLY D 856 23.80 3.75 68.63
C GLY D 856 22.63 3.53 69.55
N THR D 857 21.71 2.65 69.15
CA THR D 857 20.53 2.38 69.97
C THR D 857 20.92 1.78 71.31
N ILE D 858 21.69 0.69 71.29
CA ILE D 858 22.01 -0.01 72.53
C ILE D 858 23.05 0.69 73.39
N THR D 859 23.70 1.74 72.88
CA THR D 859 24.62 2.51 73.71
C THR D 859 24.00 3.81 74.23
N SER D 860 23.41 4.61 73.34
CA SER D 860 22.89 5.93 73.71
C SER D 860 21.37 5.97 73.74
N GLY D 861 20.71 4.82 73.85
CA GLY D 861 19.26 4.84 73.88
C GLY D 861 18.71 5.38 72.58
N TRP D 862 17.84 6.38 72.69
CA TRP D 862 17.28 7.05 71.53
C TRP D 862 17.85 8.45 71.32
N THR D 863 18.78 8.89 72.16
CA THR D 863 19.31 10.24 72.06
C THR D 863 20.09 10.47 70.78
N PHE D 864 20.61 9.41 70.17
CA PHE D 864 21.34 9.56 68.91
C PHE D 864 20.42 9.77 67.71
N GLY D 865 19.14 9.50 67.86
CA GLY D 865 18.19 9.79 66.80
C GLY D 865 17.68 11.21 66.76
N ALA D 866 18.03 12.01 67.77
CA ALA D 866 17.60 13.40 67.85
C ALA D 866 18.77 14.37 67.78
N GLY D 867 19.84 14.12 68.53
CA GLY D 867 21.01 14.97 68.51
C GLY D 867 22.28 14.18 68.68
N PRO D 868 23.18 14.66 69.54
CA PRO D 868 24.40 13.92 69.82
C PRO D 868 24.09 12.61 70.55
N ALA D 869 24.94 11.62 70.34
CA ALA D 869 24.78 10.31 70.95
C ALA D 869 25.16 10.41 72.42
N LEU D 870 24.16 10.63 73.28
CA LEU D 870 24.38 10.72 74.72
C LEU D 870 24.28 9.31 75.29
N GLN D 871 25.43 8.74 75.64
CA GLN D 871 25.45 7.36 76.09
C GLN D 871 24.72 7.21 77.42
N ILE D 872 24.21 6.01 77.66
CA ILE D 872 23.44 5.71 78.87
C ILE D 872 23.52 4.19 79.09
N PRO D 873 23.72 3.74 80.32
CA PRO D 873 23.80 2.30 80.57
C PRO D 873 22.50 1.61 80.14
N PHE D 874 22.64 0.40 79.60
CA PHE D 874 21.48 -0.32 79.10
C PHE D 874 20.42 -0.58 80.16
N PRO D 875 20.75 -0.95 81.40
CA PRO D 875 19.68 -1.01 82.42
C PRO D 875 18.92 0.29 82.58
N MET D 876 19.61 1.43 82.56
CA MET D 876 18.93 2.72 82.64
C MET D 876 18.05 2.96 81.43
N GLN D 877 18.54 2.62 80.25
CA GLN D 877 17.75 2.78 79.04
C GLN D 877 16.49 1.92 79.09
N MET D 878 16.63 0.68 79.55
CA MET D 878 15.47 -0.20 79.70
C MET D 878 14.49 0.36 80.73
N ALA D 879 15.01 0.92 81.82
CA ALA D 879 14.13 1.51 82.82
C ALA D 879 13.34 2.66 82.23
N TYR D 880 13.98 3.47 81.38
CA TYR D 880 13.25 4.58 80.78
C TYR D 880 12.29 4.14 79.69
N ARG D 881 12.62 3.07 78.96
CA ARG D 881 11.65 2.50 78.04
C ARG D 881 10.43 1.96 78.78
N PHE D 882 10.65 1.34 79.94
CA PHE D 882 9.55 0.92 80.79
C PHE D 882 8.74 2.12 81.27
N ASN D 883 9.42 3.19 81.67
CA ASN D 883 8.75 4.39 82.12
C ASN D 883 7.93 5.02 80.99
N GLY D 884 8.32 4.78 79.75
CA GLY D 884 7.59 5.32 78.62
C GLY D 884 6.30 4.61 78.28
N ILE D 885 6.04 3.45 78.87
CA ILE D 885 4.83 2.68 78.60
C ILE D 885 3.90 2.66 79.81
N GLY D 886 4.05 3.61 80.73
CA GLY D 886 3.17 3.69 81.88
C GLY D 886 3.50 2.71 82.99
N VAL D 887 4.70 2.15 83.00
CA VAL D 887 5.14 1.23 84.05
C VAL D 887 6.32 1.88 84.76
N THR D 888 6.29 1.87 86.09
CA THR D 888 7.27 2.60 86.87
C THR D 888 8.67 2.04 86.65
N GLN D 889 9.66 2.89 86.93
CA GLN D 889 11.06 2.54 86.70
C GLN D 889 11.53 1.42 87.62
N ASN D 890 10.98 1.35 88.83
CA ASN D 890 11.50 0.41 89.84
C ASN D 890 11.26 -1.04 89.45
N VAL D 891 10.26 -1.31 88.59
CA VAL D 891 9.91 -2.68 88.30
C VAL D 891 11.01 -3.38 87.52
N LEU D 892 11.75 -2.64 86.69
CA LEU D 892 12.84 -3.26 85.95
C LEU D 892 14.03 -3.56 86.87
N TYR D 893 14.39 -2.61 87.72
CA TYR D 893 15.54 -2.81 88.59
C TYR D 893 15.27 -3.90 89.61
N GLU D 894 14.03 -4.00 90.09
CA GLU D 894 13.69 -5.12 90.96
C GLU D 894 13.72 -6.45 90.19
N ASN D 895 13.50 -6.40 88.88
CA ASN D 895 13.52 -7.60 88.06
C ASN D 895 14.57 -7.49 86.96
N GLN D 896 15.78 -7.04 87.32
CA GLN D 896 16.85 -6.91 86.33
C GLN D 896 17.14 -8.27 85.69
N LYS D 897 17.28 -9.30 86.51
CA LYS D 897 17.26 -10.66 86.00
C LYS D 897 15.81 -11.08 85.73
N LEU D 898 15.64 -12.17 84.99
CA LEU D 898 14.34 -12.69 84.58
C LEU D 898 13.70 -11.76 83.55
N ILE D 899 14.33 -10.61 83.30
CA ILE D 899 14.00 -9.78 82.16
C ILE D 899 15.05 -9.91 81.07
N ALA D 900 16.33 -9.83 81.45
CA ALA D 900 17.38 -10.15 80.50
C ALA D 900 17.30 -11.59 80.04
N ASN D 901 17.00 -12.51 80.96
CA ASN D 901 16.82 -13.91 80.58
C ASN D 901 15.65 -14.06 79.61
N GLN D 902 14.55 -13.37 79.88
CA GLN D 902 13.40 -13.42 78.97
C GLN D 902 13.76 -12.88 77.60
N PHE D 903 14.52 -11.77 77.56
CA PHE D 903 14.92 -11.19 76.27
C PHE D 903 15.81 -12.14 75.51
N ASN D 904 16.78 -12.77 76.19
CA ASN D 904 17.66 -13.72 75.52
C ASN D 904 16.87 -14.92 75.00
N SER D 905 15.94 -15.43 75.81
CA SER D 905 15.13 -16.56 75.36
C SER D 905 14.29 -16.19 74.15
N ALA D 906 13.72 -14.98 74.16
CA ALA D 906 12.93 -14.53 73.01
C ALA D 906 13.78 -14.40 71.76
N ILE D 907 15.00 -13.86 71.91
CA ILE D 907 15.89 -13.70 70.76
C ILE D 907 16.24 -15.07 70.18
N GLY D 908 16.61 -16.02 71.05
CA GLY D 908 16.92 -17.36 70.57
C GLY D 908 15.72 -18.03 69.92
N LYS D 909 14.53 -17.84 70.50
CA LYS D 909 13.32 -18.44 69.97
C LYS D 909 13.00 -17.91 68.58
N ILE D 910 13.13 -16.59 68.39
CA ILE D 910 12.84 -16.03 67.06
C ILE D 910 13.92 -16.44 66.07
N GLN D 911 15.17 -16.58 66.52
CA GLN D 911 16.21 -17.07 65.62
C GLN D 911 15.88 -18.47 65.13
N ASP D 912 15.51 -19.37 66.05
CA ASP D 912 15.13 -20.72 65.65
C ASP D 912 13.87 -20.73 64.80
N SER D 913 12.92 -19.83 65.09
CA SER D 913 11.69 -19.76 64.31
C SER D 913 11.98 -19.36 62.87
N LEU D 914 12.82 -18.34 62.68
CA LEU D 914 13.20 -17.94 61.33
C LEU D 914 14.01 -19.03 60.64
N PHE D 915 14.84 -19.76 61.38
CA PHE D 915 15.63 -20.83 60.78
C PHE D 915 14.74 -21.97 60.28
N SER D 916 13.85 -22.46 61.14
CA SER D 916 13.07 -23.66 60.84
C SER D 916 11.72 -23.37 60.20
N THR D 917 11.34 -22.11 60.02
CA THR D 917 10.06 -21.79 59.43
C THR D 917 10.06 -22.12 57.94
N PRO D 918 8.89 -22.46 57.38
CA PRO D 918 8.80 -22.65 55.92
C PRO D 918 9.20 -21.40 55.16
N SER D 919 8.48 -20.30 55.41
CA SER D 919 8.80 -19.03 54.77
C SER D 919 8.26 -17.90 55.67
N ALA D 920 9.17 -17.28 56.43
CA ALA D 920 8.85 -16.06 57.16
C ALA D 920 9.32 -14.81 56.45
N LEU D 921 10.12 -14.96 55.39
CA LEU D 921 10.58 -13.86 54.55
C LEU D 921 9.72 -13.75 53.29
N GLY D 922 8.41 -13.99 53.46
CA GLY D 922 7.52 -14.07 52.31
C GLY D 922 7.50 -12.81 51.49
N LYS D 923 7.58 -11.64 52.14
CA LYS D 923 7.52 -10.39 51.40
C LYS D 923 8.72 -10.23 50.47
N LEU D 924 9.93 -10.43 51.00
CA LEU D 924 11.13 -10.31 50.17
C LEU D 924 11.17 -11.38 49.10
N GLN D 925 10.77 -12.62 49.44
CA GLN D 925 10.73 -13.68 48.46
C GLN D 925 9.74 -13.37 47.34
N ASP D 926 8.58 -12.82 47.70
CA ASP D 926 7.58 -12.43 46.72
C ASP D 926 8.13 -11.34 45.81
N VAL D 927 8.83 -10.36 46.38
CA VAL D 927 9.39 -9.28 45.57
C VAL D 927 10.39 -9.84 44.57
N VAL D 928 11.31 -10.68 45.05
CA VAL D 928 12.35 -11.23 44.17
C VAL D 928 11.72 -12.09 43.08
N ASN D 929 10.77 -12.95 43.47
CA ASN D 929 10.12 -13.82 42.49
C ASN D 929 9.35 -13.02 41.45
N HIS D 930 8.65 -11.97 41.88
CA HIS D 930 7.91 -11.13 40.95
C HIS D 930 8.83 -10.46 39.95
N ASN D 931 9.95 -9.89 40.42
CA ASN D 931 10.88 -9.25 39.51
C ASN D 931 11.47 -10.25 38.53
N ALA D 932 11.91 -11.41 39.03
CA ALA D 932 12.53 -12.41 38.18
C ALA D 932 11.55 -12.95 37.15
N GLN D 933 10.31 -13.20 37.55
CA GLN D 933 9.32 -13.75 36.64
C GLN D 933 8.79 -12.72 35.66
N ALA D 934 8.76 -11.43 36.04
CA ALA D 934 8.50 -10.39 35.07
C ALA D 934 9.60 -10.33 34.01
N LEU D 935 10.85 -10.46 34.43
CA LEU D 935 11.94 -10.54 33.46
C LEU D 935 11.79 -11.77 32.57
N ASN D 936 11.40 -12.90 33.15
CA ASN D 936 11.21 -14.13 32.37
C ASN D 936 10.10 -13.96 31.34
N THR D 937 9.00 -13.34 31.73
CA THR D 937 7.92 -13.09 30.77
C THR D 937 8.38 -12.14 29.66
N LEU D 938 9.17 -11.12 30.03
CA LEU D 938 9.70 -10.21 29.02
C LEU D 938 10.59 -10.96 28.02
N VAL D 939 11.40 -11.90 28.50
CA VAL D 939 12.18 -12.74 27.59
C VAL D 939 11.26 -13.59 26.72
N LYS D 940 10.25 -14.21 27.34
CA LYS D 940 9.40 -15.15 26.62
C LYS D 940 8.59 -14.46 25.53
N GLN D 941 8.27 -13.19 25.71
CA GLN D 941 7.51 -12.47 24.69
C GLN D 941 8.27 -12.35 23.38
N LEU D 942 9.60 -12.52 23.41
CA LEU D 942 10.37 -12.51 22.17
C LEU D 942 10.01 -13.70 21.29
N SER D 943 9.82 -14.88 21.88
CA SER D 943 9.52 -16.07 21.12
C SER D 943 8.13 -16.05 20.50
N SER D 944 7.27 -15.12 20.90
CA SER D 944 5.92 -15.05 20.35
C SER D 944 5.95 -14.38 18.99
N LYS D 945 5.17 -14.92 18.06
CA LYS D 945 5.13 -14.38 16.71
C LYS D 945 4.33 -13.07 16.63
N PHE D 946 3.48 -12.80 17.61
CA PHE D 946 2.66 -11.59 17.63
C PHE D 946 1.83 -11.45 16.36
N GLY D 947 1.24 -12.56 15.92
CA GLY D 947 0.43 -12.54 14.72
C GLY D 947 1.17 -12.25 13.44
N ALA D 948 2.32 -12.87 13.24
CA ALA D 948 3.12 -12.69 12.03
C ALA D 948 3.56 -14.06 11.52
N ILE D 949 4.31 -14.04 10.41
CA ILE D 949 4.74 -15.29 9.79
C ILE D 949 5.75 -16.01 10.69
N SER D 950 6.59 -15.27 11.39
CA SER D 950 7.59 -15.88 12.26
C SER D 950 7.94 -14.91 13.38
N SER D 951 8.54 -15.45 14.43
CA SER D 951 8.97 -14.67 15.58
C SER D 951 10.46 -14.35 15.55
N VAL D 952 11.16 -14.70 14.47
CA VAL D 952 12.61 -14.54 14.37
C VAL D 952 12.93 -13.51 13.29
N LEU D 953 13.55 -12.41 13.72
CA LEU D 953 13.72 -11.25 12.87
C LEU D 953 14.61 -11.55 11.67
N ASN D 954 15.72 -12.26 11.90
CA ASN D 954 16.68 -12.48 10.83
C ASN D 954 16.13 -13.41 9.77
N ASP D 955 15.43 -14.47 10.17
CA ASP D 955 14.80 -15.32 9.18
C ASP D 955 13.72 -14.57 8.42
N ILE D 956 12.98 -13.70 9.11
CA ILE D 956 11.95 -12.92 8.42
C ILE D 956 12.58 -12.06 7.33
N LEU D 957 13.62 -11.28 7.68
CA LEU D 957 14.15 -10.34 6.70
C LEU D 957 15.02 -11.04 5.66
N SER D 958 15.45 -12.28 5.93
CA SER D 958 16.20 -13.03 4.93
C SER D 958 15.29 -13.74 3.94
N ARG D 959 14.19 -14.34 4.41
CA ARG D 959 13.28 -15.03 3.52
C ARG D 959 12.31 -14.08 2.82
N LEU D 960 12.18 -12.85 3.29
CA LEU D 960 11.34 -11.86 2.64
C LEU D 960 12.12 -10.58 2.39
N ASP D 961 11.96 -10.01 1.20
CA ASP D 961 12.61 -8.76 0.88
C ASP D 961 12.02 -7.62 1.72
N PRO D 962 12.82 -6.62 2.06
CA PRO D 962 12.38 -5.59 3.03
C PRO D 962 11.08 -4.90 2.64
N PRO D 963 10.87 -4.52 1.36
CA PRO D 963 9.62 -3.82 1.04
C PRO D 963 8.37 -4.60 1.36
N GLU D 964 8.38 -5.91 1.23
CA GLU D 964 7.22 -6.73 1.57
C GLU D 964 7.23 -7.15 3.03
N ALA D 965 8.41 -7.44 3.57
CA ALA D 965 8.55 -7.88 4.96
C ALA D 965 8.34 -6.74 5.96
N GLU D 966 8.25 -5.50 5.50
CA GLU D 966 8.03 -4.38 6.41
C GLU D 966 6.76 -4.57 7.24
N VAL D 967 5.74 -5.21 6.69
CA VAL D 967 4.52 -5.45 7.44
C VAL D 967 4.79 -6.40 8.62
N GLN D 968 5.52 -7.48 8.36
CA GLN D 968 5.88 -8.40 9.43
C GLN D 968 6.77 -7.72 10.46
N ILE D 969 7.72 -6.89 9.99
CA ILE D 969 8.60 -6.17 10.91
C ILE D 969 7.77 -5.25 11.80
N ASP D 970 6.81 -4.54 11.22
CA ASP D 970 5.98 -3.63 12.00
C ASP D 970 5.11 -4.40 13.00
N ARG D 971 4.59 -5.56 12.61
CA ARG D 971 3.82 -6.37 13.55
C ARG D 971 4.68 -6.82 14.71
N LEU D 972 5.90 -7.31 14.43
CA LEU D 972 6.80 -7.70 15.49
C LEU D 972 7.15 -6.53 16.40
N ILE D 973 7.39 -5.36 15.82
CA ILE D 973 7.77 -4.20 16.60
C ILE D 973 6.62 -3.76 17.49
N THR D 974 5.40 -3.75 16.96
CA THR D 974 4.25 -3.39 17.76
C THR D 974 4.06 -4.36 18.92
N GLY D 975 4.18 -5.67 18.65
CA GLY D 975 4.03 -6.65 19.72
C GLY D 975 5.10 -6.51 20.79
N ARG D 976 6.35 -6.40 20.37
CA ARG D 976 7.44 -6.30 21.34
C ARG D 976 7.39 -4.99 22.11
N LEU D 977 7.00 -3.90 21.45
CA LEU D 977 6.86 -2.63 22.14
C LEU D 977 5.72 -2.67 23.14
N GLN D 978 4.62 -3.34 22.79
CA GLN D 978 3.53 -3.50 23.75
C GLN D 978 3.97 -4.33 24.95
N SER D 979 4.74 -5.40 24.70
CA SER D 979 5.26 -6.20 25.80
C SER D 979 6.17 -5.38 26.71
N LEU D 980 7.06 -4.59 26.10
CA LEU D 980 7.96 -3.75 26.88
C LEU D 980 7.20 -2.69 27.66
N GLN D 981 6.15 -2.12 27.05
CA GLN D 981 5.30 -1.16 27.74
C GLN D 981 4.62 -1.80 28.94
N THR D 982 4.10 -3.01 28.77
CA THR D 982 3.46 -3.71 29.87
C THR D 982 4.45 -3.99 30.99
N TYR D 983 5.66 -4.43 30.63
CA TYR D 983 6.68 -4.67 31.65
C TYR D 983 7.03 -3.39 32.39
N VAL D 984 7.18 -2.29 31.66
CA VAL D 984 7.57 -1.02 32.29
C VAL D 984 6.46 -0.53 33.22
N THR D 985 5.21 -0.63 32.78
CA THR D 985 4.09 -0.20 33.62
C THR D 985 3.97 -1.07 34.87
N GLN D 986 4.14 -2.39 34.71
CA GLN D 986 4.11 -3.27 35.87
C GLN D 986 5.25 -2.96 36.82
N GLN D 987 6.43 -2.67 36.29
CA GLN D 987 7.57 -2.29 37.12
C GLN D 987 7.31 -0.98 37.83
N LEU D 988 6.65 -0.03 37.16
CA LEU D 988 6.31 1.24 37.80
C LEU D 988 5.33 1.04 38.94
N ILE D 989 4.31 0.20 38.74
CA ILE D 989 3.35 -0.05 39.81
C ILE D 989 4.02 -0.78 40.97
N ARG D 990 4.85 -1.77 40.67
CA ARG D 990 5.59 -2.47 41.73
C ARG D 990 6.55 -1.54 42.43
N ALA D 991 7.13 -0.57 41.71
CA ALA D 991 8.02 0.40 42.32
C ALA D 991 7.25 1.34 43.23
N ALA D 992 6.04 1.72 42.85
CA ALA D 992 5.20 2.52 43.74
C ALA D 992 4.87 1.76 45.01
N GLU D 993 4.53 0.48 44.87
CA GLU D 993 4.24 -0.33 46.06
C GLU D 993 5.48 -0.49 46.93
N ILE D 994 6.64 -0.73 46.30
CA ILE D 994 7.88 -0.89 47.06
C ILE D 994 8.27 0.42 47.72
N ARG D 995 8.01 1.55 47.06
CA ARG D 995 8.32 2.84 47.67
C ARG D 995 7.41 3.13 48.85
N ALA D 996 6.14 2.73 48.76
CA ALA D 996 5.25 2.84 49.91
C ALA D 996 5.76 1.97 51.07
N SER D 997 6.17 0.74 50.76
CA SER D 997 6.70 -0.14 51.79
C SER D 997 7.99 0.41 52.39
N ALA D 998 8.83 1.03 51.56
CA ALA D 998 10.10 1.58 52.03
C ALA D 998 9.86 2.84 52.87
N ASN D 999 8.87 3.65 52.51
CA ASN D 999 8.51 4.78 53.36
C ASN D 999 7.98 4.29 54.70
N LEU D 1000 7.16 3.23 54.68
CA LEU D 1000 6.70 2.64 55.94
C LEU D 1000 7.87 2.12 56.76
N ALA D 1001 8.84 1.48 56.11
CA ALA D 1001 10.01 0.96 56.81
C ALA D 1001 10.86 2.08 57.39
N ALA D 1002 11.02 3.17 56.64
CA ALA D 1002 11.78 4.31 57.14
C ALA D 1002 11.08 4.95 58.34
N THR D 1003 9.76 5.11 58.27
CA THR D 1003 9.02 5.62 59.41
C THR D 1003 9.14 4.69 60.61
N LYS D 1004 9.04 3.38 60.37
CA LYS D 1004 9.19 2.41 61.44
C LYS D 1004 10.57 2.49 62.08
N MET D 1005 11.60 2.63 61.25
CA MET D 1005 12.95 2.79 61.79
C MET D 1005 13.04 4.05 62.64
N SER D 1006 12.62 5.19 62.07
CA SER D 1006 12.78 6.47 62.76
C SER D 1006 11.98 6.53 64.05
N GLU D 1007 10.90 5.75 64.15
CA GLU D 1007 10.05 5.79 65.35
C GLU D 1007 10.40 4.70 66.35
N CYS D 1008 10.33 3.43 65.94
CA CYS D 1008 10.61 2.34 66.86
C CYS D 1008 12.10 2.24 67.18
N VAL D 1009 12.96 2.33 66.16
CA VAL D 1009 14.39 2.17 66.38
C VAL D 1009 14.96 3.37 67.13
N LEU D 1010 14.74 4.56 66.59
CA LEU D 1010 15.26 5.79 67.20
C LEU D 1010 14.27 6.38 68.20
N GLY D 1011 13.78 5.56 69.11
CA GLY D 1011 12.82 6.04 70.07
C GLY D 1011 11.93 4.91 70.55
N GLN D 1012 10.71 5.28 70.96
CA GLN D 1012 9.74 4.33 71.44
C GLN D 1012 8.36 4.84 71.03
N SER D 1013 7.77 4.20 70.03
CA SER D 1013 6.51 4.67 69.46
C SER D 1013 5.36 4.31 70.40
N LYS D 1014 4.60 5.32 70.82
CA LYS D 1014 3.42 5.09 71.64
C LYS D 1014 2.24 4.55 70.84
N ARG D 1015 2.29 4.67 69.52
CA ARG D 1015 1.23 4.14 68.67
C ARG D 1015 1.14 2.63 68.81
N VAL D 1016 -0.07 2.13 68.99
CA VAL D 1016 -0.26 0.71 69.27
C VAL D 1016 -0.13 -0.09 67.99
N ASP D 1017 0.49 -1.27 68.09
CA ASP D 1017 0.67 -2.25 67.02
C ASP D 1017 1.56 -1.75 65.89
N PHE D 1018 2.07 -0.52 65.97
CA PHE D 1018 2.99 -0.05 64.94
C PHE D 1018 4.33 -0.80 65.01
N CYS D 1019 4.85 -1.01 66.21
CA CYS D 1019 6.11 -1.71 66.41
C CYS D 1019 5.81 -2.96 67.26
N GLY D 1020 5.43 -4.05 66.58
CA GLY D 1020 5.12 -5.29 67.24
C GLY D 1020 3.78 -5.25 67.95
N LYS D 1021 3.39 -6.41 68.47
CA LYS D 1021 2.15 -6.54 69.21
C LYS D 1021 2.43 -6.39 70.70
N GLY D 1022 1.80 -5.42 71.33
CA GLY D 1022 2.00 -5.12 72.73
C GLY D 1022 2.64 -3.76 72.93
N TYR D 1023 2.96 -3.47 74.18
CA TYR D 1023 3.61 -2.22 74.54
C TYR D 1023 5.05 -2.26 74.04
N HIS D 1024 5.33 -1.46 73.01
CA HIS D 1024 6.64 -1.50 72.36
C HIS D 1024 7.72 -0.94 73.28
N LEU D 1025 8.86 -1.62 73.32
CA LEU D 1025 10.02 -1.15 74.07
C LEU D 1025 11.16 -0.73 73.14
N MET D 1026 11.64 -1.63 72.29
CA MET D 1026 12.71 -1.32 71.35
C MET D 1026 12.44 -2.04 70.04
N SER D 1027 13.32 -1.82 69.07
CA SER D 1027 13.28 -2.56 67.81
C SER D 1027 14.69 -2.59 67.25
N PHE D 1028 15.12 -3.75 66.78
CA PHE D 1028 16.47 -3.95 66.31
C PHE D 1028 16.48 -4.15 64.80
N PRO D 1029 17.07 -3.24 64.04
CA PRO D 1029 17.19 -3.46 62.59
C PRO D 1029 18.07 -4.65 62.27
N GLN D 1030 17.73 -5.33 61.19
CA GLN D 1030 18.53 -6.43 60.67
C GLN D 1030 18.49 -6.35 59.15
N SER D 1031 19.66 -6.24 58.53
CA SER D 1031 19.73 -6.14 57.08
C SER D 1031 19.26 -7.43 56.42
N ALA D 1032 18.46 -7.28 55.38
CA ALA D 1032 17.93 -8.41 54.62
C ALA D 1032 18.10 -8.15 53.14
N PRO D 1033 18.19 -9.19 52.33
CA PRO D 1033 18.30 -8.99 50.87
C PRO D 1033 17.06 -8.30 50.32
N HIS D 1034 17.26 -7.08 49.79
CA HIS D 1034 16.19 -6.27 49.24
C HIS D 1034 15.07 -6.02 50.25
N GLY D 1035 15.47 -5.73 51.49
CA GLY D 1035 14.49 -5.47 52.52
C GLY D 1035 15.16 -5.20 53.85
N VAL D 1036 14.32 -5.00 54.86
CA VAL D 1036 14.79 -4.74 56.22
C VAL D 1036 13.99 -5.63 57.17
N VAL D 1037 14.61 -5.95 58.31
CA VAL D 1037 14.00 -6.83 59.31
C VAL D 1037 14.01 -6.11 60.64
N PHE D 1038 12.84 -6.06 61.29
CA PHE D 1038 12.68 -5.38 62.56
C PHE D 1038 12.43 -6.40 63.66
N LEU D 1039 13.20 -6.30 64.74
CA LEU D 1039 13.04 -7.16 65.90
C LEU D 1039 12.33 -6.36 66.99
N HIS D 1040 11.00 -6.31 66.87
CA HIS D 1040 10.19 -5.49 67.78
C HIS D 1040 10.15 -6.13 69.15
N VAL D 1041 10.88 -5.56 70.10
CA VAL D 1041 10.86 -6.02 71.49
C VAL D 1041 9.71 -5.33 72.20
N THR D 1042 8.63 -6.06 72.45
CA THR D 1042 7.42 -5.50 73.02
C THR D 1042 7.19 -6.03 74.42
N TYR D 1043 6.68 -5.17 75.30
CA TYR D 1043 6.31 -5.54 76.66
C TYR D 1043 4.87 -6.02 76.65
N VAL D 1044 4.65 -7.28 77.03
CA VAL D 1044 3.34 -7.91 77.00
C VAL D 1044 3.01 -8.35 78.42
N PRO D 1045 1.83 -8.04 78.95
CA PRO D 1045 1.47 -8.51 80.29
C PRO D 1045 1.39 -10.03 80.38
N ALA D 1046 1.09 -10.53 81.57
CA ALA D 1046 1.12 -11.98 81.83
C ALA D 1046 0.02 -12.29 82.84
N GLN D 1047 0.13 -13.45 83.49
CA GLN D 1047 -0.86 -13.95 84.43
C GLN D 1047 -1.40 -12.84 85.32
N GLU D 1048 -2.72 -12.68 85.32
CA GLU D 1048 -3.39 -11.58 86.01
C GLU D 1048 -4.56 -12.12 86.81
N LYS D 1049 -4.91 -11.39 87.86
CA LYS D 1049 -6.07 -11.69 88.69
C LYS D 1049 -6.90 -10.42 88.86
N ASN D 1050 -8.22 -10.59 88.89
CA ASN D 1050 -9.13 -9.48 89.07
C ASN D 1050 -9.64 -9.47 90.50
N PHE D 1051 -9.50 -8.34 91.19
CA PHE D 1051 -9.85 -8.27 92.60
C PHE D 1051 -11.05 -7.35 92.84
N THR D 1052 -10.91 -6.06 92.57
CA THR D 1052 -11.93 -5.05 92.86
C THR D 1052 -11.40 -3.69 92.42
N THR D 1053 -12.28 -2.75 92.09
CA THR D 1053 -11.86 -1.39 91.81
C THR D 1053 -12.92 -0.43 92.32
N ALA D 1054 -12.50 0.83 92.55
CA ALA D 1054 -13.38 1.89 92.98
C ALA D 1054 -12.89 3.18 92.33
N PRO D 1055 -13.78 3.95 91.71
CA PRO D 1055 -13.32 5.18 91.04
C PRO D 1055 -12.68 6.18 91.98
N ALA D 1056 -13.11 6.25 93.23
CA ALA D 1056 -12.56 7.19 94.19
C ALA D 1056 -12.72 6.63 95.59
N ILE D 1057 -11.95 7.19 96.52
CA ILE D 1057 -11.97 6.79 97.92
C ILE D 1057 -12.34 8.00 98.77
N CYS D 1058 -13.32 7.85 99.64
CA CYS D 1058 -13.77 8.92 100.51
C CYS D 1058 -13.18 8.73 101.91
N HIS D 1059 -12.34 9.67 102.32
CA HIS D 1059 -11.73 9.61 103.65
C HIS D 1059 -12.53 10.41 104.67
N ASP D 1060 -12.66 11.71 104.48
CA ASP D 1060 -13.45 12.58 105.37
C ASP D 1060 -14.20 13.57 104.49
N GLY D 1061 -15.39 13.18 104.03
CA GLY D 1061 -16.22 14.06 103.24
C GLY D 1061 -15.58 14.57 101.97
N LYS D 1062 -14.54 13.89 101.48
CA LYS D 1062 -13.81 14.35 100.31
C LYS D 1062 -13.51 13.16 99.41
N ALA D 1063 -13.44 13.41 98.12
CA ALA D 1063 -13.18 12.37 97.14
C ALA D 1063 -11.69 12.36 96.81
N HIS D 1064 -11.06 11.20 96.95
CA HIS D 1064 -9.64 11.03 96.66
C HIS D 1064 -9.50 10.22 95.37
N PHE D 1065 -8.68 10.72 94.45
CA PHE D 1065 -8.41 10.05 93.20
C PHE D 1065 -6.92 9.74 93.09
N PRO D 1066 -6.55 8.62 92.47
CA PRO D 1066 -5.13 8.26 92.38
C PRO D 1066 -4.41 9.12 91.35
N ARG D 1067 -3.25 9.64 91.74
CA ARG D 1067 -2.45 10.41 90.79
C ARG D 1067 -1.99 9.55 89.63
N GLU D 1068 -1.55 8.32 89.91
CA GLU D 1068 -1.16 7.37 88.88
C GLU D 1068 -1.69 6.00 89.27
N GLY D 1069 -2.42 5.37 88.37
CA GLY D 1069 -2.96 4.05 88.63
C GLY D 1069 -4.39 4.07 89.14
N VAL D 1070 -4.82 2.91 89.60
CA VAL D 1070 -6.21 2.70 90.01
C VAL D 1070 -6.25 2.39 91.50
N PHE D 1071 -7.47 2.33 92.03
CA PHE D 1071 -7.70 2.01 93.44
C PHE D 1071 -8.11 0.55 93.55
N VAL D 1072 -7.11 -0.34 93.51
CA VAL D 1072 -7.34 -1.77 93.60
C VAL D 1072 -7.60 -2.14 95.05
N SER D 1073 -8.07 -3.36 95.28
CA SER D 1073 -8.33 -3.84 96.64
C SER D 1073 -7.86 -5.28 96.75
N ASN D 1074 -7.14 -5.59 97.83
CA ASN D 1074 -6.79 -6.96 98.14
C ASN D 1074 -8.03 -7.83 98.26
N GLY D 1075 -9.14 -7.25 98.70
CA GLY D 1075 -10.34 -7.96 99.07
C GLY D 1075 -10.89 -7.41 100.37
N THR D 1076 -9.99 -6.93 101.23
CA THR D 1076 -10.36 -6.31 102.50
C THR D 1076 -9.81 -4.89 102.66
N HIS D 1077 -8.56 -4.65 102.26
CA HIS D 1077 -7.94 -3.34 102.38
C HIS D 1077 -7.61 -2.82 100.98
N TRP D 1078 -8.08 -1.62 100.67
CA TRP D 1078 -7.83 -1.04 99.36
C TRP D 1078 -6.36 -0.69 99.19
N PHE D 1079 -5.96 -0.52 97.93
CA PHE D 1079 -4.58 -0.19 97.59
C PHE D 1079 -4.56 0.61 96.30
N VAL D 1080 -3.46 1.33 96.10
CA VAL D 1080 -3.18 1.98 94.83
C VAL D 1080 -2.05 1.23 94.16
N THR D 1081 -2.11 1.12 92.83
CA THR D 1081 -1.15 0.31 92.10
C THR D 1081 -1.04 0.84 90.68
N GLN D 1082 0.01 0.40 89.99
CA GLN D 1082 0.25 0.83 88.62
C GLN D 1082 -0.84 0.30 87.69
N ARG D 1083 -1.01 0.99 86.57
CA ARG D 1083 -2.04 0.61 85.61
C ARG D 1083 -1.72 -0.73 84.96
N ASN D 1084 -0.45 -0.99 84.68
CA ASN D 1084 -0.05 -2.18 83.91
C ASN D 1084 0.84 -3.13 84.71
N PHE D 1085 0.83 -3.03 86.04
CA PHE D 1085 1.58 -3.96 86.88
C PHE D 1085 1.01 -3.91 88.29
N TYR D 1086 0.90 -5.07 88.92
CA TYR D 1086 0.31 -5.16 90.26
C TYR D 1086 1.40 -4.93 91.29
N GLU D 1087 1.57 -3.67 91.69
CA GLU D 1087 2.49 -3.29 92.76
C GLU D 1087 1.69 -2.45 93.74
N PRO D 1088 0.94 -3.08 94.65
CA PRO D 1088 0.06 -2.32 95.53
C PRO D 1088 0.84 -1.41 96.47
N GLN D 1089 0.25 -0.27 96.79
CA GLN D 1089 0.84 0.69 97.71
C GLN D 1089 -0.24 1.19 98.65
N ILE D 1090 0.19 1.61 99.84
CA ILE D 1090 -0.75 2.18 100.81
C ILE D 1090 -1.23 3.52 100.30
N ILE D 1091 -2.51 3.82 100.52
CA ILE D 1091 -3.10 5.05 100.01
C ILE D 1091 -2.73 6.21 100.93
N THR D 1092 -1.63 6.88 100.62
CA THR D 1092 -1.21 8.04 101.38
C THR D 1092 -1.83 9.29 100.77
N THR D 1093 -1.40 10.46 101.21
CA THR D 1093 -1.87 11.72 100.65
C THR D 1093 -1.01 12.23 99.51
N ASP D 1094 0.14 11.60 99.24
CA ASP D 1094 1.02 12.03 98.17
C ASP D 1094 0.78 11.28 96.87
N ASN D 1095 0.45 9.99 96.94
CA ASN D 1095 0.17 9.23 95.73
C ASN D 1095 -1.22 9.46 95.19
N THR D 1096 -2.11 10.11 95.94
CA THR D 1096 -3.47 10.41 95.51
C THR D 1096 -3.75 11.89 95.73
N PHE D 1097 -4.52 12.48 94.82
CA PHE D 1097 -4.97 13.85 94.93
C PHE D 1097 -6.46 13.89 95.23
N VAL D 1098 -6.86 14.89 96.01
CA VAL D 1098 -8.23 15.01 96.48
C VAL D 1098 -8.88 16.22 95.84
N SER D 1099 -10.00 16.01 95.15
CA SER D 1099 -10.77 17.10 94.57
C SER D 1099 -12.21 16.60 94.39
N GLY D 1100 -13.09 17.01 95.30
CA GLY D 1100 -14.47 16.57 95.24
C GLY D 1100 -15.17 16.85 96.56
N ASN D 1101 -16.34 16.21 96.71
CA ASN D 1101 -17.15 16.40 97.90
C ASN D 1101 -17.77 15.09 98.41
N CYS D 1102 -17.28 13.95 97.95
CA CYS D 1102 -17.66 12.60 98.38
C CYS D 1102 -19.09 12.24 97.97
N ASP D 1103 -19.85 13.15 97.37
CA ASP D 1103 -21.24 12.88 97.01
C ASP D 1103 -21.51 13.08 95.53
N VAL D 1104 -20.45 13.15 94.72
CA VAL D 1104 -20.62 13.37 93.29
C VAL D 1104 -20.07 12.23 92.44
N VAL D 1105 -19.19 11.39 92.98
CA VAL D 1105 -18.61 10.28 92.23
C VAL D 1105 -19.51 9.06 92.38
N ILE D 1106 -19.87 8.45 91.26
CA ILE D 1106 -20.70 7.25 91.25
C ILE D 1106 -19.79 6.04 91.46
N GLY D 1107 -19.84 5.47 92.67
CA GLY D 1107 -19.01 4.33 93.00
C GLY D 1107 -17.92 4.59 94.01
N ILE D 1108 -17.89 5.77 94.63
CA ILE D 1108 -16.89 6.05 95.66
C ILE D 1108 -17.10 5.09 96.83
N VAL D 1109 -16.00 4.61 97.41
CA VAL D 1109 -16.05 3.56 98.41
C VAL D 1109 -15.54 4.10 99.75
N ASN D 1110 -15.98 3.46 100.83
CA ASN D 1110 -15.52 3.81 102.16
C ASN D 1110 -14.10 3.27 102.37
N ASN D 1111 -13.18 4.16 102.72
CA ASN D 1111 -11.82 3.74 103.02
C ASN D 1111 -11.13 4.88 103.75
N THR D 1112 -9.99 4.57 104.35
CA THR D 1112 -9.18 5.54 105.08
C THR D 1112 -7.86 5.75 104.34
N VAL D 1113 -7.44 7.01 104.25
CA VAL D 1113 -6.16 7.37 103.62
C VAL D 1113 -5.28 8.00 104.69
N TYR D 1114 -4.00 7.68 104.66
CA TYR D 1114 -3.05 8.18 105.62
C TYR D 1114 -2.26 9.35 105.02
N ASP D 1115 -1.41 9.96 105.85
CA ASP D 1115 -0.58 11.06 105.39
C ASP D 1115 0.64 11.16 106.29
N PRO D 1116 1.81 11.49 105.75
CA PRO D 1116 3.02 11.60 106.57
C PRO D 1116 3.12 12.87 107.39
N LEU D 1117 2.05 13.66 107.48
CA LEU D 1117 2.06 14.91 108.23
C LEU D 1117 1.33 14.83 109.56
N GLN D 1118 0.13 14.24 109.58
CA GLN D 1118 -0.63 14.17 110.83
C GLN D 1118 -0.05 13.14 111.80
N LEU D 1119 0.69 12.14 111.29
CA LEU D 1119 1.30 11.17 112.18
C LEU D 1119 2.35 11.82 113.07
N GLU D 1120 3.14 12.73 112.52
CA GLU D 1120 4.17 13.42 113.28
C GLU D 1120 3.67 14.75 113.82
N SER E 1 -3.46 -39.32 -45.27
CA SER E 1 -4.52 -39.51 -46.25
C SER E 1 -4.05 -39.11 -47.64
N THR E 2 -3.71 -37.83 -47.80
CA THR E 2 -3.21 -37.33 -49.07
C THR E 2 -1.86 -37.93 -49.39
N THR E 3 -1.55 -38.02 -50.69
CA THR E 3 -0.29 -38.59 -51.13
C THR E 3 0.91 -37.74 -50.72
N GLU E 4 0.69 -36.48 -50.32
CA GLU E 4 1.78 -35.62 -49.92
C GLU E 4 2.49 -36.17 -48.69
N GLU E 5 1.72 -36.61 -47.69
CA GLU E 5 2.32 -37.15 -46.46
C GLU E 5 3.07 -38.45 -46.74
N GLN E 6 2.49 -39.31 -47.58
CA GLN E 6 3.17 -40.55 -47.96
C GLN E 6 4.47 -40.26 -48.68
N ALA E 7 4.45 -39.30 -49.61
CA ALA E 7 5.67 -38.93 -50.32
C ALA E 7 6.70 -38.35 -49.37
N LYS E 8 6.27 -37.53 -48.41
CA LYS E 8 7.21 -36.95 -47.44
C LYS E 8 7.86 -38.05 -46.59
N THR E 9 7.05 -39.01 -46.11
CA THR E 9 7.61 -40.08 -45.30
C THR E 9 8.59 -40.93 -46.11
N PHE E 10 8.20 -41.30 -47.33
CA PHE E 10 9.09 -42.11 -48.15
C PHE E 10 10.35 -41.36 -48.52
N LEU E 11 10.26 -40.05 -48.73
CA LEU E 11 11.43 -39.28 -49.10
C LEU E 11 12.35 -39.05 -47.90
N GLU E 12 11.81 -38.92 -46.69
CA GLU E 12 12.68 -38.92 -45.51
C GLU E 12 13.40 -40.26 -45.36
N LYS E 13 12.68 -41.37 -45.55
CA LYS E 13 13.31 -42.67 -45.47
C LYS E 13 14.39 -42.83 -46.54
N PHE E 14 14.09 -42.38 -47.77
CA PHE E 14 15.07 -42.41 -48.85
C PHE E 14 16.28 -41.57 -48.52
N ASN E 15 16.07 -40.36 -48.00
CA ASN E 15 17.18 -39.50 -47.65
C ASN E 15 18.11 -40.19 -46.66
N HIS E 16 17.54 -40.72 -45.57
CA HIS E 16 18.36 -41.35 -44.54
C HIS E 16 19.07 -42.59 -45.07
N GLU E 17 18.33 -43.48 -45.75
CA GLU E 17 18.91 -44.74 -46.20
C GLU E 17 19.98 -44.49 -47.26
N ALA E 18 19.68 -43.66 -48.26
CA ALA E 18 20.66 -43.34 -49.28
C ALA E 18 21.86 -42.62 -48.67
N GLU E 19 21.64 -41.78 -47.66
CA GLU E 19 22.75 -41.11 -47.00
C GLU E 19 23.71 -42.13 -46.39
N ASP E 20 23.18 -43.03 -45.56
CA ASP E 20 24.06 -44.02 -44.92
C ASP E 20 24.73 -44.92 -45.95
N LEU E 21 23.97 -45.38 -46.95
CA LEU E 21 24.49 -46.30 -47.95
C LEU E 21 25.61 -45.65 -48.77
N SER E 22 25.40 -44.41 -49.20
CA SER E 22 26.42 -43.73 -50.00
C SER E 22 27.59 -43.26 -49.14
N TYR E 23 27.37 -43.02 -47.84
CA TYR E 23 28.51 -42.78 -46.95
C TYR E 23 29.40 -44.02 -46.89
N GLN E 24 28.79 -45.20 -46.77
CA GLN E 24 29.57 -46.43 -46.83
C GLN E 24 30.29 -46.58 -48.17
N SER E 25 29.57 -46.29 -49.27
CA SER E 25 30.17 -46.40 -50.60
C SER E 25 31.33 -45.44 -50.78
N SER E 26 31.20 -44.19 -50.30
CA SER E 26 32.26 -43.21 -50.45
C SER E 26 33.44 -43.52 -49.54
N LEU E 27 33.18 -44.08 -48.35
CA LEU E 27 34.29 -44.54 -47.52
C LEU E 27 35.07 -45.65 -48.21
N ALA E 28 34.34 -46.58 -48.86
CA ALA E 28 35.02 -47.61 -49.65
C ALA E 28 35.80 -46.99 -50.81
N SER E 29 35.24 -45.97 -51.44
CA SER E 29 35.93 -45.30 -52.54
C SER E 29 37.23 -44.64 -52.07
N TRP E 30 37.19 -43.98 -50.91
CA TRP E 30 38.41 -43.36 -50.38
C TRP E 30 39.42 -44.42 -49.97
N ASN E 31 38.94 -45.54 -49.41
CA ASN E 31 39.85 -46.64 -49.10
C ASN E 31 40.50 -47.17 -50.37
N TYR E 32 39.75 -47.22 -51.47
CA TYR E 32 40.33 -47.62 -52.75
C TYR E 32 41.36 -46.60 -53.23
N ASN E 33 41.04 -45.30 -53.09
CA ASN E 33 41.97 -44.28 -53.56
C ASN E 33 43.26 -44.29 -52.75
N THR E 34 43.20 -44.71 -51.48
CA THR E 34 44.38 -44.84 -50.65
C THR E 34 44.95 -46.26 -50.61
N ASN E 35 44.35 -47.20 -51.34
CA ASN E 35 44.72 -48.60 -51.23
C ASN E 35 44.16 -49.35 -52.44
N ILE E 36 45.02 -50.03 -53.19
CA ILE E 36 44.62 -50.66 -54.44
C ILE E 36 44.61 -52.18 -54.30
N THR E 37 44.35 -52.67 -53.08
CA THR E 37 44.32 -54.11 -52.87
C THR E 37 43.05 -54.73 -53.43
N ASP E 38 43.13 -56.02 -53.73
CA ASP E 38 41.99 -56.75 -54.28
C ASP E 38 40.84 -56.83 -53.28
N GLU E 39 41.14 -56.95 -51.99
CA GLU E 39 40.09 -56.96 -50.99
C GLU E 39 39.30 -55.65 -50.98
N ASN E 40 40.01 -54.52 -51.04
CA ASN E 40 39.34 -53.22 -51.10
C ASN E 40 38.58 -53.06 -52.41
N VAL E 41 39.12 -53.60 -53.51
CA VAL E 41 38.42 -53.55 -54.79
C VAL E 41 37.09 -54.30 -54.70
N GLN E 42 37.12 -55.51 -54.11
CA GLN E 42 35.91 -56.28 -53.94
C GLN E 42 34.93 -55.58 -53.02
N LYS E 43 35.44 -54.96 -51.95
CA LYS E 43 34.57 -54.24 -51.03
C LYS E 43 33.86 -53.08 -51.73
N MET E 44 34.59 -52.29 -52.52
CA MET E 44 33.95 -51.17 -53.20
C MET E 44 32.98 -51.67 -54.27
N ASN E 45 33.30 -52.78 -54.94
CA ASN E 45 32.38 -53.33 -55.92
C ASN E 45 31.09 -53.78 -55.25
N GLU E 46 31.19 -54.45 -54.10
CA GLU E 46 30.00 -54.88 -53.37
C GLU E 46 29.19 -53.68 -52.90
N ALA E 47 29.86 -52.64 -52.41
CA ALA E 47 29.15 -51.45 -51.96
C ALA E 47 28.40 -50.78 -53.11
N ARG E 48 29.06 -50.63 -54.26
CA ARG E 48 28.42 -50.02 -55.41
C ARG E 48 27.25 -50.87 -55.90
N ALA E 49 27.42 -52.19 -55.91
CA ALA E 49 26.35 -53.08 -56.38
C ALA E 49 25.13 -52.98 -55.46
N LYS E 50 25.35 -53.01 -54.14
CA LYS E 50 24.22 -52.93 -53.23
C LYS E 50 23.57 -51.54 -53.27
N TRP E 51 24.37 -50.49 -53.46
CA TRP E 51 23.81 -49.14 -53.59
C TRP E 51 22.92 -49.06 -54.83
N SER E 52 23.40 -49.58 -55.95
CA SER E 52 22.59 -49.57 -57.18
C SER E 52 21.33 -50.39 -57.01
N ALA E 53 21.43 -51.56 -56.38
CA ALA E 53 20.26 -52.41 -56.19
C ALA E 53 19.21 -51.72 -55.32
N PHE E 54 19.65 -51.12 -54.20
CA PHE E 54 18.71 -50.42 -53.33
C PHE E 54 18.08 -49.23 -54.05
N TYR E 55 18.88 -48.46 -54.78
CA TYR E 55 18.34 -47.32 -55.50
C TYR E 55 17.30 -47.75 -56.53
N GLU E 56 17.59 -48.82 -57.28
CA GLU E 56 16.63 -49.31 -58.26
C GLU E 56 15.36 -49.82 -57.59
N GLU E 57 15.50 -50.54 -56.48
CA GLU E 57 14.33 -51.08 -55.79
C GLU E 57 13.42 -49.95 -55.30
N GLN E 58 14.01 -48.94 -54.65
CA GLN E 58 13.20 -47.84 -54.15
C GLN E 58 12.63 -46.99 -55.28
N SER E 59 13.36 -46.86 -56.39
CA SER E 59 12.83 -46.13 -57.54
C SER E 59 11.62 -46.86 -58.12
N ARG E 60 11.69 -48.18 -58.23
CA ARG E 60 10.54 -48.94 -58.71
C ARG E 60 9.38 -48.88 -57.73
N MET E 61 9.65 -48.82 -56.43
CA MET E 61 8.58 -48.65 -55.46
C MET E 61 7.90 -47.30 -55.65
N ALA E 62 8.71 -46.23 -55.81
CA ALA E 62 8.19 -44.88 -55.98
C ALA E 62 7.59 -44.64 -57.35
N LYS E 63 7.80 -45.56 -58.31
CA LYS E 63 7.26 -45.36 -59.65
C LYS E 63 5.74 -45.22 -59.64
N THR E 64 5.07 -45.87 -58.70
CA THR E 64 3.62 -45.82 -58.62
C THR E 64 3.09 -44.44 -58.21
N TYR E 65 3.95 -43.54 -57.76
CA TYR E 65 3.51 -42.21 -57.35
C TYR E 65 3.22 -41.34 -58.57
N SER E 66 2.64 -40.17 -58.32
CA SER E 66 2.25 -39.23 -59.36
C SER E 66 2.90 -37.88 -59.11
N LEU E 67 3.02 -37.09 -60.19
CA LEU E 67 3.66 -35.79 -60.13
C LEU E 67 2.67 -34.63 -60.02
N GLU E 68 1.42 -34.83 -60.44
CA GLU E 68 0.44 -33.75 -60.43
C GLU E 68 -0.21 -33.54 -59.08
N GLU E 69 0.07 -34.39 -58.08
CA GLU E 69 -0.56 -34.29 -56.76
C GLU E 69 0.44 -33.90 -55.68
N ILE E 70 1.59 -33.34 -56.05
CA ILE E 70 2.62 -32.93 -55.10
C ILE E 70 3.03 -31.50 -55.44
N GLN E 71 3.14 -30.64 -54.43
CA GLN E 71 3.02 -29.21 -54.67
C GLN E 71 4.26 -28.35 -54.37
N ASN E 72 4.96 -28.52 -53.25
CA ASN E 72 6.05 -27.56 -53.02
C ASN E 72 7.35 -28.05 -53.69
N LEU E 73 8.21 -27.07 -53.98
CA LEU E 73 9.25 -27.21 -55.00
C LEU E 73 10.25 -28.32 -54.65
N THR E 74 10.73 -28.35 -53.40
CA THR E 74 11.73 -29.33 -53.04
C THR E 74 11.18 -30.76 -53.13
N LEU E 75 9.94 -30.96 -52.67
CA LEU E 75 9.31 -32.28 -52.81
C LEU E 75 9.12 -32.65 -54.28
N LYS E 76 8.69 -31.69 -55.10
CA LYS E 76 8.48 -32.00 -56.51
C LYS E 76 9.80 -32.35 -57.20
N ARG E 77 10.87 -31.62 -56.89
CA ARG E 77 12.18 -31.95 -57.45
C ARG E 77 12.68 -33.31 -56.98
N GLN E 78 12.47 -33.62 -55.69
CA GLN E 78 12.87 -34.93 -55.19
C GLN E 78 12.09 -36.04 -55.89
N LEU E 79 10.79 -35.85 -56.09
CA LEU E 79 9.97 -36.86 -56.76
C LEU E 79 10.38 -37.01 -58.22
N LYS E 80 10.70 -35.92 -58.90
CA LYS E 80 11.10 -36.03 -60.30
C LYS E 80 12.50 -36.62 -60.43
N ALA E 81 13.34 -36.47 -59.40
CA ALA E 81 14.64 -37.13 -59.41
C ALA E 81 14.50 -38.62 -59.14
N LEU E 82 13.57 -38.99 -58.26
CA LEU E 82 13.36 -40.41 -57.96
C LEU E 82 12.62 -41.14 -59.07
N GLN E 83 11.76 -40.44 -59.80
CA GLN E 83 11.04 -41.03 -60.92
C GLN E 83 11.95 -41.36 -62.09
N HIS E 84 13.18 -40.86 -62.10
CA HIS E 84 14.10 -41.09 -63.20
C HIS E 84 14.63 -42.52 -63.17
N SER E 85 13.94 -43.43 -63.86
CA SER E 85 14.40 -44.82 -63.94
C SER E 85 15.74 -44.90 -64.67
N GLY E 86 15.90 -44.14 -65.74
CA GLY E 86 17.12 -44.16 -66.52
C GLY E 86 17.21 -45.39 -67.41
N THR E 87 18.39 -46.01 -67.46
CA THR E 87 18.54 -47.24 -68.23
C THR E 87 17.76 -48.39 -67.62
N SER E 88 17.37 -48.30 -66.35
CA SER E 88 16.60 -49.36 -65.71
C SER E 88 15.22 -49.53 -66.33
N ALA E 89 14.69 -48.49 -66.98
CA ALA E 89 13.39 -48.61 -67.64
C ALA E 89 13.42 -49.62 -68.78
N LEU E 90 14.58 -49.86 -69.38
CA LEU E 90 14.70 -50.86 -70.42
C LEU E 90 14.73 -52.26 -69.82
N SER E 91 14.49 -53.26 -70.69
CA SER E 91 14.39 -54.63 -70.24
C SER E 91 15.77 -55.20 -69.89
N ALA E 92 15.78 -56.47 -69.47
CA ALA E 92 17.02 -57.10 -69.03
C ALA E 92 18.03 -57.22 -70.19
N GLU E 93 17.56 -57.62 -71.37
CA GLU E 93 18.46 -57.76 -72.50
C GLU E 93 19.05 -56.42 -72.92
N LYS E 94 18.22 -55.38 -72.97
CA LYS E 94 18.72 -54.06 -73.33
C LYS E 94 19.71 -53.56 -72.30
N SER E 95 19.42 -53.74 -71.01
CA SER E 95 20.32 -53.30 -69.96
C SER E 95 21.65 -54.04 -70.02
N LYS E 96 21.61 -55.36 -70.26
CA LYS E 96 22.86 -56.12 -70.32
C LYS E 96 23.68 -55.73 -71.54
N ARG E 97 23.02 -55.47 -72.68
CA ARG E 97 23.73 -54.99 -73.85
C ARG E 97 24.39 -53.64 -73.57
N LEU E 98 23.65 -52.73 -72.91
CA LEU E 98 24.20 -51.42 -72.60
C LEU E 98 25.41 -51.52 -71.66
N ASN E 99 25.30 -52.34 -70.61
CA ASN E 99 26.41 -52.42 -69.68
C ASN E 99 27.61 -53.13 -70.30
N THR E 100 27.37 -54.16 -71.12
CA THR E 100 28.50 -54.85 -71.74
C THR E 100 29.19 -53.95 -72.77
N ILE E 101 28.44 -53.13 -73.49
CA ILE E 101 29.09 -52.23 -74.44
C ILE E 101 29.82 -51.11 -73.69
N LEU E 102 29.28 -50.67 -72.54
CA LEU E 102 29.98 -49.68 -71.73
C LEU E 102 31.32 -50.22 -71.21
N ASN E 103 31.32 -51.45 -70.71
CA ASN E 103 32.57 -52.08 -70.30
C ASN E 103 33.51 -52.28 -71.48
N LYS E 104 32.98 -52.57 -72.68
CA LYS E 104 33.83 -52.67 -73.85
C LYS E 104 34.53 -51.36 -74.14
N MET E 105 33.79 -50.25 -74.13
CA MET E 105 34.41 -48.94 -74.30
C MET E 105 35.45 -48.67 -73.22
N SER E 106 35.12 -48.98 -71.97
CA SER E 106 36.06 -48.72 -70.89
C SER E 106 37.35 -49.51 -71.08
N THR E 107 37.24 -50.79 -71.43
CA THR E 107 38.43 -51.63 -71.61
C THR E 107 39.26 -51.15 -72.80
N ILE E 108 38.62 -50.85 -73.92
CA ILE E 108 39.39 -50.43 -75.09
C ILE E 108 40.04 -49.08 -74.86
N TYR E 109 39.37 -48.16 -74.17
CA TYR E 109 39.97 -46.85 -73.93
C TYR E 109 41.06 -46.91 -72.88
N SER E 110 40.96 -47.83 -71.92
CA SER E 110 42.04 -48.00 -70.96
C SER E 110 43.24 -48.74 -71.55
N THR E 111 43.01 -49.59 -72.54
CA THR E 111 44.06 -50.38 -73.17
C THR E 111 44.29 -49.96 -74.62
N GLY E 112 44.27 -48.66 -74.87
CA GLY E 112 44.52 -48.14 -76.21
C GLY E 112 45.99 -48.14 -76.57
N LYS E 113 46.37 -48.97 -77.54
CA LYS E 113 47.75 -49.07 -78.00
C LYS E 113 47.80 -48.98 -79.51
N VAL E 114 48.92 -48.44 -80.01
CA VAL E 114 49.18 -48.34 -81.44
C VAL E 114 50.60 -48.82 -81.72
N LEU E 115 50.85 -49.22 -82.96
CA LEU E 115 52.13 -49.75 -83.37
C LEU E 115 52.83 -48.76 -84.29
N ASP E 116 54.08 -48.45 -83.97
CA ASP E 116 54.90 -47.55 -84.77
C ASP E 116 55.40 -48.30 -86.00
N PRO E 117 56.09 -47.60 -86.93
CA PRO E 117 56.74 -48.34 -88.03
C PRO E 117 57.69 -49.42 -87.53
N ASN E 118 58.39 -49.18 -86.44
CA ASN E 118 59.14 -50.21 -85.74
C ASN E 118 58.24 -50.80 -84.67
N THR E 119 57.87 -52.07 -84.83
CA THR E 119 56.91 -52.70 -83.93
C THR E 119 57.49 -52.96 -82.55
N GLN E 120 58.80 -52.78 -82.36
CA GLN E 120 59.40 -53.03 -81.05
C GLN E 120 58.85 -52.07 -80.00
N GLU E 121 58.68 -50.80 -80.36
CA GLU E 121 58.20 -49.80 -79.42
C GLU E 121 56.68 -49.79 -79.37
N CYS E 122 56.14 -49.45 -78.20
CA CYS E 122 54.71 -49.35 -77.99
C CYS E 122 54.40 -48.07 -77.20
N LEU E 123 53.18 -47.58 -77.37
CA LEU E 123 52.75 -46.34 -76.75
C LEU E 123 51.35 -46.52 -76.16
N ALA E 124 51.03 -45.64 -75.21
CA ALA E 124 49.70 -45.60 -74.59
C ALA E 124 49.16 -44.19 -74.67
N LEU E 125 47.87 -44.05 -74.40
CA LEU E 125 47.18 -42.78 -74.61
C LEU E 125 47.73 -41.69 -73.69
N GLU E 126 47.78 -41.97 -72.39
CA GLU E 126 48.14 -40.95 -71.40
C GLU E 126 49.64 -40.66 -71.36
N PRO E 127 50.51 -41.66 -71.11
CA PRO E 127 51.90 -41.34 -70.78
C PRO E 127 52.78 -41.04 -71.99
N GLY E 128 52.40 -41.51 -73.17
CA GLY E 128 53.23 -41.32 -74.34
C GLY E 128 52.84 -40.12 -75.17
N LEU E 129 51.55 -40.00 -75.48
CA LEU E 129 51.09 -38.91 -76.34
C LEU E 129 51.30 -37.56 -75.68
N ASP E 130 51.01 -37.45 -74.38
CA ASP E 130 51.20 -36.19 -73.67
C ASP E 130 52.68 -35.79 -73.65
N ASP E 131 53.56 -36.75 -73.40
CA ASP E 131 55.00 -36.44 -73.38
C ASP E 131 55.49 -36.01 -74.76
N ILE E 132 55.03 -36.70 -75.81
CA ILE E 132 55.41 -36.33 -77.17
C ILE E 132 54.91 -34.93 -77.50
N MET E 133 53.66 -34.63 -77.10
CA MET E 133 53.08 -33.32 -77.38
C MET E 133 53.83 -32.21 -76.65
N GLU E 134 54.16 -32.41 -75.38
CA GLU E 134 54.68 -31.33 -74.54
C GLU E 134 56.20 -31.22 -74.61
N ASN E 135 56.91 -32.30 -74.28
CA ASN E 135 58.36 -32.23 -74.17
C ASN E 135 59.02 -31.94 -75.52
N SER E 136 58.50 -32.53 -76.59
CA SER E 136 59.11 -32.35 -77.91
C SER E 136 58.06 -31.98 -78.95
N ARG E 137 58.45 -31.97 -80.23
CA ARG E 137 57.53 -31.64 -81.31
C ARG E 137 58.12 -32.11 -82.63
N ASP E 138 57.26 -32.64 -83.50
CA ASP E 138 57.66 -33.04 -84.84
C ASP E 138 56.45 -33.27 -85.74
N TYR E 139 56.45 -32.64 -86.92
CA TYR E 139 55.31 -32.71 -87.82
C TYR E 139 54.98 -34.14 -88.21
N ASN E 140 55.99 -34.87 -88.69
CA ASN E 140 55.74 -36.21 -89.22
C ASN E 140 55.28 -37.18 -88.15
N ARG E 141 55.95 -37.16 -86.98
CA ARG E 141 55.56 -38.07 -85.91
C ARG E 141 54.17 -37.73 -85.39
N ARG E 142 53.85 -36.44 -85.26
CA ARG E 142 52.52 -36.06 -84.80
C ARG E 142 51.46 -36.52 -85.78
N LEU E 143 51.66 -36.24 -87.08
CA LEU E 143 50.70 -36.65 -88.09
C LEU E 143 50.49 -38.16 -88.07
N TRP E 144 51.59 -38.92 -88.11
CA TRP E 144 51.49 -40.37 -88.19
C TRP E 144 50.79 -40.94 -86.96
N ALA E 145 51.24 -40.53 -85.76
CA ALA E 145 50.68 -41.09 -84.54
C ALA E 145 49.19 -40.75 -84.40
N TRP E 146 48.83 -39.49 -84.63
CA TRP E 146 47.44 -39.09 -84.47
C TRP E 146 46.56 -39.75 -85.52
N GLU E 147 47.02 -39.82 -86.77
CA GLU E 147 46.24 -40.46 -87.83
C GLU E 147 46.02 -41.93 -87.50
N GLY E 148 47.07 -42.64 -87.09
CA GLY E 148 46.92 -44.05 -86.76
C GLY E 148 45.98 -44.28 -85.59
N TRP E 149 46.14 -43.49 -84.53
CA TRP E 149 45.31 -43.67 -83.35
C TRP E 149 43.85 -43.40 -83.66
N ARG E 150 43.56 -42.28 -84.33
CA ARG E 150 42.17 -41.97 -84.66
C ARG E 150 41.59 -42.97 -85.64
N ALA E 151 42.42 -43.47 -86.57
CA ALA E 151 41.94 -44.46 -87.52
C ALA E 151 41.55 -45.76 -86.82
N GLU E 152 42.41 -46.27 -85.94
CA GLU E 152 42.07 -47.51 -85.25
C GLU E 152 40.89 -47.32 -84.32
N VAL E 153 40.82 -46.19 -83.63
CA VAL E 153 39.69 -45.91 -82.74
C VAL E 153 38.39 -45.90 -83.54
N GLY E 154 38.38 -45.18 -84.67
CA GLY E 154 37.18 -45.13 -85.49
C GLY E 154 36.80 -46.48 -86.06
N LYS E 155 37.79 -47.25 -86.53
CA LYS E 155 37.51 -48.56 -87.09
C LYS E 155 36.90 -49.49 -86.05
N GLN E 156 37.39 -49.43 -84.81
CA GLN E 156 36.84 -50.29 -83.78
C GLN E 156 35.57 -49.72 -83.13
N LEU E 157 35.24 -48.45 -83.37
CA LEU E 157 34.12 -47.82 -82.67
C LEU E 157 32.90 -47.55 -83.53
N ARG E 158 33.05 -47.39 -84.86
CA ARG E 158 31.97 -46.93 -85.73
C ARG E 158 30.68 -47.72 -85.56
N PRO E 159 30.66 -49.04 -85.80
CA PRO E 159 29.37 -49.75 -85.66
C PRO E 159 28.89 -49.81 -84.23
N LEU E 160 29.80 -49.93 -83.26
CA LEU E 160 29.42 -49.88 -81.86
C LEU E 160 28.85 -48.52 -81.49
N TYR E 161 29.45 -47.44 -82.02
CA TYR E 161 28.91 -46.11 -81.78
C TYR E 161 27.52 -45.96 -82.37
N GLU E 162 27.30 -46.50 -83.58
CA GLU E 162 25.97 -46.43 -84.18
C GLU E 162 24.96 -47.20 -83.34
N GLU E 163 25.31 -48.40 -82.90
CA GLU E 163 24.40 -49.17 -82.06
C GLU E 163 24.10 -48.43 -80.76
N TYR E 164 25.13 -47.80 -80.18
CA TYR E 164 24.95 -47.01 -78.97
C TYR E 164 23.96 -45.87 -79.21
N VAL E 165 24.08 -45.19 -80.34
CA VAL E 165 23.21 -44.03 -80.58
C VAL E 165 21.77 -44.49 -80.82
N VAL E 166 21.58 -45.61 -81.52
CA VAL E 166 20.21 -46.10 -81.73
C VAL E 166 19.59 -46.53 -80.41
N LEU E 167 20.33 -47.27 -79.58
CA LEU E 167 19.78 -47.67 -78.29
C LEU E 167 19.51 -46.47 -77.39
N GLU E 168 20.39 -45.47 -77.46
CA GLU E 168 20.22 -44.27 -76.65
C GLU E 168 18.97 -43.50 -77.04
N ASN E 169 18.74 -43.32 -78.34
CA ASN E 169 17.53 -42.61 -78.75
C ASN E 169 16.28 -43.44 -78.48
N GLU E 170 16.38 -44.77 -78.59
CA GLU E 170 15.25 -45.62 -78.26
C GLU E 170 14.87 -45.47 -76.79
N MET E 171 15.85 -45.49 -75.90
CA MET E 171 15.53 -45.36 -74.48
C MET E 171 15.11 -43.92 -74.12
N ALA E 172 15.62 -42.93 -74.86
CA ALA E 172 15.15 -41.56 -74.66
C ALA E 172 13.69 -41.43 -75.04
N ARG E 173 13.28 -42.03 -76.15
CA ARG E 173 11.87 -42.05 -76.52
C ARG E 173 11.05 -42.81 -75.49
N ALA E 174 11.59 -43.93 -74.98
CA ALA E 174 10.89 -44.68 -73.96
C ALA E 174 10.73 -43.89 -72.66
N ASN E 175 11.64 -42.95 -72.40
CA ASN E 175 11.61 -42.14 -71.18
C ASN E 175 10.88 -40.83 -71.37
N ASN E 176 9.91 -40.78 -72.29
CA ASN E 176 9.09 -39.59 -72.54
C ASN E 176 9.97 -38.38 -72.90
N TYR E 177 11.00 -38.62 -73.70
CA TYR E 177 11.86 -37.56 -74.21
C TYR E 177 11.95 -37.69 -75.72
N GLU E 178 11.95 -36.56 -76.41
CA GLU E 178 12.03 -36.58 -77.87
C GLU E 178 13.35 -37.20 -78.35
N ASP E 179 14.46 -36.82 -77.71
CA ASP E 179 15.76 -37.32 -78.09
C ASP E 179 16.70 -37.26 -76.90
N TYR E 180 17.89 -37.84 -77.07
CA TYR E 180 18.88 -37.85 -76.00
C TYR E 180 19.40 -36.43 -75.71
N GLY E 181 19.43 -35.56 -76.72
CA GLY E 181 19.76 -34.18 -76.46
C GLY E 181 18.79 -33.51 -75.51
N ASP E 182 17.49 -33.72 -75.73
CA ASP E 182 16.48 -33.22 -74.81
C ASP E 182 16.58 -33.90 -73.45
N TYR E 183 16.95 -35.19 -73.44
CA TYR E 183 17.18 -35.89 -72.18
C TYR E 183 18.26 -35.19 -71.35
N TRP E 184 19.42 -34.93 -71.95
CA TRP E 184 20.50 -34.28 -71.22
C TRP E 184 20.19 -32.82 -70.93
N ARG E 185 19.33 -32.19 -71.74
CA ARG E 185 18.89 -30.83 -71.44
C ARG E 185 17.92 -30.79 -70.27
N GLY E 186 17.19 -31.88 -70.04
CA GLY E 186 16.15 -31.91 -69.02
C GLY E 186 16.66 -31.74 -67.60
N ASP E 187 17.97 -31.82 -67.38
CA ASP E 187 18.51 -31.60 -66.05
C ASP E 187 18.22 -30.18 -65.56
N TYR E 188 18.35 -29.20 -66.45
CA TYR E 188 18.13 -27.79 -66.12
C TYR E 188 16.68 -27.37 -66.28
N GLU E 189 15.80 -28.26 -66.74
CA GLU E 189 14.40 -27.92 -66.96
C GLU E 189 13.71 -27.74 -65.61
N VAL E 190 13.13 -26.56 -65.40
CA VAL E 190 12.46 -26.21 -64.15
C VAL E 190 11.00 -25.90 -64.46
N THR E 191 10.09 -26.53 -63.72
CA THR E 191 8.66 -26.34 -63.90
C THR E 191 8.04 -25.88 -62.58
N GLY E 192 6.89 -25.21 -62.69
CA GLY E 192 6.16 -24.78 -61.52
C GLY E 192 6.68 -23.54 -60.84
N ALA E 193 7.64 -22.84 -61.43
CA ALA E 193 8.21 -21.63 -60.86
C ALA E 193 7.67 -20.43 -61.61
N GLY E 194 7.05 -19.51 -60.88
CA GLY E 194 6.50 -18.31 -61.48
C GLY E 194 7.53 -17.42 -62.13
N ASP E 195 7.38 -17.16 -63.42
CA ASP E 195 8.26 -16.32 -64.22
C ASP E 195 9.69 -16.84 -64.28
N TYR E 196 9.93 -18.07 -63.82
CA TYR E 196 11.27 -18.65 -63.83
C TYR E 196 11.35 -19.92 -64.68
N ASP E 197 10.33 -20.19 -65.50
CA ASP E 197 10.30 -21.40 -66.29
C ASP E 197 11.26 -21.30 -67.47
N TYR E 198 12.09 -22.32 -67.64
CA TYR E 198 13.05 -22.39 -68.73
C TYR E 198 12.83 -23.68 -69.51
N SER E 199 12.63 -23.55 -70.82
CA SER E 199 12.34 -24.69 -71.68
C SER E 199 13.63 -25.32 -72.18
N ARG E 200 13.53 -26.22 -73.16
CA ARG E 200 14.71 -26.83 -73.74
C ARG E 200 15.31 -25.98 -74.86
N ASP E 201 14.47 -25.25 -75.61
CA ASP E 201 14.94 -24.44 -76.73
C ASP E 201 15.50 -23.09 -76.30
N GLN E 202 15.28 -22.68 -75.05
CA GLN E 202 15.90 -21.45 -74.58
C GLN E 202 17.41 -21.58 -74.52
N LEU E 203 17.92 -22.77 -74.20
CA LEU E 203 19.36 -23.01 -74.26
C LEU E 203 19.88 -22.85 -75.67
N MET E 204 19.15 -23.39 -76.66
CA MET E 204 19.59 -23.26 -78.05
C MET E 204 19.56 -21.79 -78.48
N LYS E 205 18.54 -21.04 -78.06
CA LYS E 205 18.50 -19.61 -78.38
C LYS E 205 19.68 -18.87 -77.73
N ASP E 206 19.98 -19.18 -76.48
CA ASP E 206 21.09 -18.52 -75.79
C ASP E 206 22.42 -18.84 -76.45
N VAL E 207 22.64 -20.10 -76.82
CA VAL E 207 23.91 -20.47 -77.43
C VAL E 207 24.02 -19.88 -78.84
N GLU E 208 22.89 -19.77 -79.56
CA GLU E 208 22.94 -19.09 -80.86
C GLU E 208 23.27 -17.62 -80.70
N ARG E 209 22.72 -16.98 -79.66
CA ARG E 209 23.06 -15.59 -79.37
C ARG E 209 24.55 -15.46 -79.05
N THR E 210 25.10 -16.40 -78.29
CA THR E 210 26.52 -16.37 -78.00
C THR E 210 27.34 -16.55 -79.28
N PHE E 211 26.92 -17.46 -80.15
CA PHE E 211 27.57 -17.60 -81.46
C PHE E 211 27.60 -16.27 -82.19
N ALA E 212 26.44 -15.62 -82.30
CA ALA E 212 26.35 -14.37 -83.06
C ALA E 212 27.22 -13.29 -82.43
N GLU E 213 27.24 -13.21 -81.11
CA GLU E 213 28.00 -12.16 -80.43
C GLU E 213 29.51 -12.39 -80.50
N ILE E 214 29.95 -13.65 -80.43
CA ILE E 214 31.35 -13.95 -80.20
C ILE E 214 32.05 -14.54 -81.42
N LYS E 215 31.36 -14.70 -82.53
CA LYS E 215 32.02 -15.19 -83.74
C LYS E 215 33.19 -14.31 -84.18
N PRO E 216 33.10 -12.98 -84.23
CA PRO E 216 34.29 -12.19 -84.60
C PRO E 216 35.47 -12.39 -83.67
N LEU E 217 35.22 -12.54 -82.36
CA LEU E 217 36.32 -12.64 -81.42
C LEU E 217 37.10 -13.94 -81.59
N TYR E 218 36.40 -15.08 -81.68
CA TYR E 218 37.10 -16.33 -81.94
C TYR E 218 37.68 -16.37 -83.35
N GLU E 219 37.03 -15.70 -84.32
CA GLU E 219 37.59 -15.64 -85.66
C GLU E 219 38.93 -14.93 -85.65
N GLN E 220 39.01 -13.77 -84.98
CA GLN E 220 40.28 -13.05 -84.93
C GLN E 220 41.30 -13.79 -84.07
N LEU E 221 40.87 -14.47 -83.01
CA LEU E 221 41.82 -15.26 -82.21
C LEU E 221 42.41 -16.40 -83.04
N HIS E 222 41.58 -17.08 -83.84
CA HIS E 222 42.08 -18.12 -84.71
C HIS E 222 43.00 -17.55 -85.78
N ALA E 223 42.68 -16.36 -86.29
CA ALA E 223 43.57 -15.70 -87.23
C ALA E 223 44.93 -15.42 -86.59
N TYR E 224 44.93 -14.94 -85.34
CA TYR E 224 46.19 -14.67 -84.66
C TYR E 224 46.99 -15.95 -84.44
N VAL E 225 46.32 -17.02 -84.03
CA VAL E 225 47.04 -18.26 -83.74
C VAL E 225 47.59 -18.87 -85.03
N ARG E 226 46.83 -18.79 -86.13
CA ARG E 226 47.34 -19.30 -87.39
C ARG E 226 48.47 -18.42 -87.93
N ALA E 227 48.42 -17.11 -87.69
CA ALA E 227 49.52 -16.24 -88.09
C ALA E 227 50.79 -16.55 -87.31
N LYS E 228 50.65 -16.79 -86.00
CA LYS E 228 51.82 -17.15 -85.20
C LYS E 228 52.39 -18.50 -85.65
N LEU E 229 51.52 -19.47 -85.92
CA LEU E 229 52.00 -20.77 -86.36
C LEU E 229 52.66 -20.70 -87.73
N MET E 230 52.14 -19.86 -88.63
CA MET E 230 52.77 -19.70 -89.93
C MET E 230 54.07 -18.92 -89.83
N HIS E 231 54.18 -18.00 -88.86
CA HIS E 231 55.46 -17.33 -88.64
C HIS E 231 56.50 -18.30 -88.12
N THR E 232 56.10 -19.23 -87.23
CA THR E 232 57.03 -20.27 -86.80
C THR E 232 57.39 -21.19 -87.95
N TYR E 233 56.42 -21.61 -88.75
CA TYR E 233 56.64 -22.50 -89.89
C TYR E 233 55.79 -22.03 -91.06
N PRO E 234 56.38 -21.33 -92.04
CA PRO E 234 55.59 -20.81 -93.16
C PRO E 234 55.29 -21.85 -94.23
N SER E 235 56.23 -22.78 -94.47
CA SER E 235 56.08 -23.72 -95.56
C SER E 235 54.96 -24.72 -95.36
N TYR E 236 54.59 -25.01 -94.11
CA TYR E 236 53.61 -26.04 -93.81
C TYR E 236 52.23 -25.48 -93.47
N ILE E 237 52.10 -24.18 -93.24
CA ILE E 237 50.83 -23.58 -92.86
C ILE E 237 50.54 -22.44 -93.84
N SER E 238 49.36 -22.47 -94.45
CA SER E 238 48.93 -21.42 -95.36
C SER E 238 48.29 -20.26 -94.59
N PRO E 239 48.51 -19.02 -95.03
CA PRO E 239 47.92 -17.88 -94.31
C PRO E 239 46.42 -17.78 -94.48
N THR E 240 45.92 -17.91 -95.71
CA THR E 240 44.48 -17.85 -95.94
C THR E 240 43.79 -19.15 -95.56
N GLY E 241 44.48 -20.29 -95.70
CA GLY E 241 43.89 -21.57 -95.38
C GLY E 241 43.77 -21.80 -93.89
N CYS E 242 43.03 -22.86 -93.55
CA CYS E 242 42.76 -23.19 -92.16
C CYS E 242 43.94 -23.94 -91.53
N LEU E 243 43.95 -23.96 -90.21
CA LEU E 243 45.03 -24.61 -89.49
C LEU E 243 44.90 -26.14 -89.60
N PRO E 244 46.01 -26.85 -89.73
CA PRO E 244 45.95 -28.32 -89.69
C PRO E 244 45.41 -28.83 -88.36
N ALA E 245 44.72 -29.97 -88.43
CA ALA E 245 44.06 -30.52 -87.25
C ALA E 245 45.03 -31.00 -86.19
N HIS E 246 46.30 -31.24 -86.54
CA HIS E 246 47.29 -31.72 -85.59
C HIS E 246 48.22 -30.61 -85.11
N LEU E 247 47.87 -29.35 -85.36
CA LEU E 247 48.64 -28.21 -84.86
C LEU E 247 47.75 -27.28 -84.07
N LEU E 248 46.85 -27.84 -83.26
CA LEU E 248 45.95 -27.04 -82.43
C LEU E 248 46.53 -26.70 -81.06
N GLY E 249 47.09 -27.66 -80.34
CA GLY E 249 47.67 -27.34 -79.04
C GLY E 249 47.53 -28.40 -77.97
N ASP E 250 46.61 -29.34 -78.14
CA ASP E 250 46.60 -30.54 -77.31
C ASP E 250 46.21 -31.72 -78.18
N MET E 251 45.95 -32.87 -77.54
CA MET E 251 45.75 -34.11 -78.28
C MET E 251 44.53 -34.04 -79.19
N TRP E 252 43.44 -33.45 -78.70
CA TRP E 252 42.17 -33.43 -79.43
C TRP E 252 41.73 -32.03 -79.82
N GLY E 253 42.56 -31.01 -79.59
CA GLY E 253 42.22 -29.66 -79.96
C GLY E 253 41.34 -28.91 -78.97
N ARG E 254 40.91 -29.56 -77.89
CA ARG E 254 40.05 -28.90 -76.92
C ARG E 254 40.80 -27.82 -76.15
N PHE E 255 42.09 -28.05 -75.88
CA PHE E 255 42.90 -27.13 -75.12
C PHE E 255 43.94 -26.46 -76.02
N TRP E 256 44.21 -25.20 -75.72
CA TRP E 256 45.23 -24.39 -76.39
C TRP E 256 46.31 -23.92 -75.41
N THR E 257 46.60 -24.75 -74.39
CA THR E 257 47.53 -24.33 -73.36
C THR E 257 48.99 -24.48 -73.80
N ASN E 258 49.29 -25.46 -74.66
CA ASN E 258 50.69 -25.76 -74.97
C ASN E 258 51.35 -24.70 -75.83
N LEU E 259 50.58 -23.91 -76.59
CA LEU E 259 51.17 -22.93 -77.49
C LEU E 259 51.85 -21.75 -76.78
N TYR E 260 52.05 -21.77 -75.46
CA TYR E 260 52.72 -20.64 -74.80
C TYR E 260 54.13 -20.44 -75.36
N SER E 261 54.79 -21.53 -75.74
CA SER E 261 56.13 -21.45 -76.31
C SER E 261 56.15 -20.84 -77.71
N LEU E 262 55.00 -20.70 -78.36
CA LEU E 262 54.95 -20.17 -79.71
C LEU E 262 54.01 -18.99 -79.89
N THR E 263 52.96 -18.86 -79.09
CA THR E 263 51.99 -17.79 -79.24
C THR E 263 52.29 -16.59 -78.36
N VAL E 264 53.39 -16.60 -77.62
CA VAL E 264 53.82 -15.46 -76.82
C VAL E 264 54.77 -14.63 -77.67
N PRO E 265 54.38 -13.43 -78.10
CA PRO E 265 55.26 -12.65 -78.98
C PRO E 265 56.56 -12.22 -78.32
N PHE E 266 56.55 -11.96 -77.01
CA PHE E 266 57.68 -11.38 -76.31
C PHE E 266 58.14 -12.34 -75.22
N GLU E 267 59.30 -12.97 -75.42
CA GLU E 267 59.84 -13.92 -74.48
C GLU E 267 60.98 -13.36 -73.64
N HIS E 268 61.30 -12.07 -73.80
CA HIS E 268 62.42 -11.49 -73.05
C HIS E 268 62.11 -11.41 -71.55
N LYS E 269 60.94 -10.88 -71.21
CA LYS E 269 60.58 -10.77 -69.80
C LYS E 269 59.96 -12.08 -69.32
N PRO E 270 60.12 -12.42 -68.04
CA PRO E 270 59.54 -13.66 -67.52
C PRO E 270 58.13 -13.48 -67.02
N SER E 271 57.45 -14.62 -66.83
CA SER E 271 56.08 -14.64 -66.34
C SER E 271 56.09 -14.60 -64.82
N ILE E 272 54.93 -14.85 -64.21
CA ILE E 272 54.80 -14.84 -62.76
C ILE E 272 55.31 -16.17 -62.21
N ASP E 273 56.26 -16.10 -61.28
CA ASP E 273 56.82 -17.29 -60.67
C ASP E 273 56.93 -17.08 -59.16
N VAL E 274 56.51 -18.10 -58.40
CA VAL E 274 56.53 -18.05 -56.94
C VAL E 274 57.18 -19.31 -56.41
N THR E 275 57.46 -20.27 -57.30
CA THR E 275 58.07 -21.53 -56.88
C THR E 275 59.44 -21.30 -56.27
N GLU E 276 60.22 -20.38 -56.83
CA GLU E 276 61.53 -20.08 -56.27
C GLU E 276 61.41 -19.51 -54.86
N LYS E 277 60.43 -18.62 -54.63
CA LYS E 277 60.26 -18.07 -53.29
C LYS E 277 59.78 -19.11 -52.30
N MET E 278 58.89 -20.02 -52.73
CA MET E 278 58.47 -21.10 -51.84
C MET E 278 59.64 -22.01 -51.49
N GLU E 279 60.50 -22.31 -52.46
CA GLU E 279 61.67 -23.13 -52.18
C GLU E 279 62.65 -22.41 -51.26
N ASN E 280 62.80 -21.09 -51.44
CA ASN E 280 63.67 -20.31 -50.57
C ASN E 280 63.17 -20.32 -49.13
N GLN E 281 61.87 -20.13 -48.93
CA GLN E 281 61.29 -20.10 -47.60
C GLN E 281 61.00 -21.49 -47.05
N SER E 282 61.20 -22.54 -47.85
CA SER E 282 61.06 -23.92 -47.43
C SER E 282 59.63 -24.20 -46.93
N TRP E 283 58.66 -23.96 -47.82
CA TRP E 283 57.28 -24.30 -47.53
C TRP E 283 57.02 -25.77 -47.86
N ASP E 284 55.94 -26.29 -47.31
CA ASP E 284 55.57 -27.69 -47.50
C ASP E 284 54.08 -27.77 -47.83
N ALA E 285 53.59 -29.02 -48.01
CA ALA E 285 52.20 -29.23 -48.34
C ALA E 285 51.30 -28.64 -47.27
N GLU E 286 51.53 -28.98 -46.00
CA GLU E 286 50.65 -28.49 -44.94
C GLU E 286 50.65 -26.97 -44.88
N ARG E 287 51.81 -26.35 -45.12
CA ARG E 287 51.86 -24.90 -45.22
C ARG E 287 50.98 -24.40 -46.37
N ILE E 288 50.95 -25.14 -47.48
CA ILE E 288 50.14 -24.70 -48.62
C ILE E 288 48.66 -24.79 -48.29
N PHE E 289 48.21 -25.90 -47.68
CA PHE E 289 46.81 -25.94 -47.26
C PHE E 289 46.49 -24.85 -46.23
N LYS E 290 47.40 -24.59 -45.30
CA LYS E 290 47.12 -23.56 -44.29
C LYS E 290 47.01 -22.19 -44.93
N GLU E 291 47.85 -21.89 -45.92
CA GLU E 291 47.73 -20.64 -46.66
C GLU E 291 46.40 -20.57 -47.39
N ALA E 292 45.96 -21.69 -47.98
CA ALA E 292 44.66 -21.72 -48.63
C ALA E 292 43.53 -21.45 -47.65
N GLU E 293 43.62 -22.03 -46.45
CA GLU E 293 42.61 -21.80 -45.43
C GLU E 293 42.58 -20.33 -45.00
N LYS E 294 43.75 -19.71 -44.86
CA LYS E 294 43.79 -18.29 -44.54
C LYS E 294 43.15 -17.46 -45.65
N PHE E 295 43.46 -17.80 -46.91
CA PHE E 295 42.80 -17.15 -48.04
C PHE E 295 41.30 -17.25 -47.92
N PHE E 296 40.78 -18.45 -47.62
CA PHE E 296 39.33 -18.63 -47.65
C PHE E 296 38.65 -18.02 -46.41
N VAL E 297 39.34 -17.94 -45.28
CA VAL E 297 38.77 -17.25 -44.13
C VAL E 297 38.91 -15.74 -44.25
N SER E 298 39.73 -15.25 -45.18
CA SER E 298 39.76 -13.82 -45.47
C SER E 298 38.43 -13.31 -46.02
N ILE E 299 37.61 -14.19 -46.59
CA ILE E 299 36.29 -13.83 -47.09
C ILE E 299 35.18 -14.32 -46.17
N SER E 300 35.51 -14.59 -44.90
CA SER E 300 34.57 -15.02 -43.87
C SER E 300 33.95 -16.39 -44.15
N LEU E 301 34.58 -17.20 -45.00
CA LEU E 301 34.12 -18.56 -45.21
C LEU E 301 34.51 -19.42 -44.01
N PRO E 302 33.69 -20.42 -43.66
CA PRO E 302 33.99 -21.24 -42.48
C PRO E 302 35.27 -22.05 -42.66
N TYR E 303 35.94 -22.28 -41.54
CA TYR E 303 37.17 -23.07 -41.52
C TYR E 303 36.86 -24.55 -41.62
N MET E 304 37.81 -25.30 -42.16
CA MET E 304 37.69 -26.75 -42.23
C MET E 304 37.83 -27.37 -40.84
N THR E 305 37.04 -28.40 -40.57
CA THR E 305 37.04 -29.02 -39.26
C THR E 305 38.34 -29.79 -39.03
N GLN E 306 38.51 -30.28 -37.80
CA GLN E 306 39.69 -31.04 -37.45
C GLN E 306 39.79 -32.32 -38.25
N GLY E 307 38.66 -32.99 -38.49
CA GLY E 307 38.68 -34.28 -39.18
C GLY E 307 39.29 -34.21 -40.56
N PHE E 308 39.08 -33.09 -41.26
CA PHE E 308 39.73 -32.90 -42.55
C PHE E 308 41.24 -33.01 -42.43
N TRP E 309 41.82 -32.32 -41.44
CA TRP E 309 43.25 -32.39 -41.24
C TRP E 309 43.70 -33.77 -40.79
N ASP E 310 42.96 -34.42 -39.89
CA ASP E 310 43.43 -35.70 -39.39
C ASP E 310 43.38 -36.80 -40.46
N ASN E 311 42.33 -36.80 -41.30
CA ASN E 311 42.11 -37.91 -42.21
C ASN E 311 42.43 -37.61 -43.67
N SER E 312 42.73 -36.37 -44.02
CA SER E 312 43.00 -36.01 -45.41
C SER E 312 44.46 -36.28 -45.73
N MET E 313 44.71 -37.22 -46.63
CA MET E 313 46.07 -37.51 -47.07
C MET E 313 46.63 -36.33 -47.86
N LEU E 314 47.76 -35.80 -47.41
CA LEU E 314 48.34 -34.61 -47.99
C LEU E 314 49.62 -34.86 -48.76
N THR E 315 50.42 -35.84 -48.37
CA THR E 315 51.67 -36.15 -49.04
C THR E 315 51.73 -37.65 -49.32
N GLU E 316 52.20 -38.00 -50.52
CA GLU E 316 52.30 -39.40 -50.90
C GLU E 316 53.23 -40.14 -49.94
N PRO E 317 52.85 -41.33 -49.46
CA PRO E 317 53.66 -42.08 -48.49
C PRO E 317 54.75 -42.92 -49.14
N GLY E 318 55.52 -42.29 -50.03
CA GLY E 318 56.58 -43.01 -50.73
C GLY E 318 56.01 -43.93 -51.80
N ASP E 319 56.89 -44.80 -52.29
CA ASP E 319 56.55 -45.75 -53.33
C ASP E 319 56.07 -47.09 -52.77
N GLY E 320 56.03 -47.25 -51.45
CA GLY E 320 55.57 -48.52 -50.88
C GLY E 320 54.11 -48.80 -51.19
N ARG E 321 53.25 -47.80 -51.01
CA ARG E 321 51.83 -47.92 -51.31
C ARG E 321 51.47 -46.95 -52.42
N LYS E 322 50.92 -47.46 -53.51
CA LYS E 322 50.53 -46.60 -54.62
C LYS E 322 49.31 -45.77 -54.26
N VAL E 323 49.37 -44.48 -54.58
CA VAL E 323 48.27 -43.56 -54.33
C VAL E 323 48.00 -42.79 -55.62
N VAL E 324 46.79 -42.90 -56.14
CA VAL E 324 46.37 -42.10 -57.28
C VAL E 324 46.12 -40.68 -56.81
N CYS E 325 46.48 -39.70 -57.64
CA CYS E 325 46.42 -38.30 -57.25
C CYS E 325 45.84 -37.43 -58.36
N HIS E 326 44.89 -37.98 -59.11
CA HIS E 326 44.19 -37.18 -60.11
C HIS E 326 43.33 -36.13 -59.42
N PRO E 327 43.33 -34.88 -59.90
CA PRO E 327 42.47 -33.85 -59.28
C PRO E 327 41.00 -34.20 -59.35
N THR E 328 40.38 -34.44 -58.19
CA THR E 328 38.98 -34.79 -58.13
C THR E 328 38.43 -34.39 -56.76
N ALA E 329 37.10 -34.30 -56.70
CA ALA E 329 36.43 -33.94 -55.46
C ALA E 329 35.10 -34.68 -55.40
N TRP E 330 35.00 -35.63 -54.47
CA TRP E 330 33.77 -36.40 -54.29
C TRP E 330 32.78 -35.59 -53.46
N ASP E 331 31.73 -36.24 -52.97
CA ASP E 331 30.73 -35.61 -52.13
C ASP E 331 30.40 -36.55 -50.98
N LEU E 332 30.97 -36.29 -49.81
CA LEU E 332 30.68 -37.11 -48.62
C LEU E 332 29.56 -36.49 -47.79
N GLY E 333 29.78 -35.29 -47.27
CA GLY E 333 28.79 -34.63 -46.44
C GLY E 333 29.12 -34.73 -44.96
N LYS E 334 28.13 -34.30 -44.16
CA LYS E 334 28.19 -34.21 -42.70
C LYS E 334 29.52 -33.66 -42.19
N GLY E 335 30.11 -32.72 -42.93
CA GLY E 335 31.29 -32.04 -42.49
C GLY E 335 32.59 -32.79 -42.64
N ASP E 336 32.56 -34.00 -43.18
CA ASP E 336 33.76 -34.81 -43.35
C ASP E 336 34.16 -34.85 -44.81
N PHE E 337 35.44 -34.61 -45.09
CA PHE E 337 35.94 -34.60 -46.45
C PHE E 337 37.43 -34.93 -46.44
N ARG E 338 37.90 -35.48 -47.55
CA ARG E 338 39.33 -35.74 -47.75
C ARG E 338 39.69 -35.44 -49.19
N ILE E 339 40.93 -35.01 -49.41
CA ILE E 339 41.46 -34.79 -50.74
C ILE E 339 42.81 -35.48 -50.83
N LYS E 340 42.94 -36.43 -51.75
CA LYS E 340 44.22 -37.04 -52.07
C LYS E 340 44.74 -36.39 -53.34
N MET E 341 45.93 -35.78 -53.25
CA MET E 341 46.46 -35.04 -54.40
C MET E 341 47.98 -35.03 -54.31
N CYS E 342 48.62 -35.10 -55.48
CA CYS E 342 50.09 -35.14 -55.58
C CYS E 342 50.63 -33.76 -55.27
N THR E 343 50.65 -33.43 -53.98
CA THR E 343 51.02 -32.08 -53.53
C THR E 343 52.52 -31.88 -53.70
N LYS E 344 52.89 -30.96 -54.59
CA LYS E 344 54.28 -30.59 -54.83
C LYS E 344 54.38 -29.07 -54.91
N VAL E 345 55.62 -28.58 -55.00
CA VAL E 345 55.86 -27.14 -55.11
C VAL E 345 55.86 -26.83 -56.60
N THR E 346 54.66 -26.61 -57.15
CA THR E 346 54.49 -26.33 -58.56
C THR E 346 53.43 -25.23 -58.71
N MET E 347 53.50 -24.53 -59.85
CA MET E 347 52.59 -23.42 -60.11
C MET E 347 51.16 -23.89 -60.28
N ASP E 348 50.95 -25.02 -60.99
CA ASP E 348 49.60 -25.56 -61.17
C ASP E 348 49.02 -26.09 -59.87
N ASP E 349 49.88 -26.46 -58.91
CA ASP E 349 49.39 -27.00 -57.64
C ASP E 349 48.57 -25.96 -56.89
N PHE E 350 48.99 -24.69 -56.92
CA PHE E 350 48.24 -23.63 -56.27
C PHE E 350 46.82 -23.55 -56.81
N LEU E 351 46.69 -23.46 -58.14
CA LEU E 351 45.38 -23.32 -58.74
C LEU E 351 44.50 -24.55 -58.51
N THR E 352 45.08 -25.74 -58.66
CA THR E 352 44.27 -26.94 -58.48
C THR E 352 43.87 -27.13 -57.02
N ALA E 353 44.73 -26.76 -56.07
CA ALA E 353 44.36 -26.83 -54.66
C ALA E 353 43.25 -25.84 -54.34
N HIS E 354 43.34 -24.62 -54.88
CA HIS E 354 42.25 -23.66 -54.69
C HIS E 354 40.95 -24.19 -55.28
N HIS E 355 41.03 -24.85 -56.42
CA HIS E 355 39.84 -25.47 -57.01
C HIS E 355 39.26 -26.54 -56.10
N MET E 357 39.57 -26.88 -52.79
CA MET E 357 38.93 -26.31 -51.60
C MET E 357 37.69 -25.49 -51.96
N GLY E 358 37.61 -24.96 -53.18
CA GLY E 358 36.35 -24.39 -53.63
C GLY E 358 35.26 -25.45 -53.72
N HIS E 359 35.61 -26.62 -54.24
CA HIS E 359 34.67 -27.75 -54.26
C HIS E 359 34.25 -28.11 -52.85
N ILE E 360 35.21 -28.15 -51.91
CA ILE E 360 34.90 -28.52 -50.54
C ILE E 360 33.96 -27.49 -49.91
N GLN E 361 34.18 -26.20 -50.18
CA GLN E 361 33.31 -25.18 -49.61
C GLN E 361 31.91 -25.27 -50.18
N TYR E 362 31.78 -25.49 -51.49
CA TYR E 362 30.45 -25.65 -52.05
C TYR E 362 29.78 -26.91 -51.51
N ASP E 363 30.56 -27.95 -51.21
CA ASP E 363 29.97 -29.16 -50.65
C ASP E 363 29.43 -28.92 -49.25
N MET E 364 30.19 -28.23 -48.39
CA MET E 364 29.67 -27.88 -47.08
C MET E 364 28.57 -26.83 -47.13
N ALA E 365 28.40 -26.15 -48.26
CA ALA E 365 27.35 -25.14 -48.37
C ALA E 365 25.97 -25.72 -48.11
N TYR E 366 25.66 -26.88 -48.70
CA TYR E 366 24.37 -27.53 -48.55
C TYR E 366 24.45 -28.80 -47.72
N ALA E 367 25.23 -28.77 -46.63
CA ALA E 367 25.35 -29.93 -45.77
C ALA E 367 24.02 -30.27 -45.11
N ALA E 368 23.27 -29.25 -44.69
CA ALA E 368 22.00 -29.48 -43.99
C ALA E 368 20.92 -30.01 -44.90
N GLN E 369 21.04 -29.82 -46.21
CA GLN E 369 20.01 -30.26 -47.14
C GLN E 369 20.05 -31.78 -47.28
N PRO E 370 18.91 -32.40 -47.65
CA PRO E 370 18.89 -33.85 -47.90
C PRO E 370 19.74 -34.26 -49.10
N TYR E 371 19.76 -35.54 -49.42
CA TYR E 371 20.56 -36.03 -50.54
C TYR E 371 20.14 -35.42 -51.87
N LEU E 372 18.85 -35.47 -52.20
CA LEU E 372 18.46 -35.08 -53.55
C LEU E 372 18.73 -33.60 -53.81
N LEU E 373 18.86 -32.79 -52.76
CA LEU E 373 19.32 -31.42 -52.89
C LEU E 373 20.80 -31.27 -52.57
N ARG E 374 21.50 -32.36 -52.24
CA ARG E 374 22.94 -32.32 -52.01
C ARG E 374 23.66 -32.43 -53.35
N ASN E 375 23.47 -31.37 -54.15
CA ASN E 375 24.04 -31.23 -55.48
C ASN E 375 23.65 -29.86 -56.02
N GLY E 376 24.43 -29.31 -56.93
CA GLY E 376 24.06 -28.07 -57.58
C GLY E 376 22.89 -28.26 -58.53
N ALA E 377 22.29 -27.14 -58.93
CA ALA E 377 21.16 -27.21 -59.86
C ALA E 377 21.59 -27.77 -61.21
N ASN E 378 22.86 -27.62 -61.57
CA ASN E 378 23.42 -28.22 -62.77
C ASN E 378 24.75 -28.87 -62.40
N GLU E 379 25.48 -29.33 -63.42
CA GLU E 379 26.70 -30.09 -63.20
C GLU E 379 27.96 -29.22 -63.32
N GLY E 380 27.82 -27.90 -63.34
CA GLY E 380 28.97 -27.03 -63.49
C GLY E 380 29.16 -26.05 -62.36
N PHE E 381 28.18 -25.95 -61.45
CA PHE E 381 28.29 -25.00 -60.35
C PHE E 381 29.46 -25.32 -59.44
N HIS E 382 29.67 -26.61 -59.13
CA HIS E 382 30.76 -26.98 -58.24
C HIS E 382 32.10 -26.55 -58.82
N GLU E 383 32.36 -26.89 -60.08
CA GLU E 383 33.63 -26.55 -60.70
C GLU E 383 33.80 -25.04 -60.85
N ALA E 384 32.71 -24.34 -61.20
CA ALA E 384 32.81 -22.89 -61.38
C ALA E 384 33.15 -22.20 -60.06
N VAL E 385 32.45 -22.56 -58.98
CA VAL E 385 32.73 -21.94 -57.69
C VAL E 385 34.05 -22.43 -57.10
N GLY E 386 34.54 -23.58 -57.55
CA GLY E 386 35.88 -23.98 -57.16
C GLY E 386 36.96 -23.18 -57.85
N GLU E 387 36.76 -22.87 -59.13
CA GLU E 387 37.80 -22.22 -59.92
C GLU E 387 37.76 -20.69 -59.83
N ILE E 388 36.66 -20.11 -59.34
CA ILE E 388 36.66 -18.65 -59.14
C ILE E 388 37.72 -18.25 -58.14
N MET E 389 37.87 -19.02 -57.06
CA MET E 389 38.87 -18.70 -56.05
C MET E 389 40.28 -18.93 -56.57
N SER E 390 40.46 -19.93 -57.43
CA SER E 390 41.76 -20.09 -58.09
C SER E 390 42.07 -18.90 -58.98
N LEU E 391 41.06 -18.38 -59.68
CA LEU E 391 41.26 -17.17 -60.49
C LEU E 391 41.65 -15.99 -59.63
N SER E 392 40.99 -15.83 -58.48
CA SER E 392 41.31 -14.71 -57.60
C SER E 392 42.70 -14.87 -56.99
N ALA E 393 43.13 -16.12 -56.75
CA ALA E 393 44.45 -16.36 -56.20
C ALA E 393 45.55 -16.16 -57.23
N ALA E 394 45.25 -16.38 -58.52
CA ALA E 394 46.26 -16.24 -59.56
C ALA E 394 46.77 -14.82 -59.70
N THR E 395 46.02 -13.83 -59.21
CA THR E 395 46.47 -12.45 -59.28
C THR E 395 47.68 -12.24 -58.36
N PRO E 396 48.62 -11.38 -58.77
CA PRO E 396 49.84 -11.20 -57.97
C PRO E 396 49.67 -10.29 -56.77
N HIS E 397 48.58 -9.51 -56.69
CA HIS E 397 48.40 -8.61 -55.54
C HIS E 397 48.24 -9.40 -54.24
N TYR E 398 47.43 -10.46 -54.26
CA TYR E 398 47.27 -11.30 -53.08
C TYR E 398 48.57 -11.98 -52.71
N LEU E 399 49.31 -12.45 -53.71
CA LEU E 399 50.61 -13.09 -53.47
C LEU E 399 51.57 -12.13 -52.80
N LYS E 400 51.62 -10.88 -53.28
CA LYS E 400 52.48 -9.87 -52.65
C LYS E 400 52.03 -9.55 -51.23
N ALA E 401 50.71 -9.41 -51.03
CA ALA E 401 50.20 -9.02 -49.73
C ALA E 401 50.45 -10.09 -48.68
N LEU E 402 50.21 -11.37 -49.02
CA LEU E 402 50.40 -12.44 -48.06
C LEU E 402 51.87 -12.72 -47.77
N GLY E 403 52.79 -12.17 -48.55
CA GLY E 403 54.21 -12.27 -48.29
C GLY E 403 54.97 -13.27 -49.15
N LEU E 404 54.27 -14.07 -49.95
CA LEU E 404 54.97 -15.02 -50.82
C LEU E 404 55.84 -14.30 -51.84
N LEU E 405 55.33 -13.21 -52.42
CA LEU E 405 56.08 -12.45 -53.40
C LEU E 405 56.76 -11.25 -52.74
N ALA E 406 57.90 -10.85 -53.30
CA ALA E 406 58.63 -9.71 -52.76
C ALA E 406 57.85 -8.43 -52.99
N PRO E 407 57.64 -7.61 -51.96
CA PRO E 407 56.92 -6.34 -52.16
C PRO E 407 57.62 -5.38 -53.10
N ASP E 408 58.93 -5.51 -53.28
CA ASP E 408 59.69 -4.66 -54.20
C ASP E 408 59.51 -5.23 -55.61
N PHE E 409 58.30 -5.04 -56.12
CA PHE E 409 57.94 -5.50 -57.46
C PHE E 409 56.66 -4.79 -57.89
N HIS E 410 56.56 -4.53 -59.19
CA HIS E 410 55.42 -3.84 -59.76
C HIS E 410 54.93 -4.57 -61.00
N GLU E 411 53.66 -4.42 -61.30
CA GLU E 411 53.05 -5.07 -62.45
C GLU E 411 53.57 -4.42 -63.72
N ASP E 412 54.50 -5.10 -64.40
CA ASP E 412 55.07 -4.58 -65.63
C ASP E 412 54.10 -4.75 -66.80
N ASN E 413 54.49 -4.25 -67.96
CA ASN E 413 53.63 -4.31 -69.14
C ASN E 413 53.64 -5.69 -69.77
N GLU E 414 54.82 -6.18 -70.16
CA GLU E 414 54.91 -7.44 -70.88
C GLU E 414 54.55 -8.63 -70.00
N THR E 415 54.91 -8.60 -68.72
CA THR E 415 54.54 -9.69 -67.82
C THR E 415 53.02 -9.79 -67.67
N GLU E 416 52.36 -8.64 -67.51
CA GLU E 416 50.90 -8.64 -67.43
C GLU E 416 50.27 -9.11 -68.74
N ILE E 417 50.86 -8.70 -69.87
CA ILE E 417 50.37 -9.13 -71.16
C ILE E 417 50.48 -10.65 -71.30
N ASN E 418 51.62 -11.21 -70.88
CA ASN E 418 51.81 -12.66 -70.94
C ASN E 418 50.84 -13.38 -70.02
N PHE E 419 50.60 -12.83 -68.83
CA PHE E 419 49.62 -13.43 -67.93
C PHE E 419 48.23 -13.43 -68.56
N LEU E 420 47.85 -12.32 -69.21
CA LEU E 420 46.56 -12.26 -69.88
C LEU E 420 46.49 -13.28 -71.02
N LEU E 421 47.58 -13.41 -71.78
CA LEU E 421 47.60 -14.36 -72.89
C LEU E 421 47.46 -15.80 -72.41
N LYS E 422 48.17 -16.15 -71.32
CA LYS E 422 48.04 -17.50 -70.79
C LYS E 422 46.65 -17.74 -70.22
N GLN E 423 46.07 -16.72 -69.58
CA GLN E 423 44.71 -16.86 -69.05
C GLN E 423 43.72 -17.06 -70.18
N ALA E 424 43.95 -16.40 -71.32
CA ALA E 424 43.10 -16.59 -72.48
C ALA E 424 43.24 -18.01 -73.04
N LEU E 425 44.48 -18.43 -73.28
CA LEU E 425 44.69 -19.71 -73.94
C LEU E 425 44.24 -20.87 -73.08
N THR E 426 44.27 -20.71 -71.76
CA THR E 426 43.85 -21.79 -70.87
C THR E 426 42.36 -21.79 -70.57
N ILE E 427 41.62 -20.77 -71.00
CA ILE E 427 40.19 -20.71 -70.68
C ILE E 427 39.34 -20.61 -71.95
N VAL E 428 39.54 -19.55 -72.74
CA VAL E 428 38.63 -19.29 -73.85
C VAL E 428 38.84 -20.24 -75.03
N GLY E 429 39.93 -21.01 -75.04
CA GLY E 429 40.14 -21.95 -76.12
C GLY E 429 39.18 -23.12 -76.09
N THR E 430 38.76 -23.54 -74.90
CA THR E 430 37.87 -24.69 -74.76
C THR E 430 36.44 -24.36 -75.21
N LEU E 431 36.06 -23.09 -75.17
CA LEU E 431 34.67 -22.71 -75.42
C LEU E 431 34.19 -23.06 -76.82
N PRO E 432 34.85 -22.64 -77.91
CA PRO E 432 34.33 -23.00 -79.24
C PRO E 432 34.30 -24.50 -79.48
N PHE E 433 35.32 -25.22 -78.98
CA PHE E 433 35.37 -26.67 -79.17
C PHE E 433 34.21 -27.36 -78.46
N THR E 434 33.99 -27.03 -77.19
CA THR E 434 32.87 -27.66 -76.49
C THR E 434 31.55 -27.24 -77.09
N TYR E 435 31.46 -26.00 -77.60
CA TYR E 435 30.24 -25.56 -78.27
C TYR E 435 29.92 -26.44 -79.47
N MET E 436 30.90 -26.62 -80.37
CA MET E 436 30.62 -27.40 -81.57
C MET E 436 30.39 -28.87 -81.25
N LEU E 437 31.15 -29.41 -80.29
CA LEU E 437 30.97 -30.81 -79.93
C LEU E 437 29.58 -31.05 -79.33
N GLU E 438 29.11 -30.13 -78.48
CA GLU E 438 27.77 -30.28 -77.93
C GLU E 438 26.72 -30.11 -79.02
N LYS E 439 26.95 -29.21 -79.97
CA LYS E 439 26.01 -29.09 -81.09
C LYS E 439 25.93 -30.38 -81.89
N TRP E 440 27.08 -30.97 -82.18
CA TRP E 440 27.11 -32.20 -82.98
C TRP E 440 26.45 -33.35 -82.23
N ARG E 441 26.74 -33.50 -80.93
CA ARG E 441 26.12 -34.57 -80.17
C ARG E 441 24.61 -34.36 -80.06
N TRP E 442 24.16 -33.12 -79.88
CA TRP E 442 22.73 -32.85 -79.84
C TRP E 442 22.06 -33.23 -81.16
N MET E 443 22.67 -32.84 -82.29
CA MET E 443 22.00 -33.09 -83.55
C MET E 443 22.08 -34.56 -83.97
N VAL E 444 23.13 -35.28 -83.60
CA VAL E 444 23.15 -36.71 -83.88
C VAL E 444 22.15 -37.46 -83.00
N PHE E 445 21.98 -37.01 -81.76
CA PHE E 445 20.92 -37.60 -80.93
C PHE E 445 19.55 -37.27 -81.50
N LYS E 446 19.40 -36.08 -82.11
CA LYS E 446 18.16 -35.75 -82.80
C LYS E 446 17.93 -36.67 -84.00
N GLY E 447 18.98 -36.95 -84.77
CA GLY E 447 18.86 -37.80 -85.93
C GLY E 447 18.31 -37.08 -87.15
N GLU E 448 18.96 -35.99 -87.55
CA GLU E 448 18.53 -35.17 -88.67
C GLU E 448 19.44 -35.28 -89.88
N ILE E 449 20.27 -36.33 -89.94
CA ILE E 449 21.22 -36.49 -91.03
C ILE E 449 21.15 -37.93 -91.53
N PRO E 450 21.53 -38.15 -92.80
CA PRO E 450 21.60 -39.53 -93.30
C PRO E 450 22.80 -40.26 -92.72
N LYS E 451 22.79 -41.58 -92.89
CA LYS E 451 23.81 -42.44 -92.30
C LYS E 451 25.17 -42.31 -92.97
N GLN E 452 25.27 -41.61 -94.11
CA GLN E 452 26.51 -41.56 -94.87
C GLN E 452 27.06 -40.13 -95.00
N GLN E 453 26.67 -39.23 -94.11
CA GLN E 453 27.11 -37.84 -94.18
C GLN E 453 27.46 -37.30 -92.81
N TRP E 454 28.18 -38.09 -92.00
CA TRP E 454 28.53 -37.64 -90.65
C TRP E 454 29.78 -36.76 -90.65
N MET E 455 30.92 -37.33 -91.00
CA MET E 455 32.17 -36.61 -90.85
C MET E 455 32.43 -35.62 -91.98
N GLU E 456 31.77 -35.79 -93.13
CA GLU E 456 31.80 -34.74 -94.14
C GLU E 456 31.28 -33.43 -93.56
N LYS E 457 30.10 -33.49 -92.92
CA LYS E 457 29.55 -32.31 -92.26
C LYS E 457 30.36 -31.90 -91.04
N TRP E 458 30.93 -32.89 -90.33
CA TRP E 458 31.82 -32.59 -89.21
C TRP E 458 32.94 -31.66 -89.64
N TRP E 459 33.65 -32.04 -90.70
CA TRP E 459 34.77 -31.24 -91.16
C TRP E 459 34.30 -30.00 -91.90
N GLU E 460 33.09 -30.02 -92.47
CA GLU E 460 32.52 -28.81 -93.05
C GLU E 460 32.36 -27.72 -91.99
N MET E 461 31.74 -28.06 -90.87
CA MET E 461 31.62 -27.06 -89.80
C MET E 461 32.97 -26.79 -89.15
N LYS E 462 33.87 -27.77 -89.16
CA LYS E 462 35.22 -27.54 -88.66
C LYS E 462 35.92 -26.44 -89.45
N ARG E 463 35.76 -26.44 -90.77
CA ARG E 463 36.39 -25.47 -91.64
C ARG E 463 35.60 -24.15 -91.75
N GLU E 464 34.29 -24.19 -91.50
CA GLU E 464 33.47 -23.00 -91.69
C GLU E 464 33.16 -22.26 -90.39
N ILE E 465 33.41 -22.87 -89.23
CA ILE E 465 33.08 -22.24 -87.95
C ILE E 465 34.33 -21.86 -87.18
N VAL E 466 35.29 -22.78 -87.04
CA VAL E 466 36.51 -22.51 -86.32
C VAL E 466 37.70 -22.28 -87.25
N GLY E 467 37.77 -22.98 -88.37
CA GLY E 467 38.87 -22.79 -89.30
C GLY E 467 40.01 -23.76 -89.10
N VAL E 468 39.70 -25.06 -89.08
CA VAL E 468 40.71 -26.10 -88.96
C VAL E 468 40.40 -27.18 -90.00
N VAL E 469 41.44 -27.68 -90.65
CA VAL E 469 41.31 -28.59 -91.79
C VAL E 469 41.88 -29.95 -91.40
N GLU E 470 41.15 -31.01 -91.74
CA GLU E 470 41.66 -32.37 -91.60
C GLU E 470 42.82 -32.58 -92.55
N PRO E 471 43.99 -33.03 -92.07
CA PRO E 471 45.13 -33.18 -92.98
C PRO E 471 45.03 -34.37 -93.89
N LEU E 472 44.40 -35.46 -93.46
CA LEU E 472 44.29 -36.69 -94.23
C LEU E 472 42.83 -37.06 -94.40
N PRO E 473 42.32 -37.12 -95.63
CA PRO E 473 40.91 -37.49 -95.82
C PRO E 473 40.64 -38.91 -95.37
N HIS E 474 39.41 -39.13 -94.90
CA HIS E 474 38.98 -40.41 -94.38
C HIS E 474 37.61 -40.77 -94.93
N ASP E 475 37.31 -42.07 -94.93
CA ASP E 475 36.05 -42.58 -95.45
C ASP E 475 34.99 -42.57 -94.35
N GLU E 476 33.86 -43.22 -94.61
CA GLU E 476 32.70 -43.20 -93.70
C GLU E 476 32.93 -44.01 -92.43
N THR E 477 34.01 -44.79 -92.34
CA THR E 477 34.22 -45.71 -91.23
C THR E 477 35.12 -45.13 -90.14
N TYR E 478 35.04 -43.83 -89.88
CA TYR E 478 35.92 -43.18 -88.92
C TYR E 478 35.13 -42.48 -87.83
N CYS E 479 35.66 -42.53 -86.60
CA CYS E 479 35.09 -41.83 -85.46
C CYS E 479 36.12 -40.86 -84.89
N ASP E 480 36.73 -40.08 -85.77
CA ASP E 480 37.84 -39.19 -85.40
C ASP E 480 37.54 -38.27 -84.23
N PRO E 481 36.38 -37.58 -84.15
CA PRO E 481 36.16 -36.69 -83.00
C PRO E 481 35.57 -37.41 -81.80
N ALA E 482 35.63 -38.74 -81.78
CA ALA E 482 35.05 -39.54 -80.70
C ALA E 482 36.11 -40.22 -79.84
N CYS E 483 37.34 -39.70 -79.83
CA CYS E 483 38.42 -40.29 -79.06
C CYS E 483 38.56 -39.68 -77.67
N LEU E 484 37.75 -38.69 -77.32
CA LEU E 484 37.86 -38.03 -76.03
C LEU E 484 37.30 -38.91 -74.91
N PHE E 485 37.82 -38.70 -73.70
CA PHE E 485 37.36 -39.45 -72.55
C PHE E 485 35.91 -39.14 -72.22
N HIS E 486 35.50 -37.87 -72.40
CA HIS E 486 34.11 -37.50 -72.15
C HIS E 486 33.17 -38.26 -73.07
N VAL E 487 33.54 -38.41 -74.34
CA VAL E 487 32.73 -39.19 -75.26
C VAL E 487 32.79 -40.67 -74.88
N ALA E 488 33.96 -41.15 -74.46
CA ALA E 488 34.12 -42.57 -74.13
C ALA E 488 33.26 -42.98 -72.94
N GLU E 489 33.15 -42.12 -71.93
CA GLU E 489 32.43 -42.44 -70.70
C GLU E 489 31.02 -41.87 -70.69
N ASP E 490 30.53 -41.38 -71.84
CA ASP E 490 29.17 -40.86 -71.98
C ASP E 490 28.93 -39.70 -71.01
N TYR E 491 29.68 -38.62 -71.22
CA TYR E 491 29.60 -37.42 -70.40
C TYR E 491 29.21 -36.23 -71.26
N SER E 492 28.37 -35.35 -70.71
CA SER E 492 27.93 -34.17 -71.44
C SER E 492 29.09 -33.22 -71.67
N PHE E 493 28.99 -32.46 -72.77
CA PHE E 493 30.08 -31.59 -73.20
C PHE E 493 29.91 -30.14 -72.79
N ILE E 494 28.67 -29.69 -72.54
CA ILE E 494 28.42 -28.28 -72.22
C ILE E 494 28.89 -27.91 -70.82
N ARG E 495 29.38 -28.87 -70.04
CA ARG E 495 29.80 -28.60 -68.67
C ARG E 495 30.95 -27.60 -68.63
N TYR E 496 31.92 -27.74 -69.53
CA TYR E 496 33.07 -26.84 -69.53
C TYR E 496 32.64 -25.40 -69.87
N TYR E 497 31.79 -25.25 -70.89
CA TYR E 497 31.31 -23.92 -71.26
C TYR E 497 30.51 -23.30 -70.13
N THR E 498 29.62 -24.07 -69.52
CA THR E 498 28.83 -23.55 -68.41
C THR E 498 29.73 -23.16 -67.25
N ARG E 499 30.73 -23.99 -66.95
CA ARG E 499 31.67 -23.67 -65.87
C ARG E 499 32.38 -22.35 -66.14
N THR E 500 32.88 -22.17 -67.37
CA THR E 500 33.61 -20.96 -67.68
C THR E 500 32.73 -19.71 -67.57
N ILE E 501 31.55 -19.75 -68.19
CA ILE E 501 30.69 -18.57 -68.18
C ILE E 501 30.21 -18.27 -66.75
N TYR E 502 29.84 -19.32 -66.00
CA TYR E 502 29.40 -19.11 -64.63
C TYR E 502 30.52 -18.52 -63.79
N GLN E 503 31.74 -19.06 -63.90
CA GLN E 503 32.83 -18.57 -63.07
C GLN E 503 33.17 -17.12 -63.41
N PHE E 504 33.10 -16.76 -64.69
CA PHE E 504 33.30 -15.36 -65.05
C PHE E 504 32.22 -14.48 -64.42
N GLN E 505 30.97 -14.97 -64.42
CA GLN E 505 29.88 -14.21 -63.81
C GLN E 505 30.10 -14.02 -62.32
N PHE E 506 30.46 -15.09 -61.59
CA PHE E 506 30.68 -14.92 -60.16
C PHE E 506 31.87 -14.02 -59.88
N HIS E 507 32.95 -14.12 -60.68
CA HIS E 507 34.09 -13.25 -60.44
C HIS E 507 33.72 -11.79 -60.65
N GLU E 508 32.97 -11.49 -61.71
CA GLU E 508 32.54 -10.12 -61.96
C GLU E 508 31.63 -9.61 -60.84
N ALA E 509 30.68 -10.43 -60.41
CA ALA E 509 29.78 -10.01 -59.35
C ALA E 509 30.53 -9.81 -58.04
N LEU E 510 31.47 -10.70 -57.74
CA LEU E 510 32.24 -10.61 -56.50
C LEU E 510 33.11 -9.35 -56.48
N CYS E 511 33.77 -9.04 -57.59
CA CYS E 511 34.60 -7.83 -57.62
C CYS E 511 33.74 -6.58 -57.60
N LYS E 512 32.57 -6.61 -58.25
CA LYS E 512 31.66 -5.46 -58.17
C LYS E 512 31.18 -5.23 -56.74
N THR E 513 30.85 -6.32 -56.03
CA THR E 513 30.46 -6.18 -54.63
C THR E 513 31.60 -5.67 -53.77
N ALA E 514 32.81 -6.19 -53.98
CA ALA E 514 33.98 -5.73 -53.23
C ALA E 514 34.41 -4.33 -53.62
N LYS E 515 33.88 -3.78 -54.71
CA LYS E 515 34.15 -2.41 -55.14
C LYS E 515 35.63 -2.20 -55.45
N HIS E 516 36.24 -3.18 -56.11
CA HIS E 516 37.63 -3.05 -56.52
C HIS E 516 37.76 -2.02 -57.64
N GLU E 517 38.86 -1.28 -57.62
CA GLU E 517 39.13 -0.25 -58.62
C GLU E 517 40.45 -0.54 -59.31
N GLY E 518 40.48 -0.36 -60.63
CA GLY E 518 41.67 -0.63 -61.42
C GLY E 518 41.37 -1.47 -62.64
N ALA E 519 42.01 -2.63 -62.74
CA ALA E 519 41.79 -3.57 -63.83
C ALA E 519 40.98 -4.76 -63.36
N LEU E 520 40.32 -5.42 -64.31
CA LEU E 520 39.46 -6.55 -63.96
C LEU E 520 40.27 -7.79 -63.60
N PHE E 521 41.35 -8.05 -64.34
CA PHE E 521 42.12 -9.27 -64.12
C PHE E 521 42.95 -9.22 -62.84
N LYS E 522 43.16 -8.04 -62.26
CA LYS E 522 43.95 -7.89 -61.04
C LYS E 522 43.11 -7.90 -59.78
N CYS E 523 41.79 -8.07 -59.91
CA CYS E 523 40.91 -8.05 -58.75
C CYS E 523 41.19 -9.25 -57.85
N ASP E 524 41.25 -8.99 -56.54
CA ASP E 524 41.50 -10.02 -55.54
C ASP E 524 40.29 -10.17 -54.64
N ILE E 525 39.81 -11.40 -54.50
CA ILE E 525 38.70 -11.69 -53.57
C ILE E 525 39.35 -12.04 -52.24
N SER E 526 39.69 -10.99 -51.49
CA SER E 526 40.31 -11.16 -50.18
C SER E 526 40.06 -9.89 -49.37
N ASN E 527 39.91 -10.07 -48.05
CA ASN E 527 39.51 -8.98 -47.16
C ASN E 527 38.25 -8.31 -47.68
N SER E 528 37.29 -9.14 -48.10
CA SER E 528 36.08 -8.72 -48.80
C SER E 528 34.86 -9.31 -48.13
N THR E 529 34.74 -9.09 -46.81
CA THR E 529 33.73 -9.77 -46.00
C THR E 529 32.33 -9.62 -46.59
N GLU E 530 32.00 -8.45 -47.14
CA GLU E 530 30.71 -8.28 -47.78
C GLU E 530 30.55 -9.22 -48.98
N ALA E 531 31.59 -9.33 -49.80
CA ALA E 531 31.52 -10.23 -50.95
C ALA E 531 31.45 -11.69 -50.51
N GLY E 532 32.16 -12.03 -49.43
CA GLY E 532 32.06 -13.38 -48.90
C GLY E 532 30.67 -13.71 -48.37
N GLN E 533 30.04 -12.74 -47.71
CA GLN E 533 28.66 -12.93 -47.27
C GLN E 533 27.73 -13.08 -48.47
N ARG E 534 27.97 -12.31 -49.53
CA ARG E 534 27.19 -12.46 -50.75
C ARG E 534 27.35 -13.87 -51.33
N LEU E 535 28.59 -14.38 -51.33
CA LEU E 535 28.83 -15.73 -51.84
C LEU E 535 28.12 -16.77 -50.98
N LEU E 536 28.22 -16.66 -49.66
CA LEU E 536 27.55 -17.60 -48.78
C LEU E 536 26.03 -17.51 -48.91
N GLN E 537 25.52 -16.34 -49.29
CA GLN E 537 24.08 -16.17 -49.47
C GLN E 537 23.55 -17.10 -50.53
N MET E 538 24.25 -17.24 -51.66
CA MET E 538 23.88 -18.24 -52.64
C MET E 538 24.34 -19.64 -52.25
N LEU E 539 25.42 -19.75 -51.48
CA LEU E 539 25.91 -21.05 -51.07
C LEU E 539 24.86 -21.81 -50.26
N ARG E 540 24.11 -21.08 -49.41
CA ARG E 540 23.26 -21.77 -48.44
C ARG E 540 22.09 -22.49 -49.11
N LEU E 541 21.43 -21.88 -50.10
CA LEU E 541 20.26 -22.52 -50.70
C LEU E 541 20.63 -23.81 -51.42
N GLY E 542 21.61 -23.75 -52.33
CA GLY E 542 21.98 -24.92 -53.09
C GLY E 542 21.10 -25.19 -54.29
N LYS E 543 20.25 -26.21 -54.20
CA LYS E 543 19.44 -26.65 -55.34
C LYS E 543 17.94 -26.39 -55.17
N SER E 544 17.49 -26.14 -53.93
CA SER E 544 16.05 -26.05 -53.67
C SER E 544 15.37 -24.96 -54.49
N GLU E 545 16.12 -23.98 -54.97
CA GLU E 545 15.61 -22.91 -55.81
C GLU E 545 16.05 -23.12 -57.27
N PRO E 546 15.33 -22.53 -58.22
CA PRO E 546 15.74 -22.66 -59.62
C PRO E 546 17.09 -22.02 -59.89
N TRP E 547 17.80 -22.57 -60.88
CA TRP E 547 19.13 -22.07 -61.22
C TRP E 547 19.10 -20.66 -61.77
N THR E 548 17.97 -20.22 -62.34
CA THR E 548 17.84 -18.82 -62.70
C THR E 548 17.90 -17.93 -61.47
N LEU E 549 17.21 -18.32 -60.40
CA LEU E 549 17.34 -17.59 -59.14
C LEU E 549 18.74 -17.73 -58.56
N ALA E 550 19.39 -18.88 -58.78
CA ALA E 550 20.77 -19.05 -58.33
C ALA E 550 21.69 -18.03 -58.98
N LEU E 551 21.54 -17.82 -60.30
CA LEU E 551 22.33 -16.80 -60.99
C LEU E 551 21.93 -15.40 -60.54
N GLU E 552 20.63 -15.16 -60.33
CA GLU E 552 20.18 -13.84 -59.91
C GLU E 552 20.72 -13.46 -58.55
N ASN E 553 20.91 -14.43 -57.66
CA ASN E 553 21.41 -14.14 -56.32
C ASN E 553 22.87 -13.72 -56.32
N ILE E 554 23.61 -13.93 -57.41
CA ILE E 554 25.02 -13.59 -57.49
C ILE E 554 25.24 -12.32 -58.30
N VAL E 555 24.84 -12.31 -59.58
CA VAL E 555 25.04 -11.17 -60.44
C VAL E 555 23.76 -10.33 -60.48
N GLY E 556 22.65 -10.96 -60.87
CA GLY E 556 21.39 -10.26 -60.94
C GLY E 556 20.75 -10.29 -62.31
N ILE E 557 21.17 -11.23 -63.14
CA ILE E 557 20.64 -11.40 -64.49
C ILE E 557 20.03 -12.78 -64.61
N LYS E 558 18.81 -12.84 -65.15
CA LYS E 558 18.07 -14.09 -65.24
C LYS E 558 18.50 -14.96 -66.43
N THR E 559 19.26 -14.43 -67.38
CA THR E 559 19.63 -15.14 -68.59
C THR E 559 21.15 -15.16 -68.74
N MET E 560 21.65 -16.20 -69.40
CA MET E 560 23.08 -16.30 -69.66
C MET E 560 23.54 -15.11 -70.51
N ASP E 561 24.65 -14.50 -70.10
CA ASP E 561 25.15 -13.30 -70.76
C ASP E 561 26.64 -13.44 -71.04
N VAL E 562 27.08 -12.78 -72.11
CA VAL E 562 28.48 -12.78 -72.51
C VAL E 562 29.23 -11.54 -72.01
N LYS E 563 28.56 -10.70 -71.21
CA LYS E 563 29.20 -9.48 -70.71
C LYS E 563 30.45 -9.75 -69.89
N PRO E 564 30.49 -10.70 -68.95
CA PRO E 564 31.75 -10.96 -68.23
C PRO E 564 32.88 -11.39 -69.15
N LEU E 565 32.58 -12.23 -70.16
CA LEU E 565 33.62 -12.68 -71.06
C LEU E 565 34.11 -11.55 -71.95
N LEU E 566 33.22 -10.63 -72.34
CA LEU E 566 33.64 -9.49 -73.13
C LEU E 566 34.48 -8.53 -72.29
N ASN E 567 34.04 -8.23 -71.07
CA ASN E 567 34.72 -7.26 -70.23
C ASN E 567 36.01 -7.79 -69.63
N TYR E 568 36.17 -9.12 -69.55
CA TYR E 568 37.37 -9.68 -68.93
C TYR E 568 38.62 -9.31 -69.71
N PHE E 569 38.57 -9.39 -71.04
CA PHE E 569 39.76 -9.31 -71.88
C PHE E 569 39.65 -8.15 -72.86
N GLU E 570 39.01 -7.06 -72.43
CA GLU E 570 38.89 -5.89 -73.28
C GLU E 570 40.24 -5.28 -73.64
N PRO E 571 41.17 -5.03 -72.70
CA PRO E 571 42.49 -4.52 -73.12
C PRO E 571 43.22 -5.46 -74.07
N LEU E 572 43.13 -6.78 -73.84
CA LEU E 572 43.79 -7.73 -74.73
C LEU E 572 43.19 -7.66 -76.13
N PHE E 573 41.86 -7.59 -76.22
CA PHE E 573 41.21 -7.48 -77.52
C PHE E 573 41.59 -6.19 -78.23
N THR E 574 41.66 -5.08 -77.48
CA THR E 574 42.05 -3.81 -78.08
C THR E 574 43.48 -3.86 -78.59
N TRP E 575 44.40 -4.44 -77.81
CA TRP E 575 45.78 -4.55 -78.26
C TRP E 575 45.89 -5.44 -79.50
N LEU E 576 45.18 -6.57 -79.51
CA LEU E 576 45.26 -7.47 -80.64
C LEU E 576 44.65 -6.85 -81.90
N LYS E 577 43.55 -6.11 -81.76
CA LYS E 577 42.98 -5.44 -82.92
C LYS E 577 43.84 -4.26 -83.37
N GLU E 578 44.60 -3.66 -82.45
CA GLU E 578 45.59 -2.66 -82.84
C GLU E 578 46.70 -3.29 -83.64
N GLN E 579 47.09 -4.52 -83.29
CA GLN E 579 48.08 -5.27 -84.06
C GLN E 579 47.45 -6.06 -85.20
N ASN E 580 46.19 -5.78 -85.54
CA ASN E 580 45.47 -6.51 -86.57
C ASN E 580 45.39 -5.77 -87.90
N ARG E 581 46.09 -4.63 -88.03
CA ARG E 581 46.00 -3.86 -89.27
C ARG E 581 46.74 -4.52 -90.43
N ASN E 582 47.70 -5.40 -90.16
CA ASN E 582 48.52 -6.01 -91.19
C ASN E 582 48.36 -7.53 -91.22
N SER E 583 47.19 -8.02 -90.82
CA SER E 583 46.88 -9.44 -90.87
C SER E 583 45.53 -9.63 -91.53
N PHE E 584 45.45 -10.57 -92.47
CA PHE E 584 44.19 -10.82 -93.17
C PHE E 584 43.15 -11.40 -92.23
N VAL E 585 41.89 -11.12 -92.55
CA VAL E 585 40.75 -11.52 -91.73
C VAL E 585 39.90 -12.51 -92.51
N GLY E 586 39.65 -13.67 -91.93
CA GLY E 586 38.83 -14.70 -92.54
C GLY E 586 39.60 -15.98 -92.79
N TRP E 587 38.84 -17.00 -93.21
CA TRP E 587 39.41 -18.30 -93.53
C TRP E 587 38.68 -18.88 -94.74
N SER E 588 39.37 -19.79 -95.43
CA SER E 588 38.84 -20.45 -96.61
C SER E 588 38.73 -21.95 -96.33
N THR E 589 37.53 -22.50 -96.55
CA THR E 589 37.29 -23.91 -96.27
C THR E 589 37.87 -24.85 -97.31
N GLU E 590 38.22 -24.36 -98.49
CA GLU E 590 38.72 -25.23 -99.55
C GLU E 590 40.16 -25.64 -99.32
N TRP E 591 40.97 -24.77 -98.72
CA TRP E 591 42.41 -24.98 -98.66
C TRP E 591 42.75 -26.08 -97.65
N THR E 592 43.34 -27.16 -98.15
CA THR E 592 43.83 -28.28 -97.35
C THR E 592 45.29 -28.52 -97.69
N PRO E 593 46.07 -29.11 -96.78
CA PRO E 593 47.50 -29.31 -97.07
C PRO E 593 47.76 -30.17 -98.29
N TYR E 594 46.89 -31.14 -98.59
CA TYR E 594 47.10 -32.05 -99.70
C TYR E 594 46.39 -31.61 -100.97
N SER E 595 45.73 -30.45 -100.98
CA SER E 595 45.08 -29.94 -102.19
C SER E 595 46.07 -29.11 -102.99
N ASP E 596 47.10 -29.80 -103.48
CA ASP E 596 48.16 -29.16 -104.25
C ASP E 596 47.87 -29.21 -105.75
C1 NAG F . 26.82 1.28 100.83
C2 NAG F . 27.52 -0.05 100.57
C3 NAG F . 26.82 -1.18 101.31
C4 NAG F . 26.68 -0.84 102.78
C5 NAG F . 25.99 0.51 102.95
C6 NAG F . 25.90 0.96 104.39
C7 NAG F . 28.57 0.09 98.35
C8 NAG F . 28.47 -0.30 96.91
N2 NAG F . 27.58 -0.33 99.15
O3 NAG F . 27.56 -2.38 101.14
O4 NAG F . 25.92 -1.85 103.45
O5 NAG F . 26.73 1.52 102.24
O6 NAG F . 24.60 0.75 104.92
O7 NAG F . 29.51 0.75 98.78
C1 BMA F . 26.81 -2.60 104.31
C2 BMA F . 26.17 -2.68 105.71
C3 BMA F . 27.04 -3.55 106.62
C4 BMA F . 27.36 -4.90 105.95
C5 BMA F . 27.98 -4.67 104.57
C6 BMA F . 28.27 -5.95 103.81
O2 BMA F . 24.89 -3.28 105.65
O3 BMA F . 26.41 -3.78 107.87
O4 BMA F . 28.27 -5.64 106.76
O5 BMA F . 27.05 -3.90 103.78
O6 BMA F . 29.10 -5.65 102.70
C1 NAG G . -18.42 6.44 103.55
C2 NAG G . -19.86 6.09 103.17
C3 NAG G . -20.80 7.21 103.59
C4 NAG G . -20.63 7.52 105.07
C5 NAG G . -19.16 7.79 105.39
C6 NAG G . -18.90 7.96 106.87
C7 NAG G . -20.17 4.61 101.23
C8 NAG G . -20.28 4.53 99.74
N2 NAG G . -19.99 5.83 101.74
O3 NAG G . -22.15 6.82 103.33
O4 NAG G . -21.40 8.66 105.44
O5 NAG G . -18.35 6.70 104.95
O6 NAG G . -17.70 8.68 107.11
O7 NAG G . -20.24 3.62 101.95
C1 BMA G . -22.60 8.23 106.12
C2 BMA G . -22.62 8.92 107.51
C3 BMA G . -23.96 8.63 108.20
C4 BMA G . -25.15 8.93 107.27
C5 BMA G . -24.99 8.15 105.96
C6 BMA G . -26.09 8.42 104.97
O2 BMA G . -22.53 10.33 107.37
O3 BMA G . -24.09 9.38 109.41
O4 BMA G . -26.36 8.53 107.90
O5 BMA G . -23.75 8.56 105.36
O6 BMA G . -25.87 7.63 103.81
C1 NAG H . 24.92 -14.40 74.39
C2 NAG H . 25.99 -14.88 75.38
C3 NAG H . 26.95 -15.84 74.69
C4 NAG H . 26.20 -16.96 73.99
C5 NAG H . 25.12 -16.37 73.07
C6 NAG H . 24.23 -17.42 72.44
C7 NAG H . 26.45 -13.27 77.18
C8 NAG H . 27.29 -12.10 77.60
N2 NAG H . 26.71 -13.74 75.95
O3 NAG H . 27.83 -16.39 75.67
O4 NAG H . 27.09 -17.73 73.21
O5 NAG H . 24.25 -15.52 73.84
O6 NAG H . 23.85 -17.04 71.12
O7 NAG H . 25.59 -13.74 77.90
C1 BMA H . 27.05 -19.12 73.64
C2 BMA H . 26.61 -19.98 72.42
C3 BMA H . 26.64 -21.45 72.78
C4 BMA H . 27.98 -21.84 73.41
C5 BMA H . 28.32 -20.91 74.59
C6 BMA H . 29.67 -21.20 75.20
O2 BMA H . 27.49 -19.81 71.33
O3 BMA H . 26.36 -22.27 71.66
O4 BMA H . 27.93 -23.19 73.87
O5 BMA H . 28.32 -19.55 74.11
O6 BMA H . 29.88 -20.26 76.26
C1 NAG I . -5.14 -7.44 102.34
C2 NAG I . -5.05 -8.95 102.29
C3 NAG I . -4.06 -9.43 103.35
C4 NAG I . -2.75 -8.65 103.28
C5 NAG I . -2.93 -7.15 102.99
C6 NAG I . -1.65 -6.48 102.52
C7 NAG I . -6.88 -10.47 101.67
C8 NAG I . -8.23 -10.99 102.04
N2 NAG I . -6.36 -9.55 102.50
O3 NAG I . -3.82 -10.82 103.14
O4 NAG I . -2.12 -8.69 104.56
O5 NAG I . -3.91 -6.91 101.97
O6 NAG I . -1.05 -5.72 103.56
O7 NAG I . -6.28 -10.85 100.68
C1 BMA I . -1.45 -9.92 104.89
C2 BMA I . -0.20 -9.55 105.70
C3 BMA I . 0.41 -10.78 106.37
C4 BMA I . -0.65 -11.62 107.07
C5 BMA I . -1.73 -12.00 106.08
C6 BMA I . -2.82 -12.85 106.69
O2 BMA I . -0.54 -8.65 106.75
O3 BMA I . 1.44 -10.42 107.29
O4 BMA I . -0.06 -12.80 107.62
O5 BMA I . -2.33 -10.78 105.61
O6 BMA I . -3.70 -13.25 105.65
C1 NAG J . 6.65 -14.11 86.29
C2 NAG J . 6.88 -14.93 87.56
C3 NAG J . 8.29 -15.52 87.55
C4 NAG J . 8.55 -16.30 86.26
C5 NAG J . 8.25 -15.42 85.05
C6 NAG J . 8.36 -16.17 83.75
C7 NAG J . 5.48 -14.08 89.38
C8 NAG J . 5.44 -13.20 90.60
N2 NAG J . 6.67 -14.13 88.74
O3 NAG J . 8.44 -16.38 88.68
O4 NAG J . 9.91 -16.71 86.22
O5 NAG J . 6.90 -14.93 85.14
O6 NAG J . 7.47 -15.63 82.77
O7 NAG J . 4.51 -14.71 89.00
C1 BMA J . 9.99 -18.14 86.38
C2 BMA J . 11.19 -18.64 85.54
C3 BMA J . 11.46 -20.12 85.83
C4 BMA J . 11.50 -20.40 87.34
C5 BMA J . 10.21 -19.89 87.99
C6 BMA J . 10.19 -20.11 89.49
O2 BMA J . 12.37 -17.92 85.88
O3 BMA J . 12.67 -20.55 85.23
O4 BMA J . 11.62 -21.79 87.57
O5 BMA J . 10.13 -18.48 87.75
O6 BMA J . 8.91 -19.73 89.98
C1 NAG K . -30.08 15.14 -8.36
C2 NAG K . -29.80 16.44 -9.10
C3 NAG K . -29.42 17.55 -8.12
C4 NAG K . -28.53 17.03 -6.99
C5 NAG K . -29.15 15.81 -6.30
C6 NAG K . -29.55 16.07 -4.88
C7 NAG K . -28.97 16.44 -11.41
C8 NAG K . -27.79 16.21 -12.30
N2 NAG K . -28.76 16.25 -10.10
O3 NAG K . -30.61 18.13 -7.57
O4 NAG K . -27.26 16.68 -7.50
O5 NAG K . -30.34 15.41 -6.99
O6 NAG K . -28.74 15.31 -3.97
O7 NAG K . -30.07 16.78 -11.85
C1 NAG K . -26.28 17.67 -7.12
C2 NAG K . -24.93 17.26 -7.71
C3 NAG K . -23.87 18.31 -7.40
C4 NAG K . -24.35 19.70 -7.84
C5 NAG K . -25.71 20.00 -7.23
C6 NAG K . -26.29 21.31 -7.71
C7 NAG K . -24.89 14.81 -7.76
C8 NAG K . -24.36 13.56 -7.12
N2 NAG K . -24.51 15.96 -7.21
O3 NAG K . -22.66 17.99 -8.06
O4 NAG K . -23.41 20.69 -7.44
O5 NAG K . -26.65 18.97 -7.60
O6 NAG K . -27.69 21.39 -7.43
O7 NAG K . -25.61 14.77 -8.75
C1 NAG L . 7.79 41.67 93.76
C2 NAG L . 8.13 43.02 93.12
C3 NAG L . 9.58 43.38 93.41
C4 NAG L . 9.86 43.34 94.90
C5 NAG L . 9.45 41.99 95.48
C6 NAG L . 9.58 41.92 96.98
C7 NAG L . 6.77 43.48 91.13
C8 NAG L . 6.68 43.37 89.64
N2 NAG L . 7.88 42.99 91.69
O3 NAG L . 9.85 44.68 92.88
O4 NAG L . 11.24 43.57 95.16
O5 NAG L . 8.07 41.73 95.17
O6 NAG L . 8.31 41.94 97.62
O7 NAG L . 5.89 44.01 91.81
C1 BMA L . 11.39 44.91 95.67
C2 BMA L . 12.60 44.92 96.64
C3 BMA L . 12.89 46.36 97.08
C4 BMA L . 12.97 47.32 95.88
C5 BMA L . 11.69 47.19 95.03
C6 BMA L . 11.71 48.07 93.79
O2 BMA L . 13.76 44.44 95.99
O3 BMA L . 14.09 46.43 97.85
O4 BMA L . 13.11 48.65 96.33
O5 BMA L . 11.57 45.83 94.60
O6 BMA L . 10.48 47.91 93.11
C1 NAG M . -29.80 3.08 74.49
C2 NAG M . -30.94 2.80 75.47
C3 NAG M . -32.12 2.16 74.74
C4 NAG M . -32.54 3.01 73.54
C5 NAG M . -31.32 3.27 72.65
C6 NAG M . -31.63 4.21 71.50
C7 NAG M . -30.65 2.27 77.84
C8 NAG M . -30.13 1.28 78.84
N2 NAG M . -30.50 1.95 76.56
O3 NAG M . -33.21 2.02 75.64
O4 NAG M . -33.54 2.33 72.79
O5 NAG M . -30.28 3.88 73.41
O6 NAG M . -30.87 3.88 70.34
O7 NAG M . -31.18 3.32 78.19
C1 BMA M . -34.76 3.09 72.85
C2 BMA M . -35.18 3.44 71.41
C3 BMA M . -36.55 4.12 71.41
C4 BMA M . -37.57 3.32 72.23
C5 BMA M . -37.02 3.07 73.64
C6 BMA M . -37.95 2.24 74.50
O2 BMA M . -35.30 2.26 70.62
O3 BMA M . -37.03 4.31 70.08
O4 BMA M . -38.79 4.04 72.32
O5 BMA M . -35.78 2.35 73.51
O6 BMA M . -37.37 2.12 75.80
C1 NAG N . -21.43 22.29 79.86
C2 NAG N . -22.32 22.92 80.93
C3 NAG N . -23.51 22.02 81.23
C4 NAG N . -24.25 21.69 79.94
C5 NAG N . -23.29 21.10 78.90
C6 NAG N . -23.94 20.86 77.56
C7 NAG N . -21.07 24.39 82.45
C8 NAG N . -20.31 24.48 83.74
N2 NAG N . -21.56 23.19 82.14
O3 NAG N . -24.38 22.68 82.14
O4 NAG N . -25.29 20.75 80.20
O5 NAG N . -22.20 22.01 78.69
O6 NAG N . -23.04 21.15 76.50
O7 NAG N . -21.22 25.36 81.72
C1 BMA N . -26.55 21.43 80.07
C2 BMA N . -27.45 20.60 79.14
C3 BMA N . -28.86 21.21 79.09
C4 BMA N . -29.41 21.49 80.50
C5 BMA N . -28.39 22.33 81.30
C6 BMA N . -28.85 22.58 82.73
O2 BMA N . -27.60 19.27 79.63
O3 BMA N . -29.76 20.38 78.37
O4 BMA N . -30.63 22.19 80.42
O5 BMA N . -27.16 21.60 81.35
O6 BMA N . -27.86 23.39 83.37
C1 NAG O . -11.22 35.34 93.03
C2 NAG O . -12.57 35.94 92.74
C3 NAG O . -13.56 35.55 93.82
C4 NAG O . -13.55 34.04 94.08
C5 NAG O . -12.12 33.46 94.10
C6 NAG O . -12.12 31.95 94.00
C7 NAG O . -12.86 38.05 91.51
C8 NAG O . -12.70 39.54 91.55
N2 NAG O . -12.48 37.39 92.61
O3 NAG O . -14.85 35.98 93.42
O4 NAG O . -14.08 33.76 95.36
O5 NAG O . -11.32 33.94 93.00
O6 NAG O . -11.81 31.35 95.26
O7 NAG O . -13.30 37.47 90.52
C1 BMA O . -15.49 33.95 95.51
C2 BMA O . -16.05 32.73 96.28
C3 BMA O . -17.50 32.97 96.71
C4 BMA O . -17.64 34.34 97.41
C5 BMA O . -17.13 35.43 96.46
C6 BMA O . -17.23 36.82 97.06
O2 BMA O . -15.31 32.51 97.47
O3 BMA O . -17.98 31.95 97.57
O4 BMA O . -19.00 34.58 97.72
O5 BMA O . -15.75 35.17 96.19
O6 BMA O . -16.81 37.76 96.08
C1 NAG P . -32.93 -5.06 -15.76
C2 NAG P . -34.17 -4.45 -16.41
C3 NAG P . -35.40 -5.30 -16.09
C4 NAG P . -35.15 -6.76 -16.47
C5 NAG P . -33.86 -7.27 -15.83
C6 NAG P . -33.49 -8.66 -16.30
C7 NAG P . -34.17 -2.03 -16.80
C8 NAG P . -34.43 -0.68 -16.19
N2 NAG P . -34.37 -3.08 -15.99
O3 NAG P . -36.52 -4.80 -16.79
O4 NAG P . -36.24 -7.56 -16.02
O5 NAG P . -32.76 -6.41 -16.20
O6 NAG P . -34.43 -9.62 -15.85
O7 NAG P . -33.80 -2.16 -17.96
C1 BMA P . -36.99 -8.03 -17.15
C2 BMA P . -38.23 -8.77 -16.61
C3 BMA P . -39.17 -9.15 -17.75
C4 BMA P . -39.46 -7.94 -18.66
C5 BMA P . -38.14 -7.35 -19.15
C6 BMA P . -38.33 -6.14 -20.05
O2 BMA P . -38.98 -7.94 -15.73
O3 BMA P . -40.39 -9.70 -17.27
O4 BMA P . -40.25 -8.35 -19.76
O5 BMA P . -37.38 -6.95 -18.00
O6 BMA P . -37.10 -5.88 -20.72
C1 NAG Q . 24.78 -37.12 33.14
C2 NAG Q . 24.40 -38.12 34.23
C3 NAG Q . 25.54 -38.26 35.23
C4 NAG Q . 26.84 -38.59 34.52
C5 NAG Q . 27.12 -37.58 33.41
C6 NAG Q . 28.33 -37.93 32.58
C7 NAG Q . 22.12 -38.51 35.07
C8 NAG Q . 22.27 -39.90 34.53
N2 NAG Q . 23.18 -37.70 34.89
O3 NAG Q . 25.22 -39.29 36.16
O4 NAG Q . 27.92 -38.56 35.46
O5 NAG Q . 26.00 -37.54 32.51
O6 NAG Q . 28.00 -38.85 31.55
O7 NAG Q . 21.11 -38.13 35.64
C1 BMA Q . 28.52 -39.87 35.54
C2 BMA Q . 29.97 -39.67 36.05
C3 BMA Q . 30.63 -41.04 36.34
C4 BMA Q . 29.71 -41.91 37.21
C5 BMA Q . 28.34 -42.04 36.54
C6 BMA Q . 27.37 -42.89 37.33
O2 BMA Q . 29.99 -38.94 37.25
O3 BMA Q . 31.89 -40.88 36.97
O4 BMA Q . 30.28 -43.20 37.37
O5 BMA Q . 27.78 -40.72 36.41
O6 BMA Q . 26.33 -43.31 36.46
C1 NAG R . 29.66 18.84 94.10
C2 NAG R . 30.90 19.54 93.61
C3 NAG R . 30.96 20.95 94.20
C4 NAG R . 29.63 21.69 93.97
C5 NAG R . 28.41 20.81 94.26
C6 NAG R . 27.13 21.42 93.74
C7 NAG R . 32.92 18.28 93.04
C8 NAG R . 34.11 17.54 93.58
N2 NAG R . 32.10 18.80 93.95
O3 NAG R . 32.03 21.66 93.60
O4 NAG R . 29.56 22.78 94.89
O5 NAG R . 28.53 19.52 93.64
O6 NAG R . 26.28 21.84 94.80
O7 NAG R . 32.71 18.39 91.84
C1 BMA R . 30.14 24.00 94.38
C2 BMA R . 29.34 25.16 95.00
C3 BMA R . 30.04 26.51 94.76
C4 BMA R . 31.54 26.42 95.09
C5 BMA R . 32.17 25.27 94.30
C6 BMA R . 33.66 25.13 94.57
O2 BMA R . 29.23 25.00 96.41
O3 BMA R . 29.43 27.56 95.51
O4 BMA R . 32.18 27.65 94.75
O5 BMA R . 31.52 24.06 94.70
O6 BMA R . 34.18 24.20 93.62
#